data_5N8Y
#
_entry.id   5N8Y
#
_cell.length_a   1.000
_cell.length_b   1.000
_cell.length_c   1.000
_cell.angle_alpha   90.00
_cell.angle_beta   90.00
_cell.angle_gamma   90.00
#
_symmetry.space_group_name_H-M   'P 1'
#
loop_
_entity.id
_entity.type
_entity.pdbx_description
1 polymer 'Circadian clock protein kinase KaiC'
2 polymer 'Circadian clock protein KaiB'
3 polymer 'Circadian clock protein KaiA'
#
loop_
_entity_poly.entity_id
_entity_poly.type
_entity_poly.pdbx_seq_one_letter_code
_entity_poly.pdbx_strand_id
1 'polypeptide(L)'
;MTSAEMTSPNNNSEHQAIAKMRTMIEGFDDISHGGLPIGRSTLVSGTSGTGKTLFSIQFLYNGIIEFDEPGVFVTFEETP
QDIIKNARSFGWDLAKLVDEGKLFILDASPDPEGQEVVGGFDLSALIERINYAIQKYRARRVSIDSVTSVFQQYDASSVV
RRELFRLVARLKQIGATTVMTTERIEEYGPIARYGVEEFVSDNVVILRNVLEGERRRRTLEILKLRGTSHMKGEYPFTIT
DHGINIFPLGAMRLTQRSSNVRVSSGVVRLDEMCGGGFFKDSIILATGATGTGKTLLVSRFVENACANKERAILFAYEES
RAQLLRNAYSWGMDFEEMERQNLLKIVCAYPESAGLEDHLQIIKSEINDFKPARIAIDSLSALARGVSNNAFRQFVIGVT
GYAKQEEITGLFTNTSDQFMGAHSITDSHISTITDTIILLQYVEIRGEMSRAINVFKMRGSWHDKAIREFMISDKGPDIK
DSFRNFERIISGSPTRITVDEKSELSRIVRGVQEKGPES
;
A,B,C,D,E,F
2 'polypeptide(L)'
;MSPRKTYILKLYVAGNTPNSVRALKTLKNILEVEFQGVYALKVIDVLKNPQLAEEDKILATPTLAKVLPLPVRRIIGDLS
DREKVLIGLDLLYGELQDSDDF
;
G,H,K,J,I,L
3 'polypeptide(L)'
;MLSQIAICIWVESTAILQDCQRALSADRYQLQVCESGEMLLEYAQTHRDQIDCLILVAANPSFRAVVQQLCFEGVVVPAI
VVGDRDSEDPDEPAKEQLYHSAELHLGIHQLEQLPYQVDAALAEFLRLAPVETMADHIMLMGANHDPELSSQQRDLAQRL
QERLGYLGVYYKRDPDRFLRNLPAYESQKLHQAMQTSYREIVLSYFSPNSNLNQSIDNFVNMAFFADVPVTKVVEIHMEL
MDEFAKKLRVEGRSEDILLDYRLTLIDVIAHLCEMYRRSIPRET
;
M,N,O,P,Q,R,S,T,U,V,W,X
#
# COMPACT_ATOMS: atom_id res chain seq x y z
N GLU A 14 1.67 -37.84 -30.25
CA GLU A 14 1.40 -37.80 -31.67
C GLU A 14 0.31 -36.77 -31.98
N HIS A 15 -0.84 -37.26 -32.43
CA HIS A 15 -2.03 -36.45 -32.65
C HIS A 15 -2.94 -36.50 -31.43
N GLN A 16 -2.37 -36.85 -30.29
CA GLN A 16 -3.18 -36.96 -29.07
C GLN A 16 -2.94 -35.78 -28.14
N ALA A 17 -3.84 -35.61 -27.17
CA ALA A 17 -3.65 -34.63 -26.11
C ALA A 17 -2.39 -35.01 -25.32
N ILE A 18 -1.82 -34.05 -24.59
CA ILE A 18 -0.56 -34.28 -23.90
C ILE A 18 -0.74 -35.39 -22.85
N ALA A 19 0.28 -36.25 -22.74
CA ALA A 19 0.28 -37.34 -21.75
C ALA A 19 0.97 -36.88 -20.47
N LYS A 20 0.89 -37.66 -19.40
CA LYS A 20 1.46 -37.23 -18.13
C LYS A 20 2.35 -38.32 -17.54
N MET A 21 3.31 -37.90 -16.71
CA MET A 21 4.12 -38.91 -16.03
C MET A 21 3.77 -38.86 -14.56
N ARG A 22 3.64 -40.05 -13.98
CA ARG A 22 3.20 -40.18 -12.60
C ARG A 22 4.28 -39.70 -11.65
N THR A 23 3.90 -38.86 -10.69
CA THR A 23 4.82 -38.43 -9.66
C THR A 23 4.91 -39.47 -8.55
N MET A 24 3.83 -40.21 -8.38
CA MET A 24 3.63 -41.17 -7.27
C MET A 24 3.61 -40.48 -5.92
N ILE A 25 3.45 -39.16 -5.91
CA ILE A 25 3.26 -38.41 -4.69
C ILE A 25 1.80 -38.58 -4.33
N GLU A 26 1.54 -39.21 -3.19
CA GLU A 26 0.18 -39.62 -2.84
C GLU A 26 -0.79 -38.45 -2.92
N GLY A 27 -1.83 -38.61 -3.74
CA GLY A 27 -2.85 -37.60 -3.88
C GLY A 27 -2.59 -36.70 -5.09
N PHE A 28 -1.34 -36.48 -5.45
CA PHE A 28 -1.05 -35.50 -6.48
C PHE A 28 -1.47 -36.00 -7.87
N ASP A 29 -1.28 -37.29 -8.13
CA ASP A 29 -1.61 -37.81 -9.44
C ASP A 29 -3.11 -37.76 -9.64
N ASP A 30 -3.89 -37.78 -8.56
CA ASP A 30 -5.34 -37.58 -8.66
C ASP A 30 -5.69 -36.13 -8.97
N ILE A 31 -5.16 -35.20 -8.18
CA ILE A 31 -5.39 -33.77 -8.43
C ILE A 31 -5.01 -33.36 -9.87
N SER A 32 -3.89 -33.91 -10.36
CA SER A 32 -3.42 -33.58 -11.72
C SER A 32 -4.00 -34.45 -12.80
N HIS A 33 -4.90 -35.36 -12.44
CA HIS A 33 -5.47 -36.32 -13.40
C HIS A 33 -4.38 -37.07 -14.16
N GLY A 34 -3.42 -37.62 -13.45
CA GLY A 34 -2.47 -38.51 -14.12
C GLY A 34 -1.01 -38.19 -13.92
N GLY A 35 -0.71 -36.99 -13.40
CA GLY A 35 0.68 -36.64 -13.16
C GLY A 35 1.07 -35.34 -13.86
N LEU A 36 2.37 -35.16 -14.07
CA LEU A 36 2.89 -33.96 -14.69
C LEU A 36 2.96 -34.13 -16.20
N PRO A 37 2.51 -33.11 -16.94
CA PRO A 37 2.60 -33.18 -18.40
C PRO A 37 4.01 -33.50 -18.89
N ILE A 38 4.12 -34.55 -19.71
CA ILE A 38 5.43 -35.04 -20.14
C ILE A 38 6.13 -34.08 -21.08
N GLY A 39 7.44 -33.93 -20.88
CA GLY A 39 8.29 -33.13 -21.72
C GLY A 39 8.15 -31.64 -21.53
N ARG A 40 7.50 -31.22 -20.44
CA ARG A 40 7.32 -29.80 -20.13
C ARG A 40 7.77 -29.46 -18.72
N SER A 41 7.90 -28.16 -18.46
CA SER A 41 8.26 -27.64 -17.13
C SER A 41 7.06 -27.32 -16.25
N THR A 42 7.16 -27.68 -14.98
CA THR A 42 6.13 -27.27 -14.02
C THR A 42 6.79 -26.43 -12.94
N LEU A 43 6.26 -25.22 -12.72
CA LEU A 43 6.76 -24.35 -11.69
C LEU A 43 6.09 -24.74 -10.38
N VAL A 44 6.86 -24.89 -9.32
CA VAL A 44 6.28 -25.13 -8.00
C VAL A 44 6.74 -23.94 -7.15
N SER A 45 5.79 -23.07 -6.81
CA SER A 45 6.11 -21.81 -6.12
C SER A 45 5.49 -21.75 -4.73
N GLY A 46 6.17 -21.11 -3.79
CA GLY A 46 5.70 -21.15 -2.43
C GLY A 46 6.62 -20.37 -1.51
N THR A 47 6.10 -19.96 -0.35
CA THR A 47 6.92 -19.25 0.59
C THR A 47 7.97 -20.18 1.16
N SER A 48 8.92 -19.62 1.90
CA SER A 48 9.97 -20.42 2.53
C SER A 48 9.42 -21.52 3.41
N GLY A 49 9.96 -22.73 3.28
CA GLY A 49 9.51 -23.82 4.13
C GLY A 49 8.15 -24.40 3.76
N THR A 50 7.69 -24.25 2.51
CA THR A 50 6.42 -24.83 2.15
C THR A 50 6.52 -26.26 1.66
N GLY A 51 7.74 -26.72 1.36
CA GLY A 51 7.91 -28.07 0.81
C GLY A 51 8.27 -28.17 -0.67
N LYS A 52 8.70 -27.07 -1.26
CA LYS A 52 9.09 -27.05 -2.70
C LYS A 52 10.24 -28.03 -3.01
N THR A 53 11.30 -27.91 -2.24
CA THR A 53 12.47 -28.73 -2.46
C THR A 53 12.10 -30.19 -2.22
N LEU A 54 11.36 -30.45 -1.15
CA LEU A 54 10.83 -31.80 -0.94
C LEU A 54 10.02 -32.35 -2.15
N PHE A 55 9.12 -31.54 -2.68
CA PHE A 55 8.35 -31.97 -3.85
C PHE A 55 9.30 -32.38 -4.98
N SER A 56 10.29 -31.54 -5.22
CA SER A 56 11.18 -31.70 -6.38
C SER A 56 12.10 -32.91 -6.21
N ILE A 57 12.43 -33.25 -4.97
CA ILE A 57 13.24 -34.45 -4.69
C ILE A 57 12.40 -35.71 -4.82
N GLN A 58 11.18 -35.67 -4.24
CA GLN A 58 10.27 -36.80 -4.25
C GLN A 58 9.92 -37.21 -5.67
N PHE A 59 9.79 -36.21 -6.52
CA PHE A 59 9.52 -36.40 -7.94
C PHE A 59 10.61 -37.24 -8.60
N LEU A 60 11.87 -36.89 -8.33
CA LEU A 60 13.01 -37.61 -8.92
C LEU A 60 13.20 -38.97 -8.30
N TYR A 61 13.03 -39.03 -6.97
CA TYR A 61 13.22 -40.29 -6.22
C TYR A 61 12.21 -41.34 -6.65
N ASN A 62 10.94 -40.94 -6.76
CA ASN A 62 9.92 -41.88 -7.16
C ASN A 62 10.15 -42.35 -8.60
N GLY A 63 10.63 -41.47 -9.47
CA GLY A 63 10.94 -41.86 -10.83
C GLY A 63 12.00 -42.97 -10.85
N ILE A 64 13.06 -42.80 -10.06
CA ILE A 64 14.13 -43.80 -9.99
C ILE A 64 13.61 -45.10 -9.38
N ILE A 65 12.98 -45.01 -8.22
CA ILE A 65 12.59 -46.21 -7.49
C ILE A 65 11.42 -46.93 -8.16
N GLU A 66 10.45 -46.19 -8.68
CA GLU A 66 9.23 -46.85 -9.15
C GLU A 66 9.31 -47.24 -10.62
N PHE A 67 10.04 -46.45 -11.40
CA PHE A 67 10.02 -46.61 -12.86
C PHE A 67 11.40 -46.80 -13.48
N ASP A 68 12.44 -46.81 -12.65
CA ASP A 68 13.83 -46.83 -13.14
C ASP A 68 14.10 -45.68 -14.13
N GLU A 69 13.50 -44.52 -13.88
CA GLU A 69 13.76 -43.32 -14.70
C GLU A 69 14.80 -42.48 -13.99
N PRO A 70 15.96 -42.28 -14.61
CA PRO A 70 17.06 -41.56 -13.96
C PRO A 70 16.73 -40.08 -13.84
N GLY A 71 17.34 -39.43 -12.84
CA GLY A 71 17.03 -38.03 -12.58
C GLY A 71 18.24 -37.16 -12.44
N VAL A 72 18.05 -35.89 -12.77
CA VAL A 72 19.06 -34.87 -12.56
C VAL A 72 18.49 -33.76 -11.69
N PHE A 73 19.21 -33.43 -10.62
CA PHE A 73 18.77 -32.40 -9.66
C PHE A 73 19.77 -31.29 -9.74
N VAL A 74 19.32 -30.13 -10.21
CA VAL A 74 20.18 -28.95 -10.32
C VAL A 74 19.98 -28.10 -9.08
N THR A 75 21.02 -27.87 -8.28
CA THR A 75 20.83 -27.14 -7.03
C THR A 75 21.49 -25.74 -7.07
N PHE A 76 20.67 -24.71 -6.85
CA PHE A 76 21.12 -23.31 -6.84
C PHE A 76 21.23 -22.74 -5.44
N GLU A 77 20.53 -23.34 -4.48
CA GLU A 77 20.53 -22.80 -3.10
C GLU A 77 21.43 -23.65 -2.20
N GLU A 78 21.08 -24.93 -2.09
CA GLU A 78 21.74 -25.86 -1.17
C GLU A 78 22.91 -26.63 -1.77
N THR A 79 23.83 -27.09 -0.93
CA THR A 79 24.92 -27.93 -1.40
C THR A 79 24.44 -29.36 -1.61
N PRO A 80 25.07 -30.10 -2.54
CA PRO A 80 24.65 -31.50 -2.69
C PRO A 80 24.76 -32.29 -1.39
N GLN A 81 25.76 -32.00 -0.56
CA GLN A 81 25.94 -32.74 0.69
C GLN A 81 24.74 -32.52 1.60
N ASP A 82 24.27 -31.28 1.66
CA ASP A 82 23.11 -30.98 2.49
C ASP A 82 21.80 -31.55 1.92
N ILE A 83 21.63 -31.49 0.60
CA ILE A 83 20.49 -32.13 -0.06
C ILE A 83 20.40 -33.62 0.32
N ILE A 84 21.54 -34.29 0.29
CA ILE A 84 21.58 -35.72 0.59
C ILE A 84 21.30 -35.97 2.07
N LYS A 85 21.91 -35.16 2.93
CA LYS A 85 21.74 -35.34 4.37
C LYS A 85 20.30 -35.08 4.79
N ASN A 86 19.69 -34.01 4.25
CA ASN A 86 18.31 -33.69 4.63
C ASN A 86 17.28 -34.69 4.11
N ALA A 87 17.56 -35.31 2.97
CA ALA A 87 16.65 -36.31 2.41
C ALA A 87 16.56 -37.56 3.27
N ARG A 88 17.55 -37.80 4.12
CA ARG A 88 17.46 -38.92 5.08
C ARG A 88 16.23 -38.77 6.00
N SER A 89 15.71 -37.56 6.09
CA SER A 89 14.53 -37.28 6.93
C SER A 89 13.33 -38.12 6.45
N PHE A 90 13.31 -38.43 5.15
CA PHE A 90 12.20 -39.15 4.56
C PHE A 90 12.57 -40.61 4.21
N GLY A 91 13.69 -41.09 4.74
CA GLY A 91 14.09 -42.46 4.57
C GLY A 91 14.64 -42.70 3.19
N TRP A 92 15.09 -41.63 2.55
CA TRP A 92 15.64 -41.76 1.22
C TRP A 92 17.16 -41.71 1.23
N ASP A 93 17.77 -42.74 0.67
CA ASP A 93 19.23 -42.81 0.53
C ASP A 93 19.67 -42.31 -0.84
N LEU A 94 19.84 -40.99 -0.99
CA LEU A 94 20.26 -40.42 -2.28
C LEU A 94 21.72 -40.74 -2.67
N ALA A 95 22.59 -40.88 -1.67
CA ALA A 95 23.99 -41.21 -1.95
C ALA A 95 24.10 -42.54 -2.69
N LYS A 96 23.34 -43.52 -2.28
CA LYS A 96 23.28 -44.81 -2.99
C LYS A 96 22.85 -44.66 -4.47
N LEU A 97 21.85 -43.81 -4.71
CA LEU A 97 21.35 -43.64 -6.08
C LEU A 97 22.38 -42.90 -6.93
N VAL A 98 23.12 -42.00 -6.30
CA VAL A 98 24.18 -41.28 -7.00
C VAL A 98 25.31 -42.28 -7.33
N ASP A 99 25.63 -43.13 -6.35
CA ASP A 99 26.71 -44.13 -6.58
C ASP A 99 26.34 -45.09 -7.70
N GLU A 100 25.05 -45.39 -7.80
CA GLU A 100 24.53 -46.32 -8.79
C GLU A 100 24.31 -45.66 -10.14
N GLY A 101 24.50 -44.34 -10.20
CA GLY A 101 24.36 -43.61 -11.44
C GLY A 101 22.92 -43.34 -11.89
N LYS A 102 21.97 -43.46 -10.97
CA LYS A 102 20.56 -43.25 -11.31
C LYS A 102 20.12 -41.83 -10.98
N LEU A 103 20.89 -41.18 -10.11
CA LEU A 103 20.66 -39.78 -9.76
C LEU A 103 21.96 -39.02 -9.95
N PHE A 104 21.88 -37.83 -10.55
CA PHE A 104 23.02 -36.92 -10.57
C PHE A 104 22.61 -35.60 -9.95
N ILE A 105 23.36 -35.15 -8.96
CA ILE A 105 23.12 -33.84 -8.40
C ILE A 105 24.13 -32.87 -9.00
N LEU A 106 23.65 -31.87 -9.73
CA LEU A 106 24.54 -30.90 -10.38
C LEU A 106 24.68 -29.64 -9.51
N ASP A 107 25.89 -29.36 -9.02
CA ASP A 107 26.11 -28.25 -8.08
C ASP A 107 26.25 -26.92 -8.80
N ALA A 108 25.24 -26.08 -8.69
CA ALA A 108 25.33 -24.69 -9.13
C ALA A 108 25.04 -23.72 -7.97
N SER A 109 25.39 -24.12 -6.74
CA SER A 109 25.08 -23.29 -5.56
C SER A 109 26.18 -22.23 -5.42
N PRO A 110 26.80 -21.37 -4.92
CA PRO A 110 27.99 -20.53 -5.09
C PRO A 110 29.00 -20.70 -3.97
N ASP A 111 30.25 -20.56 -4.33
CA ASP A 111 31.30 -20.31 -3.38
C ASP A 111 30.95 -19.08 -2.57
N PRO A 112 31.11 -19.09 -1.26
CA PRO A 112 30.99 -17.84 -0.49
C PRO A 112 31.95 -16.76 -0.96
N GLU A 113 32.93 -17.12 -1.77
CA GLU A 113 34.06 -16.26 -2.10
C GLU A 113 33.89 -15.55 -3.45
N GLY A 114 32.74 -15.67 -4.09
CA GLY A 114 32.56 -15.10 -5.42
C GLY A 114 32.70 -13.59 -5.44
N GLN A 115 32.66 -13.01 -6.63
CA GLN A 115 33.06 -11.63 -6.86
C GLN A 115 32.13 -10.94 -7.85
N GLU A 116 32.54 -9.75 -8.27
CA GLU A 116 31.70 -8.90 -9.12
C GLU A 116 31.73 -9.36 -10.57
N VAL A 117 30.59 -9.21 -11.23
CA VAL A 117 30.34 -9.75 -12.57
C VAL A 117 29.53 -8.75 -13.34
N VAL A 118 29.70 -8.79 -14.66
CA VAL A 118 28.67 -8.37 -15.60
C VAL A 118 28.53 -9.52 -16.61
N GLY A 119 27.38 -9.62 -17.24
CA GLY A 119 27.13 -10.65 -18.23
C GLY A 119 26.48 -11.88 -17.63
N GLY A 120 25.60 -12.46 -18.43
CA GLY A 120 24.79 -13.57 -17.99
C GLY A 120 25.17 -14.88 -18.64
N PHE A 121 26.36 -14.88 -19.25
CA PHE A 121 26.75 -16.03 -20.05
C PHE A 121 26.97 -17.26 -19.17
N ASP A 122 26.88 -17.08 -17.86
CA ASP A 122 27.04 -18.18 -16.92
C ASP A 122 26.19 -19.37 -17.33
N LEU A 123 25.79 -18.29 -17.91
CA LEU A 123 24.72 -19.24 -17.67
C LEU A 123 24.46 -20.08 -18.92
N SER A 124 25.01 -19.66 -20.07
CA SER A 124 24.96 -20.48 -21.27
C SER A 124 25.74 -21.76 -21.02
N ALA A 125 26.89 -21.61 -20.36
CA ALA A 125 27.72 -22.75 -19.99
C ALA A 125 26.95 -23.69 -19.07
N LEU A 126 26.14 -23.10 -18.20
CA LEU A 126 25.36 -23.88 -17.24
C LEU A 126 24.32 -24.74 -17.95
N ILE A 127 23.60 -24.15 -18.89
CA ILE A 127 22.60 -24.88 -19.67
C ILE A 127 23.23 -26.06 -20.39
N GLU A 128 24.44 -25.87 -20.93
CA GLU A 128 25.13 -26.96 -21.62
C GLU A 128 25.53 -28.09 -20.68
N ARG A 129 25.89 -27.76 -19.45
CA ARG A 129 26.24 -28.79 -18.46
C ARG A 129 25.00 -29.57 -18.04
N ILE A 130 23.89 -28.85 -17.90
CA ILE A 130 22.61 -29.49 -17.60
C ILE A 130 22.27 -30.47 -18.73
N ASN A 131 22.35 -30.00 -19.98
CA ASN A 131 22.14 -30.89 -21.13
C ASN A 131 23.04 -32.12 -21.11
N TYR A 132 24.34 -31.91 -20.93
CA TYR A 132 25.28 -33.01 -20.89
C TYR A 132 24.95 -34.05 -19.81
N ALA A 133 24.55 -33.57 -18.64
CA ALA A 133 24.21 -34.45 -17.52
C ALA A 133 22.99 -35.28 -17.87
N ILE A 134 21.99 -34.64 -18.47
CA ILE A 134 20.76 -35.34 -18.81
C ILE A 134 21.07 -36.48 -19.78
N GLN A 135 21.93 -36.21 -20.75
CA GLN A 135 22.31 -37.21 -21.76
C GLN A 135 23.20 -38.28 -21.16
N LYS A 136 24.16 -37.87 -20.35
CA LYS A 136 25.07 -38.83 -19.71
C LYS A 136 24.33 -39.83 -18.82
N TYR A 137 23.38 -39.35 -18.02
CA TYR A 137 22.65 -40.23 -17.11
C TYR A 137 21.34 -40.73 -17.70
N ARG A 138 21.08 -40.36 -18.96
CA ARG A 138 19.85 -40.74 -19.67
C ARG A 138 18.63 -40.40 -18.81
N ALA A 139 18.64 -39.20 -18.25
CA ALA A 139 17.58 -38.79 -17.33
C ALA A 139 16.30 -38.43 -18.04
N ARG A 140 15.17 -38.79 -17.44
CA ARG A 140 13.89 -38.42 -18.00
C ARG A 140 13.18 -37.40 -17.12
N ARG A 141 13.67 -37.27 -15.88
CA ARG A 141 13.10 -36.30 -14.93
C ARG A 141 14.20 -35.36 -14.50
N VAL A 142 13.88 -34.08 -14.41
CA VAL A 142 14.82 -33.05 -13.98
C VAL A 142 14.17 -32.17 -12.90
N SER A 143 14.91 -31.84 -11.86
CA SER A 143 14.42 -30.83 -10.93
C SER A 143 15.41 -29.68 -10.88
N ILE A 144 14.88 -28.45 -10.95
CA ILE A 144 15.72 -27.26 -10.86
C ILE A 144 15.33 -26.52 -9.59
N ASP A 145 16.22 -26.52 -8.59
CA ASP A 145 15.81 -26.02 -7.29
C ASP A 145 16.24 -24.59 -7.01
N SER A 146 15.26 -23.75 -6.70
CA SER A 146 15.41 -22.34 -6.30
C SER A 146 15.81 -21.41 -7.47
N VAL A 147 14.90 -21.27 -8.42
CA VAL A 147 15.07 -20.29 -9.50
C VAL A 147 15.29 -18.91 -8.90
N THR A 148 14.57 -18.60 -7.81
CA THR A 148 14.79 -17.35 -7.07
C THR A 148 16.27 -17.05 -6.80
N SER A 149 17.02 -18.05 -6.36
CA SER A 149 18.44 -17.90 -6.03
C SER A 149 19.29 -17.47 -7.24
N VAL A 150 19.09 -18.11 -8.38
CA VAL A 150 19.87 -17.73 -9.56
C VAL A 150 19.50 -16.29 -9.94
N PHE A 151 18.25 -15.89 -9.69
CA PHE A 151 17.87 -14.50 -9.92
C PHE A 151 18.61 -13.51 -9.01
N GLN A 152 18.80 -13.88 -7.75
CA GLN A 152 19.45 -12.98 -6.80
C GLN A 152 20.94 -12.84 -7.05
N GLN A 153 21.54 -13.79 -7.75
CA GLN A 153 22.97 -13.73 -8.03
C GLN A 153 23.28 -12.73 -9.15
N TYR A 154 22.29 -12.47 -10.00
CA TYR A 154 22.43 -11.56 -11.13
C TYR A 154 21.48 -10.36 -10.97
N ASP A 155 20.88 -10.23 -9.79
CA ASP A 155 20.02 -9.10 -9.44
C ASP A 155 18.81 -8.92 -10.35
N ALA A 156 18.18 -10.03 -10.72
CA ALA A 156 16.99 -10.04 -11.57
C ALA A 156 17.17 -9.24 -12.88
N SER A 157 18.42 -9.10 -13.33
CA SER A 157 18.70 -8.54 -14.64
C SER A 157 18.06 -9.45 -15.68
N SER A 158 17.56 -8.90 -16.77
CA SER A 158 16.86 -9.76 -17.71
C SER A 158 17.85 -10.58 -18.54
N VAL A 159 19.11 -10.56 -18.13
CA VAL A 159 20.10 -11.50 -18.63
C VAL A 159 19.88 -12.88 -17.98
N VAL A 160 19.45 -12.91 -16.71
CA VAL A 160 19.09 -14.17 -16.06
C VAL A 160 17.71 -14.59 -16.54
N ARG A 161 16.86 -13.61 -16.86
CA ARG A 161 15.46 -13.87 -17.13
C ARG A 161 15.21 -14.66 -18.40
N ARG A 162 15.90 -14.34 -19.50
CA ARG A 162 15.75 -15.13 -20.69
C ARG A 162 16.94 -16.04 -20.97
N GLU A 163 17.89 -16.03 -20.04
CA GLU A 163 18.77 -17.19 -19.96
C GLU A 163 17.94 -18.31 -19.33
N LEU A 164 16.98 -17.91 -18.49
CA LEU A 164 16.01 -18.84 -17.93
C LEU A 164 15.12 -19.40 -19.05
N PHE A 165 14.69 -18.54 -19.96
CA PHE A 165 13.87 -19.02 -21.07
C PHE A 165 14.68 -19.95 -21.96
N ARG A 166 15.95 -19.64 -22.16
CA ARG A 166 16.85 -20.54 -22.89
C ARG A 166 16.91 -21.92 -22.22
N LEU A 167 16.90 -21.93 -20.88
CA LEU A 167 16.89 -23.20 -20.17
C LEU A 167 15.56 -23.95 -20.38
N VAL A 168 14.44 -23.26 -20.15
CA VAL A 168 13.11 -23.88 -20.30
C VAL A 168 12.95 -24.48 -21.71
N ALA A 169 13.35 -23.69 -22.70
CA ALA A 169 13.31 -24.10 -24.12
C ALA A 169 14.13 -25.35 -24.38
N ARG A 170 15.38 -25.34 -23.93
CA ARG A 170 16.30 -26.44 -24.14
C ARG A 170 15.84 -27.71 -23.45
N LEU A 171 15.25 -27.58 -22.26
CA LEU A 171 14.70 -28.73 -21.57
C LEU A 171 13.59 -29.35 -22.41
N LYS A 172 12.75 -28.49 -22.99
CA LYS A 172 11.63 -28.96 -23.78
C LYS A 172 12.11 -29.69 -25.04
N GLN A 173 13.21 -29.20 -25.61
CA GLN A 173 13.79 -29.84 -26.78
C GLN A 173 14.30 -31.25 -26.47
N ILE A 174 14.98 -31.45 -25.34
CA ILE A 174 15.47 -32.78 -24.98
C ILE A 174 14.30 -33.71 -24.59
N GLY A 175 13.14 -33.13 -24.33
CA GLY A 175 11.99 -33.88 -23.86
C GLY A 175 12.05 -34.22 -22.38
N ALA A 176 12.84 -33.48 -21.62
CA ALA A 176 12.93 -33.65 -20.19
C ALA A 176 11.60 -33.23 -19.54
N THR A 177 11.18 -33.93 -18.49
CA THR A 177 10.01 -33.50 -17.73
C THR A 177 10.55 -32.87 -16.45
N THR A 178 10.25 -31.61 -16.21
CA THR A 178 11.06 -30.82 -15.28
C THR A 178 10.19 -30.16 -14.20
N VAL A 179 10.66 -30.19 -12.94
CA VAL A 179 10.06 -29.37 -11.87
C VAL A 179 11.05 -28.25 -11.60
N MET A 180 10.54 -27.04 -11.53
CA MET A 180 11.33 -25.89 -11.13
C MET A 180 10.73 -25.26 -9.88
N THR A 181 11.52 -25.12 -8.82
CA THR A 181 10.98 -24.49 -7.62
C THR A 181 11.39 -23.04 -7.54
N THR A 182 10.54 -22.24 -6.91
CA THR A 182 10.84 -20.83 -6.76
C THR A 182 10.07 -20.22 -5.59
N GLU A 183 10.56 -19.10 -5.08
CA GLU A 183 9.99 -18.52 -3.86
C GLU A 183 8.89 -17.48 -4.16
N ARG A 184 7.97 -17.35 -3.23
CA ARG A 184 7.07 -16.19 -3.24
C ARG A 184 7.04 -15.64 -1.84
N ILE A 185 6.59 -14.39 -1.69
CA ILE A 185 6.62 -13.68 -0.39
C ILE A 185 5.33 -13.79 0.40
N GLU A 186 4.18 -13.76 -0.26
CA GLU A 186 2.90 -13.81 0.45
C GLU A 186 2.13 -15.09 0.16
N GLU A 187 1.29 -15.51 1.10
CA GLU A 187 0.51 -16.72 0.81
C GLU A 187 -0.57 -16.45 -0.24
N TYR A 188 -1.22 -15.29 -0.16
CA TYR A 188 -2.22 -14.96 -1.17
C TYR A 188 -1.82 -13.67 -1.84
N GLY A 189 -0.92 -13.78 -2.79
CA GLY A 189 -0.39 -12.66 -3.53
C GLY A 189 0.18 -13.18 -4.82
N PRO A 190 1.18 -12.49 -5.38
CA PRO A 190 1.77 -12.88 -6.66
C PRO A 190 2.22 -14.35 -6.67
N ILE A 191 2.18 -14.96 -7.84
CA ILE A 191 2.54 -16.36 -7.98
C ILE A 191 4.00 -16.63 -7.63
N ALA A 192 4.90 -15.73 -8.03
CA ALA A 192 6.33 -15.97 -7.85
C ALA A 192 7.05 -14.65 -7.75
N ARG A 193 7.99 -14.59 -6.83
CA ARG A 193 8.88 -13.45 -6.74
C ARG A 193 9.61 -13.35 -8.07
N TYR A 194 9.85 -12.10 -8.47
CA TYR A 194 10.51 -11.73 -9.72
C TYR A 194 9.74 -12.09 -10.99
N GLY A 195 8.48 -12.50 -10.87
CA GLY A 195 7.73 -12.89 -12.07
C GLY A 195 8.21 -14.16 -12.77
N VAL A 196 8.73 -15.11 -12.01
CA VAL A 196 9.21 -16.35 -12.62
C VAL A 196 8.18 -17.10 -13.50
N GLU A 197 6.88 -16.96 -13.22
CA GLU A 197 5.86 -17.75 -13.92
C GLU A 197 5.69 -17.35 -15.37
N GLU A 198 6.35 -16.27 -15.75
CA GLU A 198 6.37 -15.84 -17.14
C GLU A 198 7.21 -16.78 -18.03
N PHE A 199 8.21 -17.44 -17.44
CA PHE A 199 9.12 -18.31 -18.19
C PHE A 199 8.81 -19.79 -17.99
N VAL A 200 8.64 -20.19 -16.73
CA VAL A 200 8.16 -21.53 -16.45
C VAL A 200 6.65 -21.42 -16.47
N SER A 201 6.14 -21.24 -17.69
CA SER A 201 4.76 -20.80 -17.85
C SER A 201 3.77 -21.91 -18.17
N ASP A 202 4.25 -23.05 -18.66
CA ASP A 202 3.31 -24.13 -19.07
C ASP A 202 2.42 -24.59 -17.91
N ASN A 203 3.04 -24.97 -16.79
CA ASN A 203 2.29 -25.50 -15.65
C ASN A 203 2.69 -24.78 -14.35
N VAL A 204 1.70 -24.51 -13.51
CA VAL A 204 1.97 -23.79 -12.25
C VAL A 204 1.29 -24.50 -11.07
N VAL A 205 2.10 -24.84 -10.06
CA VAL A 205 1.63 -25.44 -8.81
C VAL A 205 2.01 -24.48 -7.69
N ILE A 206 1.08 -24.19 -6.78
CA ILE A 206 1.37 -23.29 -5.67
C ILE A 206 1.25 -24.03 -4.33
N LEU A 207 2.33 -24.00 -3.56
CA LEU A 207 2.31 -24.54 -2.20
C LEU A 207 2.11 -23.38 -1.23
N ARG A 208 1.24 -23.56 -0.26
CA ARG A 208 0.96 -22.52 0.72
C ARG A 208 1.11 -23.08 2.13
N ASN A 209 1.40 -22.19 3.05
CA ASN A 209 1.56 -22.50 4.46
C ASN A 209 0.74 -21.40 5.16
N VAL A 210 -0.56 -21.57 5.25
CA VAL A 210 -1.40 -20.42 5.63
C VAL A 210 -1.57 -20.34 7.13
N LEU A 211 -1.51 -19.13 7.68
CA LEU A 211 -1.80 -18.94 9.09
C LEU A 211 -3.33 -18.93 9.35
N GLU A 212 -3.76 -19.88 10.16
CA GLU A 212 -5.14 -19.98 10.62
C GLU A 212 -5.08 -19.63 12.09
N GLY A 213 -5.22 -18.35 12.41
CA GLY A 213 -5.03 -17.88 13.77
C GLY A 213 -3.54 -18.05 14.03
N GLU A 214 -3.18 -18.84 15.02
CA GLU A 214 -1.75 -19.06 15.29
C GLU A 214 -1.30 -20.41 14.76
N ARG A 215 -2.18 -21.12 14.05
CA ARG A 215 -1.83 -22.45 13.52
C ARG A 215 -1.50 -22.33 12.03
N ARG A 216 -0.70 -23.28 11.52
CA ARG A 216 -0.38 -23.34 10.07
C ARG A 216 -1.11 -24.49 9.40
N ARG A 217 -1.63 -24.23 8.21
CA ARG A 217 -2.25 -25.25 7.38
C ARG A 217 -1.55 -25.31 6.01
N ARG A 218 -0.99 -26.47 5.62
CA ARG A 218 -0.29 -26.57 4.34
C ARG A 218 -1.30 -26.93 3.24
N THR A 219 -1.23 -26.27 2.09
CA THR A 219 -2.08 -26.62 0.96
C THR A 219 -1.30 -26.59 -0.35
N LEU A 220 -1.83 -27.35 -1.30
CA LEU A 220 -1.22 -27.44 -2.63
C LEU A 220 -2.34 -27.09 -3.62
N GLU A 221 -2.03 -26.27 -4.60
CA GLU A 221 -3.01 -25.94 -5.65
C GLU A 221 -2.37 -26.13 -6.99
N ILE A 222 -3.04 -26.82 -7.93
CA ILE A 222 -2.59 -26.75 -9.32
C ILE A 222 -3.35 -25.60 -9.98
N LEU A 223 -2.65 -24.51 -10.24
CA LEU A 223 -3.29 -23.33 -10.79
C LEU A 223 -3.63 -23.50 -12.27
N LYS A 224 -2.70 -24.12 -12.98
CA LYS A 224 -2.72 -24.16 -14.45
C LYS A 224 -1.93 -25.37 -14.96
N LEU A 225 -2.51 -26.11 -15.90
CA LEU A 225 -1.76 -27.10 -16.69
C LEU A 225 -2.20 -26.89 -18.12
N ARG A 226 -1.32 -26.37 -18.96
CA ARG A 226 -1.69 -26.10 -20.34
C ARG A 226 -2.07 -27.38 -21.06
N GLY A 227 -3.16 -27.34 -21.83
CA GLY A 227 -3.49 -28.47 -22.70
C GLY A 227 -4.07 -29.69 -22.02
N THR A 228 -4.48 -29.57 -20.76
CA THR A 228 -5.04 -30.72 -20.07
C THR A 228 -5.86 -30.30 -18.82
N SER A 229 -6.62 -31.22 -18.27
CA SER A 229 -7.49 -30.96 -17.13
C SER A 229 -6.77 -31.22 -15.82
N HIS A 230 -7.34 -30.65 -14.76
CA HIS A 230 -6.83 -30.84 -13.40
C HIS A 230 -7.88 -30.36 -12.41
N MET A 231 -7.81 -30.87 -11.19
CA MET A 231 -8.64 -30.36 -10.11
C MET A 231 -8.23 -28.95 -9.72
N LYS A 232 -9.20 -28.20 -9.20
CA LYS A 232 -9.05 -26.78 -8.92
C LYS A 232 -9.10 -26.44 -7.43
N GLY A 233 -8.42 -25.36 -7.08
CA GLY A 233 -8.42 -24.81 -5.73
C GLY A 233 -7.36 -25.47 -4.87
N GLU A 234 -7.44 -25.27 -3.57
CA GLU A 234 -6.44 -25.77 -2.65
C GLU A 234 -6.80 -27.11 -2.05
N TYR A 235 -5.78 -27.96 -1.87
CA TYR A 235 -5.93 -29.25 -1.21
C TYR A 235 -4.94 -29.36 -0.07
N PRO A 236 -5.42 -29.69 1.13
CA PRO A 236 -4.49 -29.73 2.26
C PRO A 236 -3.55 -30.94 2.18
N PHE A 237 -2.35 -30.76 2.75
CA PHE A 237 -1.39 -31.86 2.83
C PHE A 237 -0.56 -31.71 4.09
N THR A 238 0.16 -32.79 4.43
CA THR A 238 1.13 -32.72 5.50
C THR A 238 2.45 -33.28 4.99
N ILE A 239 3.52 -32.95 5.70
CA ILE A 239 4.81 -33.52 5.38
C ILE A 239 5.09 -34.53 6.50
N THR A 240 5.45 -35.74 6.09
CA THR A 240 5.59 -36.87 6.99
C THR A 240 6.96 -37.47 6.79
N ASP A 241 7.26 -38.53 7.53
CA ASP A 241 8.51 -39.26 7.37
C ASP A 241 8.53 -39.97 6.02
N HIS A 242 7.42 -39.96 5.29
CA HIS A 242 7.46 -40.50 3.92
C HIS A 242 7.28 -39.43 2.84
N GLY A 243 7.48 -38.17 3.20
CA GLY A 243 7.38 -37.07 2.24
C GLY A 243 6.03 -36.39 2.21
N ILE A 244 5.65 -35.83 1.06
CA ILE A 244 4.38 -35.14 0.97
C ILE A 244 3.22 -36.12 0.95
N ASN A 245 2.19 -35.80 1.72
CA ASN A 245 0.97 -36.61 1.73
C ASN A 245 -0.28 -35.73 1.60
N ILE A 246 -0.88 -35.72 0.41
CA ILE A 246 -2.08 -34.94 0.15
C ILE A 246 -3.34 -35.79 0.32
N PHE A 247 -4.48 -35.14 0.52
CA PHE A 247 -5.78 -35.81 0.40
C PHE A 247 -6.80 -34.89 -0.28
N PRO A 248 -7.40 -36.38 -1.29
CA PRO A 248 -8.29 -36.07 -2.42
C PRO A 248 -9.75 -36.12 -2.01
N LEU A 249 -10.23 -35.02 -1.43
CA LEU A 249 -11.62 -34.99 -0.98
C LEU A 249 -12.57 -35.15 -2.15
N GLY A 250 -12.46 -34.27 -3.15
CA GLY A 250 -13.38 -34.34 -4.27
C GLY A 250 -13.25 -35.60 -5.09
N ALA A 251 -12.03 -36.11 -5.24
CA ALA A 251 -11.78 -37.21 -6.16
C ALA A 251 -12.39 -38.53 -5.71
N MET A 252 -12.74 -38.66 -4.43
CA MET A 252 -13.25 -39.92 -3.92
C MET A 252 -14.47 -40.37 -4.71
N ARG A 253 -14.60 -41.68 -4.86
CA ARG A 253 -15.71 -42.24 -5.59
C ARG A 253 -16.37 -43.37 -4.81
N LEU A 254 -17.62 -43.63 -5.15
CA LEU A 254 -18.59 -44.28 -4.28
C LEU A 254 -18.70 -45.78 -4.53
N THR A 255 -17.82 -46.35 -5.36
CA THR A 255 -17.99 -47.69 -5.92
C THR A 255 -18.14 -48.77 -4.85
N GLN A 256 -17.85 -48.48 -3.60
CA GLN A 256 -17.74 -49.50 -2.57
C GLN A 256 -19.05 -50.24 -2.34
N ARG A 257 -18.94 -51.55 -2.12
CA ARG A 257 -20.04 -52.49 -2.00
C ARG A 257 -20.72 -52.40 -0.64
N SER A 258 -21.93 -52.96 -0.57
CA SER A 258 -22.72 -53.03 0.66
C SER A 258 -23.40 -54.39 0.75
N SER A 259 -23.85 -54.74 1.96
CA SER A 259 -24.51 -56.02 2.17
C SER A 259 -25.36 -55.95 3.43
N ASN A 260 -26.29 -56.88 3.56
CA ASN A 260 -27.23 -56.90 4.67
C ASN A 260 -26.69 -57.63 5.88
N VAL A 261 -25.43 -58.04 5.85
CA VAL A 261 -24.84 -58.70 6.99
C VAL A 261 -25.02 -57.87 8.23
N ARG A 262 -25.59 -58.47 9.26
CA ARG A 262 -25.75 -57.76 10.52
C ARG A 262 -24.50 -57.89 11.38
N VAL A 263 -24.50 -57.19 12.52
CA VAL A 263 -23.45 -57.31 13.53
C VAL A 263 -24.09 -57.15 14.90
N SER A 264 -23.65 -57.97 15.85
CA SER A 264 -24.10 -57.82 17.23
C SER A 264 -23.38 -56.65 17.90
N SER A 265 -24.14 -55.86 18.66
CA SER A 265 -23.52 -54.82 19.46
C SER A 265 -22.93 -55.40 20.73
N GLY A 266 -23.66 -56.31 21.36
CA GLY A 266 -23.39 -56.71 22.73
C GLY A 266 -24.43 -56.29 23.73
N VAL A 267 -25.41 -55.47 23.36
CA VAL A 267 -26.59 -55.27 24.19
C VAL A 267 -27.79 -55.82 23.43
N VAL A 268 -28.26 -56.99 23.86
CA VAL A 268 -29.27 -57.71 23.10
C VAL A 268 -30.59 -56.96 23.14
N ARG A 269 -31.06 -56.64 24.35
CA ARG A 269 -32.29 -55.88 24.51
C ARG A 269 -32.33 -54.70 23.56
N LEU A 270 -31.24 -53.95 23.50
CA LEU A 270 -31.12 -52.91 22.50
C LEU A 270 -31.17 -53.49 21.10
N ASP A 271 -30.26 -54.42 20.83
CA ASP A 271 -30.20 -55.00 19.50
C ASP A 271 -31.52 -55.64 19.11
N GLU A 272 -32.34 -55.98 20.09
CA GLU A 272 -33.70 -56.41 19.78
C GLU A 272 -34.50 -55.28 19.16
N MET A 273 -34.33 -54.05 19.65
CA MET A 273 -34.89 -52.94 18.92
C MET A 273 -34.08 -52.60 17.68
N CYS A 274 -32.93 -53.24 17.51
CA CYS A 274 -32.19 -53.14 16.26
C CYS A 274 -32.59 -54.20 15.26
N GLY A 275 -33.60 -55.01 15.59
CA GLY A 275 -34.09 -56.01 14.66
C GLY A 275 -32.98 -56.90 14.16
N GLY A 276 -32.23 -57.48 15.06
CA GLY A 276 -31.09 -58.29 14.69
C GLY A 276 -29.80 -57.53 14.58
N GLY A 277 -29.68 -56.39 15.25
CA GLY A 277 -28.42 -55.71 15.34
C GLY A 277 -28.09 -54.85 14.15
N PHE A 278 -26.92 -54.23 14.24
CA PHE A 278 -26.46 -53.26 13.26
C PHE A 278 -26.10 -53.93 11.95
N PHE A 279 -26.07 -53.14 10.90
CA PHE A 279 -25.50 -53.59 9.64
C PHE A 279 -23.99 -53.66 9.75
N LYS A 280 -23.42 -54.72 9.17
CA LYS A 280 -21.96 -54.79 9.08
C LYS A 280 -21.41 -53.52 8.45
N ASP A 281 -21.94 -53.15 7.30
CA ASP A 281 -21.48 -51.96 6.59
C ASP A 281 -22.48 -50.87 6.88
N SER A 282 -22.07 -49.91 7.70
CA SER A 282 -22.93 -48.82 8.16
C SER A 282 -22.13 -47.99 9.17
N ILE A 283 -22.63 -46.79 9.45
CA ILE A 283 -21.97 -45.87 10.38
C ILE A 283 -22.97 -45.52 11.46
N ILE A 284 -22.53 -45.53 12.71
CA ILE A 284 -23.43 -45.35 13.85
C ILE A 284 -23.12 -44.03 14.53
N LEU A 285 -24.16 -43.25 14.78
CA LEU A 285 -24.01 -41.93 15.38
C LEU A 285 -24.88 -41.82 16.62
N ALA A 286 -24.24 -41.72 17.77
CA ALA A 286 -24.94 -41.53 19.04
C ALA A 286 -24.52 -40.20 19.63
N THR A 287 -25.50 -39.46 20.13
CA THR A 287 -25.25 -38.10 20.58
C THR A 287 -26.34 -37.73 21.58
N GLY A 288 -26.05 -36.72 22.38
CA GLY A 288 -27.00 -36.25 23.37
C GLY A 288 -26.30 -35.40 24.41
N ALA A 289 -26.91 -35.36 25.58
CA ALA A 289 -26.33 -34.64 26.70
C ALA A 289 -25.06 -35.31 27.16
N THR A 290 -24.27 -34.57 27.90
CA THR A 290 -23.16 -35.19 28.58
C THR A 290 -23.69 -36.15 29.64
N GLY A 291 -22.80 -37.05 30.08
CA GLY A 291 -23.09 -37.97 31.17
C GLY A 291 -23.92 -39.18 30.80
N THR A 292 -24.46 -39.23 29.60
CA THR A 292 -25.52 -40.18 29.32
C THR A 292 -25.00 -41.57 29.04
N GLY A 293 -23.69 -41.79 29.09
CA GLY A 293 -23.14 -43.07 28.73
C GLY A 293 -22.58 -43.12 27.34
N LYS A 294 -22.36 -41.96 26.70
CA LYS A 294 -21.71 -41.96 25.41
C LYS A 294 -20.42 -42.76 25.47
N THR A 295 -19.55 -42.39 26.40
CA THR A 295 -18.32 -43.12 26.58
C THR A 295 -18.60 -44.58 26.95
N LEU A 296 -19.70 -44.83 27.65
CA LEU A 296 -20.09 -46.19 28.01
C LEU A 296 -20.27 -47.07 26.77
N LEU A 297 -21.28 -46.75 25.96
CA LEU A 297 -21.77 -47.69 24.98
C LEU A 297 -20.67 -48.22 24.09
N VAL A 298 -19.58 -47.47 23.96
CA VAL A 298 -18.38 -47.97 23.33
C VAL A 298 -18.01 -49.33 23.91
N SER A 299 -18.02 -49.42 25.24
CA SER A 299 -17.46 -50.57 25.91
C SER A 299 -18.26 -51.83 25.62
N ARG A 300 -19.57 -51.79 25.88
CA ARG A 300 -20.42 -52.91 25.49
C ARG A 300 -20.16 -53.28 24.04
N PHE A 301 -20.11 -52.29 23.17
CA PHE A 301 -19.90 -52.57 21.75
C PHE A 301 -18.51 -53.13 21.51
N VAL A 302 -17.48 -52.39 21.90
CA VAL A 302 -16.14 -52.74 21.48
C VAL A 302 -15.74 -54.10 22.03
N GLU A 303 -16.06 -54.37 23.30
CA GLU A 303 -15.67 -55.63 23.91
C GLU A 303 -16.12 -56.82 23.09
N ASN A 304 -17.34 -56.75 22.54
CA ASN A 304 -17.98 -57.90 21.93
C ASN A 304 -17.05 -58.59 20.94
N ALA A 305 -16.21 -57.82 20.27
CA ALA A 305 -15.34 -58.39 19.23
C ALA A 305 -14.47 -59.50 19.79
N CYS A 306 -13.92 -59.30 20.99
CA CYS A 306 -13.01 -60.28 21.55
C CYS A 306 -13.68 -61.65 21.67
N ALA A 307 -14.87 -61.68 22.28
CA ALA A 307 -15.62 -62.93 22.36
C ALA A 307 -15.82 -63.56 21.00
N ASN A 308 -15.80 -62.74 19.95
CA ASN A 308 -15.85 -63.24 18.59
C ASN A 308 -14.46 -63.40 17.99
N LYS A 309 -13.42 -63.10 18.75
CA LYS A 309 -12.04 -63.29 18.31
C LYS A 309 -11.78 -62.55 17.00
N GLU A 310 -12.41 -61.39 16.85
CA GLU A 310 -12.21 -60.56 15.68
C GLU A 310 -11.57 -59.25 16.11
N ARG A 311 -10.86 -58.63 15.18
CA ARG A 311 -10.01 -57.50 15.51
C ARG A 311 -10.82 -56.32 16.03
N ALA A 312 -10.20 -55.50 16.88
CA ALA A 312 -10.82 -54.26 17.32
C ALA A 312 -9.76 -53.25 17.75
N ILE A 313 -10.05 -51.96 17.54
CA ILE A 313 -9.18 -50.86 17.95
C ILE A 313 -10.02 -49.64 18.30
N LEU A 314 -9.61 -48.90 19.32
CA LEU A 314 -10.33 -47.72 19.79
C LEU A 314 -9.47 -46.46 19.74
N PHE A 315 -10.11 -45.31 19.51
CA PHE A 315 -9.53 -43.99 19.69
C PHE A 315 -10.23 -43.29 20.85
N ALA A 316 -9.49 -42.47 21.59
CA ALA A 316 -10.10 -41.69 22.66
C ALA A 316 -9.47 -40.30 22.76
N TYR A 317 -10.30 -39.26 22.72
CA TYR A 317 -9.83 -37.91 23.02
C TYR A 317 -10.24 -37.38 24.38
N GLU A 318 -11.10 -38.06 25.13
CA GLU A 318 -11.58 -37.45 26.35
C GLU A 318 -10.90 -37.89 27.64
N GLU A 319 -10.18 -39.01 27.63
CA GLU A 319 -9.82 -39.62 28.91
C GLU A 319 -8.59 -40.49 28.77
N SER A 320 -7.99 -40.78 29.91
CA SER A 320 -6.87 -41.71 29.97
C SER A 320 -7.36 -43.14 29.94
N ARG A 321 -6.47 -44.02 29.48
CA ARG A 321 -6.70 -45.45 29.66
C ARG A 321 -7.07 -45.74 31.10
N ALA A 322 -6.27 -45.24 32.03
CA ALA A 322 -6.51 -45.49 33.45
C ALA A 322 -7.93 -45.14 33.82
N GLN A 323 -8.33 -43.89 33.53
CA GLN A 323 -9.70 -43.50 33.76
C GLN A 323 -10.65 -44.50 33.13
N LEU A 324 -10.47 -44.76 31.84
CA LEU A 324 -11.19 -45.84 31.19
C LEU A 324 -11.02 -47.12 31.98
N LEU A 325 -9.78 -47.53 32.20
CA LEU A 325 -9.53 -48.72 33.00
C LEU A 325 -10.26 -48.62 34.33
N ARG A 326 -10.18 -47.46 34.97
CA ARG A 326 -10.85 -47.35 36.26
C ARG A 326 -12.33 -47.52 36.10
N ASN A 327 -12.87 -47.15 34.95
CA ASN A 327 -14.24 -47.50 34.63
C ASN A 327 -14.35 -48.90 34.06
N ALA A 328 -13.32 -49.35 33.33
CA ALA A 328 -13.37 -50.62 32.64
C ALA A 328 -13.69 -51.76 33.59
N TYR A 329 -12.72 -52.12 34.43
CA TYR A 329 -12.94 -53.23 35.33
C TYR A 329 -14.13 -52.95 36.23
N SER A 330 -14.29 -51.70 36.63
CA SER A 330 -15.54 -51.30 37.28
C SER A 330 -16.73 -51.73 36.45
N TRP A 331 -16.64 -51.54 35.15
CA TRP A 331 -17.66 -52.02 34.23
C TRP A 331 -17.35 -53.40 33.69
N GLY A 332 -16.23 -54.00 34.09
CA GLY A 332 -15.86 -55.32 33.63
C GLY A 332 -15.07 -55.30 32.34
N MET A 333 -15.23 -56.35 31.52
CA MET A 333 -14.58 -56.46 30.23
C MET A 333 -13.09 -56.12 30.30
N ASP A 334 -12.29 -57.08 30.76
CA ASP A 334 -10.84 -56.93 30.83
C ASP A 334 -10.27 -56.41 29.54
N PHE A 335 -9.50 -55.34 29.65
CA PHE A 335 -8.67 -54.90 28.54
C PHE A 335 -7.33 -55.63 28.54
N GLU A 336 -6.83 -55.94 29.72
CA GLU A 336 -5.39 -56.12 29.94
C GLU A 336 -4.83 -57.17 28.99
N GLU A 337 -5.35 -58.38 29.04
CA GLU A 337 -4.86 -59.39 28.11
C GLU A 337 -5.43 -59.20 26.72
N MET A 338 -6.69 -58.75 26.62
CA MET A 338 -7.25 -58.40 25.33
C MET A 338 -6.30 -57.46 24.60
N GLU A 339 -5.72 -56.52 25.33
CA GLU A 339 -4.64 -55.71 24.80
C GLU A 339 -3.50 -56.60 24.31
N ARG A 340 -3.01 -57.48 25.18
CA ARG A 340 -1.93 -58.37 24.79
C ARG A 340 -2.38 -59.32 23.69
N GLN A 341 -3.52 -59.97 23.88
CA GLN A 341 -4.07 -60.85 22.86
C GLN A 341 -4.45 -60.04 21.64
N ASN A 342 -4.30 -58.72 21.74
CA ASN A 342 -4.19 -57.86 20.57
C ASN A 342 -5.49 -57.84 19.79
N LEU A 343 -6.61 -57.92 20.48
CA LEU A 343 -7.87 -57.53 19.90
C LEU A 343 -8.28 -56.12 20.32
N LEU A 344 -7.43 -55.42 21.07
CA LEU A 344 -7.78 -54.11 21.59
C LEU A 344 -6.58 -53.19 21.56
N LYS A 345 -6.81 -51.93 21.21
CA LYS A 345 -5.72 -50.96 21.13
C LYS A 345 -6.31 -49.56 21.27
N ILE A 346 -5.46 -48.62 21.68
CA ILE A 346 -5.89 -47.35 22.25
C ILE A 346 -4.99 -46.24 21.71
N VAL A 347 -5.41 -44.98 21.91
CA VAL A 347 -4.71 -43.83 21.36
C VAL A 347 -4.13 -42.93 22.45
N CYS A 348 -4.99 -42.28 23.23
CA CYS A 348 -4.60 -41.30 24.25
C CYS A 348 -3.86 -40.12 23.62
N ALA A 349 -4.64 -39.29 22.91
CA ALA A 349 -4.13 -38.06 22.33
C ALA A 349 -4.97 -36.89 22.81
N TYR A 350 -4.54 -35.69 22.43
CA TYR A 350 -5.25 -34.44 22.72
C TYR A 350 -5.67 -33.78 21.42
N PRO A 351 -6.97 -33.58 21.19
CA PRO A 351 -7.46 -33.29 19.83
C PRO A 351 -6.74 -32.18 19.10
N GLU A 352 -6.14 -31.24 19.82
CA GLU A 352 -5.53 -30.09 19.19
C GLU A 352 -4.05 -30.31 18.89
N SER A 353 -3.57 -31.54 19.08
CA SER A 353 -2.14 -31.83 18.97
C SER A 353 -1.57 -31.50 17.62
N ALA A 354 -2.40 -31.25 16.62
CA ALA A 354 -1.94 -30.89 15.29
C ALA A 354 -3.14 -30.37 14.52
N GLY A 355 -2.96 -30.13 13.23
CA GLY A 355 -4.08 -29.78 12.38
C GLY A 355 -5.16 -30.85 12.41
N LEU A 356 -6.39 -30.43 12.16
CA LEU A 356 -7.52 -31.35 12.24
C LEU A 356 -7.27 -32.58 11.39
N GLU A 357 -6.95 -32.37 10.12
CA GLU A 357 -6.74 -33.49 9.21
C GLU A 357 -5.59 -34.37 9.66
N ASP A 358 -4.61 -33.80 10.36
CA ASP A 358 -3.44 -34.57 10.73
C ASP A 358 -3.85 -35.82 11.47
N HIS A 359 -4.83 -35.68 12.36
CA HIS A 359 -5.46 -36.82 13.00
C HIS A 359 -5.89 -37.85 11.96
N LEU A 360 -6.58 -37.38 10.91
CA LEU A 360 -7.09 -38.29 9.91
C LEU A 360 -5.98 -39.13 9.31
N GLN A 361 -4.81 -38.53 9.11
CA GLN A 361 -3.68 -39.33 8.67
C GLN A 361 -3.29 -40.33 9.74
N ILE A 362 -3.17 -39.85 10.98
CA ILE A 362 -2.87 -40.74 12.10
C ILE A 362 -3.81 -41.93 12.07
N ILE A 363 -5.09 -41.66 11.85
CA ILE A 363 -6.10 -42.70 11.78
C ILE A 363 -5.73 -43.74 10.73
N LYS A 364 -5.67 -43.32 9.47
CA LYS A 364 -5.51 -44.26 8.38
C LYS A 364 -4.32 -45.17 8.58
N SER A 365 -3.15 -44.57 8.81
CA SER A 365 -1.95 -45.36 9.08
C SER A 365 -2.22 -46.40 10.14
N GLU A 366 -2.78 -45.96 11.26
CA GLU A 366 -3.21 -46.89 12.29
C GLU A 366 -4.19 -47.92 11.72
N ILE A 367 -5.21 -47.43 11.00
CA ILE A 367 -6.10 -48.37 10.33
C ILE A 367 -5.31 -49.24 9.37
N ASN A 368 -4.39 -48.65 8.63
CA ASN A 368 -3.52 -49.45 7.78
C ASN A 368 -2.86 -50.55 8.59
N ASP A 369 -2.41 -50.22 9.79
CA ASP A 369 -1.65 -51.15 10.60
C ASP A 369 -2.41 -52.43 10.90
N PHE A 370 -3.36 -52.36 11.82
CA PHE A 370 -4.02 -53.55 12.30
C PHE A 370 -5.38 -53.80 11.67
N LYS A 371 -5.93 -52.81 10.95
CA LYS A 371 -7.20 -52.84 10.23
C LYS A 371 -8.29 -53.70 10.85
N PRO A 372 -8.77 -53.37 12.04
CA PRO A 372 -9.97 -54.03 12.56
C PRO A 372 -11.24 -53.45 11.95
N ALA A 373 -12.30 -54.26 12.01
CA ALA A 373 -13.56 -53.85 11.42
C ALA A 373 -14.31 -52.83 12.26
N ARG A 374 -14.01 -52.74 13.55
CA ARG A 374 -14.67 -51.79 14.43
C ARG A 374 -13.78 -50.60 14.69
N ILE A 375 -14.41 -49.43 14.85
CA ILE A 375 -13.69 -48.24 15.25
C ILE A 375 -14.67 -47.30 15.92
N ALA A 376 -14.18 -46.49 16.84
CA ALA A 376 -15.03 -45.53 17.51
C ALA A 376 -14.30 -44.20 17.69
N ILE A 377 -14.91 -43.14 17.18
CA ILE A 377 -14.42 -41.79 17.41
C ILE A 377 -14.88 -41.30 18.77
N ASP A 378 -14.02 -40.54 19.44
CA ASP A 378 -14.34 -39.89 20.70
C ASP A 378 -14.54 -38.40 20.46
N SER A 379 -15.67 -37.87 20.94
CA SER A 379 -15.86 -36.43 21.15
C SER A 379 -15.64 -35.63 19.88
N LEU A 380 -16.58 -35.75 18.96
CA LEU A 380 -16.63 -34.81 17.86
C LEU A 380 -16.59 -33.38 18.36
N SER A 381 -17.16 -33.14 19.54
CA SER A 381 -17.27 -31.78 20.08
C SER A 381 -15.91 -31.12 20.18
N ALA A 382 -15.00 -31.73 20.95
CA ALA A 382 -13.66 -31.17 21.06
C ALA A 382 -13.01 -31.05 19.69
N LEU A 383 -13.30 -32.00 18.81
CA LEU A 383 -12.79 -31.91 17.46
C LEU A 383 -13.39 -30.73 16.71
N ALA A 384 -14.49 -30.18 17.20
CA ALA A 384 -15.12 -29.04 16.56
C ALA A 384 -14.70 -27.71 17.17
N ARG A 385 -13.82 -27.72 18.16
CA ARG A 385 -13.49 -26.50 18.86
C ARG A 385 -12.66 -25.57 17.97
N GLY A 386 -13.04 -24.30 17.97
CA GLY A 386 -12.24 -23.29 17.28
C GLY A 386 -12.08 -23.54 15.80
N VAL A 387 -13.08 -24.17 15.18
CA VAL A 387 -13.01 -24.53 13.78
C VAL A 387 -14.30 -24.13 13.10
N SER A 388 -14.20 -23.65 11.86
CA SER A 388 -15.37 -23.45 11.04
C SER A 388 -16.14 -24.74 10.91
N ASN A 389 -17.47 -24.63 10.99
CA ASN A 389 -18.32 -25.79 10.75
C ASN A 389 -17.89 -26.50 9.49
N ASN A 390 -17.69 -25.74 8.41
CA ASN A 390 -17.29 -26.27 7.11
C ASN A 390 -16.14 -27.25 7.25
N ALA A 391 -14.97 -26.74 7.62
CA ALA A 391 -13.80 -27.59 7.76
C ALA A 391 -14.11 -28.81 8.62
N PHE A 392 -14.62 -28.56 9.82
CA PHE A 392 -15.07 -29.65 10.67
C PHE A 392 -16.03 -30.56 9.94
N ARG A 393 -17.08 -29.97 9.36
CA ARG A 393 -17.97 -30.73 8.50
C ARG A 393 -17.19 -31.41 7.40
N GLN A 394 -16.28 -30.68 6.76
CA GLN A 394 -15.50 -31.27 5.69
C GLN A 394 -14.56 -32.33 6.24
N PHE A 395 -14.18 -32.23 7.52
CA PHE A 395 -13.36 -33.25 8.14
C PHE A 395 -14.07 -34.61 8.13
N VAL A 396 -15.27 -34.65 8.70
CA VAL A 396 -15.97 -35.93 8.85
C VAL A 396 -16.21 -36.55 7.49
N ILE A 397 -16.60 -35.73 6.51
CA ILE A 397 -16.77 -36.22 5.15
C ILE A 397 -15.53 -36.99 4.72
N GLY A 398 -14.36 -36.48 5.09
CA GLY A 398 -13.16 -37.26 4.91
C GLY A 398 -13.24 -38.57 5.66
N VAL A 399 -13.54 -38.50 6.96
CA VAL A 399 -13.62 -39.71 7.76
C VAL A 399 -14.65 -40.65 7.18
N THR A 400 -15.71 -40.10 6.60
CA THR A 400 -16.78 -40.88 6.01
C THR A 400 -16.25 -41.97 5.09
N GLY A 401 -15.69 -41.57 3.96
CA GLY A 401 -15.36 -42.54 2.93
C GLY A 401 -14.31 -43.54 3.36
N TYR A 402 -13.16 -43.05 3.82
CA TYR A 402 -12.10 -43.96 4.21
C TYR A 402 -12.61 -44.97 5.19
N ALA A 403 -13.48 -44.54 6.10
CA ALA A 403 -14.23 -45.49 6.89
C ALA A 403 -15.02 -46.43 5.99
N LYS A 404 -15.86 -45.87 5.14
CA LYS A 404 -16.72 -46.70 4.31
C LYS A 404 -15.92 -47.56 3.35
N GLN A 405 -14.95 -46.95 2.66
CA GLN A 405 -14.26 -47.68 1.60
C GLN A 405 -13.50 -48.88 2.15
N GLU A 406 -12.92 -48.74 3.34
CA GLU A 406 -12.22 -49.85 3.95
C GLU A 406 -13.18 -50.90 4.48
N GLU A 407 -14.47 -50.64 4.39
CA GLU A 407 -15.48 -51.55 4.90
C GLU A 407 -15.34 -51.70 6.41
N ILE A 408 -15.27 -50.56 7.08
CA ILE A 408 -15.20 -50.49 8.53
C ILE A 408 -16.59 -50.14 9.04
N THR A 409 -16.94 -50.66 10.20
CA THR A 409 -18.25 -50.37 10.79
C THR A 409 -18.14 -49.14 11.68
N GLY A 410 -18.78 -48.06 11.26
CA GLY A 410 -18.58 -46.77 11.91
C GLY A 410 -19.47 -46.51 13.11
N LEU A 411 -18.86 -45.95 14.16
CA LEU A 411 -19.54 -45.46 15.34
C LEU A 411 -18.78 -44.25 15.88
N PHE A 412 -19.49 -43.16 16.13
CA PHE A 412 -18.85 -41.93 16.58
C PHE A 412 -19.48 -41.42 17.86
N THR A 413 -18.78 -40.48 18.49
CA THR A 413 -19.17 -39.89 19.77
C THR A 413 -19.33 -38.39 19.59
N ASN A 414 -20.54 -37.89 19.80
CA ASN A 414 -20.78 -36.47 19.70
C ASN A 414 -21.56 -35.99 20.92
N THR A 415 -21.63 -34.67 21.09
CA THR A 415 -22.32 -34.07 22.21
C THR A 415 -23.09 -32.86 21.74
N SER A 416 -24.32 -32.71 22.26
CA SER A 416 -25.13 -31.55 21.96
C SER A 416 -24.70 -30.37 22.82
N ASP A 417 -24.85 -29.16 22.29
CA ASP A 417 -24.56 -27.97 23.06
C ASP A 417 -25.40 -27.91 24.31
N GLN A 418 -26.68 -27.67 24.16
CA GLN A 418 -27.57 -27.47 25.29
C GLN A 418 -28.32 -28.76 25.61
N PHE A 419 -28.45 -29.03 26.89
CA PHE A 419 -29.27 -30.12 27.38
C PHE A 419 -30.75 -29.75 27.29
N MET A 420 -31.59 -30.78 27.31
CA MET A 420 -32.99 -30.61 27.65
C MET A 420 -33.73 -29.66 26.73
N GLY A 421 -34.06 -30.10 25.53
CA GLY A 421 -34.85 -29.31 24.61
C GLY A 421 -34.12 -28.74 23.42
N ALA A 422 -32.87 -29.13 23.20
CA ALA A 422 -32.23 -28.82 21.94
C ALA A 422 -33.00 -29.47 20.80
N HIS A 423 -33.37 -28.67 19.81
CA HIS A 423 -34.20 -29.14 18.72
C HIS A 423 -33.38 -29.59 17.52
N SER A 424 -32.06 -29.58 17.63
CA SER A 424 -31.17 -29.98 16.55
C SER A 424 -30.35 -31.19 16.99
N ILE A 425 -30.35 -32.23 16.15
CA ILE A 425 -29.51 -33.40 16.41
C ILE A 425 -28.05 -33.00 16.53
N THR A 426 -27.60 -32.11 15.64
CA THR A 426 -26.19 -31.85 15.49
C THR A 426 -25.94 -30.37 15.24
N ASP A 427 -24.93 -29.83 15.92
CA ASP A 427 -24.50 -28.46 15.64
C ASP A 427 -24.05 -28.32 14.21
N SER A 428 -23.13 -29.17 13.79
CA SER A 428 -22.60 -29.17 12.44
C SER A 428 -23.48 -29.93 11.46
N HIS A 429 -24.64 -30.42 11.91
CA HIS A 429 -25.64 -31.03 11.05
C HIS A 429 -25.09 -32.26 10.32
N ILE A 430 -24.54 -33.20 11.08
CA ILE A 430 -23.90 -34.37 10.51
C ILE A 430 -24.93 -35.44 10.21
N SER A 431 -26.11 -35.28 10.79
CA SER A 431 -27.19 -36.27 10.76
C SER A 431 -27.27 -37.10 9.50
N THR A 432 -27.08 -36.46 8.35
CA THR A 432 -27.28 -37.12 7.07
C THR A 432 -26.16 -38.07 6.72
N ILE A 433 -24.98 -37.84 7.25
CA ILE A 433 -23.83 -38.59 6.78
C ILE A 433 -23.68 -39.85 7.62
N THR A 434 -24.78 -40.48 7.96
CA THR A 434 -24.71 -41.75 8.67
C THR A 434 -25.95 -42.57 8.35
N ASP A 435 -25.78 -43.88 8.44
CA ASP A 435 -26.87 -44.78 8.09
C ASP A 435 -27.85 -44.94 9.24
N THR A 436 -27.41 -44.66 10.46
CA THR A 436 -28.22 -44.88 11.64
C THR A 436 -27.85 -43.86 12.70
N ILE A 437 -28.83 -43.42 13.47
CA ILE A 437 -28.63 -42.38 14.45
C ILE A 437 -29.26 -42.78 15.76
N ILE A 438 -28.54 -42.56 16.85
CA ILE A 438 -29.07 -42.79 18.18
C ILE A 438 -29.10 -41.46 18.92
N LEU A 439 -30.06 -41.32 19.81
CA LEU A 439 -30.15 -40.17 20.68
C LEU A 439 -30.32 -40.63 22.12
N LEU A 440 -29.66 -39.94 23.03
CA LEU A 440 -29.95 -40.05 24.44
C LEU A 440 -30.39 -38.69 24.94
N GLN A 441 -31.27 -38.69 25.94
CA GLN A 441 -31.73 -37.43 26.48
C GLN A 441 -32.22 -37.63 27.90
N TYR A 442 -32.00 -36.63 28.73
CA TYR A 442 -32.45 -36.69 30.11
C TYR A 442 -33.91 -36.30 30.20
N VAL A 443 -34.57 -36.80 31.25
CA VAL A 443 -36.01 -36.65 31.38
C VAL A 443 -36.35 -36.35 32.84
N GLU A 444 -37.26 -35.40 33.04
CA GLU A 444 -37.79 -35.14 34.36
C GLU A 444 -38.85 -36.18 34.67
N ILE A 445 -38.64 -36.96 35.72
CA ILE A 445 -39.65 -37.88 36.24
C ILE A 445 -39.64 -37.81 37.76
N ARG A 446 -40.77 -37.41 38.35
CA ARG A 446 -40.89 -37.31 39.79
C ARG A 446 -39.69 -36.61 40.38
N GLY A 447 -39.21 -35.60 39.66
CA GLY A 447 -38.01 -34.91 40.10
C GLY A 447 -36.75 -35.70 39.93
N GLU A 448 -36.76 -36.73 39.08
CA GLU A 448 -35.56 -37.48 38.78
C GLU A 448 -35.25 -37.38 37.30
N MET A 449 -33.97 -37.20 36.98
CA MET A 449 -33.52 -37.50 35.63
C MET A 449 -33.46 -39.00 35.44
N SER A 450 -33.53 -39.43 34.18
CA SER A 450 -33.42 -40.84 33.88
C SER A 450 -32.84 -41.01 32.49
N ARG A 451 -32.21 -42.15 32.29
CA ARG A 451 -31.67 -42.49 30.99
C ARG A 451 -32.81 -42.75 30.02
N ALA A 452 -32.84 -42.01 28.92
CA ALA A 452 -33.84 -42.18 27.89
C ALA A 452 -33.15 -42.47 26.56
N ILE A 453 -33.65 -43.47 25.85
CA ILE A 453 -32.99 -43.96 24.66
C ILE A 453 -33.93 -43.82 23.47
N ASN A 454 -33.34 -43.71 22.29
CA ASN A 454 -34.09 -43.80 21.05
C ASN A 454 -33.24 -44.39 19.95
N VAL A 455 -33.87 -45.24 19.13
CA VAL A 455 -33.33 -45.54 17.82
C VAL A 455 -33.99 -44.57 16.88
N PHE A 456 -33.25 -43.58 16.43
CA PHE A 456 -33.90 -42.49 15.71
C PHE A 456 -34.20 -42.89 14.28
N LYS A 457 -33.19 -43.37 13.57
CA LYS A 457 -33.37 -43.89 12.22
C LYS A 457 -32.30 -44.93 11.95
N MET A 458 -32.67 -45.99 11.26
CA MET A 458 -31.72 -46.95 10.71
C MET A 458 -32.17 -47.25 9.29
N ARG A 459 -31.34 -46.86 8.32
CA ARG A 459 -31.82 -46.79 6.95
C ARG A 459 -32.31 -48.12 6.42
N GLY A 460 -31.99 -49.23 7.08
CA GLY A 460 -32.48 -50.49 6.58
C GLY A 460 -33.62 -51.16 7.30
N SER A 461 -33.95 -50.75 8.52
CA SER A 461 -34.56 -51.74 9.38
C SER A 461 -35.90 -51.37 10.01
N TRP A 462 -36.31 -52.24 10.93
CA TRP A 462 -37.62 -52.22 11.55
C TRP A 462 -37.65 -51.23 12.72
N HIS A 463 -36.84 -51.49 13.74
CA HIS A 463 -36.43 -50.49 14.73
C HIS A 463 -37.57 -49.72 15.37
N ASP A 464 -38.16 -50.30 16.41
CA ASP A 464 -39.30 -49.72 17.09
C ASP A 464 -39.12 -48.24 17.38
N LYS A 465 -40.14 -47.46 17.01
CA LYS A 465 -40.20 -46.03 17.28
C LYS A 465 -40.42 -45.70 18.74
N ALA A 466 -40.76 -46.68 19.57
CA ALA A 466 -41.04 -46.39 20.95
C ALA A 466 -39.79 -45.91 21.67
N ILE A 467 -39.98 -45.26 22.80
CA ILE A 467 -38.89 -44.70 23.58
C ILE A 467 -38.85 -45.42 24.91
N ARG A 468 -37.78 -46.18 25.13
CA ARG A 468 -37.67 -46.99 26.32
C ARG A 468 -36.78 -46.31 27.36
N GLU A 469 -37.12 -46.53 28.62
CA GLU A 469 -36.27 -46.14 29.74
C GLU A 469 -35.19 -47.20 29.96
N PHE A 470 -34.07 -46.78 30.56
CA PHE A 470 -33.01 -47.74 30.79
C PHE A 470 -32.14 -47.25 31.94
N MET A 471 -31.34 -48.17 32.48
CA MET A 471 -30.56 -47.87 33.67
C MET A 471 -29.27 -48.67 33.64
N ILE A 472 -28.44 -48.48 34.67
CA ILE A 472 -27.10 -49.06 34.70
C ILE A 472 -26.75 -49.56 36.09
N SER A 473 -26.25 -50.78 36.17
CA SER A 473 -25.37 -51.21 37.22
C SER A 473 -24.03 -51.52 36.57
N ASP A 474 -23.03 -51.89 37.38
CA ASP A 474 -21.79 -52.36 36.78
C ASP A 474 -21.98 -53.68 36.05
N LYS A 475 -23.12 -54.33 36.25
CA LYS A 475 -23.52 -55.41 35.36
C LYS A 475 -23.81 -54.80 33.99
N GLY A 476 -23.74 -53.47 33.91
CA GLY A 476 -23.85 -52.78 32.67
C GLY A 476 -25.17 -52.07 32.55
N PRO A 477 -25.44 -51.56 31.37
CA PRO A 477 -26.72 -50.88 31.12
C PRO A 477 -27.85 -51.89 30.93
N ASP A 478 -29.06 -51.47 31.28
CA ASP A 478 -30.23 -52.30 31.04
C ASP A 478 -31.44 -51.41 30.82
N ILE A 479 -32.37 -51.92 30.01
CA ILE A 479 -33.38 -51.10 29.36
C ILE A 479 -34.76 -51.51 29.84
N LYS A 480 -35.50 -50.55 30.36
CA LYS A 480 -36.90 -50.73 30.74
C LYS A 480 -37.77 -50.37 29.55
N ASP A 481 -39.05 -50.21 29.76
CA ASP A 481 -39.99 -50.03 28.66
C ASP A 481 -40.46 -48.59 28.54
N SER A 482 -41.35 -48.38 27.57
CA SER A 482 -41.86 -47.08 27.18
C SER A 482 -42.87 -46.55 28.19
N PHE A 483 -43.14 -45.25 28.09
CA PHE A 483 -44.04 -44.57 29.00
C PHE A 483 -45.38 -44.39 28.31
N ARG A 484 -46.36 -45.20 28.71
CA ARG A 484 -47.71 -45.02 28.18
C ARG A 484 -48.52 -44.03 29.01
N ASN A 485 -48.08 -43.73 30.22
CA ASN A 485 -48.76 -42.81 31.10
C ASN A 485 -48.15 -41.41 31.09
N PHE A 486 -47.13 -41.17 30.30
CA PHE A 486 -46.37 -39.93 30.41
C PHE A 486 -46.54 -39.06 29.18
N GLU A 487 -46.32 -37.77 29.37
CA GLU A 487 -46.87 -36.75 28.50
C GLU A 487 -45.83 -35.68 28.20
N ARG A 488 -45.62 -35.39 26.92
CA ARG A 488 -44.68 -34.36 26.48
C ARG A 488 -43.27 -34.63 27.01
N ILE A 489 -42.76 -35.82 26.68
CA ILE A 489 -41.52 -36.26 27.28
C ILE A 489 -40.31 -35.64 26.61
N ILE A 490 -40.37 -35.48 25.28
CA ILE A 490 -39.18 -35.06 24.54
C ILE A 490 -38.76 -33.66 24.94
N SER A 491 -39.73 -32.78 25.18
CA SER A 491 -39.42 -31.39 25.51
C SER A 491 -38.48 -31.30 26.71
N GLY A 492 -38.66 -32.19 27.68
CA GLY A 492 -37.94 -32.10 28.94
C GLY A 492 -38.83 -31.71 30.11
N SER A 493 -40.08 -31.34 29.86
CA SER A 493 -41.06 -31.09 30.91
C SER A 493 -42.19 -32.08 30.75
N PRO A 494 -42.00 -33.33 31.16
CA PRO A 494 -43.01 -34.35 30.94
C PRO A 494 -44.19 -34.18 31.89
N THR A 495 -45.19 -35.04 31.72
CA THR A 495 -46.40 -34.98 32.52
C THR A 495 -47.03 -36.37 32.50
N ARG A 496 -47.96 -36.62 33.40
CA ARG A 496 -48.68 -37.88 33.39
C ARG A 496 -50.16 -37.67 33.64
N GLU B 14 26.52 -39.07 11.18
CA GLU B 14 27.04 -40.04 10.25
C GLU B 14 26.06 -40.24 9.09
N HIS B 15 25.48 -41.44 9.01
CA HIS B 15 24.42 -41.75 8.07
C HIS B 15 23.05 -41.57 8.72
N GLN B 16 23.00 -40.77 9.78
CA GLN B 16 21.74 -40.57 10.47
C GLN B 16 21.15 -39.19 10.17
N ALA B 17 19.86 -39.02 10.49
CA ALA B 17 19.22 -37.72 10.40
C ALA B 17 19.94 -36.77 11.37
N ILE B 18 19.78 -35.46 11.16
CA ILE B 18 20.50 -34.48 11.95
C ILE B 18 20.09 -34.59 13.44
N ALA B 19 21.07 -34.46 14.33
CA ALA B 19 20.83 -34.50 15.78
C ALA B 19 20.61 -33.09 16.30
N LYS B 20 20.18 -32.95 17.55
CA LYS B 20 19.88 -31.62 18.09
C LYS B 20 20.55 -31.40 19.43
N MET B 21 20.81 -30.13 19.76
CA MET B 21 21.36 -29.86 21.08
C MET B 21 20.30 -29.15 21.88
N ARG B 22 20.19 -29.57 23.14
CA ARG B 22 19.15 -29.07 24.02
C ARG B 22 19.40 -27.62 24.39
N THR B 23 18.38 -26.79 24.27
CA THR B 23 18.49 -25.39 24.71
C THR B 23 18.23 -25.28 26.21
N MET B 24 17.45 -26.22 26.73
CA MET B 24 16.95 -26.23 28.11
C MET B 24 16.05 -25.04 28.41
N ILE B 25 15.58 -24.36 27.36
CA ILE B 25 14.61 -23.30 27.49
C ILE B 25 13.28 -24.00 27.62
N GLU B 26 12.62 -23.83 28.77
CA GLU B 26 11.43 -24.62 29.08
C GLU B 26 10.39 -24.54 27.98
N GLY B 27 10.02 -25.71 27.44
CA GLY B 27 9.01 -25.78 26.41
C GLY B 27 9.61 -25.83 25.02
N PHE B 28 10.78 -25.21 24.83
CA PHE B 28 11.31 -25.10 23.46
C PHE B 28 11.81 -26.46 22.95
N ASP B 29 12.43 -27.24 23.83
CA ASP B 29 12.98 -28.50 23.37
C ASP B 29 11.84 -29.44 22.99
N ASP B 30 10.65 -29.25 23.55
CA ASP B 30 9.47 -30.00 23.10
C ASP B 30 8.97 -29.54 21.73
N ILE B 31 8.77 -28.25 21.58
CA ILE B 31 8.35 -27.68 20.28
C ILE B 31 9.32 -28.09 19.14
N SER B 32 10.61 -28.07 19.43
CA SER B 32 11.63 -28.42 18.42
C SER B 32 11.94 -29.91 18.34
N HIS B 33 11.24 -30.71 19.14
CA HIS B 33 11.52 -32.15 19.21
C HIS B 33 12.99 -32.43 19.49
N GLY B 34 13.54 -31.79 20.51
CA GLY B 34 14.89 -32.18 20.93
C GLY B 34 15.89 -31.05 21.03
N GLY B 35 15.57 -29.89 20.46
CA GLY B 35 16.48 -28.76 20.54
C GLY B 35 16.85 -28.21 19.17
N LEU B 36 17.97 -27.50 19.10
CA LEU B 36 18.43 -26.89 17.86
C LEU B 36 19.30 -27.84 17.09
N PRO B 37 19.06 -27.95 15.77
CA PRO B 37 19.92 -28.80 14.94
C PRO B 37 21.41 -28.49 15.11
N ILE B 38 22.18 -29.53 15.45
CA ILE B 38 23.61 -29.33 15.75
C ILE B 38 24.43 -28.94 14.55
N GLY B 39 25.34 -28.01 14.76
CA GLY B 39 26.29 -27.57 13.75
C GLY B 39 25.70 -26.67 12.69
N ARG B 40 24.49 -26.15 12.92
CA ARG B 40 23.84 -25.24 11.99
C ARG B 40 23.38 -23.96 12.65
N SER B 41 23.01 -22.98 11.83
CA SER B 41 22.49 -21.69 12.29
C SER B 41 20.96 -21.65 12.39
N THR B 42 20.47 -21.04 13.46
CA THR B 42 19.04 -20.81 13.57
C THR B 42 18.79 -19.31 13.67
N LEU B 43 17.94 -18.79 12.79
CA LEU B 43 17.58 -17.39 12.82
C LEU B 43 16.45 -17.22 13.84
N VAL B 44 16.57 -16.24 14.71
CA VAL B 44 15.47 -15.91 15.61
C VAL B 44 15.10 -14.47 15.27
N SER B 45 13.93 -14.28 14.66
CA SER B 45 13.51 -12.98 14.15
C SER B 45 12.26 -12.46 14.87
N GLY B 46 12.17 -11.15 15.04
CA GLY B 46 11.09 -10.62 15.83
C GLY B 46 11.16 -9.12 15.94
N THR B 47 10.02 -8.48 16.25
CA THR B 47 10.02 -7.05 16.38
C THR B 47 10.82 -6.66 17.63
N SER B 48 11.05 -5.38 17.79
CA SER B 48 11.79 -4.87 18.96
C SER B 48 11.16 -5.29 20.27
N GLY B 49 11.96 -5.76 21.20
CA GLY B 49 11.42 -6.14 22.49
C GLY B 49 10.66 -7.45 22.52
N THR B 50 10.91 -8.37 21.56
CA THR B 50 10.20 -9.63 21.61
C THR B 50 10.90 -10.69 22.43
N GLY B 51 12.17 -10.45 22.78
CA GLY B 51 12.92 -11.46 23.53
C GLY B 51 14.01 -12.20 22.77
N LYS B 52 14.41 -11.68 21.60
CA LYS B 52 15.47 -12.30 20.77
C LYS B 52 16.81 -12.41 21.51
N THR B 53 17.24 -11.28 22.06
CA THR B 53 18.52 -11.24 22.75
C THR B 53 18.45 -12.15 23.96
N LEU B 54 17.36 -12.07 24.70
CA LEU B 54 17.16 -13.03 25.80
C LEU B 54 17.28 -14.51 25.37
N PHE B 55 16.61 -14.86 24.28
CA PHE B 55 16.70 -16.25 23.78
C PHE B 55 18.16 -16.62 23.55
N SER B 56 18.89 -15.72 22.90
CA SER B 56 20.26 -16.01 22.45
C SER B 56 21.23 -16.09 23.64
N ILE B 57 20.94 -15.36 24.71
CA ILE B 57 21.74 -15.44 25.94
C ILE B 57 21.44 -16.72 26.70
N GLN B 58 20.14 -17.02 26.84
CA GLN B 58 19.69 -18.19 27.59
C GLN B 58 20.25 -19.47 26.97
N PHE B 59 20.34 -19.47 25.65
CA PHE B 59 20.91 -20.58 24.89
C PHE B 59 22.34 -20.85 25.32
N LEU B 60 23.15 -19.78 25.40
CA LEU B 60 24.56 -19.91 25.77
C LEU B 60 24.72 -20.22 27.24
N TYR B 61 23.91 -19.57 28.07
CA TYR B 61 24.00 -19.72 29.53
C TYR B 61 23.67 -21.16 29.92
N ASN B 62 22.59 -21.70 29.37
CA ASN B 62 22.20 -23.06 29.70
C ASN B 62 23.25 -24.05 29.21
N GLY B 63 23.87 -23.80 28.06
CA GLY B 63 24.94 -24.65 27.59
C GLY B 63 26.10 -24.71 28.59
N ILE B 64 26.50 -23.56 29.11
CA ILE B 64 27.58 -23.49 30.10
C ILE B 64 27.17 -24.17 31.40
N ILE B 65 26.03 -23.78 31.94
CA ILE B 65 25.63 -24.26 33.26
C ILE B 65 25.21 -25.73 33.24
N GLU B 66 24.49 -26.15 32.20
CA GLU B 66 23.93 -27.50 32.23
C GLU B 66 24.85 -28.56 31.64
N PHE B 67 25.67 -28.15 30.67
CA PHE B 67 26.45 -29.12 29.89
C PHE B 67 27.94 -28.83 29.88
N ASP B 68 28.36 -27.76 30.56
CA ASP B 68 29.75 -27.28 30.48
C ASP B 68 30.20 -27.05 29.02
N GLU B 69 29.28 -26.57 28.18
CA GLU B 69 29.62 -26.23 26.79
C GLU B 69 29.88 -24.74 26.72
N PRO B 70 31.11 -24.35 26.37
CA PRO B 70 31.49 -22.92 26.38
C PRO B 70 30.78 -22.17 25.26
N GLY B 71 30.59 -20.87 25.45
CA GLY B 71 29.86 -20.08 24.48
C GLY B 71 30.55 -18.81 24.06
N VAL B 72 30.25 -18.38 22.84
CA VAL B 72 30.71 -17.11 22.34
C VAL B 72 29.50 -16.26 21.92
N PHE B 73 29.45 -15.03 22.43
CA PHE B 73 28.33 -14.12 22.16
C PHE B 73 28.92 -12.97 21.39
N VAL B 74 28.50 -12.82 20.13
CA VAL B 74 28.97 -11.73 19.29
C VAL B 74 27.93 -10.61 19.35
N THR B 75 28.31 -9.42 19.82
CA THR B 75 27.32 -8.36 19.98
C THR B 75 27.52 -7.20 18.98
N PHE B 76 26.49 -6.95 18.18
CA PHE B 76 26.49 -5.88 17.17
C PHE B 76 25.70 -4.64 17.61
N GLU B 77 24.79 -4.81 18.56
CA GLU B 77 23.93 -3.69 18.97
C GLU B 77 24.40 -3.14 20.32
N GLU B 78 24.38 -4.01 21.32
CA GLU B 78 24.67 -3.63 22.71
C GLU B 78 26.14 -3.78 23.12
N THR B 79 26.55 -3.02 24.14
CA THR B 79 27.91 -3.18 24.66
C THR B 79 27.99 -4.41 25.57
N PRO B 80 29.17 -5.03 25.69
CA PRO B 80 29.27 -6.16 26.61
C PRO B 80 28.86 -5.79 28.04
N GLN B 81 29.18 -4.57 28.47
CA GLN B 81 28.86 -4.13 29.84
C GLN B 81 27.34 -4.15 30.04
N ASP B 82 26.62 -3.66 29.04
CA ASP B 82 25.17 -3.65 29.14
C ASP B 82 24.54 -5.04 29.04
N ILE B 83 25.08 -5.90 28.16
CA ILE B 83 24.65 -7.29 28.07
C ILE B 83 24.75 -7.97 29.44
N ILE B 84 25.87 -7.74 30.13
CA ILE B 84 26.10 -8.37 31.43
C ILE B 84 25.16 -7.79 32.48
N LYS B 85 25.01 -6.48 32.47
CA LYS B 85 24.17 -5.81 33.47
C LYS B 85 22.70 -6.23 33.29
N ASN B 86 22.21 -6.26 32.05
CA ASN B 86 20.82 -6.63 31.82
C ASN B 86 20.50 -8.09 32.12
N ALA B 87 21.47 -8.97 31.95
CA ALA B 87 21.28 -10.39 32.23
C ALA B 87 21.08 -10.65 33.73
N ARG B 88 21.50 -9.72 34.58
CA ARG B 88 21.20 -9.86 36.02
C ARG B 88 19.68 -9.91 36.28
N SER B 89 18.89 -9.45 35.32
CA SER B 89 17.43 -9.46 35.44
C SER B 89 16.92 -10.89 35.61
N PHE B 90 17.66 -11.84 35.06
CA PHE B 90 17.25 -13.24 35.08
C PHE B 90 18.09 -14.08 36.05
N GLY B 91 18.85 -13.41 36.92
CA GLY B 91 19.61 -14.09 37.96
C GLY B 91 20.84 -14.74 37.38
N TRP B 92 21.27 -14.24 36.22
CA TRP B 92 22.45 -14.80 35.59
C TRP B 92 23.66 -13.93 35.79
N ASP B 93 24.73 -14.52 36.34
CA ASP B 93 26.00 -13.82 36.54
C ASP B 93 26.94 -14.09 35.38
N LEU B 94 26.82 -13.32 34.29
CA LEU B 94 27.70 -13.52 33.12
C LEU B 94 29.17 -13.12 33.35
N ALA B 95 29.40 -12.13 34.21
CA ALA B 95 30.77 -11.70 34.50
C ALA B 95 31.59 -12.85 35.09
N LYS B 96 30.98 -13.60 36.00
CA LYS B 96 31.63 -14.80 36.56
C LYS B 96 32.02 -15.82 35.47
N LEU B 97 31.12 -16.04 34.52
CA LEU B 97 31.39 -17.03 33.47
C LEU B 97 32.48 -16.55 32.54
N VAL B 98 32.54 -15.23 32.33
CA VAL B 98 33.58 -14.64 31.50
C VAL B 98 34.92 -14.78 32.25
N ASP B 99 34.89 -14.51 33.56
CA ASP B 99 36.13 -14.62 34.35
C ASP B 99 36.66 -16.05 34.36
N GLU B 100 35.75 -17.01 34.33
CA GLU B 100 36.07 -18.42 34.37
C GLU B 100 36.43 -18.96 33.00
N GLY B 101 36.29 -18.13 31.97
CA GLY B 101 36.63 -18.53 30.62
C GLY B 101 35.63 -19.44 29.92
N LYS B 102 34.40 -19.50 30.43
CA LYS B 102 33.37 -20.36 29.85
C LYS B 102 32.49 -19.59 28.88
N LEU B 103 32.49 -18.26 29.02
CA LEU B 103 31.78 -17.38 28.10
C LEU B 103 32.75 -16.33 27.60
N PHE B 104 32.69 -16.05 26.30
CA PHE B 104 33.41 -14.90 25.75
C PHE B 104 32.42 -13.99 25.05
N ILE B 105 32.40 -12.72 25.42
CA ILE B 105 31.58 -11.76 24.70
C ILE B 105 32.47 -11.00 23.74
N LEU B 106 32.22 -11.13 22.44
CA LEU B 106 33.03 -10.46 21.43
C LEU B 106 32.38 -9.13 21.00
N ASP B 107 33.04 -8.00 21.27
CA ASP B 107 32.45 -6.68 21.02
C ASP B 107 32.61 -6.25 19.57
N ALA B 108 31.52 -6.27 18.82
CA ALA B 108 31.47 -5.68 17.48
C ALA B 108 30.39 -4.59 17.41
N SER B 109 30.12 -3.90 18.51
CA SER B 109 29.05 -2.89 18.55
C SER B 109 29.62 -1.58 17.98
N PRO B 110 29.63 -0.44 17.71
CA PRO B 110 30.47 0.61 17.14
C PRO B 110 30.76 1.74 18.11
N ASP B 111 31.94 2.31 17.96
CA ASP B 111 32.23 3.61 18.52
C ASP B 111 31.21 4.61 17.99
N PRO B 112 30.66 5.47 18.84
CA PRO B 112 29.85 6.58 18.32
C PRO B 112 30.59 7.45 17.34
N GLU B 113 31.91 7.32 17.27
CA GLU B 113 32.79 8.25 16.57
C GLU B 113 33.18 7.77 15.18
N GLY B 114 32.61 6.67 14.69
CA GLY B 114 33.02 6.10 13.41
C GLY B 114 32.76 7.05 12.25
N GLN B 115 33.21 6.65 11.06
CA GLN B 115 33.32 7.54 9.92
C GLN B 115 32.90 6.83 8.63
N GLU B 116 33.15 7.51 7.51
CA GLU B 116 32.69 7.02 6.21
C GLU B 116 33.59 5.90 5.69
N VAL B 117 32.97 4.95 4.98
CA VAL B 117 33.60 3.72 4.55
C VAL B 117 33.09 3.37 3.16
N VAL B 118 33.93 2.67 2.43
CA VAL B 118 33.49 1.77 1.37
C VAL B 118 34.18 0.43 1.62
N GLY B 119 33.59 -0.65 1.14
CA GLY B 119 34.17 -1.97 1.29
C GLY B 119 33.63 -2.69 2.51
N GLY B 120 33.48 -3.99 2.35
CA GLY B 120 32.86 -4.83 3.35
C GLY B 120 33.84 -5.75 4.02
N PHE B 121 35.13 -5.46 3.84
CA PHE B 121 36.15 -6.37 4.31
C PHE B 121 36.18 -6.44 5.82
N ASP B 122 35.39 -5.61 6.48
CA ASP B 122 35.31 -5.60 7.93
C ASP B 122 35.12 -7.00 8.48
N LEU B 123 34.82 -6.94 7.22
CA LEU B 123 34.07 -7.95 7.94
C LEU B 123 34.73 -9.33 7.80
N SER B 124 35.65 -9.45 6.84
CA SER B 124 36.45 -10.67 6.75
C SER B 124 37.29 -10.82 8.01
N ALA B 125 37.83 -9.70 8.47
CA ALA B 125 38.60 -9.68 9.71
C ALA B 125 37.73 -10.10 10.89
N LEU B 126 36.47 -9.69 10.85
CA LEU B 126 35.52 -10.01 11.91
C LEU B 126 35.27 -11.52 11.99
N ILE B 127 35.02 -12.14 10.84
CA ILE B 127 34.81 -13.58 10.78
C ILE B 127 35.99 -14.34 11.35
N GLU B 128 37.20 -13.88 11.05
CA GLU B 128 38.39 -14.52 11.59
C GLU B 128 38.52 -14.40 13.10
N ARG B 129 38.09 -13.26 13.66
CA ARG B 129 38.11 -13.08 15.11
C ARG B 129 37.07 -13.98 15.78
N ILE B 130 35.91 -14.10 15.15
CA ILE B 130 34.88 -15.01 15.63
C ILE B 130 35.44 -16.44 15.64
N ASN B 131 36.04 -16.87 14.54
CA ASN B 131 36.70 -18.18 14.49
C ASN B 131 37.73 -18.37 15.59
N TYR B 132 38.64 -17.40 15.73
CA TYR B 132 39.67 -17.51 16.76
C TYR B 132 39.09 -17.65 18.17
N ALA B 133 38.03 -16.90 18.46
CA ALA B 133 37.39 -16.93 19.77
C ALA B 133 36.78 -18.30 20.02
N ILE B 134 36.12 -18.85 19.00
CA ILE B 134 35.48 -20.14 19.15
C ILE B 134 36.53 -21.20 19.49
N GLN B 135 37.66 -21.14 18.81
CA GLN B 135 38.74 -22.11 19.03
C GLN B 135 39.43 -21.87 20.37
N LYS B 136 39.69 -20.61 20.69
CA LYS B 136 40.33 -20.28 21.96
C LYS B 136 39.53 -20.75 23.17
N TYR B 137 38.21 -20.52 23.15
CA TYR B 137 37.35 -20.89 24.27
C TYR B 137 36.72 -22.28 24.11
N ARG B 138 37.07 -22.96 23.01
CA ARG B 138 36.53 -24.28 22.67
C ARG B 138 35.01 -24.26 22.76
N ALA B 139 34.43 -23.23 22.17
CA ALA B 139 32.98 -23.03 22.25
C ALA B 139 32.22 -23.96 21.34
N ARG B 140 31.08 -24.45 21.82
CA ARG B 140 30.22 -25.28 20.98
C ARG B 140 28.93 -24.56 20.62
N ARG B 141 28.65 -23.48 21.35
CA ARG B 141 27.45 -22.68 21.09
C ARG B 141 27.88 -21.26 20.80
N VAL B 142 27.26 -20.65 19.80
CA VAL B 142 27.54 -19.27 19.41
C VAL B 142 26.23 -18.48 19.29
N SER B 143 26.19 -17.26 19.78
CA SER B 143 25.06 -16.40 19.49
C SER B 143 25.56 -15.15 18.78
N ILE B 144 24.86 -14.77 17.70
CA ILE B 144 25.19 -13.56 16.95
C ILE B 144 24.02 -12.60 17.11
N ASP B 145 24.22 -11.51 17.84
CA ASP B 145 23.08 -10.67 18.19
C ASP B 145 22.93 -9.44 17.32
N SER B 146 21.76 -9.33 16.71
CA SER B 146 21.32 -8.19 15.87
C SER B 146 22.03 -8.12 14.51
N VAL B 147 21.75 -9.11 13.66
CA VAL B 147 22.20 -9.09 12.28
C VAL B 147 21.72 -7.81 11.61
N THR B 148 20.49 -7.39 11.92
CA THR B 148 19.97 -6.12 11.43
C THR B 148 20.95 -4.94 11.58
N SER B 149 21.58 -4.84 12.76
CA SER B 149 22.54 -3.77 13.05
C SER B 149 23.75 -3.76 12.11
N VAL B 150 24.34 -4.92 11.88
CA VAL B 150 25.50 -4.97 10.99
C VAL B 150 25.03 -4.56 9.58
N PHE B 151 23.79 -4.89 9.22
CA PHE B 151 23.24 -4.44 7.95
C PHE B 151 23.12 -2.91 7.86
N GLN B 152 22.72 -2.26 8.94
CA GLN B 152 22.52 -0.82 8.93
C GLN B 152 23.83 -0.05 8.88
N GLN B 153 24.93 -0.68 9.29
CA GLN B 153 26.22 -0.01 9.28
C GLN B 153 26.81 0.08 7.87
N TYR B 154 26.38 -0.84 7.01
CA TYR B 154 26.85 -0.91 5.63
C TYR B 154 25.70 -0.64 4.64
N ASP B 155 24.56 -0.20 5.18
CA ASP B 155 23.39 0.17 4.38
C ASP B 155 22.84 -0.94 3.50
N ALA B 156 22.80 -2.16 4.04
CA ALA B 156 22.27 -3.32 3.33
C ALA B 156 22.90 -3.54 1.95
N SER B 157 24.12 -3.03 1.76
CA SER B 157 24.89 -3.33 0.57
C SER B 157 25.14 -4.83 0.54
N SER B 158 25.17 -5.44 -0.64
CA SER B 158 25.31 -6.89 -0.65
C SER B 158 26.74 -7.30 -0.36
N VAL B 159 27.56 -6.35 0.06
CA VAL B 159 28.86 -6.63 0.65
C VAL B 159 28.69 -7.16 2.08
N VAL B 160 27.69 -6.67 2.80
CA VAL B 160 27.37 -7.21 4.13
C VAL B 160 26.59 -8.51 3.95
N ARG B 161 25.83 -8.60 2.86
CA ARG B 161 24.89 -9.70 2.68
C ARG B 161 25.55 -11.05 2.48
N ARG B 162 26.61 -11.13 1.68
CA ARG B 162 27.30 -12.38 1.53
C ARG B 162 28.65 -12.41 2.25
N GLU B 163 28.94 -11.33 2.95
CA GLU B 163 29.90 -11.46 4.04
C GLU B 163 29.18 -12.19 5.17
N LEU B 164 27.85 -11.99 5.23
CA LEU B 164 27.01 -12.74 6.15
C LEU B 164 27.01 -14.22 5.76
N PHE B 165 26.91 -14.52 4.46
CA PHE B 165 26.95 -15.92 4.04
C PHE B 165 28.30 -16.53 4.34
N ARG B 166 29.36 -15.76 4.16
CA ARG B 166 30.70 -16.20 4.56
C ARG B 166 30.75 -16.56 6.05
N LEU B 167 30.05 -15.78 6.88
CA LEU B 167 29.99 -16.10 8.30
C LEU B 167 29.20 -17.41 8.54
N VAL B 168 27.99 -17.50 7.98
CA VAL B 168 27.14 -18.68 8.17
C VAL B 168 27.90 -19.95 7.75
N ALA B 169 28.55 -19.87 6.59
CA ALA B 169 29.37 -20.97 6.04
C ALA B 169 30.47 -21.39 6.97
N ARG B 170 31.25 -20.41 7.43
CA ARG B 170 32.39 -20.66 8.30
C ARG B 170 31.97 -21.25 9.63
N LEU B 171 30.85 -20.78 10.17
CA LEU B 171 30.33 -21.35 11.41
C LEU B 171 30.01 -22.83 11.20
N LYS B 172 29.41 -23.15 10.05
CA LYS B 172 29.02 -24.51 9.75
C LYS B 172 30.26 -25.42 9.63
N GLN B 173 31.33 -24.87 9.06
CA GLN B 173 32.59 -25.59 8.94
C GLN B 173 33.20 -25.94 10.31
N ILE B 174 33.20 -25.00 11.25
CA ILE B 174 33.75 -25.30 12.59
C ILE B 174 32.83 -26.24 13.36
N GLY B 175 31.59 -26.41 12.89
CA GLY B 175 30.60 -27.21 13.59
C GLY B 175 29.95 -26.49 14.77
N ALA B 176 30.02 -25.16 14.76
CA ALA B 176 29.39 -24.37 15.80
C ALA B 176 27.86 -24.48 15.67
N THR B 177 27.14 -24.50 16.79
CA THR B 177 25.69 -24.45 16.73
C THR B 177 25.31 -23.02 17.12
N THR B 178 24.61 -22.31 16.23
CA THR B 178 24.59 -20.85 16.31
C THR B 178 23.16 -20.32 16.33
N VAL B 179 22.89 -19.33 17.19
CA VAL B 179 21.63 -18.55 17.13
C VAL B 179 22.01 -17.19 16.57
N MET B 180 21.25 -16.73 15.59
CA MET B 180 21.41 -15.38 15.06
C MET B 180 20.11 -14.63 15.24
N THR B 181 20.17 -13.47 15.90
CA THR B 181 18.94 -12.69 16.07
C THR B 181 18.86 -11.57 15.05
N THR B 182 17.63 -11.21 14.68
CA THR B 182 17.44 -10.15 13.72
C THR B 182 16.06 -9.52 13.85
N GLU B 183 15.91 -8.30 13.37
CA GLU B 183 14.67 -7.56 13.57
C GLU B 183 13.67 -7.74 12.41
N ARG B 184 12.39 -7.63 12.74
CA ARG B 184 11.38 -7.48 11.70
C ARG B 184 10.48 -6.34 12.12
N ILE B 185 9.72 -5.78 11.17
CA ILE B 185 8.90 -4.58 11.43
C ILE B 185 7.46 -4.89 11.80
N GLU B 186 6.85 -5.92 11.19
CA GLU B 186 5.46 -6.24 11.47
C GLU B 186 5.30 -7.58 12.16
N GLU B 187 4.23 -7.73 12.95
CA GLU B 187 4.05 -9.05 13.58
C GLU B 187 3.65 -10.12 12.57
N TYR B 188 2.79 -9.75 11.62
CA TYR B 188 2.41 -10.73 10.59
C TYR B 188 2.77 -10.15 9.24
N GLY B 189 4.03 -10.29 8.88
CA GLY B 189 4.57 -9.78 7.63
C GLY B 189 5.84 -10.53 7.34
N PRO B 190 6.77 -9.91 6.62
CA PRO B 190 8.02 -10.57 6.23
C PRO B 190 8.76 -11.17 7.43
N ILE B 191 9.49 -12.23 7.18
CA ILE B 191 10.21 -12.93 8.24
C ILE B 191 11.28 -12.06 8.89
N ALA B 192 11.99 -11.27 8.08
CA ALA B 192 13.11 -10.51 8.60
C ALA B 192 13.34 -9.29 7.74
N ARG B 193 13.61 -8.18 8.40
CA ARG B 193 13.99 -6.97 7.71
C ARG B 193 15.26 -7.29 6.92
N TYR B 194 15.35 -6.66 5.75
CA TYR B 194 16.45 -6.82 4.80
C TYR B 194 16.57 -8.22 4.18
N GLY B 195 15.59 -9.10 4.38
CA GLY B 195 15.70 -10.45 3.84
C GLY B 195 16.77 -11.33 4.46
N VAL B 196 17.04 -11.14 5.75
CA VAL B 196 18.07 -11.95 6.41
C VAL B 196 17.86 -13.48 6.31
N GLU B 197 16.63 -13.95 6.16
CA GLU B 197 16.37 -15.40 6.21
C GLU B 197 16.89 -16.13 4.97
N GLU B 198 17.35 -15.36 4.00
CA GLU B 198 17.98 -15.93 2.82
C GLU B 198 19.37 -16.53 3.14
N PHE B 199 20.05 -16.00 4.16
CA PHE B 199 21.40 -16.45 4.53
C PHE B 199 21.41 -17.36 5.74
N VAL B 200 20.72 -16.93 6.79
CA VAL B 200 20.52 -17.79 7.95
C VAL B 200 19.27 -18.60 7.60
N SER B 201 19.44 -19.51 6.65
CA SER B 201 18.29 -20.12 5.99
C SER B 201 17.93 -21.51 6.51
N ASP B 202 18.86 -22.19 7.17
CA ASP B 202 18.58 -23.57 7.62
C ASP B 202 17.36 -23.66 8.55
N ASN B 203 17.37 -22.86 9.63
CA ASN B 203 16.30 -22.91 10.61
C ASN B 203 15.76 -21.50 10.91
N VAL B 204 14.47 -21.38 11.06
CA VAL B 204 13.83 -20.07 11.33
C VAL B 204 12.85 -20.17 12.48
N VAL B 205 13.07 -19.31 13.49
CA VAL B 205 12.19 -19.18 14.65
C VAL B 205 11.66 -17.74 14.63
N ILE B 206 10.36 -17.54 14.83
CA ILE B 206 9.78 -16.21 14.86
C ILE B 206 9.17 -15.91 16.23
N LEU B 207 9.65 -14.83 16.84
CA LEU B 207 9.05 -14.34 18.10
C LEU B 207 8.09 -13.22 17.75
N ARG B 208 6.91 -13.22 18.35
CA ARG B 208 5.92 -12.20 18.09
C ARG B 208 5.44 -11.60 19.42
N ASN B 209 4.98 -10.37 19.34
CA ASN B 209 4.46 -9.63 20.47
C ASN B 209 3.15 -9.04 19.91
N VAL B 210 2.07 -9.81 19.90
CA VAL B 210 0.91 -9.40 19.11
C VAL B 210 -0.04 -8.54 19.94
N LEU B 211 -0.57 -7.48 19.34
CA LEU B 211 -1.61 -6.69 20.01
C LEU B 211 -2.98 -7.38 19.92
N GLU B 212 -3.52 -7.70 21.10
CA GLU B 212 -4.86 -8.25 21.25
C GLU B 212 -5.66 -7.14 21.88
N GLY B 213 -6.27 -6.29 21.06
CA GLY B 213 -6.94 -5.11 21.56
C GLY B 213 -5.81 -4.22 22.08
N GLU B 214 -5.85 -3.88 23.35
CA GLU B 214 -4.77 -3.06 23.90
C GLU B 214 -3.79 -3.88 24.70
N ARG B 215 -3.95 -5.22 24.69
CA ARG B 215 -3.07 -6.10 25.44
C ARG B 215 -2.04 -6.74 24.49
N ARG B 216 -0.89 -7.15 25.04
CA ARG B 216 0.14 -7.85 24.24
C ARG B 216 0.19 -9.32 24.62
N ARG B 217 0.33 -10.18 23.61
CA ARG B 217 0.50 -11.61 23.81
C ARG B 217 1.81 -12.06 23.12
N ARG B 218 2.76 -12.66 23.86
CA ARG B 218 4.03 -13.08 23.26
C ARG B 218 3.87 -14.51 22.73
N THR B 219 4.36 -14.77 21.52
CA THR B 219 4.34 -16.13 20.97
C THR B 219 5.65 -16.45 20.26
N LEU B 220 5.92 -17.74 20.19
CA LEU B 220 7.13 -18.25 19.54
C LEU B 220 6.65 -19.26 18.50
N GLU B 221 7.20 -19.21 17.30
CA GLU B 221 6.86 -20.18 16.26
C GLU B 221 8.15 -20.73 15.69
N ILE B 222 8.26 -22.06 15.55
CA ILE B 222 9.33 -22.59 14.71
C ILE B 222 8.77 -22.75 13.30
N LEU B 223 9.21 -21.88 12.39
CA LEU B 223 8.66 -21.88 11.05
C LEU B 223 9.21 -23.06 10.22
N LYS B 224 10.50 -23.32 10.41
CA LYS B 224 11.27 -24.21 9.55
C LYS B 224 12.47 -24.79 10.29
N LEU B 225 12.68 -26.10 10.20
CA LEU B 225 13.95 -26.72 10.61
C LEU B 225 14.30 -27.69 9.50
N ARG B 226 15.32 -27.39 8.72
CA ARG B 226 15.66 -28.27 7.60
C ARG B 226 16.05 -29.64 8.11
N GLY B 227 15.56 -30.68 7.44
CA GLY B 227 16.02 -32.05 7.73
C GLY B 227 15.50 -32.68 9.01
N THR B 228 14.49 -32.08 9.62
CA THR B 228 13.95 -32.64 10.85
C THR B 228 12.52 -32.12 11.16
N SER B 229 11.85 -32.76 12.11
CA SER B 229 10.49 -32.41 12.46
C SER B 229 10.45 -31.39 13.57
N HIS B 230 9.28 -30.73 13.69
CA HIS B 230 9.04 -29.76 14.74
C HIS B 230 7.54 -29.47 14.81
N MET B 231 7.09 -29.02 15.97
CA MET B 231 5.73 -28.53 16.11
C MET B 231 5.50 -27.26 15.32
N LYS B 232 4.26 -27.06 14.90
CA LYS B 232 3.86 -25.99 13.98
C LYS B 232 2.96 -24.94 14.63
N GLY B 233 3.07 -23.72 14.11
CA GLY B 233 2.23 -22.60 14.51
C GLY B 233 2.81 -21.88 15.70
N GLU B 234 2.01 -21.04 16.33
CA GLU B 234 2.47 -20.21 17.43
C GLU B 234 2.20 -20.83 18.78
N TYR B 235 3.15 -20.64 19.71
CA TYR B 235 3.00 -21.08 21.10
C TYR B 235 3.24 -19.91 22.03
N PRO B 236 2.30 -19.66 22.94
CA PRO B 236 2.47 -18.49 23.81
C PRO B 236 3.60 -18.71 24.85
N PHE B 237 4.23 -17.61 25.24
CA PHE B 237 5.24 -17.65 26.28
C PHE B 237 5.23 -16.36 27.07
N THR B 238 5.91 -16.38 28.21
CA THR B 238 6.13 -15.15 28.96
C THR B 238 7.60 -15.04 29.30
N ILE B 239 8.02 -13.83 29.64
CA ILE B 239 9.38 -13.62 30.08
C ILE B 239 9.28 -13.39 31.59
N THR B 240 10.08 -14.13 32.33
CA THR B 240 10.01 -14.18 33.79
C THR B 240 11.39 -13.86 34.33
N ASP B 241 11.51 -13.88 35.66
CA ASP B 241 12.80 -13.70 36.31
C ASP B 241 13.70 -14.89 36.05
N HIS B 242 13.17 -15.95 35.43
CA HIS B 242 14.05 -17.05 35.01
C HIS B 242 14.20 -17.18 33.49
N GLY B 243 13.86 -16.11 32.76
CA GLY B 243 14.01 -16.11 31.31
C GLY B 243 12.74 -16.49 30.56
N ILE B 244 12.90 -17.06 29.36
CA ILE B 244 11.74 -17.42 28.57
C ILE B 244 11.04 -18.65 29.15
N ASN B 245 9.72 -18.59 29.22
CA ASN B 245 8.94 -19.73 29.66
C ASN B 245 7.77 -20.00 28.71
N ILE B 246 7.90 -21.03 27.89
CA ILE B 246 6.85 -21.41 26.93
C ILE B 246 5.96 -22.51 27.51
N PHE B 247 4.75 -22.64 26.96
CA PHE B 247 3.93 -23.83 27.20
C PHE B 247 3.22 -24.28 25.92
N PRO B 248 3.63 -26.07 26.36
CA PRO B 248 3.42 -27.06 25.29
C PRO B 248 2.03 -27.67 25.36
N LEU B 249 1.06 -26.95 24.79
CA LEU B 249 -0.31 -27.45 24.82
C LEU B 249 -0.44 -28.77 24.09
N GLY B 250 -0.04 -28.79 22.81
CA GLY B 250 -0.19 -30.01 22.04
C GLY B 250 0.66 -31.15 22.54
N ALA B 251 1.87 -30.86 23.03
CA ALA B 251 2.82 -31.90 23.36
C ALA B 251 2.42 -32.73 24.57
N MET B 252 1.49 -32.25 25.39
CA MET B 252 1.13 -32.96 26.61
C MET B 252 0.67 -34.36 26.30
N ARG B 253 0.97 -35.28 27.20
CA ARG B 253 0.59 -36.67 27.01
C ARG B 253 -0.08 -37.22 28.27
N LEU B 254 -0.86 -38.27 28.07
CA LEU B 254 -1.93 -38.68 28.95
C LEU B 254 -1.52 -39.75 29.96
N THR B 255 -0.23 -40.08 30.03
CA THR B 255 0.26 -41.28 30.70
C THR B 255 -0.14 -41.37 32.18
N GLN B 256 -0.64 -40.28 32.75
CA GLN B 256 -0.83 -40.20 34.20
C GLN B 256 -1.83 -41.23 34.71
N ARG B 257 -1.52 -41.78 35.88
CA ARG B 257 -2.25 -42.87 36.51
C ARG B 257 -3.54 -42.39 37.16
N SER B 258 -4.42 -43.36 37.46
CA SER B 258 -5.68 -43.10 38.14
C SER B 258 -5.94 -44.22 39.15
N SER B 259 -6.85 -43.95 40.09
CA SER B 259 -7.19 -44.93 41.12
C SER B 259 -8.55 -44.61 41.70
N ASN B 260 -9.13 -45.60 42.36
CA ASN B 260 -10.48 -45.48 42.91
C ASN B 260 -10.50 -44.88 44.30
N VAL B 261 -9.35 -44.42 44.79
CA VAL B 261 -9.29 -43.80 46.10
C VAL B 261 -10.31 -42.69 46.17
N ARG B 262 -11.16 -42.73 47.18
CA ARG B 262 -12.12 -41.66 47.37
C ARG B 262 -11.52 -40.53 48.19
N VAL B 263 -12.29 -39.46 48.35
CA VAL B 263 -11.94 -38.33 49.22
C VAL B 263 -13.21 -37.78 49.83
N SER B 264 -13.15 -37.45 51.12
CA SER B 264 -14.26 -36.79 51.78
C SER B 264 -14.33 -35.32 51.39
N SER B 265 -15.54 -34.84 51.12
CA SER B 265 -15.71 -33.41 50.90
C SER B 265 -15.76 -32.65 52.21
N GLY B 266 -16.45 -33.21 53.20
CA GLY B 266 -16.84 -32.48 54.38
C GLY B 266 -18.32 -32.22 54.50
N VAL B 267 -19.14 -32.52 53.50
CA VAL B 267 -20.58 -32.57 53.67
C VAL B 267 -21.02 -34.00 53.45
N VAL B 268 -21.33 -34.70 54.55
CA VAL B 268 -21.58 -36.13 54.49
C VAL B 268 -22.86 -36.41 53.72
N ARG B 269 -23.95 -35.77 54.14
CA ARG B 269 -25.23 -35.92 53.47
C ARG B 269 -25.07 -35.83 51.97
N LEU B 270 -24.33 -34.82 51.52
CA LEU B 270 -23.99 -34.74 50.11
C LEU B 270 -23.14 -35.94 49.70
N ASP B 271 -22.02 -36.14 50.39
CA ASP B 271 -21.12 -37.23 50.05
C ASP B 271 -21.84 -38.56 50.10
N GLU B 272 -22.95 -38.63 50.83
CA GLU B 272 -23.77 -39.82 50.78
C GLU B 272 -24.39 -39.99 49.40
N MET B 273 -24.82 -38.90 48.77
CA MET B 273 -25.17 -38.99 47.36
C MET B 273 -23.95 -39.09 46.48
N CYS B 274 -22.76 -38.92 47.05
CA CYS B 274 -21.54 -39.18 46.31
C CYS B 274 -21.07 -40.62 46.47
N GLY B 275 -21.86 -41.46 47.14
CA GLY B 275 -21.52 -42.86 47.28
C GLY B 275 -20.14 -43.06 47.82
N GLY B 276 -19.85 -42.43 48.96
CA GLY B 276 -18.52 -42.49 49.52
C GLY B 276 -17.60 -41.39 49.07
N GLY B 277 -18.15 -40.26 48.61
CA GLY B 277 -17.33 -39.11 48.33
C GLY B 277 -16.66 -39.14 46.98
N PHE B 278 -15.91 -38.07 46.74
CA PHE B 278 -15.27 -37.83 45.45
C PHE B 278 -14.12 -38.79 45.24
N PHE B 279 -13.74 -38.94 43.97
CA PHE B 279 -12.50 -39.64 43.64
C PHE B 279 -11.32 -38.78 44.01
N LYS B 280 -10.28 -39.40 44.55
CA LYS B 280 -9.03 -38.69 44.76
C LYS B 280 -8.56 -38.02 43.48
N ASP B 281 -8.49 -38.78 42.41
CA ASP B 281 -8.05 -38.27 41.13
C ASP B 281 -9.29 -38.02 40.30
N SER B 282 -9.62 -36.75 40.11
CA SER B 282 -10.83 -36.33 39.43
C SER B 282 -10.92 -34.81 39.52
N ILE B 283 -11.77 -34.22 38.69
CA ILE B 283 -11.95 -32.78 38.63
C ILE B 283 -13.42 -32.48 38.87
N ILE B 284 -13.71 -31.49 39.71
CA ILE B 284 -15.08 -31.22 40.12
C ILE B 284 -15.52 -29.88 39.57
N LEU B 285 -16.70 -29.86 38.95
CA LEU B 285 -17.22 -28.66 38.32
C LEU B 285 -18.61 -28.34 38.86
N ALA B 286 -18.72 -27.24 39.58
CA ALA B 286 -19.99 -26.76 40.11
C ALA B 286 -20.29 -25.41 39.50
N THR B 287 -21.53 -25.24 39.07
CA THR B 287 -21.90 -24.05 38.33
C THR B 287 -23.40 -23.85 38.48
N GLY B 288 -23.84 -22.62 38.25
CA GLY B 288 -25.25 -22.30 38.34
C GLY B 288 -25.44 -20.80 38.42
N ALA B 289 -26.56 -20.42 39.01
CA ALA B 289 -26.86 -19.02 39.21
C ALA B 289 -25.89 -18.42 40.21
N THR B 290 -25.81 -17.10 40.21
CA THR B 290 -25.12 -16.44 41.29
C THR B 290 -25.86 -16.66 42.60
N GLY B 291 -25.14 -16.43 43.70
CA GLY B 291 -25.71 -16.47 45.02
C GLY B 291 -25.89 -17.85 45.61
N THR B 292 -25.69 -18.90 44.84
CA THR B 292 -26.17 -20.20 45.25
C THR B 292 -25.26 -20.88 46.24
N GLY B 293 -24.16 -20.24 46.64
CA GLY B 293 -23.19 -20.89 47.50
C GLY B 293 -22.00 -21.44 46.76
N LYS B 294 -21.78 -21.02 45.52
CA LYS B 294 -20.58 -21.42 44.82
C LYS B 294 -19.37 -21.14 45.68
N THR B 295 -19.23 -19.88 46.09
CA THR B 295 -18.13 -19.51 46.96
C THR B 295 -18.19 -20.28 48.27
N LEU B 296 -19.40 -20.63 48.73
CA LEU B 296 -19.55 -21.42 49.95
C LEU B 296 -18.84 -22.75 49.85
N LEU B 297 -19.30 -23.62 48.95
CA LEU B 297 -18.96 -25.03 49.00
C LEU B 297 -17.46 -25.25 49.04
N VAL B 298 -16.70 -24.27 48.53
CA VAL B 298 -15.26 -24.27 48.74
C VAL B 298 -14.93 -24.51 50.20
N SER B 299 -15.61 -23.77 51.07
CA SER B 299 -15.22 -23.73 52.47
C SER B 299 -15.40 -25.08 53.15
N ARG B 300 -16.61 -25.63 53.08
CA ARG B 300 -16.82 -26.98 53.57
C ARG B 300 -15.76 -27.92 53.02
N PHE B 301 -15.51 -27.83 51.71
CA PHE B 301 -14.53 -28.71 51.10
C PHE B 301 -13.13 -28.42 51.60
N VAL B 302 -12.69 -27.17 51.43
CA VAL B 302 -11.28 -26.88 51.66
C VAL B 302 -10.90 -27.11 53.10
N GLU B 303 -11.75 -26.69 54.03
CA GLU B 303 -11.45 -26.84 55.45
C GLU B 303 -11.08 -28.27 55.80
N ASN B 304 -11.80 -29.23 55.23
CA ASN B 304 -11.72 -30.62 55.65
C ASN B 304 -10.27 -31.09 55.72
N ALA B 305 -9.42 -30.57 54.84
CA ALA B 305 -8.05 -31.03 54.78
C ALA B 305 -7.34 -30.85 56.12
N CYS B 306 -7.57 -29.72 56.77
CA CYS B 306 -6.88 -29.44 58.03
C CYS B 306 -7.14 -30.53 59.06
N ALA B 307 -8.42 -30.86 59.27
CA ALA B 307 -8.76 -31.95 60.18
C ALA B 307 -8.05 -33.23 59.80
N ASN B 308 -7.69 -33.38 58.53
CA ASN B 308 -6.89 -34.50 58.08
C ASN B 308 -5.42 -34.17 58.05
N LYS B 309 -5.03 -32.96 58.44
CA LYS B 309 -3.64 -32.57 58.53
C LYS B 309 -2.93 -32.76 57.20
N GLU B 310 -3.65 -32.54 56.11
CA GLU B 310 -3.09 -32.65 54.78
C GLU B 310 -3.11 -31.28 54.12
N ARG B 311 -2.21 -31.08 53.18
CA ARG B 311 -1.97 -29.74 52.63
C ARG B 311 -3.20 -29.21 51.91
N ALA B 312 -3.35 -27.89 51.89
CA ALA B 312 -4.39 -27.25 51.10
C ALA B 312 -4.00 -25.82 50.74
N ILE B 313 -4.45 -25.37 49.56
CA ILE B 313 -4.24 -23.99 49.10
C ILE B 313 -5.41 -23.56 48.23
N LEU B 314 -5.80 -22.29 48.34
CA LEU B 314 -6.92 -21.73 47.60
C LEU B 314 -6.51 -20.55 46.72
N PHE B 315 -7.21 -20.39 45.59
CA PHE B 315 -7.16 -19.19 44.76
C PHE B 315 -8.51 -18.49 44.83
N ALA B 316 -8.50 -17.16 44.75
CA ALA B 316 -9.75 -16.41 44.70
C ALA B 316 -9.64 -15.20 43.79
N TYR B 317 -10.55 -15.08 42.82
CA TYR B 317 -10.66 -13.86 42.04
C TYR B 317 -11.85 -12.97 42.39
N GLU B 318 -12.76 -13.40 43.25
CA GLU B 318 -13.95 -12.60 43.44
C GLU B 318 -13.95 -11.72 44.68
N GLU B 319 -13.09 -11.96 45.65
CA GLU B 319 -13.31 -11.35 46.96
C GLU B 319 -12.01 -11.24 47.74
N SER B 320 -12.04 -10.39 48.76
CA SER B 320 -10.93 -10.27 49.68
C SER B 320 -10.96 -11.40 50.70
N ARG B 321 -9.78 -11.68 51.24
CA ARG B 321 -9.69 -12.52 52.43
C ARG B 321 -10.68 -12.04 53.47
N ALA B 322 -10.63 -10.74 53.77
CA ALA B 322 -11.51 -10.18 54.80
C ALA B 322 -12.95 -10.55 54.53
N GLN B 323 -13.43 -10.23 53.33
CA GLN B 323 -14.77 -10.64 52.95
C GLN B 323 -14.96 -12.12 53.20
N LEU B 324 -14.08 -12.93 52.64
CA LEU B 324 -14.06 -14.35 52.97
C LEU B 324 -14.02 -14.52 54.47
N LEU B 325 -13.01 -13.93 55.12
CA LEU B 325 -12.92 -14.01 56.57
C LEU B 325 -14.24 -13.57 57.19
N ARG B 326 -14.80 -12.47 56.70
CA ARG B 326 -16.03 -12.01 57.29
C ARG B 326 -17.13 -13.04 57.11
N ASN B 327 -17.06 -13.81 56.03
CA ASN B 327 -17.92 -14.97 55.90
C ASN B 327 -17.35 -16.18 56.64
N ALA B 328 -16.03 -16.29 56.69
CA ALA B 328 -15.38 -17.47 57.25
C ALA B 328 -15.85 -17.73 58.65
N TYR B 329 -15.41 -16.91 59.60
CA TYR B 329 -15.79 -17.15 60.98
C TYR B 329 -17.30 -17.11 61.13
N SER B 330 -17.96 -16.24 60.38
CA SER B 330 -19.41 -16.31 60.28
C SER B 330 -19.83 -17.72 59.92
N TRP B 331 -19.13 -18.34 58.99
CA TRP B 331 -19.36 -19.72 58.65
C TRP B 331 -18.47 -20.67 59.43
N GLY B 332 -17.63 -20.16 60.31
CA GLY B 332 -16.76 -20.98 61.11
C GLY B 332 -15.44 -21.30 60.43
N MET B 333 -14.88 -22.48 60.72
CA MET B 333 -13.64 -22.95 60.12
C MET B 333 -12.55 -21.88 60.13
N ASP B 334 -11.90 -21.72 61.28
CA ASP B 334 -10.81 -20.78 61.43
C ASP B 334 -9.79 -20.92 60.31
N PHE B 335 -9.49 -19.81 59.67
CA PHE B 335 -8.34 -19.74 58.78
C PHE B 335 -7.07 -19.42 59.54
N GLU B 336 -7.20 -18.61 60.59
CA GLU B 336 -6.10 -17.80 61.08
C GLU B 336 -4.87 -18.64 61.40
N GLU B 337 -5.02 -19.61 62.29
CA GLU B 337 -3.88 -20.46 62.59
C GLU B 337 -3.67 -21.50 61.50
N MET B 338 -4.76 -22.01 60.91
CA MET B 338 -4.62 -22.88 59.76
C MET B 338 -3.71 -22.25 58.72
N GLU B 339 -3.85 -20.94 58.53
CA GLU B 339 -2.90 -20.19 57.74
C GLU B 339 -1.50 -20.35 58.31
N ARG B 340 -1.33 -20.07 59.60
CA ARG B 340 -0.02 -20.22 60.21
C ARG B 340 0.42 -21.67 60.20
N GLN B 341 -0.44 -22.57 60.66
CA GLN B 341 -0.12 -23.99 60.63
C GLN B 341 -0.01 -24.46 59.19
N ASN B 342 -0.28 -23.55 58.26
CA ASN B 342 0.21 -23.69 56.90
C ASN B 342 -0.44 -24.87 56.19
N LEU B 343 -1.69 -25.13 56.52
CA LEU B 343 -2.52 -25.95 55.67
C LEU B 343 -3.42 -25.13 54.76
N LEU B 344 -3.30 -23.80 54.80
CA LEU B 344 -4.18 -22.93 54.05
C LEU B 344 -3.41 -21.74 53.50
N LYS B 345 -3.73 -21.36 52.27
CA LYS B 345 -3.05 -20.24 51.64
C LYS B 345 -3.97 -19.67 50.55
N ILE B 346 -3.72 -18.40 50.20
CA ILE B 346 -4.68 -17.56 49.50
C ILE B 346 -3.95 -16.75 48.44
N VAL B 347 -4.71 -16.14 47.53
CA VAL B 347 -4.14 -15.40 46.39
C VAL B 347 -4.46 -13.91 46.45
N CYS B 348 -5.74 -13.56 46.29
CA CYS B 348 -6.19 -12.16 46.22
C CYS B 348 -5.57 -11.44 45.02
N ALA B 349 -6.02 -11.83 43.83
CA ALA B 349 -5.61 -11.17 42.60
C ALA B 349 -6.85 -10.68 41.85
N TYR B 350 -6.61 -9.98 40.75
CA TYR B 350 -7.65 -9.49 39.85
C TYR B 350 -7.47 -10.10 38.47
N PRO B 351 -8.46 -10.84 37.98
CA PRO B 351 -8.23 -11.77 36.86
C PRO B 351 -7.54 -11.16 35.65
N GLU B 352 -7.66 -9.86 35.46
CA GLU B 352 -7.13 -9.21 34.28
C GLU B 352 -5.71 -8.70 34.49
N SER B 353 -5.10 -9.02 35.64
CA SER B 353 -3.82 -8.46 36.02
C SER B 353 -2.72 -8.75 35.02
N ALA B 354 -2.94 -9.67 34.08
CA ALA B 354 -1.95 -9.99 33.06
C ALA B 354 -2.67 -10.82 32.00
N GLY B 355 -1.90 -11.35 31.06
CA GLY B 355 -2.46 -12.28 30.10
C GLY B 355 -3.08 -13.48 30.79
N LEU B 356 -4.06 -14.08 30.12
CA LEU B 356 -4.80 -15.19 30.71
C LEU B 356 -3.83 -16.26 31.18
N GLU B 357 -2.97 -16.72 30.28
CA GLU B 357 -2.04 -17.79 30.63
C GLU B 357 -1.11 -17.40 31.76
N ASP B 358 -0.82 -16.10 31.89
CA ASP B 358 0.13 -15.67 32.90
C ASP B 358 -0.28 -16.18 34.26
N HIS B 359 -1.58 -16.12 34.55
CA HIS B 359 -2.13 -16.75 35.73
C HIS B 359 -1.69 -18.20 35.82
N LEU B 360 -1.82 -18.93 34.72
CA LEU B 360 -1.49 -20.35 34.74
C LEU B 360 -0.06 -20.56 35.20
N GLN B 361 0.85 -19.69 34.77
CA GLN B 361 2.20 -19.78 35.31
C GLN B 361 2.21 -19.50 36.79
N ILE B 362 1.54 -18.42 37.21
CA ILE B 362 1.42 -18.10 38.62
C ILE B 362 0.97 -19.33 39.38
N ILE B 363 -0.03 -20.02 38.84
CA ILE B 363 -0.55 -21.23 39.46
C ILE B 363 0.56 -22.24 39.69
N LYS B 364 1.16 -22.71 38.59
CA LYS B 364 2.10 -23.83 38.67
C LYS B 364 3.20 -23.56 39.69
N SER B 365 3.88 -22.43 39.53
CA SER B 365 4.91 -22.05 40.50
C SER B 365 4.39 -22.17 41.92
N GLU B 366 3.25 -21.56 42.18
CA GLU B 366 2.59 -21.74 43.46
C GLU B 366 2.35 -23.21 43.76
N ILE B 367 1.78 -23.93 42.79
CA ILE B 367 1.64 -25.36 42.97
C ILE B 367 3.00 -26.00 43.18
N ASN B 368 3.99 -25.57 42.41
CA ASN B 368 5.34 -26.07 42.65
C ASN B 368 5.73 -25.85 44.10
N ASP B 369 5.38 -24.69 44.65
CA ASP B 369 5.82 -24.32 45.98
C ASP B 369 5.36 -25.32 47.03
N PHE B 370 4.09 -25.25 47.40
CA PHE B 370 3.59 -26.02 48.52
C PHE B 370 2.88 -27.30 48.11
N LYS B 371 2.56 -27.46 46.83
CA LYS B 371 1.91 -28.62 46.21
C LYS B 371 0.91 -29.37 47.10
N PRO B 372 -0.19 -28.73 47.49
CA PRO B 372 -1.27 -29.47 48.14
C PRO B 372 -2.13 -30.21 47.13
N ALA B 373 -2.82 -31.24 47.62
CA ALA B 373 -3.64 -32.06 46.75
C ALA B 373 -4.95 -31.38 46.37
N ARG B 374 -5.41 -30.40 47.13
CA ARG B 374 -6.64 -29.71 46.83
C ARG B 374 -6.35 -28.35 46.20
N ILE B 375 -7.23 -27.94 45.29
CA ILE B 375 -7.15 -26.61 44.72
C ILE B 375 -8.55 -26.22 44.25
N ALA B 376 -8.82 -24.91 44.26
CA ALA B 376 -10.12 -24.45 43.78
C ALA B 376 -9.95 -23.17 42.98
N ILE B 377 -10.44 -23.19 41.75
CA ILE B 377 -10.50 -22.00 40.91
C ILE B 377 -11.70 -21.18 41.30
N ASP B 378 -11.55 -19.86 41.25
CA ASP B 378 -12.62 -18.91 41.46
C ASP B 378 -13.04 -18.30 40.14
N SER B 379 -14.34 -18.34 39.83
CA SER B 379 -14.97 -17.49 38.82
C SER B 379 -14.32 -17.66 37.45
N LEU B 380 -14.59 -18.81 36.84
CA LEU B 380 -14.29 -18.94 35.43
C LEU B 380 -14.88 -17.79 34.63
N SER B 381 -16.02 -17.27 35.08
CA SER B 381 -16.73 -16.23 34.34
C SER B 381 -15.84 -15.02 34.10
N ALA B 382 -15.35 -14.42 35.18
CA ALA B 382 -14.45 -13.28 35.02
C ALA B 382 -13.24 -13.65 34.19
N LEU B 383 -12.78 -14.88 34.34
CA LEU B 383 -11.68 -15.36 33.53
C LEU B 383 -12.06 -15.45 32.05
N ALA B 384 -13.36 -15.47 31.75
CA ALA B 384 -13.82 -15.54 30.38
C ALA B 384 -14.14 -14.18 29.79
N ARG B 385 -13.94 -13.10 30.54
CA ARG B 385 -14.33 -11.78 30.07
C ARG B 385 -13.44 -11.33 28.93
N GLY B 386 -14.06 -10.80 27.88
CA GLY B 386 -13.30 -10.17 26.81
C GLY B 386 -12.33 -11.12 26.12
N VAL B 387 -12.66 -12.40 26.07
CA VAL B 387 -11.79 -13.40 25.50
C VAL B 387 -12.59 -14.30 24.58
N SER B 388 -11.97 -14.70 23.47
CA SER B 388 -12.54 -15.73 22.62
C SER B 388 -12.78 -16.98 23.44
N ASN B 389 -13.94 -17.62 23.20
CA ASN B 389 -14.21 -18.90 23.83
C ASN B 389 -13.02 -19.82 23.67
N ASN B 390 -12.49 -19.91 22.45
CA ASN B 390 -11.35 -20.77 22.13
C ASN B 390 -10.23 -20.62 23.15
N ALA B 391 -9.61 -19.44 23.17
CA ALA B 391 -8.51 -19.20 24.09
C ALA B 391 -8.91 -19.56 25.51
N PHE B 392 -10.02 -18.99 25.98
CA PHE B 392 -10.55 -19.36 27.28
C PHE B 392 -10.73 -20.86 27.38
N ARG B 393 -11.43 -21.46 26.41
CA ARG B 393 -11.51 -22.90 26.34
C ARG B 393 -10.13 -23.52 26.31
N GLN B 394 -9.24 -22.96 25.50
CA GLN B 394 -7.89 -23.49 25.42
C GLN B 394 -7.14 -23.26 26.72
N PHE B 395 -7.53 -22.23 27.47
CA PHE B 395 -6.93 -22.00 28.78
C PHE B 395 -7.17 -23.19 29.71
N VAL B 396 -8.43 -23.54 29.93
CA VAL B 396 -8.76 -24.58 30.89
C VAL B 396 -8.09 -25.89 30.51
N ILE B 397 -8.10 -26.21 29.22
CA ILE B 397 -7.41 -27.40 28.74
C ILE B 397 -5.98 -27.39 29.26
N GLY B 398 -5.35 -26.22 29.27
CA GLY B 398 -4.08 -26.11 29.95
C GLY B 398 -4.21 -26.47 31.42
N VAL B 399 -5.14 -25.83 32.11
CA VAL B 399 -5.33 -26.10 33.53
C VAL B 399 -5.62 -27.56 33.75
N THR B 400 -6.32 -28.18 32.79
CA THR B 400 -6.69 -29.58 32.88
C THR B 400 -5.51 -30.46 33.25
N GLY B 401 -4.55 -30.59 32.33
CA GLY B 401 -3.50 -31.58 32.50
C GLY B 401 -2.63 -31.32 33.71
N TYR B 402 -2.05 -30.11 33.78
CA TYR B 402 -1.16 -29.81 34.89
C TYR B 402 -1.85 -30.11 36.20
N ALA B 403 -3.13 -29.80 36.29
CA ALA B 403 -3.93 -30.30 37.40
C ALA B 403 -3.86 -31.81 37.46
N LYS B 404 -4.23 -32.47 36.36
CA LYS B 404 -4.31 -33.92 36.37
C LYS B 404 -2.92 -34.53 36.58
N GLN B 405 -1.93 -34.06 35.83
CA GLN B 405 -0.63 -34.73 35.86
C GLN B 405 0.00 -34.66 37.23
N GLU B 406 -0.18 -33.55 37.94
CA GLU B 406 0.35 -33.43 39.28
C GLU B 406 -0.44 -34.26 40.28
N GLU B 407 -1.52 -34.89 39.83
CA GLU B 407 -2.38 -35.67 40.70
C GLU B 407 -3.01 -34.79 41.74
N ILE B 408 -3.59 -33.69 41.28
CA ILE B 408 -4.31 -32.76 42.13
C ILE B 408 -5.80 -33.02 41.95
N THR B 409 -6.56 -32.82 43.01
CA THR B 409 -8.00 -33.05 42.95
C THR B 409 -8.69 -31.75 42.57
N GLY B 410 -9.26 -31.72 41.36
CA GLY B 410 -9.77 -30.48 40.79
C GLY B 410 -11.18 -30.12 41.20
N LEU B 411 -11.37 -28.83 41.49
CA LEU B 411 -12.67 -28.22 41.73
C LEU B 411 -12.63 -26.79 41.23
N PHE B 412 -13.63 -26.40 40.42
CA PHE B 412 -13.64 -25.06 39.84
C PHE B 412 -14.96 -24.36 40.13
N THR B 413 -14.94 -23.05 39.90
CA THR B 413 -16.08 -22.17 40.16
C THR B 413 -16.49 -21.50 38.86
N ASN B 414 -17.71 -21.76 38.41
CA ASN B 414 -18.22 -21.13 37.20
C ASN B 414 -19.60 -20.57 37.47
N THR B 415 -20.08 -19.74 36.54
CA THR B 415 -21.38 -19.11 36.65
C THR B 415 -22.08 -19.13 35.30
N SER B 416 -23.38 -19.42 35.32
CA SER B 416 -24.18 -19.37 34.11
C SER B 416 -24.56 -17.94 33.79
N ASP B 417 -24.70 -17.65 32.50
CA ASP B 417 -25.17 -16.33 32.08
C ASP B 417 -26.53 -16.02 32.68
N GLN B 418 -27.57 -16.69 32.20
CA GLN B 418 -28.93 -16.40 32.60
C GLN B 418 -29.38 -17.37 33.68
N PHE B 419 -30.08 -16.84 34.67
CA PHE B 419 -30.74 -17.64 35.68
C PHE B 419 -31.99 -18.31 35.11
N MET B 420 -32.42 -19.37 35.79
CA MET B 420 -33.79 -19.84 35.65
C MET B 420 -34.16 -20.25 34.23
N GLY B 421 -33.68 -21.41 33.80
CA GLY B 421 -34.04 -21.95 32.51
C GLY B 421 -32.96 -21.92 31.45
N ALA B 422 -31.74 -21.57 31.81
CA ALA B 422 -30.63 -21.78 30.89
C ALA B 422 -30.51 -23.26 30.59
N HIS B 423 -30.48 -23.60 29.31
CA HIS B 423 -30.46 -24.98 28.88
C HIS B 423 -29.06 -25.50 28.61
N SER B 424 -28.05 -24.69 28.87
CA SER B 424 -26.66 -25.07 28.65
C SER B 424 -25.93 -25.05 29.99
N ILE B 425 -25.22 -26.14 30.28
CA ILE B 425 -24.39 -26.19 31.48
C ILE B 425 -23.36 -25.08 31.46
N THR B 426 -22.75 -24.83 30.31
CA THR B 426 -21.58 -23.99 30.23
C THR B 426 -21.62 -23.15 28.97
N ASP B 427 -21.28 -21.86 29.11
CA ASP B 427 -21.13 -20.99 27.95
C ASP B 427 -20.05 -21.51 27.03
N SER B 428 -18.86 -21.75 27.57
CA SER B 428 -17.73 -22.25 26.82
C SER B 428 -17.75 -23.76 26.68
N HIS B 429 -18.80 -24.42 27.17
CA HIS B 429 -19.01 -25.85 26.95
C HIS B 429 -17.89 -26.68 27.56
N ILE B 430 -17.59 -26.47 28.84
CA ILE B 430 -16.48 -27.13 29.49
C ILE B 430 -16.89 -28.50 29.99
N SER B 431 -18.20 -28.72 30.03
CA SER B 431 -18.81 -29.90 30.61
C SER B 431 -18.01 -31.18 30.47
N THR B 432 -17.41 -31.39 29.30
CA THR B 432 -16.74 -32.65 29.00
C THR B 432 -15.42 -32.79 29.70
N ILE B 433 -14.78 -31.67 30.03
CA ILE B 433 -13.42 -31.74 30.50
C ILE B 433 -13.42 -31.88 32.02
N THR B 434 -14.33 -32.67 32.55
CA THR B 434 -14.34 -32.94 33.97
C THR B 434 -14.96 -34.29 34.23
N ASP B 435 -14.55 -34.90 35.33
CA ASP B 435 -15.03 -36.23 35.64
C ASP B 435 -16.39 -36.19 36.31
N THR B 436 -16.74 -35.06 36.91
CA THR B 436 -17.96 -34.95 37.68
C THR B 436 -18.46 -33.51 37.59
N ILE B 437 -19.78 -33.35 37.57
CA ILE B 437 -20.38 -32.05 37.39
C ILE B 437 -21.47 -31.86 38.42
N ILE B 438 -21.52 -30.69 39.02
CA ILE B 438 -22.58 -30.32 39.92
C ILE B 438 -23.33 -29.13 39.34
N LEU B 439 -24.62 -29.06 39.64
CA LEU B 439 -25.43 -27.93 39.26
C LEU B 439 -26.21 -27.43 40.47
N LEU B 440 -26.31 -26.12 40.59
CA LEU B 440 -27.27 -25.51 41.49
C LEU B 440 -28.24 -24.67 40.67
N GLN B 441 -29.46 -24.57 41.15
CA GLN B 441 -30.44 -23.78 40.42
C GLN B 441 -31.53 -23.33 41.38
N TYR B 442 -32.03 -22.13 41.14
CA TYR B 442 -33.10 -21.60 41.96
C TYR B 442 -34.44 -22.13 41.49
N VAL B 443 -35.41 -22.17 42.41
CA VAL B 443 -36.69 -22.81 42.16
C VAL B 443 -37.80 -21.96 42.76
N GLU B 444 -38.87 -21.80 42.02
CA GLU B 444 -40.07 -21.15 42.54
C GLU B 444 -40.83 -22.17 43.38
N ILE B 445 -41.02 -21.87 44.66
CA ILE B 445 -41.88 -22.66 45.54
C ILE B 445 -42.68 -21.72 46.41
N ARG B 446 -44.01 -21.77 46.28
CA ARG B 446 -44.89 -20.92 47.07
C ARG B 446 -44.39 -19.48 47.07
N GLY B 447 -43.88 -19.06 45.92
CA GLY B 447 -43.30 -17.74 45.83
C GLY B 447 -41.98 -17.59 46.54
N GLU B 448 -41.30 -18.69 46.82
CA GLU B 448 -39.96 -18.64 47.40
C GLU B 448 -38.97 -19.28 46.46
N MET B 449 -37.81 -18.65 46.33
CA MET B 449 -36.67 -19.38 45.81
C MET B 449 -36.13 -20.33 46.86
N SER B 450 -35.43 -21.36 46.41
CA SER B 450 -34.83 -22.29 47.34
C SER B 450 -33.59 -22.89 46.71
N ARG B 451 -32.68 -23.32 47.57
CA ARG B 451 -31.47 -23.99 47.13
C ARG B 451 -31.84 -25.34 46.57
N ALA B 452 -31.46 -25.59 45.32
CA ALA B 452 -31.70 -26.86 44.66
C ALA B 452 -30.37 -27.43 44.18
N ILE B 453 -30.17 -28.71 44.43
CA ILE B 453 -28.88 -29.34 44.20
C ILE B 453 -29.06 -30.49 43.23
N ASN B 454 -27.98 -30.80 42.51
CA ASN B 454 -27.93 -32.01 41.70
C ASN B 454 -26.51 -32.53 41.62
N VAL B 455 -26.37 -33.85 41.67
CA VAL B 455 -25.19 -34.51 41.20
C VAL B 455 -25.48 -34.88 39.75
N PHE B 456 -24.88 -34.16 38.83
CA PHE B 456 -25.30 -34.32 37.46
C PHE B 456 -24.70 -35.56 36.83
N LYS B 457 -23.38 -35.70 36.93
CA LYS B 457 -22.70 -36.90 36.49
C LYS B 457 -21.43 -37.06 37.29
N MET B 458 -21.10 -38.30 37.64
CA MET B 458 -19.80 -38.64 38.20
C MET B 458 -19.35 -39.90 37.48
N ARG B 459 -18.27 -39.81 36.72
CA ARG B 459 -17.96 -40.84 35.75
C ARG B 459 -17.74 -42.21 36.38
N GLY B 460 -17.56 -42.27 37.70
CA GLY B 460 -17.37 -43.57 38.29
C GLY B 460 -18.51 -44.16 39.10
N SER B 461 -19.52 -43.39 39.46
CA SER B 461 -20.23 -43.79 40.67
C SER B 461 -21.73 -43.96 40.55
N TRP B 462 -22.32 -44.14 41.73
CA TRP B 462 -23.72 -44.49 41.89
C TRP B 462 -24.61 -43.24 41.83
N HIS B 463 -24.41 -42.33 42.79
CA HIS B 463 -24.84 -40.94 42.68
C HIS B 463 -26.30 -40.75 42.29
N ASP B 464 -27.18 -40.80 43.29
CA ASP B 464 -28.62 -40.69 43.09
C ASP B 464 -28.99 -39.56 42.13
N LYS B 465 -29.83 -39.91 41.15
CA LYS B 465 -30.37 -38.96 40.20
C LYS B 465 -31.39 -38.02 40.80
N ALA B 466 -31.86 -38.28 42.02
CA ALA B 466 -32.89 -37.44 42.58
C ALA B 466 -32.36 -36.04 42.84
N ILE B 467 -33.28 -35.10 43.01
CA ILE B 467 -32.93 -33.71 43.21
C ILE B 467 -33.42 -33.31 44.59
N ARG B 468 -32.47 -33.01 45.48
CA ARG B 468 -32.79 -32.71 46.85
C ARG B 468 -32.78 -31.22 47.09
N GLU B 469 -33.66 -30.77 47.98
CA GLU B 469 -33.65 -29.41 48.49
C GLU B 469 -32.63 -29.29 49.62
N PHE B 470 -32.13 -28.07 49.82
CA PHE B 470 -31.14 -27.89 50.87
C PHE B 470 -31.16 -26.43 51.33
N MET B 471 -30.57 -26.20 52.51
CA MET B 471 -30.62 -24.88 53.12
C MET B 471 -29.35 -24.64 53.91
N ILE B 472 -29.26 -23.45 54.52
CA ILE B 472 -28.04 -23.01 55.19
C ILE B 472 -28.36 -22.28 56.49
N SER B 473 -27.69 -22.67 57.55
CA SER B 473 -27.40 -21.80 58.67
C SER B 473 -25.90 -21.61 58.72
N ASP B 474 -25.43 -20.79 59.65
CA ASP B 474 -23.98 -20.73 59.83
C ASP B 474 -23.42 -22.03 60.38
N LYS B 475 -24.28 -22.91 60.84
CA LYS B 475 -23.88 -24.30 61.06
C LYS B 475 -23.56 -24.92 59.72
N GLY B 476 -23.78 -24.16 58.66
CA GLY B 476 -23.39 -24.56 57.34
C GLY B 476 -24.59 -24.97 56.51
N PRO B 477 -24.32 -25.52 55.34
CA PRO B 477 -25.41 -25.99 54.48
C PRO B 477 -25.97 -27.31 54.97
N ASP B 478 -27.24 -27.54 54.66
CA ASP B 478 -27.87 -28.81 54.99
C ASP B 478 -28.96 -29.11 53.98
N ILE B 479 -29.18 -30.40 53.74
CA ILE B 479 -29.86 -30.88 52.56
C ILE B 479 -31.13 -31.61 52.95
N LYS B 480 -32.25 -31.15 52.42
CA LYS B 480 -33.54 -31.81 52.58
C LYS B 480 -33.71 -32.81 51.43
N ASP B 481 -34.92 -33.31 51.24
CA ASP B 481 -35.15 -34.38 50.29
C ASP B 481 -35.82 -33.89 49.01
N SER B 482 -36.10 -34.84 48.13
CA SER B 482 -36.64 -34.60 46.81
C SER B 482 -38.13 -34.27 46.85
N PHE B 483 -38.61 -33.72 45.74
CA PHE B 483 -39.99 -33.29 45.63
C PHE B 483 -40.77 -34.35 44.88
N ARG B 484 -41.58 -35.12 45.59
CA ARG B 484 -42.44 -36.08 44.93
C ARG B 484 -43.78 -35.48 44.54
N ASN B 485 -44.13 -34.34 45.11
CA ASN B 485 -45.38 -33.65 44.83
C ASN B 485 -45.24 -32.52 43.84
N PHE B 486 -44.04 -32.27 43.32
CA PHE B 486 -43.79 -31.06 42.54
C PHE B 486 -43.51 -31.39 41.08
N GLU B 487 -43.75 -30.41 40.23
CA GLU B 487 -43.99 -30.66 38.82
C GLU B 487 -43.26 -29.63 37.97
N ARG B 488 -42.49 -30.11 36.99
CA ARG B 488 -41.76 -29.25 36.07
C ARG B 488 -40.81 -28.30 36.82
N ILE B 489 -39.94 -28.90 37.62
CA ILE B 489 -39.13 -28.10 38.52
C ILE B 489 -37.94 -27.47 37.80
N ILE B 490 -37.34 -28.19 36.86
CA ILE B 490 -36.09 -27.73 36.26
C ILE B 490 -36.31 -26.44 35.48
N SER B 491 -37.44 -26.34 34.79
CA SER B 491 -37.70 -25.16 33.97
C SER B 491 -37.59 -23.88 34.78
N GLY B 492 -38.02 -23.91 36.03
CA GLY B 492 -38.13 -22.71 36.84
C GLY B 492 -39.55 -22.29 37.12
N SER B 493 -40.53 -22.92 36.49
CA SER B 493 -41.95 -22.69 36.79
C SER B 493 -42.54 -24.01 37.29
N PRO B 494 -42.28 -24.37 38.53
CA PRO B 494 -42.73 -25.66 39.04
C PRO B 494 -44.23 -25.66 39.30
N THR B 495 -44.74 -26.80 39.72
CA THR B 495 -46.16 -26.98 39.98
C THR B 495 -46.31 -28.14 40.94
N ARG B 496 -47.49 -28.28 41.55
CA ARG B 496 -47.73 -29.41 42.42
C ARG B 496 -49.14 -29.97 42.19
N GLU C 14 25.44 -1.14 41.37
CA GLU C 14 26.61 -1.96 41.64
C GLU C 14 26.47 -3.32 40.94
N HIS C 15 26.33 -4.37 41.74
CA HIS C 15 26.04 -5.71 41.26
C HIS C 15 24.54 -5.98 41.29
N GLN C 16 23.75 -4.92 41.31
CA GLN C 16 22.30 -5.10 41.38
C GLN C 16 21.64 -4.83 40.03
N ALA C 17 20.39 -5.26 39.90
CA ALA C 17 19.58 -4.92 38.73
C ALA C 17 19.42 -3.40 38.69
N ILE C 18 19.08 -2.86 37.52
CA ILE C 18 18.99 -1.42 37.34
C ILE C 18 17.92 -0.84 38.27
N ALA C 19 18.21 0.33 38.86
CA ALA C 19 17.26 1.02 39.73
C ALA C 19 16.46 2.03 38.92
N LYS C 20 15.40 2.60 39.50
CA LYS C 20 14.55 3.52 38.76
C LYS C 20 14.34 4.83 39.50
N MET C 21 14.06 5.90 38.76
CA MET C 21 13.75 7.15 39.43
C MET C 21 12.28 7.44 39.20
N ARG C 22 11.63 7.88 40.28
CA ARG C 22 10.20 8.10 40.26
C ARG C 22 9.84 9.31 39.40
N THR C 23 8.87 9.15 38.51
CA THR C 23 8.39 10.25 37.71
C THR C 23 7.37 11.08 38.51
N MET C 24 6.68 10.41 39.43
CA MET C 24 5.55 10.95 40.20
C MET C 24 4.37 11.30 39.31
N ILE C 25 4.37 10.80 38.08
CA ILE C 25 3.25 10.94 37.17
C ILE C 25 2.27 9.86 37.60
N GLU C 26 1.09 10.28 38.06
CA GLU C 26 0.16 9.35 38.68
C GLU C 26 -0.14 8.14 37.79
N GLY C 27 0.13 6.96 38.31
CA GLY C 27 -0.13 5.74 37.59
C GLY C 27 1.12 5.21 36.88
N PHE C 28 2.01 6.11 36.46
CA PHE C 28 3.12 5.66 35.62
C PHE C 28 4.15 4.86 36.44
N ASP C 29 4.38 5.27 37.68
CA ASP C 29 5.39 4.58 38.48
C ASP C 29 4.90 3.18 38.79
N ASP C 30 3.58 2.95 38.80
CA ASP C 30 3.04 1.60 38.94
C ASP C 30 3.25 0.76 37.67
N ILE C 31 2.84 1.30 36.53
CA ILE C 31 3.05 0.62 35.24
C ILE C 31 4.53 0.25 35.02
N SER C 32 5.43 1.16 35.39
CA SER C 32 6.87 0.93 35.19
C SER C 32 7.54 0.20 36.35
N HIS C 33 6.75 -0.19 37.35
CA HIS C 33 7.30 -0.82 38.56
C HIS C 33 8.42 0.02 39.17
N GLY C 34 8.18 1.31 39.38
CA GLY C 34 9.14 2.09 40.15
C GLY C 34 9.63 3.36 39.48
N GLY C 35 9.38 3.51 38.18
CA GLY C 35 9.79 4.73 37.49
C GLY C 35 10.67 4.43 36.29
N LEU C 36 11.44 5.42 35.86
CA LEU C 36 12.31 5.30 34.70
C LEU C 36 13.67 4.78 35.11
N PRO C 37 14.19 3.81 34.36
CA PRO C 37 15.54 3.30 34.65
C PRO C 37 16.58 4.41 34.74
N ILE C 38 17.30 4.46 35.87
CA ILE C 38 18.23 5.55 36.13
C ILE C 38 19.45 5.51 35.22
N GLY C 39 19.84 6.70 34.75
CA GLY C 39 21.03 6.87 33.95
C GLY C 39 20.89 6.43 32.51
N ARG C 40 19.65 6.19 32.06
CA ARG C 40 19.39 5.79 30.69
C ARG C 40 18.34 6.66 30.02
N SER C 41 18.24 6.53 28.70
CA SER C 41 17.25 7.25 27.89
C SER C 41 15.94 6.49 27.70
N THR C 42 14.83 7.19 27.79
CA THR C 42 13.54 6.58 27.46
C THR C 42 12.91 7.36 26.31
N LEU C 43 12.56 6.68 25.24
CA LEU C 43 11.90 7.30 24.12
C LEU C 43 10.41 7.35 24.42
N VAL C 44 9.80 8.51 24.21
CA VAL C 44 8.34 8.61 24.33
C VAL C 44 7.87 9.04 22.95
N SER C 45 7.18 8.13 22.24
CA SER C 45 6.79 8.34 20.86
C SER C 45 5.27 8.36 20.70
N GLY C 46 4.78 9.16 19.78
CA GLY C 46 3.35 9.33 19.68
C GLY C 46 2.97 10.30 18.58
N THR C 47 1.73 10.20 18.09
CA THR C 47 1.30 11.11 17.05
C THR C 47 1.19 12.52 17.64
N SER C 48 0.99 13.50 16.77
CA SER C 48 0.84 14.89 17.20
C SER C 48 -0.26 15.07 18.22
N GLY C 49 0.02 15.81 19.29
CA GLY C 49 -1.00 16.06 20.28
C GLY C 49 -1.30 14.89 21.21
N THR C 50 -0.38 13.93 21.37
CA THR C 50 -0.67 12.83 22.27
C THR C 50 -0.25 13.11 23.71
N GLY C 51 0.53 14.17 23.94
CA GLY C 51 1.01 14.45 25.29
C GLY C 51 2.48 14.19 25.57
N LYS C 52 3.28 14.01 24.52
CA LYS C 52 4.73 13.76 24.66
C LYS C 52 5.46 14.89 25.40
N THR C 53 5.25 16.11 24.92
CA THR C 53 5.90 17.26 25.50
C THR C 53 5.45 17.42 26.94
N LEU C 54 4.14 17.29 27.16
CA LEU C 54 3.63 17.28 28.55
C LEU C 54 4.32 16.24 29.45
N PHE C 55 4.45 15.01 28.97
CA PHE C 55 5.13 13.97 29.76
C PHE C 55 6.55 14.43 30.13
N SER C 56 7.24 14.98 29.14
CA SER C 56 8.67 15.32 29.31
C SER C 56 8.85 16.52 30.25
N ILE C 57 7.87 17.41 30.28
CA ILE C 57 7.90 18.55 31.21
C ILE C 57 7.57 18.11 32.63
N GLN C 58 6.52 17.28 32.74
CA GLN C 58 6.05 16.80 34.04
C GLN C 58 7.14 16.00 34.75
N PHE C 59 7.91 15.27 33.96
CA PHE C 59 9.05 14.50 34.45
C PHE C 59 10.06 15.41 35.14
N LEU C 60 10.40 16.51 34.48
CA LEU C 60 11.39 17.45 35.03
C LEU C 60 10.83 18.25 36.19
N TYR C 61 9.57 18.66 36.05
CA TYR C 61 8.91 19.48 37.09
C TYR C 61 8.79 18.71 38.39
N ASN C 62 8.34 17.46 38.30
CA ASN C 62 8.19 16.65 39.50
C ASN C 62 9.56 16.39 40.15
N GLY C 63 10.59 16.20 39.34
CA GLY C 63 11.93 16.03 39.88
C GLY C 63 12.36 17.23 40.73
N ILE C 64 12.12 18.43 40.20
CA ILE C 64 12.47 19.66 40.92
C ILE C 64 11.61 19.82 42.17
N ILE C 65 10.31 19.73 42.02
CA ILE C 65 9.41 20.00 43.13
C ILE C 65 9.45 18.92 44.19
N GLU C 66 9.52 17.65 43.79
CA GLU C 66 9.38 16.57 44.77
C GLU C 66 10.69 16.14 45.37
N PHE C 67 11.76 16.25 44.60
CA PHE C 67 13.06 15.67 45.00
C PHE C 67 14.20 16.67 44.99
N ASP C 68 13.92 17.92 44.63
CA ASP C 68 14.97 18.93 44.43
C ASP C 68 16.05 18.44 43.43
N GLU C 69 15.63 17.70 42.41
CA GLU C 69 16.55 17.27 41.35
C GLU C 69 16.42 18.24 40.18
N PRO C 70 17.51 18.94 39.85
CA PRO C 70 17.46 19.97 38.81
C PRO C 70 17.29 19.35 37.44
N GLY C 71 16.70 20.11 36.51
CA GLY C 71 16.43 19.57 35.19
C GLY C 71 16.89 20.43 34.06
N VAL C 72 17.17 19.79 32.93
CA VAL C 72 17.49 20.48 31.70
C VAL C 72 16.53 20.04 30.61
N PHE C 73 15.91 21.03 29.95
CA PHE C 73 14.93 20.76 28.90
C PHE C 73 15.51 21.30 27.62
N VAL C 74 15.79 20.40 26.69
CA VAL C 74 16.34 20.79 25.40
C VAL C 74 15.18 20.88 24.40
N THR C 75 14.95 22.06 23.82
CA THR C 75 13.79 22.21 22.94
C THR C 75 14.20 22.40 21.46
N PHE C 76 13.71 21.50 20.61
CA PHE C 76 13.98 21.51 19.16
C PHE C 76 12.81 22.03 18.35
N GLU C 77 11.61 21.99 18.91
CA GLU C 77 10.40 22.40 18.16
C GLU C 77 9.94 23.78 18.63
N GLU C 78 9.61 23.87 19.91
CA GLU C 78 9.02 25.07 20.50
C GLU C 78 10.04 26.06 21.10
N THR C 79 9.65 27.33 21.19
CA THR C 79 10.52 28.31 21.84
C THR C 79 10.41 28.19 23.36
N PRO C 80 11.47 28.56 24.10
CA PRO C 80 11.34 28.51 25.56
C PRO C 80 10.17 29.35 26.08
N GLN C 81 9.89 30.49 25.44
CA GLN C 81 8.81 31.36 25.88
C GLN C 81 7.47 30.62 25.78
N ASP C 82 7.29 29.91 24.68
CA ASP C 82 6.06 29.16 24.50
C ASP C 82 5.95 27.95 25.43
N ILE C 83 7.06 27.23 25.64
CA ILE C 83 7.11 26.14 26.61
C ILE C 83 6.63 26.62 27.99
N ILE C 84 7.13 27.79 28.41
CA ILE C 84 6.79 28.33 29.72
C ILE C 84 5.32 28.76 29.76
N LYS C 85 4.88 29.43 28.70
CA LYS C 85 3.50 29.93 28.66
C LYS C 85 2.50 28.76 28.65
N ASN C 86 2.77 27.73 27.85
CA ASN C 86 1.85 26.60 27.78
C ASN C 86 1.80 25.75 29.06
N ALA C 87 2.91 25.70 29.79
CA ALA C 87 2.95 24.94 31.04
C ALA C 87 2.06 25.56 32.12
N ARG C 88 1.71 26.84 31.98
CA ARG C 88 0.75 27.45 32.90
C ARG C 88 -0.60 26.73 32.88
N SER C 89 -0.85 25.98 31.81
CA SER C 89 -2.10 25.22 31.65
C SER C 89 -2.26 24.21 32.80
N PHE C 90 -1.12 23.75 33.33
CA PHE C 90 -1.12 22.72 34.36
C PHE C 90 -0.74 23.29 35.74
N GLY C 91 -0.74 24.62 35.86
CA GLY C 91 -0.49 25.28 37.13
C GLY C 91 0.97 25.24 37.49
N TRP C 92 1.81 25.09 36.47
CA TRP C 92 3.23 25.05 36.69
C TRP C 92 3.89 26.36 36.32
N ASP C 93 4.61 26.94 37.28
CA ASP C 93 5.37 28.17 37.05
C ASP C 93 6.83 27.85 36.70
N LEU C 94 7.10 27.59 35.43
CA LEU C 94 8.49 27.27 35.01
C LEU C 94 9.46 28.46 35.06
N ALA C 95 8.95 29.67 34.84
CA ALA C 95 9.80 30.86 34.89
C ALA C 95 10.44 31.01 36.28
N LYS C 96 9.66 30.78 37.33
CA LYS C 96 10.19 30.79 38.69
C LYS C 96 11.34 29.77 38.89
N LEU C 97 11.16 28.57 38.35
CA LEU C 97 12.17 27.52 38.51
C LEU C 97 13.44 27.87 37.74
N VAL C 98 13.26 28.53 36.60
CA VAL C 98 14.40 28.97 35.80
C VAL C 98 15.12 30.08 36.57
N ASP C 99 14.35 31.00 37.15
CA ASP C 99 14.96 32.11 37.91
C ASP C 99 15.74 31.58 39.11
N GLU C 100 15.25 30.51 39.70
CA GLU C 100 15.85 29.89 40.87
C GLU C 100 17.00 28.97 40.51
N GLY C 101 17.22 28.76 39.22
CA GLY C 101 18.31 27.92 38.76
C GLY C 101 18.10 26.42 38.89
N LYS C 102 16.84 25.99 39.06
CA LYS C 102 16.52 24.57 39.22
C LYS C 102 16.12 23.94 37.89
N LEU C 103 15.72 24.79 36.94
CA LEU C 103 15.40 24.36 35.59
C LEU C 103 16.20 25.20 34.61
N PHE C 104 16.76 24.56 33.60
CA PHE C 104 17.34 25.30 32.49
C PHE C 104 16.68 24.85 31.19
N ILE C 105 16.15 25.80 30.42
CA ILE C 105 15.63 25.46 29.12
C ILE C 105 16.67 25.83 28.07
N LEU C 106 17.17 24.83 27.34
CA LEU C 106 18.21 25.07 26.33
C LEU C 106 17.56 25.22 24.95
N ASP C 107 17.68 26.40 24.33
CA ASP C 107 17.01 26.68 23.05
C ASP C 107 17.79 26.14 21.87
N ALA C 108 17.30 25.08 21.25
CA ALA C 108 17.82 24.60 19.97
C ALA C 108 16.71 24.57 18.90
N SER C 109 15.74 25.48 19.01
CA SER C 109 14.59 25.48 18.07
C SER C 109 15.02 26.21 16.80
N PRO C 110 14.89 26.73 15.74
CA PRO C 110 15.62 27.45 14.70
C PRO C 110 15.06 28.84 14.46
N ASP C 111 15.95 29.74 14.12
CA ASP C 111 15.57 30.99 13.49
C ASP C 111 14.77 30.68 12.23
N PRO C 112 13.67 31.37 11.99
CA PRO C 112 13.00 31.24 10.68
C PRO C 112 13.91 31.59 9.52
N GLU C 113 15.05 32.21 9.80
CA GLU C 113 15.90 32.81 8.78
C GLU C 113 17.07 31.93 8.35
N GLY C 114 17.13 30.68 8.83
CA GLY C 114 18.27 29.83 8.56
C GLY C 114 18.44 29.53 7.07
N GLN C 115 19.53 28.85 6.73
CA GLN C 115 19.99 28.75 5.36
C GLN C 115 20.50 27.34 5.07
N GLU C 116 21.13 27.20 3.90
CA GLU C 116 21.57 25.89 3.42
C GLU C 116 22.85 25.44 4.12
N VAL C 117 22.96 24.12 4.32
CA VAL C 117 24.01 23.52 5.12
C VAL C 117 24.41 22.20 4.47
N VAL C 118 25.65 21.83 4.70
CA VAL C 118 26.08 20.43 4.68
C VAL C 118 26.83 20.20 5.99
N GLY C 119 26.89 18.97 6.45
CA GLY C 119 27.61 18.63 7.66
C GLY C 119 26.70 18.64 8.87
N GLY C 120 26.99 17.70 9.76
CA GLY C 120 26.16 17.47 10.93
C GLY C 120 26.84 17.89 12.21
N PHE C 121 27.91 18.66 12.07
CA PHE C 121 28.73 18.99 13.23
C PHE C 121 27.98 19.87 14.21
N ASP C 122 26.77 20.30 13.83
CA ASP C 122 25.94 21.12 14.70
C ASP C 122 25.85 20.53 16.09
N LEU C 123 26.25 19.65 15.23
CA LEU C 123 25.52 19.08 16.34
C LEU C 123 26.47 18.57 17.42
N SER C 124 27.76 18.45 17.08
CA SER C 124 28.77 18.15 18.10
C SER C 124 28.81 19.27 19.11
N ALA C 125 28.73 20.50 18.60
CA ALA C 125 28.70 21.67 19.46
C ALA C 125 27.48 21.65 20.37
N LEU C 126 26.37 21.15 19.84
CA LEU C 126 25.12 21.07 20.58
C LEU C 126 25.25 20.11 21.76
N ILE C 127 25.81 18.93 21.50
CA ILE C 127 26.02 17.94 22.57
C ILE C 127 26.88 18.51 23.69
N GLU C 128 27.90 19.28 23.34
CA GLU C 128 28.76 19.89 24.34
C GLU C 128 28.03 20.94 25.18
N ARG C 129 27.10 21.68 24.58
CA ARG C 129 26.32 22.67 25.31
C ARG C 129 25.35 21.96 26.26
N ILE C 130 24.76 20.86 25.79
CA ILE C 130 23.90 20.04 26.64
C ILE C 130 24.69 19.55 27.84
N ASN C 131 25.87 18.97 27.60
CA ASN C 131 26.76 18.56 28.69
C ASN C 131 27.07 19.69 29.67
N TYR C 132 27.50 20.84 29.14
CA TYR C 132 27.82 21.97 30.00
C TYR C 132 26.64 22.40 30.89
N ALA C 133 25.44 22.41 30.31
CA ALA C 133 24.23 22.81 31.04
C ALA C 133 23.96 21.82 32.16
N ILE C 134 24.09 20.54 31.86
CA ILE C 134 23.82 19.52 32.87
C ILE C 134 24.74 19.70 34.06
N GLN C 135 26.02 19.97 33.77
CA GLN C 135 27.02 20.15 34.82
C GLN C 135 26.82 21.47 35.56
N LYS C 136 26.54 22.53 34.82
CA LYS C 136 26.30 23.84 35.43
C LYS C 136 25.13 23.84 36.41
N TYR C 137 24.02 23.21 36.02
CA TYR C 137 22.82 23.19 36.85
C TYR C 137 22.74 21.94 37.73
N ARG C 138 23.78 21.09 37.65
CA ARG C 138 23.85 19.82 38.39
C ARG C 138 22.57 19.03 38.19
N ALA C 139 22.14 18.95 36.94
CA ALA C 139 20.87 18.30 36.61
C ALA C 139 20.96 16.79 36.67
N ARG C 140 19.90 16.16 37.16
CA ARG C 140 19.87 14.70 37.17
C ARG C 140 18.82 14.18 36.19
N ARG C 141 17.94 15.07 35.75
CA ARG C 141 16.89 14.71 34.78
C ARG C 141 17.05 15.60 33.57
N VAL C 142 16.91 15.00 32.39
CA VAL C 142 17.00 15.72 31.13
C VAL C 142 15.80 15.36 30.24
N SER C 143 15.21 16.34 29.57
CA SER C 143 14.22 16.03 28.55
C SER C 143 14.70 16.60 27.22
N ILE C 144 14.60 15.78 26.16
CA ILE C 144 14.96 16.22 24.82
C ILE C 144 13.68 16.22 23.99
N ASP C 145 13.19 17.39 23.61
CA ASP C 145 11.87 17.44 22.99
C ASP C 145 11.90 17.55 21.47
N SER C 146 11.24 16.59 20.84
CA SER C 146 11.04 16.50 19.38
C SER C 146 12.31 16.12 18.60
N VAL C 147 12.77 14.89 18.82
CA VAL C 147 13.87 14.34 18.03
C VAL C 147 13.51 14.40 16.55
N THR C 148 12.24 14.15 16.22
CA THR C 148 11.75 14.30 14.86
C THR C 148 12.18 15.61 14.19
N SER C 149 12.06 16.71 14.91
CA SER C 149 12.40 18.04 14.40
C SER C 149 13.88 18.18 14.02
N VAL C 150 14.78 17.70 14.89
CA VAL C 150 16.19 17.79 14.55
C VAL C 150 16.46 16.92 13.31
N PHE C 151 15.72 15.83 13.14
CA PHE C 151 15.83 15.02 11.94
C PHE C 151 15.40 15.78 10.67
N GLN C 152 14.34 16.57 10.76
CA GLN C 152 13.83 17.28 9.60
C GLN C 152 14.72 18.43 9.18
N GLN C 153 15.56 18.93 10.09
CA GLN C 153 16.45 20.04 9.76
C GLN C 153 17.64 19.58 8.92
N TYR C 154 17.97 18.29 9.04
CA TYR C 154 19.10 17.70 8.33
C TYR C 154 18.62 16.62 7.35
N ASP C 155 17.30 16.55 7.16
CA ASP C 155 16.68 15.64 6.19
C ASP C 155 16.97 14.17 6.45
N ALA C 156 16.96 13.77 7.72
CA ALA C 156 17.20 12.38 8.12
C ALA C 156 18.49 11.78 7.54
N SER C 157 19.44 12.65 7.21
CA SER C 157 20.77 12.20 6.84
C SER C 157 21.38 11.46 8.03
N SER C 158 22.17 10.43 7.80
CA SER C 158 22.65 9.67 8.94
C SER C 158 23.77 10.40 9.65
N VAL C 159 23.97 11.66 9.29
CA VAL C 159 24.79 12.57 10.07
C VAL C 159 24.03 13.02 11.33
N VAL C 160 22.71 13.18 11.24
CA VAL C 160 21.89 13.48 12.41
C VAL C 160 21.67 12.19 13.19
N ARG C 161 21.65 11.06 12.49
CA ARG C 161 21.26 9.80 13.09
C ARG C 161 22.24 9.27 14.11
N ARG C 162 23.54 9.33 13.86
CA ARG C 162 24.49 8.91 14.85
C ARG C 162 25.22 10.09 15.52
N GLU C 163 24.81 11.29 15.14
CA GLU C 163 25.05 12.40 16.06
C GLU C 163 24.05 12.23 17.20
N LEU C 164 22.89 11.65 16.88
CA LEU C 164 21.92 11.29 17.89
C LEU C 164 22.49 10.21 18.82
N PHE C 165 23.16 9.21 18.24
CA PHE C 165 23.77 8.17 19.07
C PHE C 165 24.86 8.77 19.94
N ARG C 166 25.63 9.71 19.40
CA ARG C 166 26.62 10.43 20.19
C ARG C 166 25.96 11.14 21.39
N LEU C 167 24.76 11.69 21.17
CA LEU C 167 24.04 12.31 22.28
C LEU C 167 23.60 11.26 23.31
N VAL C 168 22.94 10.20 22.86
CA VAL C 168 22.44 9.15 23.77
C VAL C 168 23.60 8.60 24.62
N ALA C 169 24.72 8.32 23.95
CA ALA C 169 25.95 7.82 24.59
C ALA C 169 26.46 8.76 25.66
N ARG C 170 26.61 10.02 25.29
CA ARG C 170 27.14 11.03 26.20
C ARG C 170 26.24 11.26 27.40
N LEU C 171 24.93 11.20 27.20
CA LEU C 171 24.00 11.32 28.31
C LEU C 171 24.22 10.17 29.28
N LYS C 172 24.42 8.97 28.74
CA LYS C 172 24.60 7.79 29.57
C LYS C 172 25.89 7.90 30.38
N GLN C 173 26.92 8.48 29.78
CA GLN C 173 28.19 8.69 30.46
C GLN C 173 28.06 9.64 31.66
N ILE C 174 27.33 10.75 31.50
CA ILE C 174 27.14 11.68 32.61
C ILE C 174 26.22 11.08 33.69
N GLY C 175 25.51 10.02 33.34
CA GLY C 175 24.54 9.41 34.24
C GLY C 175 23.21 10.17 34.29
N ALA C 176 22.94 10.97 33.27
CA ALA C 176 21.68 11.68 33.18
C ALA C 176 20.53 10.68 32.96
N THR C 177 19.37 10.93 33.55
CA THR C 177 18.20 10.11 33.23
C THR C 177 17.33 10.95 32.30
N THR C 178 17.05 10.43 31.11
CA THR C 178 16.63 11.31 30.02
C THR C 178 15.32 10.82 29.39
N VAL C 179 14.40 11.75 29.09
CA VAL C 179 13.23 11.46 28.26
C VAL C 179 13.49 12.13 26.92
N MET C 180 13.27 11.38 25.85
CA MET C 180 13.34 11.92 24.51
C MET C 180 11.99 11.74 23.82
N THR C 181 11.41 12.83 23.33
CA THR C 181 10.12 12.69 22.64
C THR C 181 10.32 12.69 21.13
N THR C 182 9.43 11.98 20.45
CA THR C 182 9.51 11.92 19.01
C THR C 182 8.17 11.57 18.38
N GLU C 183 7.99 11.92 17.11
CA GLU C 183 6.69 11.76 16.47
C GLU C 183 6.52 10.40 15.75
N ARG C 184 5.29 9.93 15.67
CA ARG C 184 4.98 8.84 14.75
C ARG C 184 3.74 9.25 13.99
N ILE C 185 3.48 8.58 12.86
CA ILE C 185 2.37 8.95 11.95
C ILE C 185 1.08 8.19 12.19
N GLU C 186 1.17 6.90 12.54
CA GLU C 186 -0.03 6.09 12.73
C GLU C 186 -0.19 5.65 14.17
N GLU C 187 -1.42 5.43 14.61
CA GLU C 187 -1.59 4.94 15.99
C GLU C 187 -1.11 3.50 16.15
N TYR C 188 -1.39 2.66 15.15
CA TYR C 188 -0.91 1.27 15.23
C TYR C 188 -0.06 1.00 14.02
N GLY C 189 1.19 1.43 14.10
CA GLY C 189 2.14 1.28 13.03
C GLY C 189 3.53 1.38 13.64
N PRO C 190 4.50 1.84 12.84
CA PRO C 190 5.89 1.92 13.31
C PRO C 190 6.01 2.71 14.63
N ILE C 191 7.00 2.36 15.41
CA ILE C 191 7.20 3.00 16.72
C ILE C 191 7.52 4.49 16.59
N ALA C 192 8.32 4.85 15.60
CA ALA C 192 8.78 6.23 15.49
C ALA C 192 9.10 6.55 14.06
N ARG C 193 8.69 7.74 13.64
CA ARG C 193 9.08 8.23 12.34
C ARG C 193 10.60 8.29 12.31
N TYR C 194 11.14 8.01 11.12
CA TYR C 194 12.56 7.96 10.84
C TYR C 194 13.33 6.87 11.56
N GLY C 195 12.65 5.93 12.22
CA GLY C 195 13.36 4.89 12.96
C GLY C 195 14.14 5.36 14.19
N VAL C 196 13.62 6.39 14.87
CA VAL C 196 14.31 6.89 16.05
C VAL C 196 14.58 5.83 17.16
N GLU C 197 13.77 4.78 17.26
CA GLU C 197 13.90 3.82 18.35
C GLU C 197 15.15 2.96 18.25
N GLU C 198 15.85 3.08 17.14
CA GLU C 198 17.13 2.40 16.97
C GLU C 198 18.24 3.03 17.83
N PHE C 199 18.12 4.32 18.14
CA PHE C 199 19.13 5.04 18.93
C PHE C 199 18.73 5.25 20.37
N VAL C 200 17.51 5.73 20.57
CA VAL C 200 16.95 5.80 21.92
C VAL C 200 16.32 4.45 22.15
N SER C 201 17.19 3.44 22.29
CA SER C 201 16.75 2.06 22.20
C SER C 201 16.54 1.37 23.54
N ASP C 202 17.11 1.89 24.62
CA ASP C 202 17.00 1.20 25.92
C ASP C 202 15.54 1.03 26.36
N ASN C 203 14.79 2.13 26.40
CA ASN C 203 13.40 2.08 26.88
C ASN C 203 12.46 2.77 25.87
N VAL C 204 11.29 2.19 25.67
CA VAL C 204 10.31 2.75 24.72
C VAL C 204 8.92 2.84 25.34
N VAL C 205 8.36 4.04 25.32
CA VAL C 205 7.00 4.31 25.79
C VAL C 205 6.23 4.84 24.58
N ILE C 206 5.01 4.34 24.35
CA ILE C 206 4.20 4.79 23.23
C ILE C 206 2.90 5.45 23.73
N LEU C 207 2.70 6.71 23.34
CA LEU C 207 1.43 7.40 23.63
C LEU C 207 0.55 7.30 22.39
N ARG C 208 -0.72 6.99 22.58
CA ARG C 208 -1.65 6.87 21.48
C ARG C 208 -2.88 7.73 21.75
N ASN C 209 -3.52 8.13 20.67
CA ASN C 209 -4.73 8.93 20.69
C ASN C 209 -5.66 8.21 19.69
N VAL C 210 -6.32 7.15 20.12
CA VAL C 210 -6.96 6.27 19.14
C VAL C 210 -8.38 6.72 18.84
N LEU C 211 -8.77 6.67 17.56
CA LEU C 211 -10.15 6.95 17.20
C LEU C 211 -11.05 5.73 17.47
N GLU C 212 -12.03 5.93 18.35
CA GLU C 212 -13.06 4.95 18.66
C GLU C 212 -14.32 5.52 18.05
N GLY C 213 -14.59 5.18 16.80
CA GLY C 213 -15.70 5.78 16.07
C GLY C 213 -15.28 7.24 15.88
N GLU C 214 -16.07 8.17 16.38
CA GLU C 214 -15.67 9.58 16.24
C GLU C 214 -15.10 10.12 17.53
N ARG C 215 -14.89 9.26 18.52
CA ARG C 215 -14.34 9.69 19.81
C ARG C 215 -12.84 9.33 19.88
N ARG C 216 -12.10 10.07 20.72
CA ARG C 216 -10.65 9.77 20.94
C ARG C 216 -10.46 9.18 22.32
N ARG C 217 -9.60 8.16 22.39
CA ARG C 217 -9.21 7.55 23.66
C ARG C 217 -7.67 7.62 23.79
N ARG C 218 -7.14 8.26 24.86
CA ARG C 218 -5.68 8.36 25.02
C ARG C 218 -5.18 7.14 25.78
N THR C 219 -4.08 6.55 25.32
CA THR C 219 -3.46 5.44 26.04
C THR C 219 -1.95 5.56 26.06
N LEU C 220 -1.36 4.92 27.07
CA LEU C 220 0.08 4.92 27.26
C LEU C 220 0.49 3.45 27.33
N GLU C 221 1.56 3.08 26.65
CA GLU C 221 2.08 1.71 26.73
C GLU C 221 3.56 1.77 27.00
N ILE C 222 4.05 1.00 27.97
CA ILE C 222 5.50 0.79 28.05
C ILE C 222 5.82 -0.46 27.22
N LEU C 223 6.44 -0.25 26.06
CA LEU C 223 6.71 -1.36 25.16
C LEU C 223 7.89 -2.22 25.65
N LYS C 224 8.89 -1.54 26.18
CA LYS C 224 10.19 -2.14 26.47
C LYS C 224 10.92 -1.33 27.55
N LEU C 225 11.47 -2.03 28.55
CA LEU C 225 12.44 -1.43 29.48
C LEU C 225 13.55 -2.46 29.61
N ARG C 226 14.71 -2.18 29.06
CA ARG C 226 15.80 -3.15 29.12
C ARG C 226 16.19 -3.42 30.55
N GLY C 227 16.42 -4.70 30.88
CA GLY C 227 16.97 -5.04 32.19
C GLY C 227 16.03 -4.95 33.38
N THR C 228 14.74 -4.81 33.13
CA THR C 228 13.80 -4.70 34.23
C THR C 228 12.34 -5.02 33.79
N SER C 229 11.46 -5.20 34.76
CA SER C 229 10.08 -5.55 34.49
C SER C 229 9.20 -4.33 34.37
N HIS C 230 8.03 -4.53 33.76
CA HIS C 230 7.03 -3.48 33.60
C HIS C 230 5.72 -4.12 33.19
N MET C 231 4.62 -3.42 33.46
CA MET C 231 3.32 -3.82 32.96
C MET C 231 3.24 -3.69 31.44
N LYS C 232 2.39 -4.53 30.85
CA LYS C 232 2.28 -4.67 29.40
C LYS C 232 0.95 -4.18 28.84
N GLY C 233 1.01 -3.74 27.59
CA GLY C 233 -0.16 -3.33 26.83
C GLY C 233 -0.50 -1.88 27.08
N GLU C 234 -1.70 -1.47 26.68
CA GLU C 234 -2.10 -0.08 26.79
C GLU C 234 -2.88 0.22 28.05
N TYR C 235 -2.65 1.41 28.61
CA TYR C 235 -3.38 1.90 29.78
C TYR C 235 -3.97 3.26 29.47
N PRO C 236 -5.28 3.42 29.68
CA PRO C 236 -5.87 4.71 29.33
C PRO C 236 -5.47 5.83 30.30
N PHE C 237 -5.43 7.05 29.77
CA PHE C 237 -5.15 8.22 30.59
C PHE C 237 -5.88 9.42 30.06
N THR C 238 -5.95 10.47 30.89
CA THR C 238 -6.47 11.75 30.42
C THR C 238 -5.47 12.83 30.76
N ILE C 239 -5.61 13.97 30.09
CA ILE C 239 -4.78 15.12 30.41
C ILE C 239 -5.71 16.08 31.13
N THR C 240 -5.28 16.56 32.28
CA THR C 240 -6.07 17.36 33.20
C THR C 240 -5.33 18.63 33.49
N ASP C 241 -5.92 19.48 34.33
CA ASP C 241 -5.26 20.70 34.78
C ASP C 241 -4.10 20.36 35.69
N HIS C 242 -3.93 19.09 36.05
CA HIS C 242 -2.73 18.70 36.80
C HIS C 242 -1.77 17.81 35.99
N GLY C 243 -1.93 17.79 34.67
CA GLY C 243 -1.05 17.01 33.81
C GLY C 243 -1.59 15.63 33.45
N ILE C 244 -0.69 14.69 33.20
CA ILE C 244 -1.13 13.37 32.82
C ILE C 244 -1.69 12.61 34.01
N ASN C 245 -2.81 11.94 33.80
CA ASN C 245 -3.40 11.11 34.84
C ASN C 245 -3.78 9.73 34.29
N ILE C 246 -2.99 8.71 34.62
CA ILE C 246 -3.24 7.34 34.18
C ILE C 246 -4.00 6.55 35.23
N PHE C 247 -4.64 5.46 34.83
CA PHE C 247 -5.15 4.47 35.76
C PHE C 247 -4.94 3.05 35.22
N PRO C 248 -4.39 2.52 36.95
CA PRO C 248 -3.75 1.18 37.04
C PRO C 248 -4.78 0.10 37.34
N LEU C 249 -5.44 -0.37 36.29
CA LEU C 249 -6.45 -1.40 36.48
C LEU C 249 -5.83 -2.68 37.04
N GLY C 250 -4.84 -3.23 36.35
CA GLY C 250 -4.25 -4.47 36.80
C GLY C 250 -3.53 -4.35 38.13
N ALA C 251 -2.89 -3.22 38.38
CA ALA C 251 -2.03 -3.08 39.55
C ALA C 251 -2.78 -3.07 40.87
N MET C 252 -4.09 -2.82 40.84
CA MET C 252 -4.84 -2.70 42.07
C MET C 252 -4.70 -3.97 42.91
N ARG C 253 -4.71 -3.79 44.22
CA ARG C 253 -4.57 -4.92 45.13
C ARG C 253 -5.63 -4.85 46.21
N LEU C 254 -5.90 -6.02 46.79
CA LEU C 254 -7.14 -6.32 47.49
C LEU C 254 -7.06 -6.12 49.00
N THR C 255 -5.96 -5.54 49.49
CA THR C 255 -5.62 -5.56 50.91
C THR C 255 -6.70 -4.96 51.81
N GLN C 256 -7.68 -4.27 51.24
CA GLN C 256 -8.61 -3.47 52.03
C GLN C 256 -9.45 -4.31 52.99
N ARG C 257 -9.67 -3.77 54.18
CA ARG C 257 -10.33 -4.42 55.30
C ARG C 257 -11.84 -4.48 55.13
N SER C 258 -12.47 -5.36 55.92
CA SER C 258 -13.91 -5.52 55.94
C SER C 258 -14.39 -5.70 57.38
N SER C 259 -15.68 -5.51 57.60
CA SER C 259 -16.25 -5.65 58.94
C SER C 259 -17.75 -5.88 58.84
N ASN C 260 -18.33 -6.38 59.92
CA ASN C 260 -19.74 -6.74 59.95
C ASN C 260 -20.63 -5.58 60.33
N VAL C 261 -20.06 -4.39 60.45
CA VAL C 261 -20.86 -3.22 60.77
C VAL C 261 -22.00 -3.09 59.78
N ARG C 262 -23.22 -3.00 60.30
CA ARG C 262 -24.36 -2.82 59.44
C ARG C 262 -24.59 -1.33 59.15
N VAL C 263 -25.57 -1.06 58.29
CA VAL C 263 -26.02 0.31 58.00
C VAL C 263 -27.52 0.27 57.74
N SER C 264 -28.23 1.26 58.27
CA SER C 264 -29.65 1.41 57.99
C SER C 264 -29.86 1.99 56.61
N SER C 265 -30.81 1.43 55.88
CA SER C 265 -31.20 2.03 54.60
C SER C 265 -32.12 3.21 54.81
N GLY C 266 -33.06 3.09 55.73
CA GLY C 266 -34.18 3.99 55.83
C GLY C 266 -35.52 3.38 55.47
N VAL C 267 -35.57 2.16 54.97
CA VAL C 267 -36.82 1.42 54.88
C VAL C 267 -36.71 0.22 55.81
N VAL C 268 -37.37 0.30 56.96
CA VAL C 268 -37.18 -0.70 58.00
C VAL C 268 -37.75 -2.04 57.56
N ARG C 269 -39.02 -2.04 57.15
CA ARG C 269 -39.67 -3.24 56.65
C ARG C 269 -38.77 -3.98 55.69
N LEU C 270 -38.18 -3.27 54.75
CA LEU C 270 -37.18 -3.86 53.89
C LEU C 270 -35.98 -4.31 54.70
N ASP C 271 -35.39 -3.40 55.45
CA ASP C 271 -34.21 -3.72 56.22
C ASP C 271 -34.47 -4.86 57.19
N GLU C 272 -35.74 -5.09 57.52
CA GLU C 272 -36.10 -6.27 58.28
C GLU C 272 -35.83 -7.53 57.48
N MET C 273 -36.11 -7.52 56.17
CA MET C 273 -35.64 -8.60 55.35
C MET C 273 -34.15 -8.50 55.07
N CYS C 274 -33.53 -7.40 55.46
CA CYS C 274 -32.08 -7.30 55.41
C CYS C 274 -31.43 -7.77 56.70
N GLY C 275 -32.20 -8.29 57.64
CA GLY C 275 -31.66 -8.83 58.86
C GLY C 275 -30.77 -7.84 59.56
N GLY C 276 -31.29 -6.65 59.82
CA GLY C 276 -30.49 -5.61 60.40
C GLY C 276 -29.79 -4.72 59.41
N GLY C 277 -30.26 -4.66 58.17
CA GLY C 277 -29.74 -3.69 57.23
C GLY C 277 -28.48 -4.14 56.54
N PHE C 278 -28.01 -3.25 55.67
CA PHE C 278 -26.88 -3.52 54.81
C PHE C 278 -25.58 -3.55 55.60
N PHE C 279 -24.57 -4.18 55.01
CA PHE C 279 -23.21 -4.08 55.54
C PHE C 279 -22.65 -2.70 55.27
N LYS C 280 -21.95 -2.16 56.25
CA LYS C 280 -21.22 -0.92 56.02
C LYS C 280 -20.34 -1.03 54.79
N ASP C 281 -19.52 -2.07 54.74
CA ASP C 281 -18.62 -2.29 53.63
C ASP C 281 -19.25 -3.34 52.74
N SER C 282 -19.74 -2.90 51.59
CA SER C 282 -20.47 -3.75 50.65
C SER C 282 -20.98 -2.86 49.52
N ILE C 283 -21.37 -3.50 48.41
CA ILE C 283 -21.85 -2.79 47.23
C ILE C 283 -23.24 -3.31 46.93
N ILE C 284 -24.17 -2.41 46.61
CA ILE C 284 -25.57 -2.77 46.44
C ILE C 284 -25.96 -2.58 45.00
N LEU C 285 -26.60 -3.59 44.42
CA LEU C 285 -26.99 -3.56 43.02
C LEU C 285 -28.48 -3.84 42.90
N ALA C 286 -29.23 -2.84 42.46
CA ALA C 286 -30.65 -2.97 42.21
C ALA C 286 -30.92 -2.73 40.74
N THR C 287 -31.75 -3.58 40.15
CA THR C 287 -31.96 -3.55 38.72
C THR C 287 -33.31 -4.18 38.42
N GLY C 288 -33.84 -3.86 37.25
CA GLY C 288 -35.12 -4.41 36.84
C GLY C 288 -35.69 -3.60 35.70
N ALA C 289 -37.01 -3.67 35.59
CA ALA C 289 -37.71 -2.89 34.57
C ALA C 289 -37.59 -1.41 34.87
N THR C 290 -37.87 -0.62 33.85
CA THR C 290 -38.03 0.80 34.09
C THR C 290 -39.26 1.03 34.94
N GLY C 291 -39.31 2.22 35.55
CA GLY C 291 -40.47 2.66 36.30
C GLY C 291 -40.58 2.13 37.70
N THR C 292 -39.75 1.17 38.08
CA THR C 292 -40.02 0.39 39.27
C THR C 292 -39.63 1.11 40.54
N GLY C 293 -39.12 2.33 40.45
CA GLY C 293 -38.62 3.00 41.62
C GLY C 293 -37.13 2.92 41.80
N LYS C 294 -36.40 2.55 40.75
CA LYS C 294 -34.95 2.57 40.82
C LYS C 294 -34.49 3.93 41.31
N THR C 295 -34.92 4.98 40.60
CA THR C 295 -34.56 6.33 41.01
C THR C 295 -35.11 6.62 42.40
N LEU C 296 -36.24 6.02 42.76
CA LEU C 296 -36.81 6.20 44.09
C LEU C 296 -35.85 5.78 45.19
N LEU C 297 -35.54 4.48 45.24
CA LEU C 297 -34.94 3.90 46.43
C LEU C 297 -33.68 4.63 46.84
N VAL C 298 -33.04 5.31 45.91
CA VAL C 298 -31.97 6.25 46.24
C VAL C 298 -32.42 7.16 47.36
N SER C 299 -33.61 7.73 47.23
CA SER C 299 -34.04 8.82 48.10
C SER C 299 -34.21 8.33 49.53
N ARG C 300 -35.01 7.29 49.73
CA ARG C 300 -35.11 6.69 51.05
C ARG C 300 -33.73 6.41 51.61
N PHE C 301 -32.86 5.83 50.79
CA PHE C 301 -31.51 5.51 51.26
C PHE C 301 -30.72 6.76 51.54
N VAL C 302 -30.58 7.62 50.54
CA VAL C 302 -29.62 8.72 50.66
C VAL C 302 -30.02 9.66 51.79
N GLU C 303 -31.31 9.97 51.89
CA GLU C 303 -31.76 10.91 52.91
C GLU C 303 -31.29 10.49 54.29
N ASN C 304 -31.34 9.19 54.58
CA ASN C 304 -31.15 8.70 55.94
C ASN C 304 -29.89 9.28 56.57
N ALA C 305 -28.87 9.53 55.76
CA ALA C 305 -27.61 10.01 56.29
C ALA C 305 -27.77 11.30 57.08
N CYS C 306 -28.60 12.21 56.57
CA CYS C 306 -28.75 13.50 57.22
C CYS C 306 -29.24 13.33 58.65
N ALA C 307 -30.31 12.56 58.84
CA ALA C 307 -30.79 12.28 60.18
C ALA C 307 -29.69 11.71 61.06
N ASN C 308 -28.70 11.08 60.46
CA ASN C 308 -27.54 10.62 61.18
C ASN C 308 -26.39 11.61 61.13
N LYS C 309 -26.60 12.75 60.49
CA LYS C 309 -25.60 13.82 60.45
C LYS C 309 -24.28 13.31 59.90
N GLU C 310 -24.35 12.39 58.96
CA GLU C 310 -23.16 11.86 58.32
C GLU C 310 -23.19 12.24 56.84
N ARG C 311 -22.00 12.30 56.26
CA ARG C 311 -21.85 12.87 54.93
C ARG C 311 -22.61 12.06 53.88
N ALA C 312 -23.05 12.73 52.81
CA ALA C 312 -23.63 12.04 51.68
C ALA C 312 -23.49 12.87 50.41
N ILE C 313 -23.35 12.18 49.26
CA ILE C 313 -23.27 12.81 47.94
C ILE C 313 -23.88 11.88 46.90
N LEU C 314 -24.56 12.47 45.92
CA LEU C 314 -25.23 11.72 44.86
C LEU C 314 -24.73 12.11 43.47
N PHE C 315 -24.75 11.13 42.55
CA PHE C 315 -24.57 11.36 41.12
C PHE C 315 -25.87 11.04 40.40
N ALA C 316 -26.16 11.76 39.32
CA ALA C 316 -27.34 11.47 38.52
C ALA C 316 -27.06 11.69 37.03
N TYR C 317 -27.33 10.67 36.22
CA TYR C 317 -27.31 10.84 34.77
C TYR C 317 -28.68 10.89 34.11
N GLU C 318 -29.77 10.65 34.83
CA GLU C 318 -31.04 10.55 34.13
C GLU C 318 -31.91 11.79 34.19
N GLU C 319 -31.66 12.73 35.11
CA GLU C 319 -32.69 13.73 35.39
C GLU C 319 -32.06 14.98 35.99
N SER C 320 -32.84 16.05 35.96
CA SER C 320 -32.46 17.31 36.59
C SER C 320 -32.72 17.25 38.08
N ARG C 321 -31.97 18.07 38.80
CA ARG C 321 -32.32 18.32 40.19
C ARG C 321 -33.79 18.68 40.30
N ALA C 322 -34.24 19.63 39.49
CA ALA C 322 -35.62 20.07 39.54
C ALA C 322 -36.57 18.89 39.44
N GLN C 323 -36.41 18.09 38.40
CA GLN C 323 -37.20 16.88 38.27
C GLN C 323 -37.12 16.07 39.55
N LEU C 324 -35.89 15.76 39.97
CA LEU C 324 -35.71 15.16 41.27
C LEU C 324 -36.41 15.98 42.34
N LEU C 325 -36.08 17.26 42.42
CA LEU C 325 -36.76 18.12 43.37
C LEU C 325 -38.27 18.02 43.21
N ARG C 326 -38.73 18.03 41.96
CA ARG C 326 -40.17 17.96 41.78
C ARG C 326 -40.70 16.64 42.30
N ASN C 327 -39.89 15.59 42.25
CA ASN C 327 -40.23 14.37 42.95
C ASN C 327 -39.86 14.43 44.42
N ALA C 328 -38.77 15.14 44.74
CA ALA C 328 -38.25 15.15 46.10
C ALA C 328 -39.30 15.57 47.09
N TYR C 329 -39.65 16.86 47.09
CA TYR C 329 -40.62 17.33 48.06
C TYR C 329 -41.94 16.59 47.90
N SER C 330 -42.30 16.29 46.65
CA SER C 330 -43.40 15.36 46.42
C SER C 330 -43.21 14.10 47.24
N TRP C 331 -41.99 13.59 47.26
CA TRP C 331 -41.66 12.45 48.10
C TRP C 331 -41.11 12.88 49.45
N GLY C 332 -41.02 14.18 49.71
CA GLY C 332 -40.52 14.66 50.98
C GLY C 332 -39.02 14.81 51.02
N MET C 333 -38.42 14.61 52.19
CA MET C 333 -36.98 14.68 52.38
C MET C 333 -36.36 15.93 51.73
N ASP C 334 -36.48 17.06 52.40
CA ASP C 334 -35.90 18.30 51.93
C ASP C 334 -34.45 18.13 51.51
N PHE C 335 -34.14 18.56 50.30
CA PHE C 335 -32.76 18.72 49.90
C PHE C 335 -32.20 20.06 50.30
N GLU C 336 -33.07 21.08 50.29
CA GLU C 336 -32.63 22.46 50.13
C GLU C 336 -31.59 22.85 51.16
N GLU C 337 -31.95 22.74 52.44
CA GLU C 337 -30.96 23.06 53.46
C GLU C 337 -29.96 21.95 53.64
N MET C 338 -30.40 20.69 53.50
CA MET C 338 -29.47 19.57 53.50
C MET C 338 -28.34 19.83 52.53
N GLU C 339 -28.68 20.39 51.37
CA GLU C 339 -27.68 20.89 50.45
C GLU C 339 -26.79 21.93 51.14
N ARG C 340 -27.41 22.94 51.73
CA ARG C 340 -26.63 23.96 52.42
C ARG C 340 -25.90 23.37 53.61
N GLN C 341 -26.61 22.64 54.46
CA GLN C 341 -25.99 21.98 55.59
C GLN C 341 -25.02 20.92 55.11
N ASN C 342 -24.97 20.74 53.79
CA ASN C 342 -23.83 20.12 53.15
C ASN C 342 -23.69 18.66 53.54
N LEU C 343 -24.82 17.99 53.74
CA LEU C 343 -24.84 16.55 53.73
C LEU C 343 -25.30 15.99 52.40
N LEU C 344 -25.56 16.84 51.42
CA LEU C 344 -26.09 16.40 50.14
C LEU C 344 -25.48 17.19 49.00
N LYS C 345 -25.19 16.50 47.90
CA LYS C 345 -24.57 17.15 46.75
C LYS C 345 -24.89 16.32 45.51
N ILE C 346 -24.82 16.98 44.35
CA ILE C 346 -25.45 16.49 43.12
C ILE C 346 -24.50 16.75 41.95
N VAL C 347 -24.79 16.13 40.80
CA VAL C 347 -23.92 16.20 39.63
C VAL C 347 -24.58 16.92 38.46
N CYS C 348 -25.62 16.31 37.89
CA CYS C 348 -26.30 16.80 36.69
C CYS C 348 -25.34 16.87 35.49
N ALA C 349 -25.00 15.68 35.00
CA ALA C 349 -24.18 15.56 33.80
C ALA C 349 -24.91 14.70 32.78
N TYR C 350 -24.30 14.59 31.59
CA TYR C 350 -24.81 13.75 30.51
C TYR C 350 -23.78 12.68 30.17
N PRO C 351 -24.15 11.40 30.29
CA PRO C 351 -23.13 10.33 30.36
C PRO C 351 -22.09 10.36 29.26
N GLU C 352 -22.41 10.92 28.12
CA GLU C 352 -21.51 10.89 26.98
C GLU C 352 -20.60 12.10 26.93
N SER C 353 -20.64 12.94 27.97
CA SER C 353 -19.92 14.21 27.96
C SER C 353 -18.43 14.06 27.75
N ALA C 354 -17.89 12.86 27.86
CA ALA C 354 -16.47 12.62 27.64
C ALA C 354 -16.29 11.11 27.53
N GLY C 355 -15.04 10.68 27.49
CA GLY C 355 -14.76 9.25 27.54
C GLY C 355 -15.33 8.63 28.80
N LEU C 356 -15.62 7.34 28.71
CA LEU C 356 -16.24 6.64 29.82
C LEU C 356 -15.45 6.84 31.10
N GLU C 357 -14.15 6.52 31.04
CA GLU C 357 -13.32 6.63 32.22
C GLU C 357 -13.26 8.06 32.75
N ASP C 358 -13.42 9.04 31.87
CA ASP C 358 -13.28 10.43 32.29
C ASP C 358 -14.21 10.71 33.45
N HIS C 359 -15.42 10.18 33.37
CA HIS C 359 -16.34 10.21 34.50
C HIS C 359 -15.66 9.68 35.75
N LEU C 360 -15.01 8.53 35.64
CA LEU C 360 -14.39 7.91 36.80
C LEU C 360 -13.42 8.87 37.47
N GLN C 361 -12.68 9.63 36.67
CA GLN C 361 -11.83 10.65 37.27
C GLN C 361 -12.68 11.69 37.96
N ILE C 362 -13.71 12.20 37.27
CA ILE C 362 -14.64 13.15 37.86
C ILE C 362 -15.09 12.64 39.21
N ILE C 363 -15.44 11.36 39.26
CA ILE C 363 -15.90 10.74 40.50
C ILE C 363 -14.86 10.91 41.60
N LYS C 364 -13.68 10.33 41.40
CA LYS C 364 -12.67 10.26 42.46
C LYS C 364 -12.38 11.63 43.04
N SER C 365 -12.03 12.59 42.17
CA SER C 365 -11.79 13.95 42.62
C SER C 365 -12.93 14.43 43.49
N GLU C 366 -14.15 14.30 43.00
CA GLU C 366 -15.33 14.59 43.82
C GLU C 366 -15.30 13.78 45.11
N ILE C 367 -15.09 12.48 44.99
CA ILE C 367 -14.93 11.67 46.20
C ILE C 367 -13.78 12.20 47.03
N ASN C 368 -12.67 12.53 46.39
CA ASN C 368 -11.58 13.16 47.12
C ASN C 368 -12.07 14.37 47.88
N ASP C 369 -12.94 15.16 47.26
CA ASP C 369 -13.37 16.41 47.86
C ASP C 369 -14.06 16.21 49.21
N PHE C 370 -15.30 15.74 49.17
CA PHE C 370 -16.10 15.69 50.38
C PHE C 370 -16.14 14.31 51.02
N LYS C 371 -15.69 13.27 50.31
CA LYS C 371 -15.60 11.88 50.74
C LYS C 371 -16.69 11.42 51.71
N PRO C 372 -17.95 11.40 51.29
CA PRO C 372 -18.99 10.75 52.08
C PRO C 372 -18.97 9.25 51.92
N ALA C 373 -19.54 8.56 52.90
CA ALA C 373 -19.55 7.11 52.89
C ALA C 373 -20.57 6.54 51.93
N ARG C 374 -21.59 7.30 51.56
CA ARG C 374 -22.61 6.82 50.64
C ARG C 374 -22.37 7.39 49.25
N ILE C 375 -22.72 6.59 48.25
CA ILE C 375 -22.69 7.06 46.86
C ILE C 375 -23.68 6.23 46.06
N ALA C 376 -24.23 6.82 45.01
CA ALA C 376 -25.15 6.10 44.16
C ALA C 376 -24.91 6.44 42.70
N ILE C 377 -24.64 5.42 41.90
CA ILE C 377 -24.55 5.57 40.45
C ILE C 377 -25.95 5.60 39.86
N ASP C 378 -26.12 6.42 38.83
CA ASP C 378 -27.34 6.49 38.04
C ASP C 378 -27.14 5.81 36.70
N SER C 379 -28.03 4.89 36.36
CA SER C 379 -28.22 4.42 34.98
C SER C 379 -26.93 3.87 34.37
N LEU C 380 -26.54 2.70 34.86
CA LEU C 380 -25.52 1.95 34.16
C LEU C 380 -25.86 1.81 32.68
N SER C 381 -27.16 1.73 32.37
CA SER C 381 -27.60 1.49 31.01
C SER C 381 -27.06 2.54 30.05
N ALA C 382 -27.38 3.81 30.31
CA ALA C 382 -26.85 4.87 29.46
C ALA C 382 -25.33 4.84 29.44
N LEU C 383 -24.72 4.49 30.56
CA LEU C 383 -23.29 4.34 30.60
C LEU C 383 -22.80 3.21 29.73
N ALA C 384 -23.69 2.29 29.35
CA ALA C 384 -23.33 1.17 28.50
C ALA C 384 -23.62 1.42 27.03
N ARG C 385 -24.11 2.60 26.69
CA ARG C 385 -24.52 2.85 25.31
C ARG C 385 -23.31 2.95 24.40
N GLY C 386 -23.39 2.29 23.26
CA GLY C 386 -22.37 2.42 22.23
C GLY C 386 -20.99 2.02 22.70
N VAL C 387 -20.91 1.07 23.62
CA VAL C 387 -19.64 0.64 24.19
C VAL C 387 -19.58 -0.87 24.21
N SER C 388 -18.41 -1.41 23.94
CA SER C 388 -18.17 -2.84 24.13
C SER C 388 -18.48 -3.21 25.56
N ASN C 389 -19.13 -4.36 25.74
CA ASN C 389 -19.36 -4.88 27.07
C ASN C 389 -18.08 -4.83 27.88
N ASN C 390 -16.99 -5.32 27.30
CA ASN C 390 -15.68 -5.36 27.94
C ASN C 390 -15.35 -4.04 28.61
N ALA C 391 -15.14 -3.00 27.80
CA ALA C 391 -14.79 -1.70 28.34
C ALA C 391 -15.77 -1.29 29.43
N PHE C 392 -17.07 -1.30 29.10
CA PHE C 392 -18.09 -1.04 30.10
C PHE C 392 -17.91 -1.94 31.31
N ARG C 393 -17.82 -3.25 31.06
CA ARG C 393 -17.50 -4.17 32.14
C ARG C 393 -16.19 -3.77 32.82
N GLN C 394 -15.19 -3.44 32.02
CA GLN C 394 -13.91 -3.03 32.60
C GLN C 394 -14.05 -1.70 33.33
N PHE C 395 -15.02 -0.88 32.92
CA PHE C 395 -15.27 0.36 33.63
C PHE C 395 -15.66 0.11 35.07
N VAL C 396 -16.71 -0.68 35.28
CA VAL C 396 -17.23 -0.89 36.63
C VAL C 396 -16.16 -1.49 37.52
N ILE C 397 -15.41 -2.45 36.99
CA ILE C 397 -14.29 -3.03 37.73
C ILE C 397 -13.41 -1.93 38.27
N GLY C 398 -13.18 -0.89 37.46
CA GLY C 398 -12.54 0.30 37.98
C GLY C 398 -13.33 0.89 39.13
N VAL C 399 -14.62 1.15 38.91
CA VAL C 399 -15.44 1.73 39.95
C VAL C 399 -15.43 0.85 41.18
N THR C 400 -15.35 -0.46 40.98
CA THR C 400 -15.34 -1.43 42.06
C THR C 400 -14.36 -1.04 43.15
N GLY C 401 -13.06 -1.14 42.84
CA GLY C 401 -12.06 -1.01 43.88
C GLY C 401 -12.04 0.35 44.54
N TYR C 402 -11.91 1.41 43.73
CA TYR C 402 -11.84 2.74 44.31
C TYR C 402 -13.01 2.97 45.24
N ALA C 403 -14.19 2.47 44.84
CA ALA C 403 -15.29 2.40 45.78
C ALA C 403 -14.89 1.60 47.01
N LYS C 404 -14.45 0.36 46.80
CA LYS C 404 -14.15 -0.50 47.93
C LYS C 404 -12.99 0.03 48.74
N GLN C 405 -11.90 0.43 48.08
CA GLN C 405 -10.70 0.78 48.81
C GLN C 405 -10.93 1.99 49.69
N GLU C 406 -11.72 2.95 49.23
CA GLU C 406 -12.03 4.12 50.04
C GLU C 406 -12.98 3.79 51.17
N GLU C 407 -13.47 2.56 51.22
CA GLU C 407 -14.42 2.13 52.22
C GLU C 407 -15.73 2.91 52.07
N ILE C 408 -16.22 2.94 50.86
CA ILE C 408 -17.48 3.58 50.52
C ILE C 408 -18.53 2.49 50.39
N THR C 409 -19.76 2.80 50.77
CA THR C 409 -20.84 1.83 50.68
C THR C 409 -21.51 1.96 49.32
N GLY C 410 -21.36 0.94 48.48
CA GLY C 410 -21.77 1.03 47.09
C GLY C 410 -23.23 0.69 46.83
N LEU C 411 -23.86 1.49 45.99
CA LEU C 411 -25.20 1.26 45.45
C LEU C 411 -25.27 1.81 44.04
N PHE C 412 -25.74 1.00 43.09
CA PHE C 412 -25.78 1.42 41.69
C PHE C 412 -27.17 1.25 41.12
N THR C 413 -27.38 1.88 39.97
CA THR C 413 -28.66 1.90 39.26
C THR C 413 -28.47 1.28 37.89
N ASN C 414 -29.17 0.19 37.63
CA ASN C 414 -29.10 -0.46 36.33
C ASN C 414 -30.51 -0.75 35.83
N THR C 415 -30.61 -1.10 34.56
CA THR C 415 -31.88 -1.40 33.92
C THR C 415 -31.73 -2.60 33.01
N SER C 416 -32.72 -3.48 33.05
CA SER C 416 -32.75 -4.63 32.16
C SER C 416 -33.26 -4.22 30.79
N ASP C 417 -32.77 -4.89 29.75
CA ASP C 417 -33.26 -4.65 28.40
C ASP C 417 -34.75 -4.88 28.32
N GLN C 418 -35.17 -6.13 28.38
CA GLN C 418 -36.57 -6.49 28.20
C GLN C 418 -37.26 -6.65 29.54
N PHE C 419 -38.48 -6.16 29.60
CA PHE C 419 -39.35 -6.39 30.75
C PHE C 419 -39.90 -7.81 30.73
N MET C 420 -40.35 -8.26 31.90
CA MET C 420 -41.27 -9.38 31.98
C MET C 420 -40.72 -10.66 31.39
N GLY C 421 -39.81 -11.33 32.09
CA GLY C 421 -39.29 -12.61 31.67
C GLY C 421 -37.87 -12.61 31.16
N ALA C 422 -37.15 -11.52 31.30
CA ALA C 422 -35.71 -11.55 31.08
C ALA C 422 -35.07 -12.52 32.07
N HIS C 423 -34.31 -13.46 31.55
CA HIS C 423 -33.72 -14.50 32.37
C HIS C 423 -32.31 -14.17 32.83
N SER C 424 -31.82 -12.98 32.51
CA SER C 424 -30.49 -12.55 32.89
C SER C 424 -30.60 -11.33 33.80
N ILE C 425 -29.91 -11.39 34.94
CA ILE C 425 -29.84 -10.24 35.84
C ILE C 425 -29.27 -9.03 35.12
N THR C 426 -28.23 -9.24 34.32
CA THR C 426 -27.45 -8.14 33.79
C THR C 426 -27.03 -8.42 32.36
N ASP C 427 -27.15 -7.41 31.50
CA ASP C 427 -26.64 -7.52 30.14
C ASP C 427 -25.13 -7.76 30.15
N SER C 428 -24.41 -6.90 30.84
CA SER C 428 -22.96 -7.00 30.96
C SER C 428 -22.53 -7.96 32.05
N HIS C 429 -23.47 -8.65 32.70
CA HIS C 429 -23.18 -9.72 33.65
C HIS C 429 -22.37 -9.20 34.83
N ILE C 430 -22.86 -8.16 35.48
CA ILE C 430 -22.13 -7.52 36.57
C ILE C 430 -22.39 -8.25 37.88
N SER C 431 -23.42 -9.09 37.87
CA SER C 431 -23.92 -9.77 39.06
C SER C 431 -22.88 -10.13 40.10
N THR C 432 -21.73 -10.61 39.63
CA THR C 432 -20.72 -11.14 40.54
C THR C 432 -19.96 -10.06 41.28
N ILE C 433 -19.90 -8.87 40.70
CA ILE C 433 -19.02 -7.86 41.26
C ILE C 433 -19.78 -7.03 42.28
N THR C 434 -20.61 -7.70 43.08
CA THR C 434 -21.29 -7.00 44.15
C THR C 434 -21.60 -7.98 45.26
N ASP C 435 -21.69 -7.45 46.47
CA ASP C 435 -21.91 -8.29 47.63
C ASP C 435 -23.39 -8.63 47.80
N THR C 436 -24.27 -7.82 47.22
CA THR C 436 -25.69 -7.99 47.41
C THR C 436 -26.40 -7.50 46.18
N ILE C 437 -27.51 -8.15 45.83
CA ILE C 437 -28.24 -7.86 44.61
C ILE C 437 -29.71 -7.75 44.92
N ILE C 438 -30.34 -6.73 44.36
CA ILE C 438 -31.79 -6.58 44.47
C ILE C 438 -32.38 -6.66 43.07
N LEU C 439 -33.60 -7.17 42.99
CA LEU C 439 -34.35 -7.20 41.76
C LEU C 439 -35.73 -6.64 41.98
N LEU C 440 -36.22 -5.87 41.02
CA LEU C 440 -37.62 -5.51 40.94
C LEU C 440 -38.17 -6.06 39.65
N GLN C 441 -39.45 -6.41 39.67
CA GLN C 441 -40.07 -6.93 38.47
C GLN C 441 -41.57 -6.72 38.52
N TYR C 442 -42.15 -6.45 37.36
CA TYR C 442 -43.59 -6.25 37.28
C TYR C 442 -44.30 -7.59 37.21
N VAL C 443 -45.55 -7.61 37.66
CA VAL C 443 -46.31 -8.84 37.79
C VAL C 443 -47.73 -8.62 37.33
N GLU C 444 -48.26 -9.58 36.59
CA GLU C 444 -49.67 -9.56 36.22
C GLU C 444 -50.48 -10.08 37.40
N ILE C 445 -51.38 -9.25 37.93
CA ILE C 445 -52.34 -9.67 38.94
C ILE C 445 -53.68 -9.06 38.60
N ARG C 446 -54.69 -9.90 38.36
CA ARG C 446 -56.03 -9.45 38.05
C ARG C 446 -55.98 -8.34 37.00
N GLY C 447 -55.06 -8.49 36.06
CA GLY C 447 -54.88 -7.45 35.06
C GLY C 447 -54.22 -6.20 35.59
N GLU C 448 -53.52 -6.29 36.72
CA GLU C 448 -52.77 -5.17 37.23
C GLU C 448 -51.30 -5.54 37.32
N MET C 449 -50.44 -4.61 36.93
CA MET C 449 -49.05 -4.70 37.34
C MET C 449 -48.94 -4.31 38.82
N SER C 450 -47.88 -4.78 39.45
CA SER C 450 -47.64 -4.43 40.84
C SER C 450 -46.16 -4.45 41.11
N ARG C 451 -45.77 -3.68 42.11
CA ARG C 451 -44.38 -3.64 42.54
C ARG C 451 -44.04 -4.96 43.20
N ALA C 452 -43.02 -5.64 42.69
CA ALA C 452 -42.56 -6.90 43.24
C ALA C 452 -41.08 -6.77 43.60
N ILE C 453 -40.72 -7.23 44.78
CA ILE C 453 -39.39 -7.01 45.33
C ILE C 453 -38.74 -8.35 45.60
N ASN C 454 -37.42 -8.36 45.56
CA ASN C 454 -36.65 -9.50 46.04
C ASN C 454 -35.32 -9.05 46.61
N VAL C 455 -34.91 -9.70 47.69
CA VAL C 455 -33.52 -9.70 48.10
C VAL C 455 -32.91 -10.94 47.46
N PHE C 456 -32.12 -10.73 46.43
CA PHE C 456 -31.70 -11.89 45.65
C PHE C 456 -30.58 -12.63 46.35
N LYS C 457 -29.52 -11.91 46.71
CA LYS C 457 -28.44 -12.48 47.48
C LYS C 457 -27.78 -11.38 48.29
N MET C 458 -27.38 -11.71 49.51
CA MET C 458 -26.54 -10.85 50.32
C MET C 458 -25.49 -11.74 50.94
N ARG C 459 -24.22 -11.53 50.57
CA ARG C 459 -23.20 -12.52 50.83
C ARG C 459 -23.02 -12.82 52.32
N GLY C 460 -23.55 -11.97 53.19
CA GLY C 460 -23.38 -12.26 54.59
C GLY C 460 -24.59 -12.76 55.37
N SER C 461 -25.79 -12.66 54.83
CA SER C 461 -26.90 -12.57 55.77
C SER C 461 -28.02 -13.58 55.59
N TRP C 462 -29.07 -13.32 56.36
CA TRP C 462 -30.22 -14.20 56.52
C TRP C 462 -31.22 -14.02 55.38
N HIS C 463 -31.78 -12.83 55.27
CA HIS C 463 -32.42 -12.32 54.05
C HIS C 463 -33.45 -13.27 53.45
N ASP C 464 -34.68 -13.20 53.96
CA ASP C 464 -35.77 -14.06 53.53
C ASP C 464 -35.85 -14.18 52.02
N LYS C 465 -35.92 -15.44 51.55
CA LYS C 465 -36.11 -15.77 50.14
C LYS C 465 -37.49 -15.44 49.63
N ALA C 466 -38.44 -15.13 50.51
CA ALA C 466 -39.79 -14.89 50.03
C ALA C 466 -39.84 -13.63 49.18
N ILE C 467 -40.91 -13.52 48.41
CA ILE C 467 -41.08 -12.39 47.50
C ILE C 467 -42.30 -11.60 47.96
N ARG C 468 -42.07 -10.38 48.41
CA ARG C 468 -43.14 -9.57 48.97
C ARG C 468 -43.62 -8.57 47.95
N GLU C 469 -44.91 -8.28 48.00
CA GLU C 469 -45.51 -7.18 47.25
C GLU C 469 -45.31 -5.87 48.00
N PHE C 470 -45.31 -4.76 47.26
CA PHE C 470 -45.11 -3.48 47.91
C PHE C 470 -45.72 -2.38 47.05
N MET C 471 -45.92 -1.21 47.67
CA MET C 471 -46.62 -0.12 47.01
C MET C 471 -46.06 1.20 47.50
N ILE C 472 -46.60 2.30 46.96
CA ILE C 472 -46.07 3.64 47.22
C ILE C 472 -47.20 4.64 47.38
N SER C 473 -47.12 5.43 48.44
CA SER C 473 -47.70 6.76 48.48
C SER C 473 -46.54 7.74 48.60
N ASP C 474 -46.85 9.04 48.61
CA ASP C 474 -45.78 9.99 48.89
C ASP C 474 -45.29 9.89 50.32
N LYS C 475 -46.01 9.16 51.15
CA LYS C 475 -45.46 8.73 52.43
C LYS C 475 -44.34 7.76 52.14
N GLY C 476 -44.15 7.43 50.87
CA GLY C 476 -43.04 6.63 50.44
C GLY C 476 -43.48 5.24 50.07
N PRO C 477 -42.51 4.37 49.84
CA PRO C 477 -42.82 2.97 49.51
C PRO C 477 -43.20 2.20 50.75
N ASP C 478 -44.03 1.16 50.54
CA ASP C 478 -44.39 0.27 51.64
C ASP C 478 -44.66 -1.12 51.09
N ILE C 479 -44.39 -2.11 51.91
CA ILE C 479 -44.21 -3.48 51.47
C ILE C 479 -45.27 -4.37 52.07
N LYS C 480 -46.01 -5.06 51.22
CA LYS C 480 -46.97 -6.07 51.63
C LYS C 480 -46.26 -7.42 51.68
N ASP C 481 -47.02 -8.50 51.76
CA ASP C 481 -46.44 -9.81 51.99
C ASP C 481 -46.45 -10.66 50.73
N SER C 482 -45.96 -11.89 50.89
CA SER C 482 -45.76 -12.85 49.82
C SER C 482 -47.08 -13.46 49.35
N PHE C 483 -47.03 -14.08 48.18
CA PHE C 483 -48.21 -14.67 47.55
C PHE C 483 -48.17 -16.17 47.80
N ARG C 484 -49.01 -16.64 48.71
CA ARG C 484 -49.13 -18.07 48.93
C ARG C 484 -50.16 -18.71 48.02
N ASN C 485 -51.02 -17.90 47.41
CA ASN C 485 -52.06 -18.38 46.53
C ASN C 485 -51.72 -18.24 45.06
N PHE C 486 -50.53 -17.74 44.73
CA PHE C 486 -50.22 -17.36 43.36
C PHE C 486 -49.15 -18.26 42.78
N GLU C 487 -49.14 -18.33 41.44
CA GLU C 487 -48.54 -19.45 40.75
C GLU C 487 -47.74 -18.95 39.54
N ARG C 488 -46.48 -19.38 39.45
CA ARG C 488 -45.59 -19.03 38.35
C ARG C 488 -45.47 -17.52 38.18
N ILE C 489 -45.04 -16.88 39.28
CA ILE C 489 -45.05 -15.42 39.32
C ILE C 489 -43.87 -14.82 38.58
N ILE C 490 -42.70 -15.46 38.67
CA ILE C 490 -41.49 -14.85 38.13
C ILE C 490 -41.58 -14.70 36.62
N SER C 491 -42.16 -15.68 35.95
CA SER C 491 -42.24 -15.64 34.49
C SER C 491 -42.89 -14.36 34.00
N GLY C 492 -43.89 -13.88 34.72
CA GLY C 492 -44.70 -12.77 34.27
C GLY C 492 -46.12 -13.15 33.89
N SER C 493 -46.42 -14.44 33.84
CA SER C 493 -47.78 -14.93 33.62
C SER C 493 -48.20 -15.72 34.86
N PRO C 494 -48.55 -15.04 35.94
CA PRO C 494 -48.87 -15.74 37.18
C PRO C 494 -50.23 -16.42 37.11
N THR C 495 -50.57 -17.12 38.18
CA THR C 495 -51.82 -17.86 38.25
C THR C 495 -52.16 -18.04 39.72
N ARG C 496 -53.40 -18.42 40.01
CA ARG C 496 -53.79 -18.72 41.38
C ARG C 496 -54.63 -19.98 41.42
N GLU D 14 -0.75 38.04 30.09
CA GLU D 14 0.26 38.38 31.08
C GLU D 14 0.85 37.09 31.68
N HIS D 15 0.59 36.88 32.96
CA HIS D 15 0.95 35.65 33.66
C HIS D 15 -0.23 34.68 33.67
N GLN D 16 -1.14 34.86 32.72
CA GLN D 16 -2.32 33.99 32.68
C GLN D 16 -2.21 32.98 31.53
N ALA D 17 -3.05 31.95 31.59
CA ALA D 17 -3.18 31.00 30.49
C ALA D 17 -3.67 31.77 29.26
N ILE D 18 -3.47 31.19 28.07
CA ILE D 18 -3.81 31.89 26.84
C ILE D 18 -5.32 32.17 26.79
N ALA D 19 -5.68 33.35 26.30
CA ALA D 19 -7.09 33.74 26.13
C ALA D 19 -7.57 33.39 24.72
N LYS D 20 -8.87 33.49 24.47
CA LYS D 20 -9.40 33.09 23.17
C LYS D 20 -10.29 34.17 22.58
N MET D 21 -10.40 34.19 21.26
CA MET D 21 -11.32 35.14 20.64
C MET D 21 -12.47 34.35 20.05
N ARG D 22 -13.66 34.87 20.27
CA ARG D 22 -14.88 34.19 19.85
C ARG D 22 -15.02 34.19 18.34
N THR D 23 -15.30 33.02 17.77
CA THR D 23 -15.56 32.92 16.35
C THR D 23 -17.01 33.29 16.03
N MET D 24 -17.87 33.07 17.02
CA MET D 24 -19.34 33.21 16.90
C MET D 24 -19.92 32.22 15.89
N ILE D 25 -19.14 31.20 15.51
CA ILE D 25 -19.61 30.12 14.68
C ILE D 25 -20.37 29.20 15.62
N GLU D 26 -21.67 29.05 15.40
CA GLU D 26 -22.53 28.35 16.36
C GLU D 26 -21.99 26.97 16.70
N GLY D 27 -21.75 26.73 17.98
CA GLY D 27 -21.27 25.45 18.45
C GLY D 27 -19.76 25.42 18.61
N PHE D 28 -19.03 26.20 17.80
CA PHE D 28 -17.58 26.07 17.80
C PHE D 28 -16.98 26.67 19.09
N ASP D 29 -17.55 27.77 19.57
CA ASP D 29 -16.97 28.41 20.74
C ASP D 29 -17.18 27.50 21.95
N ASP D 30 -18.19 26.63 21.92
CA ASP D 30 -18.37 25.63 22.97
C ASP D 30 -17.32 24.51 22.88
N ILE D 31 -17.20 23.92 21.70
CA ILE D 31 -16.18 22.88 21.47
C ILE D 31 -14.77 23.36 21.85
N SER D 32 -14.46 24.62 21.51
CA SER D 32 -13.12 25.17 21.80
C SER D 32 -13.01 25.81 23.18
N HIS D 33 -14.08 25.74 23.96
CA HIS D 33 -14.11 26.39 25.27
C HIS D 33 -13.73 27.87 25.19
N GLY D 34 -14.36 28.60 24.27
CA GLY D 34 -14.18 30.05 24.29
C GLY D 34 -13.75 30.67 22.98
N GLY D 35 -13.30 29.84 22.02
CA GLY D 35 -12.91 30.36 20.72
C GLY D 35 -11.50 29.98 20.35
N LEU D 36 -10.88 30.74 19.45
CA LEU D 36 -9.54 30.47 18.97
C LEU D 36 -8.52 31.17 19.83
N PRO D 37 -7.46 30.46 20.21
CA PRO D 37 -6.39 31.09 20.99
C PRO D 37 -5.87 32.37 20.34
N ILE D 38 -5.89 33.47 21.11
CA ILE D 38 -5.53 34.78 20.57
C ILE D 38 -4.06 34.89 20.23
N GLY D 39 -3.79 35.53 19.09
CA GLY D 39 -2.44 35.82 18.65
C GLY D 39 -1.69 34.64 18.09
N ARG D 40 -2.41 33.55 17.81
CA ARG D 40 -1.80 32.34 17.24
C ARG D 40 -2.51 31.88 15.99
N SER D 41 -1.87 30.96 15.26
CA SER D 41 -2.44 30.34 14.05
C SER D 41 -3.20 29.05 14.33
N THR D 42 -4.34 28.89 13.66
CA THR D 42 -5.06 27.62 13.73
C THR D 42 -5.16 27.05 12.32
N LEU D 43 -4.70 25.82 12.14
CA LEU D 43 -4.81 25.14 10.87
C LEU D 43 -6.19 24.51 10.78
N VAL D 44 -6.87 24.72 9.66
CA VAL D 44 -8.15 24.04 9.43
C VAL D 44 -7.91 23.19 8.17
N SER D 45 -7.87 21.87 8.35
CA SER D 45 -7.51 20.95 7.27
C SER D 45 -8.68 20.02 6.91
N GLY D 46 -8.79 19.66 5.65
CA GLY D 46 -9.94 18.89 5.23
C GLY D 46 -9.91 18.60 3.76
N THR D 47 -10.64 17.57 3.34
CA THR D 47 -10.67 17.24 1.93
C THR D 47 -11.42 18.34 1.18
N SER D 48 -11.37 18.27 -0.14
CA SER D 48 -12.07 19.25 -0.98
C SER D 48 -13.54 19.35 -0.67
N GLY D 49 -14.06 20.56 -0.54
CA GLY D 49 -15.48 20.72 -0.29
C GLY D 49 -15.92 20.41 1.14
N THR D 50 -15.01 20.48 2.12
CA THR D 50 -15.43 20.22 3.48
C THR D 50 -15.93 21.45 4.21
N GLY D 51 -15.68 22.64 3.66
CA GLY D 51 -16.07 23.88 4.34
C GLY D 51 -14.95 24.71 4.94
N LYS D 52 -13.71 24.43 4.56
CA LYS D 52 -12.55 25.19 5.07
C LYS D 52 -12.62 26.69 4.76
N THR D 53 -12.84 26.99 3.49
CA THR D 53 -12.90 28.38 3.06
C THR D 53 -14.08 29.05 3.73
N LEU D 54 -15.22 28.39 3.77
CA LEU D 54 -16.36 28.91 4.55
C LEU D 54 -16.01 29.23 6.01
N PHE D 55 -15.35 28.30 6.69
CA PHE D 55 -14.95 28.54 8.08
C PHE D 55 -14.12 29.82 8.18
N SER D 56 -13.16 29.96 7.27
CA SER D 56 -12.17 31.05 7.32
C SER D 56 -12.82 32.40 6.99
N ILE D 57 -13.87 32.39 6.17
CA ILE D 57 -14.61 33.61 5.86
C ILE D 57 -15.51 34.01 7.02
N GLN D 58 -16.22 33.01 7.57
CA GLN D 58 -17.16 33.23 8.66
C GLN D 58 -16.45 33.81 9.88
N PHE D 59 -15.22 33.35 10.09
CA PHE D 59 -14.36 33.83 11.17
C PHE D 59 -14.13 35.33 11.03
N LEU D 60 -13.78 35.78 9.84
CA LEU D 60 -13.51 37.20 9.59
C LEU D 60 -14.77 38.03 9.60
N TYR D 61 -15.82 37.48 9.00
CA TYR D 61 -17.10 38.19 8.89
C TYR D 61 -17.69 38.45 10.26
N ASN D 62 -17.71 37.42 11.12
CA ASN D 62 -18.25 37.58 12.44
C ASN D 62 -17.41 38.58 13.26
N GLY D 63 -16.10 38.57 13.08
CA GLY D 63 -15.26 39.54 13.76
C GLY D 63 -15.66 40.98 13.41
N ILE D 64 -15.88 41.22 12.11
CA ILE D 64 -16.27 42.55 11.65
C ILE D 64 -17.66 42.91 12.16
N ILE D 65 -18.62 42.04 11.94
CA ILE D 65 -20.01 42.36 12.26
C ILE D 65 -20.26 42.37 13.77
N GLU D 66 -19.67 41.43 14.50
CA GLU D 66 -20.04 41.31 15.92
C GLU D 66 -19.17 42.16 16.83
N PHE D 67 -17.92 42.36 16.45
CA PHE D 67 -16.94 42.98 17.34
C PHE D 67 -16.25 44.21 16.74
N ASP D 68 -16.61 44.56 15.51
CA ASP D 68 -15.90 45.61 14.77
C ASP D 68 -14.38 45.35 14.70
N GLU D 69 -14.00 44.08 14.58
CA GLU D 69 -12.59 43.71 14.41
C GLU D 69 -12.31 43.52 12.93
N PRO D 70 -11.44 44.34 12.36
CA PRO D 70 -11.18 44.30 10.91
C PRO D 70 -10.45 43.02 10.53
N GLY D 71 -10.62 42.59 9.27
CA GLY D 71 -10.03 41.34 8.84
C GLY D 71 -9.27 41.43 7.55
N VAL D 72 -8.28 40.55 7.41
CA VAL D 72 -7.55 40.40 6.17
C VAL D 72 -7.66 38.96 5.69
N PHE D 73 -8.05 38.80 4.43
CA PHE D 73 -8.24 37.47 3.83
C PHE D 73 -7.22 37.36 2.73
N VAL D 74 -6.28 36.43 2.90
CA VAL D 74 -5.25 36.21 1.90
C VAL D 74 -5.69 35.02 1.02
N THR D 75 -5.87 35.24 -0.27
CA THR D 75 -6.38 34.15 -1.12
C THR D 75 -5.33 33.61 -2.10
N PHE D 76 -5.05 32.31 -1.99
CA PHE D 76 -4.07 31.63 -2.85
C PHE D 76 -4.74 30.78 -3.94
N GLU D 77 -5.99 30.41 -3.74
CA GLU D 77 -6.68 29.55 -4.71
C GLU D 77 -7.64 30.36 -5.57
N GLU D 78 -8.60 30.98 -4.91
CA GLU D 78 -9.70 31.70 -5.57
C GLU D 78 -9.44 33.19 -5.81
N THR D 79 -10.11 33.77 -6.80
CA THR D 79 -10.00 35.21 -7.03
C THR D 79 -10.86 35.98 -6.02
N PRO D 80 -10.48 37.21 -5.70
CA PRO D 80 -11.33 37.98 -4.78
C PRO D 80 -12.77 38.12 -5.30
N GLN D 81 -12.94 38.24 -6.62
CA GLN D 81 -14.28 38.40 -7.19
C GLN D 81 -15.13 37.17 -6.89
N ASP D 82 -14.52 36.00 -7.04
CA ASP D 82 -15.24 34.77 -6.76
C ASP D 82 -15.51 34.55 -5.26
N ILE D 83 -14.54 34.89 -4.41
CA ILE D 83 -14.74 34.85 -2.96
C ILE D 83 -15.97 35.68 -2.56
N ILE D 84 -16.08 36.88 -3.13
CA ILE D 84 -17.17 37.78 -2.81
C ILE D 84 -18.50 37.24 -3.35
N LYS D 85 -18.48 36.75 -4.58
CA LYS D 85 -19.70 36.25 -5.21
C LYS D 85 -20.20 35.00 -4.47
N ASN D 86 -19.31 34.08 -4.12
CA ASN D 86 -19.74 32.87 -3.43
C ASN D 86 -20.24 33.09 -2.00
N ALA D 87 -19.71 34.11 -1.33
CA ALA D 87 -20.15 34.44 0.02
C ALA D 87 -21.59 34.94 0.07
N ARG D 88 -22.12 35.41 -1.07
CA ARG D 88 -23.54 35.77 -1.12
C ARG D 88 -24.44 34.57 -0.79
N SER D 89 -23.90 33.37 -0.90
CA SER D 89 -24.64 32.14 -0.60
C SER D 89 -25.11 32.14 0.86
N PHE D 90 -24.35 32.82 1.72
CA PHE D 90 -24.64 32.84 3.14
C PHE D 90 -25.20 34.20 3.60
N GLY D 91 -25.60 35.04 2.65
CA GLY D 91 -26.23 36.31 2.95
C GLY D 91 -25.21 37.31 3.43
N TRP D 92 -23.97 37.10 3.04
CA TRP D 92 -22.91 38.01 3.44
C TRP D 92 -22.50 38.92 2.31
N ASP D 93 -22.57 40.22 2.56
CA ASP D 93 -22.14 41.23 1.58
C ASP D 93 -20.71 41.65 1.84
N LEU D 94 -19.74 40.91 1.31
CA LEU D 94 -18.31 41.24 1.52
C LEU D 94 -17.84 42.51 0.78
N ALA D 95 -18.45 42.80 -0.37
CA ALA D 95 -18.08 43.99 -1.13
C ALA D 95 -18.33 45.26 -0.30
N LYS D 96 -19.45 45.31 0.40
CA LYS D 96 -19.74 46.42 1.31
C LYS D 96 -18.67 46.59 2.41
N LEU D 97 -18.22 45.47 2.97
CA LEU D 97 -17.22 45.53 4.05
C LEU D 97 -15.88 45.98 3.51
N VAL D 98 -15.58 45.59 2.26
CA VAL D 98 -14.35 46.01 1.61
C VAL D 98 -14.44 47.53 1.34
N ASP D 99 -15.61 47.96 0.86
CA ASP D 99 -15.78 49.39 0.56
C ASP D 99 -15.64 50.24 1.82
N GLU D 100 -16.09 49.69 2.94
CA GLU D 100 -16.07 50.36 4.22
C GLU D 100 -14.71 50.26 4.91
N GLY D 101 -13.80 49.49 4.31
CA GLY D 101 -12.45 49.35 4.85
C GLY D 101 -12.33 48.43 6.06
N LYS D 102 -13.33 47.57 6.29
CA LYS D 102 -13.32 46.67 7.44
C LYS D 102 -12.78 45.30 7.06
N LEU D 103 -12.82 45.01 5.75
CA LEU D 103 -12.27 43.78 5.21
C LEU D 103 -11.31 44.13 4.09
N PHE D 104 -10.17 43.48 4.04
CA PHE D 104 -9.29 43.58 2.89
C PHE D 104 -9.03 42.19 2.34
N ILE D 105 -9.30 41.98 1.06
CA ILE D 105 -8.96 40.71 0.43
C ILE D 105 -7.65 40.89 -0.33
N LEU D 106 -6.61 40.18 0.08
CA LEU D 106 -5.30 40.28 -0.57
C LEU D 106 -5.13 39.19 -1.63
N ASP D 107 -5.00 39.58 -2.90
CA ASP D 107 -4.96 38.61 -4.01
C ASP D 107 -3.55 38.03 -4.20
N ALA D 108 -3.37 36.79 -3.82
CA ALA D 108 -2.15 36.04 -4.16
C ALA D 108 -2.49 34.77 -4.96
N SER D 109 -3.56 34.81 -5.75
CA SER D 109 -4.00 33.62 -6.51
C SER D 109 -3.16 33.53 -7.78
N PRO D 110 -2.84 33.13 -8.85
CA PRO D 110 -1.89 33.35 -9.94
C PRO D 110 -2.57 33.70 -11.25
N ASP D 111 -1.88 34.51 -12.02
CA ASP D 111 -2.16 34.65 -13.43
C ASP D 111 -2.09 33.29 -14.08
N PRO D 112 -3.03 32.91 -14.94
CA PRO D 112 -2.85 31.70 -15.74
C PRO D 112 -1.60 31.72 -16.58
N GLU D 113 -0.96 32.87 -16.71
CA GLU D 113 0.11 33.10 -17.68
C GLU D 113 1.50 33.00 -17.06
N GLY D 114 1.61 32.59 -15.80
CA GLY D 114 2.90 32.58 -15.13
C GLY D 114 3.90 31.62 -15.77
N GLN D 115 5.13 31.65 -15.29
CA GLN D 115 6.26 31.02 -15.97
C GLN D 115 7.18 30.32 -14.97
N GLU D 116 8.34 29.91 -15.48
CA GLU D 116 9.28 29.11 -14.70
C GLU D 116 10.07 29.97 -13.72
N VAL D 117 10.37 29.40 -12.56
CA VAL D 117 10.95 30.11 -11.43
C VAL D 117 11.95 29.19 -10.75
N VAL D 118 12.94 29.80 -10.12
CA VAL D 118 13.64 29.22 -8.98
C VAL D 118 13.63 30.28 -7.90
N GLY D 119 13.74 29.87 -6.64
CA GLY D 119 13.77 30.79 -5.53
C GLY D 119 12.40 31.00 -4.93
N GLY D 120 12.39 31.15 -3.61
CA GLY D 120 11.17 31.25 -2.85
C GLY D 120 10.95 32.62 -2.29
N PHE D 121 11.69 33.59 -2.81
CA PHE D 121 11.67 34.92 -2.23
C PHE D 121 10.32 35.59 -2.43
N ASP D 122 9.43 34.94 -3.18
CA ASP D 122 8.09 35.45 -3.41
C ASP D 122 7.44 35.89 -2.11
N LEU D 123 8.44 35.10 -1.90
CA LEU D 123 7.39 35.02 -0.89
C LEU D 123 7.74 35.89 0.32
N SER D 124 8.98 36.34 0.41
CA SER D 124 9.35 37.33 1.42
C SER D 124 8.57 38.61 1.17
N ALA D 125 8.47 38.98 -0.10
CA ALA D 125 7.70 40.14 -0.49
C ALA D 125 6.24 39.98 -0.11
N LEU D 126 5.75 38.75 -0.22
CA LEU D 126 4.35 38.45 0.10
C LEU D 126 4.08 38.66 1.59
N ILE D 127 4.96 38.14 2.44
CA ILE D 127 4.82 38.32 3.88
C ILE D 127 4.78 39.79 4.26
N GLU D 128 5.61 40.60 3.61
CA GLU D 128 5.63 42.04 3.89
C GLU D 128 4.33 42.73 3.47
N ARG D 129 3.71 42.28 2.39
CA ARG D 129 2.44 42.84 1.95
C ARG D 129 1.32 42.45 2.92
N ILE D 130 1.37 41.21 3.40
CA ILE D 130 0.43 40.75 4.40
C ILE D 130 0.57 41.62 5.66
N ASN D 131 1.80 41.80 6.14
CA ASN D 131 2.05 42.71 7.26
C ASN D 131 1.51 44.11 7.04
N TYR D 132 1.83 44.71 5.89
CA TYR D 132 1.36 46.06 5.59
C TYR D 132 -0.17 46.16 5.62
N ALA D 133 -0.84 45.15 5.07
CA ALA D 133 -2.31 45.14 5.01
C ALA D 133 -2.87 45.08 6.42
N ILE D 134 -2.28 44.23 7.25
CA ILE D 134 -2.78 44.08 8.61
C ILE D 134 -2.70 45.41 9.36
N GLN D 135 -1.58 46.11 9.17
CA GLN D 135 -1.36 47.41 9.83
C GLN D 135 -2.25 48.48 9.23
N LYS D 136 -2.35 48.50 7.90
CA LYS D 136 -3.18 49.50 7.23
C LYS D 136 -4.65 49.41 7.64
N TYR D 137 -5.19 48.20 7.71
CA TYR D 137 -6.60 48.02 8.06
C TYR D 137 -6.82 47.76 9.55
N ARG D 138 -5.72 47.81 10.32
CA ARG D 138 -5.74 47.54 11.77
C ARG D 138 -6.48 46.24 12.06
N ALA D 139 -6.14 45.22 11.29
CA ALA D 139 -6.85 43.93 11.40
C ALA D 139 -6.41 43.15 12.62
N ARG D 140 -7.38 42.47 13.24
CA ARG D 140 -7.05 41.61 14.36
C ARG D 140 -7.26 40.14 14.01
N ARG D 141 -7.97 39.91 12.91
CA ARG D 141 -8.21 38.54 12.44
C ARG D 141 -7.67 38.43 11.03
N VAL D 142 -7.02 37.30 10.75
CA VAL D 142 -6.45 37.03 9.43
C VAL D 142 -6.87 35.62 8.98
N SER D 143 -7.24 35.47 7.71
CA SER D 143 -7.44 34.13 7.17
C SER D 143 -6.49 33.93 6.00
N ILE D 144 -5.82 32.78 5.97
CA ILE D 144 -4.93 32.44 4.86
C ILE D 144 -5.52 31.23 4.16
N ASP D 145 -6.02 31.42 2.94
CA ASP D 145 -6.79 30.33 2.33
C ASP D 145 -5.99 29.52 1.30
N SER D 146 -5.95 28.22 1.56
CA SER D 146 -5.33 27.18 0.70
C SER D 146 -3.79 27.23 0.72
N VAL D 147 -3.22 26.91 1.87
CA VAL D 147 -1.78 26.73 2.00
C VAL D 147 -1.30 25.69 0.99
N THR D 148 -2.11 24.63 0.79
CA THR D 148 -1.82 23.65 -0.24
C THR D 148 -1.45 24.25 -1.60
N SER D 149 -2.21 25.25 -2.03
CA SER D 149 -1.99 25.91 -3.32
C SER D 149 -0.62 26.59 -3.43
N VAL D 150 -0.22 27.33 -2.40
CA VAL D 150 1.09 27.98 -2.45
C VAL D 150 2.17 26.89 -2.50
N PHE D 151 1.93 25.75 -1.87
CA PHE D 151 2.85 24.62 -1.95
C PHE D 151 2.99 24.07 -3.39
N GLN D 152 1.87 23.99 -4.11
CA GLN D 152 1.89 23.43 -5.45
C GLN D 152 2.55 24.36 -6.46
N GLN D 153 2.63 25.65 -6.15
CA GLN D 153 3.24 26.59 -7.08
C GLN D 153 4.77 26.51 -7.05
N TYR D 154 5.29 26.02 -5.93
CA TYR D 154 6.73 25.88 -5.72
C TYR D 154 7.14 24.41 -5.56
N ASP D 155 6.18 23.51 -5.83
CA ASP D 155 6.40 22.06 -5.81
C ASP D 155 6.88 21.52 -4.47
N ALA D 156 6.30 22.04 -3.39
CA ALA D 156 6.63 21.60 -2.03
C ALA D 156 8.14 21.64 -1.71
N SER D 157 8.87 22.48 -2.44
CA SER D 157 10.26 22.75 -2.12
C SER D 157 10.31 23.36 -0.71
N SER D 158 11.33 23.06 0.07
CA SER D 158 11.31 23.57 1.43
C SER D 158 11.66 25.05 1.48
N VAL D 159 11.70 25.67 0.30
CA VAL D 159 11.72 27.13 0.20
C VAL D 159 10.34 27.71 0.51
N VAL D 160 9.28 26.99 0.12
CA VAL D 160 7.91 27.40 0.48
C VAL D 160 7.65 27.00 1.93
N ARG D 161 8.28 25.92 2.36
CA ARG D 161 7.97 25.32 3.66
C ARG D 161 8.36 26.17 4.84
N ARG D 162 9.54 26.78 4.84
CA ARG D 162 9.89 27.67 5.92
C ARG D 162 9.84 29.14 5.53
N GLU D 163 9.41 29.39 4.31
CA GLU D 163 8.84 30.70 4.04
C GLU D 163 7.47 30.74 4.71
N LEU D 164 6.84 29.55 4.79
CA LEU D 164 5.61 29.39 5.54
C LEU D 164 5.86 29.63 7.03
N PHE D 165 6.96 29.10 7.56
CA PHE D 165 7.27 29.33 8.97
C PHE D 165 7.56 30.80 9.22
N ARG D 166 8.23 31.44 8.27
CA ARG D 166 8.44 32.89 8.35
C ARG D 166 7.10 33.64 8.43
N LEU D 167 6.10 33.16 7.69
CA LEU D 167 4.77 33.76 7.76
C LEU D 167 4.13 33.52 9.14
N VAL D 168 4.10 32.27 9.59
CA VAL D 168 3.48 31.92 10.88
C VAL D 168 4.12 32.74 12.01
N ALA D 169 5.44 32.82 11.99
CA ALA D 169 6.23 33.59 12.96
C ALA D 169 5.85 35.06 12.97
N ARG D 170 5.85 35.67 11.78
CA ARG D 170 5.55 37.08 11.64
C ARG D 170 4.14 37.42 12.06
N LEU D 171 3.18 36.53 11.77
CA LEU D 171 1.82 36.74 12.21
C LEU D 171 1.77 36.77 13.73
N LYS D 172 2.52 35.86 14.36
CA LYS D 172 2.53 35.76 15.81
C LYS D 172 3.13 37.04 16.43
N GLN D 173 4.13 37.59 15.77
CA GLN D 173 4.75 38.83 16.22
C GLN D 173 3.78 40.02 16.20
N ILE D 174 2.99 40.16 15.14
CA ILE D 174 2.02 41.25 15.06
C ILE D 174 0.85 41.02 16.04
N GLY D 175 0.73 39.80 16.54
CA GLY D 175 -0.38 39.43 17.40
C GLY D 175 -1.68 39.16 16.65
N ALA D 176 -1.56 38.87 15.36
CA ALA D 176 -2.72 38.51 14.55
C ALA D 176 -3.29 37.16 15.01
N THR D 177 -4.60 37.01 14.99
CA THR D 177 -5.18 35.70 15.26
C THR D 177 -5.61 35.14 13.90
N THR D 178 -5.08 33.99 13.53
CA THR D 178 -5.08 33.60 12.11
C THR D 178 -5.69 32.22 11.90
N VAL D 179 -6.51 32.07 10.86
CA VAL D 179 -6.95 30.74 10.39
C VAL D 179 -6.21 30.49 9.09
N MET D 180 -5.63 29.30 8.97
CA MET D 180 -5.00 28.86 7.75
C MET D 180 -5.69 27.59 7.26
N THR D 181 -6.18 27.60 6.03
CA THR D 181 -6.82 26.39 5.51
C THR D 181 -5.88 25.61 4.63
N THR D 182 -6.06 24.30 4.60
CA THR D 182 -5.22 23.46 3.79
C THR D 182 -5.89 22.14 3.46
N GLU D 183 -5.47 21.49 2.39
CA GLU D 183 -6.15 20.28 1.91
C GLU D 183 -5.56 18.98 2.50
N ARG D 184 -6.40 17.97 2.62
CA ARG D 184 -5.91 16.62 2.86
C ARG D 184 -6.61 15.70 1.89
N ILE D 185 -6.06 14.51 1.67
CA ILE D 185 -6.58 13.57 0.66
C ILE D 185 -7.56 12.55 1.19
N GLU D 186 -7.34 12.05 2.41
CA GLU D 186 -8.23 11.03 2.97
C GLU D 186 -9.01 11.54 4.17
N GLU D 187 -10.17 10.97 4.41
CA GLU D 187 -10.91 11.41 5.61
C GLU D 187 -10.24 10.94 6.90
N TYR D 188 -9.74 9.71 6.90
CA TYR D 188 -9.05 9.20 8.09
C TYR D 188 -7.65 8.81 7.70
N GLY D 189 -6.78 9.80 7.61
CA GLY D 189 -5.40 9.62 7.23
C GLY D 189 -4.63 10.82 7.73
N PRO D 190 -3.53 11.17 7.05
CA PRO D 190 -2.67 12.27 7.49
C PRO D 190 -3.46 13.57 7.69
N ILE D 191 -2.98 14.39 8.61
CA ILE D 191 -3.67 15.64 8.95
C ILE D 191 -3.71 16.61 7.76
N ALA D 192 -2.63 16.69 6.99
CA ALA D 192 -2.55 17.68 5.93
C ALA D 192 -1.61 17.19 4.86
N ARG D 193 -2.02 17.40 3.61
CA ARG D 193 -1.15 17.14 2.49
C ARG D 193 0.09 18.00 2.66
N TYR D 194 1.22 17.44 2.24
CA TYR D 194 2.55 18.05 2.33
C TYR D 194 3.05 18.28 3.75
N GLY D 195 2.40 17.74 4.77
CA GLY D 195 2.85 17.97 6.15
C GLY D 195 2.71 19.40 6.65
N VAL D 196 1.68 20.11 6.20
CA VAL D 196 1.49 21.49 6.64
C VAL D 196 1.40 21.68 8.17
N GLU D 197 0.95 20.68 8.91
CA GLU D 197 0.73 20.84 10.35
C GLU D 197 2.00 20.99 11.15
N GLU D 198 3.13 20.78 10.49
CA GLU D 198 4.43 21.01 11.11
C GLU D 198 4.71 22.50 11.33
N PHE D 199 4.13 23.37 10.49
CA PHE D 199 4.37 24.83 10.58
C PHE D 199 3.22 25.57 11.24
N VAL D 200 2.00 25.29 10.79
CA VAL D 200 0.83 25.80 11.47
C VAL D 200 0.54 24.80 12.57
N SER D 201 1.41 24.79 13.57
CA SER D 201 1.46 23.68 14.51
C SER D 201 0.74 23.96 15.84
N ASP D 202 0.52 25.23 16.19
CA ASP D 202 -0.09 25.53 17.50
C ASP D 202 -1.46 24.87 17.68
N ASN D 203 -2.37 25.11 16.73
CA ASN D 203 -3.73 24.58 16.84
C ASN D 203 -4.15 23.87 15.54
N VAL D 204 -4.85 22.76 15.68
CA VAL D 204 -5.28 21.97 14.51
C VAL D 204 -6.75 21.61 14.61
N VAL D 205 -7.50 21.98 13.57
CA VAL D 205 -8.92 21.65 13.44
C VAL D 205 -9.05 20.81 12.17
N ILE D 206 -9.79 19.70 12.23
CA ILE D 206 -9.98 18.84 11.07
C ILE D 206 -11.46 18.80 10.66
N LEU D 207 -11.73 19.18 9.42
CA LEU D 207 -13.09 19.04 8.87
C LEU D 207 -13.13 17.76 8.04
N ARG D 208 -14.19 16.98 8.19
CA ARG D 208 -14.34 15.73 7.47
C ARG D 208 -15.69 15.70 6.77
N ASN D 209 -15.74 14.94 5.70
CA ASN D 209 -16.93 14.74 4.91
C ASN D 209 -16.98 13.21 4.71
N VAL D 210 -17.49 12.48 5.68
CA VAL D 210 -17.27 11.03 5.66
C VAL D 210 -18.38 10.31 4.91
N LEU D 211 -18.01 9.32 4.10
CA LEU D 211 -19.02 8.48 3.46
C LEU D 211 -19.58 7.43 4.42
N GLU D 212 -20.89 7.53 4.64
CA GLU D 212 -21.64 6.56 5.43
C GLU D 212 -22.50 5.83 4.43
N GLY D 213 -21.98 4.73 3.88
CA GLY D 213 -22.64 4.04 2.80
C GLY D 213 -22.56 4.99 1.62
N GLU D 214 -23.70 5.40 1.08
CA GLU D 214 -23.67 6.34 -0.03
C GLU D 214 -24.00 7.74 0.41
N ARG D 215 -24.14 7.95 1.74
CA ARG D 215 -24.48 9.27 2.27
C ARG D 215 -23.21 9.94 2.83
N ARG D 216 -23.23 11.29 2.88
CA ARG D 216 -22.11 12.05 3.47
C ARG D 216 -22.51 12.63 4.81
N ARG D 217 -21.61 12.57 5.78
CA ARG D 217 -21.79 13.18 7.08
C ARG D 217 -20.62 14.17 7.36
N ARG D 218 -20.92 15.46 7.60
CA ARG D 218 -19.85 16.43 7.83
C ARG D 218 -19.53 16.46 9.33
N THR D 219 -18.24 16.46 9.69
CA THR D 219 -17.84 16.58 11.09
C THR D 219 -16.66 17.52 11.24
N LEU D 220 -16.55 18.07 12.44
CA LEU D 220 -15.48 18.99 12.79
C LEU D 220 -14.81 18.41 14.04
N GLU D 221 -13.49 18.40 14.06
CA GLU D 221 -12.77 17.94 15.26
C GLU D 221 -11.72 18.96 15.61
N ILE D 222 -11.63 19.36 16.89
CA ILE D 222 -10.45 20.11 17.32
C ILE D 222 -9.44 19.06 17.83
N LEU D 223 -8.38 18.86 17.06
CA LEU D 223 -7.41 17.83 17.41
C LEU D 223 -6.50 18.28 18.56
N LYS D 224 -6.13 19.55 18.51
CA LYS D 224 -5.07 20.10 19.36
C LYS D 224 -5.25 21.61 19.51
N LEU D 225 -5.15 22.11 20.74
CA LEU D 225 -5.00 23.55 21.00
C LEU D 225 -3.91 23.65 22.05
N ARG D 226 -2.74 24.15 21.68
CA ARG D 226 -1.65 24.23 22.65
C ARG D 226 -2.01 25.14 23.79
N GLY D 227 -1.69 24.72 25.01
CA GLY D 227 -1.83 25.60 26.17
C GLY D 227 -3.25 25.84 26.68
N THR D 228 -4.20 25.04 26.22
CA THR D 228 -5.58 25.23 26.66
C THR D 228 -6.45 23.97 26.41
N SER D 229 -7.63 23.94 27.01
CA SER D 229 -8.52 22.80 26.89
C SER D 229 -9.48 22.95 25.73
N HIS D 230 -10.06 21.81 25.34
CA HIS D 230 -11.05 21.77 24.27
C HIS D 230 -11.75 20.42 24.30
N MET D 231 -12.96 20.37 23.76
CA MET D 231 -13.65 19.10 23.56
C MET D 231 -12.95 18.24 22.52
N LYS D 232 -13.12 16.94 22.66
CA LYS D 232 -12.41 15.94 21.87
C LYS D 232 -13.32 15.13 20.95
N GLY D 233 -12.73 14.68 19.85
CA GLY D 233 -13.39 13.82 18.88
C GLY D 233 -14.15 14.62 17.85
N GLU D 234 -15.02 13.94 17.11
CA GLU D 234 -15.75 14.59 16.03
C GLU D 234 -17.12 15.08 16.45
N TYR D 235 -17.53 16.23 15.91
CA TYR D 235 -18.86 16.79 16.13
C TYR D 235 -19.51 17.07 14.79
N PRO D 236 -20.73 16.56 14.59
CA PRO D 236 -21.35 16.75 13.28
C PRO D 236 -21.80 18.20 13.07
N PHE D 237 -21.81 18.62 11.81
CA PHE D 237 -22.31 19.95 11.46
C PHE D 237 -22.93 19.92 10.08
N THR D 238 -23.67 20.98 9.76
CA THR D 238 -24.17 21.15 8.40
C THR D 238 -23.80 22.54 7.92
N ILE D 239 -23.86 22.72 6.61
CA ILE D 239 -23.64 24.03 6.04
C ILE D 239 -25.02 24.51 5.58
N THR D 240 -25.39 25.71 6.00
CA THR D 240 -26.72 26.26 5.81
C THR D 240 -26.58 27.60 5.12
N ASP D 241 -27.72 28.25 4.88
CA ASP D 241 -27.72 29.59 4.32
C ASP D 241 -27.17 30.59 5.32
N HIS D 242 -26.91 30.15 6.56
CA HIS D 242 -26.23 31.05 7.50
C HIS D 242 -24.80 30.60 7.85
N GLY D 243 -24.23 29.71 7.03
CA GLY D 243 -22.87 29.24 7.24
C GLY D 243 -22.77 27.93 8.00
N ILE D 244 -21.67 27.74 8.72
CA ILE D 244 -21.50 26.50 9.45
C ILE D 244 -22.38 26.46 10.68
N ASN D 245 -23.02 25.31 10.89
CA ASN D 245 -23.84 25.11 12.09
C ASN D 245 -23.52 23.77 12.76
N ILE D 246 -22.79 23.82 13.87
CA ILE D 246 -22.42 22.62 14.62
C ILE D 246 -23.39 22.37 15.77
N PHE D 247 -23.43 21.13 16.25
CA PHE D 247 -24.09 20.82 17.51
C PHE D 247 -23.28 19.79 18.32
N PRO D 248 -23.60 20.82 19.88
CA PRO D 248 -22.80 20.47 21.06
C PRO D 248 -23.51 19.43 21.94
N LEU D 249 -23.39 18.17 21.55
CA LEU D 249 -24.05 17.12 22.31
C LEU D 249 -23.52 17.06 23.73
N GLY D 250 -22.21 16.88 23.89
CA GLY D 250 -21.65 16.76 25.23
C GLY D 250 -21.80 18.02 26.06
N ALA D 251 -21.69 19.19 25.43
CA ALA D 251 -21.64 20.45 26.18
C ALA D 251 -22.95 20.80 26.85
N MET D 252 -24.06 20.20 26.45
CA MET D 252 -25.36 20.57 26.99
C MET D 252 -25.36 20.42 28.50
N ARG D 253 -26.10 21.29 29.18
CA ARG D 253 -26.18 21.25 30.62
C ARG D 253 -27.64 21.33 31.06
N LEU D 254 -27.87 20.85 32.28
CA LEU D 254 -29.16 20.39 32.75
C LEU D 254 -29.94 21.45 33.52
N THR D 255 -29.45 22.68 33.55
CA THR D 255 -29.91 23.71 34.49
C THR D 255 -31.42 23.99 34.40
N GLN D 256 -32.10 23.49 33.38
CA GLN D 256 -33.46 23.91 33.08
C GLN D 256 -34.43 23.51 34.19
N ARG D 257 -35.37 24.41 34.47
CA ARG D 257 -36.33 24.32 35.55
C ARG D 257 -37.45 23.34 35.26
N SER D 258 -38.16 22.94 36.32
CA SER D 258 -39.32 22.06 36.25
C SER D 258 -40.40 22.54 37.19
N SER D 259 -41.63 22.05 36.97
CA SER D 259 -42.75 22.44 37.82
C SER D 259 -43.87 21.41 37.69
N ASN D 260 -44.77 21.43 38.65
CA ASN D 260 -45.85 20.45 38.73
C ASN D 260 -47.05 20.85 37.92
N VAL D 261 -46.96 21.93 37.15
CA VAL D 261 -48.07 22.35 36.31
C VAL D 261 -48.51 21.19 35.44
N ARG D 262 -49.80 20.87 35.50
CA ARG D 262 -50.33 19.83 34.64
C ARG D 262 -50.72 20.39 33.29
N VAL D 263 -51.14 19.49 32.39
CA VAL D 263 -51.69 19.86 31.09
C VAL D 263 -52.76 18.85 30.72
N SER D 264 -53.87 19.33 30.17
CA SER D 264 -54.90 18.46 29.66
C SER D 264 -54.50 17.86 28.33
N SER D 265 -54.77 16.57 28.17
CA SER D 265 -54.55 15.94 26.86
C SER D 265 -55.70 16.24 25.93
N GLY D 266 -56.92 16.17 26.44
CA GLY D 266 -58.11 16.12 25.62
C GLY D 266 -58.86 14.81 25.67
N VAL D 267 -58.32 13.78 26.30
CA VAL D 267 -59.12 12.59 26.63
C VAL D 267 -59.21 12.51 28.14
N VAL D 268 -60.37 12.87 28.68
CA VAL D 268 -60.52 13.01 30.12
C VAL D 268 -60.41 11.66 30.80
N ARG D 269 -61.22 10.70 30.35
CA ARG D 269 -61.19 9.35 30.87
C ARG D 269 -59.77 8.85 31.01
N LEU D 270 -58.98 9.04 29.95
CA LEU D 270 -57.55 8.76 30.05
C LEU D 270 -56.90 9.64 31.09
N ASP D 271 -57.04 10.95 30.93
CA ASP D 271 -56.41 11.88 31.84
C ASP D 271 -56.85 11.64 33.27
N GLU D 272 -57.99 10.99 33.45
CA GLU D 272 -58.38 10.56 34.78
C GLU D 272 -57.43 9.50 35.31
N MET D 273 -56.99 8.58 34.46
CA MET D 273 -55.89 7.73 34.86
C MET D 273 -54.55 8.46 34.85
N CYS D 274 -54.53 9.68 34.33
CA CYS D 274 -53.35 10.52 34.46
C CYS D 274 -53.38 11.38 35.70
N GLY D 275 -54.38 11.19 36.56
CA GLY D 275 -54.44 11.90 37.82
C GLY D 275 -54.33 13.40 37.62
N GLY D 276 -55.19 13.94 36.76
CA GLY D 276 -55.12 15.34 36.44
C GLY D 276 -54.23 15.66 35.26
N GLY D 277 -53.99 14.70 34.38
CA GLY D 277 -53.31 14.99 33.14
C GLY D 277 -51.81 15.03 33.26
N PHE D 278 -51.20 15.30 32.11
CA PHE D 278 -49.75 15.27 31.96
C PHE D 278 -49.11 16.45 32.68
N PHE D 279 -47.82 16.30 32.96
CA PHE D 279 -47.02 17.43 33.42
C PHE D 279 -46.77 18.38 32.27
N LYS D 280 -46.85 19.69 32.56
CA LYS D 280 -46.45 20.67 31.57
C LYS D 280 -45.05 20.37 31.04
N ASP D 281 -44.10 20.20 31.95
CA ASP D 281 -42.73 19.92 31.58
C ASP D 281 -42.52 18.43 31.75
N SER D 282 -42.42 17.73 30.63
CA SER D 282 -42.30 16.28 30.60
C SER D 282 -42.33 15.84 29.14
N ILE D 283 -41.92 14.60 28.90
CA ILE D 283 -41.87 14.03 27.56
C ILE D 283 -42.71 12.77 27.55
N ILE D 284 -43.53 12.59 26.51
CA ILE D 284 -44.48 11.50 26.48
C ILE D 284 -44.09 10.54 25.38
N LEU D 285 -44.05 9.24 25.71
CA LEU D 285 -43.64 8.21 24.77
C LEU D 285 -44.71 7.15 24.68
N ALA D 286 -45.35 7.04 23.52
CA ALA D 286 -46.34 6.02 23.24
C ALA D 286 -45.84 5.15 22.11
N THR D 287 -46.00 3.84 22.28
CA THR D 287 -45.42 2.89 21.34
C THR D 287 -46.21 1.60 21.44
N GLY D 288 -46.11 0.78 20.40
CA GLY D 288 -46.80 -0.48 20.38
C GLY D 288 -46.86 -1.02 18.96
N ALA D 289 -47.86 -1.85 18.73
CA ALA D 289 -48.08 -2.40 17.41
C ALA D 289 -48.51 -1.31 16.46
N THR D 290 -48.40 -1.61 15.17
CA THR D 290 -49.01 -0.72 14.20
C THR D 290 -50.53 -0.78 14.35
N GLY D 291 -51.19 0.23 13.79
CA GLY D 291 -52.63 0.28 13.72
C GLY D 291 -53.32 0.75 14.98
N THR D 292 -52.61 0.88 16.08
CA THR D 292 -53.25 0.99 17.37
C THR D 292 -53.79 2.37 17.66
N GLY D 293 -53.62 3.31 16.74
CA GLY D 293 -54.01 4.67 17.00
C GLY D 293 -52.86 5.57 17.41
N LYS D 294 -51.63 5.14 17.17
CA LYS D 294 -50.49 6.00 17.42
C LYS D 294 -50.71 7.34 16.74
N THR D 295 -50.95 7.29 15.43
CA THR D 295 -51.22 8.51 14.69
C THR D 295 -52.46 9.20 15.23
N LEU D 296 -53.43 8.43 15.74
CA LEU D 296 -54.64 9.00 16.32
C LEU D 296 -54.32 9.94 17.46
N LEU D 297 -53.77 9.39 18.55
CA LEU D 297 -53.76 10.09 19.82
C LEU D 297 -53.14 11.47 19.71
N VAL D 298 -52.30 11.67 18.71
CA VAL D 298 -51.84 13.00 18.36
C VAL D 298 -53.03 13.95 18.26
N SER D 299 -54.06 13.53 17.55
CA SER D 299 -55.15 14.43 17.18
C SER D 299 -55.90 14.90 18.40
N ARG D 300 -56.40 13.97 19.20
CA ARG D 300 -57.04 14.35 20.46
C ARG D 300 -56.13 15.30 21.23
N PHE D 301 -54.84 14.96 21.33
CA PHE D 301 -53.92 15.80 22.06
C PHE D 301 -53.74 17.15 21.39
N VAL D 302 -53.31 17.13 20.14
CA VAL D 302 -52.88 18.37 19.51
C VAL D 302 -54.03 19.36 19.41
N GLU D 303 -55.20 18.88 19.03
CA GLU D 303 -56.34 19.77 18.86
C GLU D 303 -56.59 20.61 20.09
N ASN D 304 -56.45 20.00 21.27
CA ASN D 304 -56.88 20.62 22.51
C ASN D 304 -56.33 22.04 22.65
N ALA D 305 -55.14 22.28 22.11
CA ALA D 305 -54.51 23.58 22.27
C ALA D 305 -55.39 24.69 21.72
N CYS D 306 -56.01 24.46 20.58
CA CYS D 306 -56.82 25.50 19.94
C CYS D 306 -57.92 25.98 20.88
N ALA D 307 -58.68 25.04 21.42
CA ALA D 307 -59.72 25.42 22.38
C ALA D 307 -59.15 26.22 23.54
N ASN D 308 -57.86 26.05 23.81
CA ASN D 308 -57.18 26.86 24.80
C ASN D 308 -56.49 28.05 24.18
N LYS D 309 -56.59 28.22 22.86
CA LYS D 309 -56.03 29.37 22.17
C LYS D 309 -54.54 29.50 22.44
N GLU D 310 -53.87 28.37 22.56
CA GLU D 310 -52.44 28.34 22.77
C GLU D 310 -51.77 27.68 21.57
N ARG D 311 -50.51 28.03 21.35
CA ARG D 311 -49.84 27.66 20.11
C ARG D 311 -49.70 26.14 19.98
N ALA D 312 -49.66 25.66 18.74
CA ALA D 312 -49.38 24.26 18.49
C ALA D 312 -48.79 24.06 17.10
N ILE D 313 -47.91 23.06 16.95
CA ILE D 313 -47.30 22.71 15.67
C ILE D 313 -47.02 21.20 15.65
N LEU D 314 -47.21 20.57 14.49
CA LEU D 314 -47.01 19.14 14.33
C LEU D 314 -45.97 18.83 13.25
N PHE D 315 -45.25 17.72 13.44
CA PHE D 315 -44.42 17.10 12.42
C PHE D 315 -45.01 15.76 12.02
N ALA D 316 -44.86 15.39 10.75
CA ALA D 316 -45.32 14.07 10.31
C ALA D 316 -44.38 13.48 9.27
N TYR D 317 -43.90 12.25 9.53
CA TYR D 317 -43.17 11.51 8.51
C TYR D 317 -43.95 10.38 7.84
N GLU D 318 -45.15 10.05 8.31
CA GLU D 318 -45.80 8.87 7.75
C GLU D 318 -46.85 9.14 6.68
N GLU D 319 -47.36 10.36 6.57
CA GLU D 319 -48.60 10.54 5.81
C GLU D 319 -48.72 11.96 5.30
N SER D 320 -49.59 12.12 4.32
CA SER D 320 -49.93 13.43 3.80
C SER D 320 -50.92 14.13 4.71
N ARG D 321 -50.90 15.47 4.64
CA ARG D 321 -51.97 16.24 5.23
C ARG D 321 -53.31 15.69 4.80
N ALA D 322 -53.49 15.50 3.49
CA ALA D 322 -54.75 15.01 2.97
C ALA D 322 -55.17 13.74 3.68
N GLN D 323 -54.29 12.74 3.68
CA GLN D 323 -54.56 11.52 4.42
C GLN D 323 -54.96 11.85 5.84
N LEU D 324 -54.12 12.62 6.53
CA LEU D 324 -54.50 13.15 7.82
C LEU D 324 -55.84 13.85 7.73
N LEU D 325 -55.94 14.83 6.83
CA LEU D 325 -57.20 15.51 6.64
C LEU D 325 -58.31 14.50 6.39
N ARG D 326 -58.04 13.52 5.54
CA ARG D 326 -59.10 12.56 5.26
C ARG D 326 -59.47 11.81 6.52
N ASN D 327 -58.52 11.63 7.42
CA ASN D 327 -58.85 11.14 8.75
C ASN D 327 -59.34 12.25 9.66
N ALA D 328 -58.81 13.46 9.48
CA ALA D 328 -59.10 14.57 10.38
C ALA D 328 -60.59 14.81 10.50
N TYR D 329 -61.19 15.35 9.45
CA TYR D 329 -62.62 15.65 9.51
C TYR D 329 -63.41 14.39 9.78
N SER D 330 -62.97 13.28 9.20
CA SER D 330 -63.51 11.99 9.61
C SER D 330 -63.47 11.85 11.11
N TRP D 331 -62.37 12.25 11.72
CA TRP D 331 -62.25 12.27 13.16
C TRP D 331 -62.62 13.62 13.75
N GLY D 332 -63.00 14.58 12.92
CA GLY D 332 -63.39 15.90 13.39
C GLY D 332 -62.23 16.85 13.53
N MET D 333 -62.32 17.76 14.50
CA MET D 333 -61.25 18.73 14.79
C MET D 333 -60.71 19.41 13.53
N ASP D 334 -61.46 20.39 13.03
CA ASP D 334 -61.04 21.16 11.86
C ASP D 334 -59.60 21.63 11.98
N PHE D 335 -58.83 21.34 10.95
CA PHE D 335 -57.53 21.95 10.80
C PHE D 335 -57.63 23.28 10.09
N GLU D 336 -58.57 23.39 9.16
CA GLU D 336 -58.48 24.34 8.05
C GLU D 336 -58.28 25.75 8.55
N GLU D 337 -59.21 26.24 9.36
CA GLU D 337 -59.02 27.59 9.89
C GLU D 337 -58.02 27.61 11.02
N MET D 338 -57.99 26.55 11.84
CA MET D 338 -56.96 26.44 12.85
C MET D 338 -55.59 26.63 12.23
N GLU D 339 -55.41 26.08 11.04
CA GLU D 339 -54.23 26.40 10.25
C GLU D 339 -54.13 27.89 10.01
N ARG D 340 -55.20 28.49 9.48
CA ARG D 340 -55.19 29.93 9.24
C ARG D 340 -55.07 30.70 10.54
N GLN D 341 -55.92 30.37 11.51
CA GLN D 341 -55.84 31.01 12.81
C GLN D 341 -54.53 30.65 13.49
N ASN D 342 -53.75 29.79 12.84
CA ASN D 342 -52.33 29.69 13.09
C ASN D 342 -52.06 29.16 14.49
N LEU D 343 -52.92 28.26 14.94
CA LEU D 343 -52.56 27.41 16.06
C LEU D 343 -52.09 26.03 15.61
N LEU D 344 -52.00 25.81 14.30
CA LEU D 344 -51.66 24.50 13.79
C LEU D 344 -50.76 24.62 12.57
N LYS D 345 -49.77 23.74 12.48
CA LYS D 345 -48.83 23.77 11.37
C LYS D 345 -48.23 22.38 11.20
N ILE D 346 -47.72 22.12 9.99
CA ILE D 346 -47.46 20.76 9.52
C ILE D 346 -46.14 20.76 8.76
N VAL D 347 -45.62 19.55 8.49
CA VAL D 347 -44.31 19.39 7.85
C VAL D 347 -44.41 18.73 6.48
N CYS D 348 -44.81 17.46 6.44
CA CYS D 348 -44.85 16.66 5.21
C CYS D 348 -43.46 16.53 4.58
N ALA D 349 -42.62 15.75 5.25
CA ALA D 349 -41.29 15.42 4.74
C ALA D 349 -41.14 13.91 4.66
N TYR D 350 -40.00 13.48 4.12
CA TYR D 350 -39.63 12.07 4.03
C TYR D 350 -38.35 11.84 4.82
N PRO D 351 -38.39 10.96 5.83
CA PRO D 351 -37.33 10.95 6.86
C PRO D 351 -35.91 10.90 6.33
N GLU D 352 -35.71 10.37 5.13
CA GLU D 352 -34.37 10.18 4.60
C GLU D 352 -33.91 11.37 3.78
N SER D 353 -34.70 12.45 3.76
CA SER D 353 -34.44 13.58 2.88
C SER D 353 -33.07 14.20 3.10
N ALA D 354 -32.39 13.87 4.18
CA ALA D 354 -31.06 14.40 4.46
C ALA D 354 -30.48 13.56 5.59
N GLY D 355 -29.33 13.99 6.10
CA GLY D 355 -28.77 13.35 7.28
C GLY D 355 -29.75 13.41 8.44
N LEU D 356 -29.60 12.44 9.34
CA LEU D 356 -30.52 12.35 10.47
C LEU D 356 -30.59 13.66 11.22
N GLU D 357 -29.44 14.18 11.63
CA GLU D 357 -29.40 15.41 12.40
C GLU D 357 -29.99 16.58 11.63
N ASP D 358 -29.90 16.54 10.30
CA ASP D 358 -30.36 17.67 9.51
C ASP D 358 -31.79 18.00 9.85
N HIS D 359 -32.61 16.96 10.02
CA HIS D 359 -33.95 17.14 10.55
C HIS D 359 -33.93 17.95 11.83
N LEU D 360 -33.05 17.58 12.75
CA LEU D 360 -33.00 18.25 14.04
C LEU D 360 -32.80 19.75 13.86
N GLN D 361 -31.98 20.14 12.90
CA GLN D 361 -31.86 21.56 12.60
C GLN D 361 -33.17 22.10 12.08
N ILE D 362 -33.76 21.40 11.11
CA ILE D 362 -35.07 21.78 10.59
C ILE D 362 -36.03 22.03 11.74
N ILE D 363 -36.02 21.12 12.71
CA ILE D 363 -36.88 21.23 13.88
C ILE D 363 -36.66 22.56 14.58
N LYS D 364 -35.44 22.78 15.09
CA LYS D 364 -35.17 23.93 15.95
C LYS D 364 -35.59 25.22 15.28
N SER D 365 -35.08 25.46 14.07
CA SER D 365 -35.46 26.65 13.32
C SER D 365 -36.97 26.82 13.31
N GLU D 366 -37.68 25.75 12.92
CA GLU D 366 -39.13 25.75 13.01
C GLU D 366 -39.58 26.05 14.42
N ILE D 367 -39.02 25.35 15.40
CA ILE D 367 -39.32 25.68 16.79
C ILE D 367 -38.96 27.13 17.07
N ASN D 368 -37.80 27.58 16.59
CA ASN D 368 -37.45 28.97 16.72
C ASN D 368 -38.57 29.85 16.18
N ASP D 369 -39.13 29.46 15.05
CA ASP D 369 -40.12 30.29 14.37
C ASP D 369 -41.33 30.59 15.25
N PHE D 370 -42.21 29.60 15.39
CA PHE D 370 -43.48 29.83 16.04
C PHE D 370 -43.50 29.40 17.50
N LYS D 371 -42.50 28.63 17.95
CA LYS D 371 -42.30 28.12 19.31
C LYS D 371 -43.59 27.81 20.08
N PRO D 372 -44.38 26.85 19.64
CA PRO D 372 -45.49 26.35 20.47
C PRO D 372 -45.00 25.39 21.54
N ALA D 373 -45.81 25.27 22.58
CA ALA D 373 -45.45 24.41 23.70
C ALA D 373 -45.64 22.93 23.40
N ARG D 374 -46.45 22.59 22.42
CA ARG D 374 -46.69 21.19 22.07
C ARG D 374 -45.91 20.84 20.81
N ILE D 375 -45.45 19.59 20.76
CA ILE D 375 -44.82 19.06 19.56
C ILE D 375 -45.00 17.55 19.56
N ALA D 376 -45.04 16.97 18.36
CA ALA D 376 -45.16 15.52 18.27
C ALA D 376 -44.29 15.00 17.14
N ILE D 377 -43.39 14.07 17.49
CA ILE D 377 -42.60 13.36 16.50
C ILE D 377 -43.43 12.24 15.90
N ASP D 378 -43.23 12.00 14.60
CA ASP D 378 -43.83 10.90 13.88
C ASP D 378 -42.78 9.83 13.61
N SER D 379 -43.10 8.59 13.98
CA SER D 379 -42.41 7.40 13.47
C SER D 379 -40.91 7.44 13.72
N LEU D 380 -40.55 7.27 14.99
CA LEU D 380 -39.17 6.99 15.30
C LEU D 380 -38.64 5.85 14.46
N SER D 381 -39.51 4.89 14.12
CA SER D 381 -39.08 3.70 13.40
C SER D 381 -38.41 4.05 12.09
N ALA D 382 -39.12 4.75 11.22
CA ALA D 382 -38.52 5.17 9.96
C ALA D 382 -37.26 5.98 10.21
N LEU D 383 -37.27 6.79 11.26
CA LEU D 383 -36.08 7.53 11.62
C LEU D 383 -34.95 6.63 12.05
N ALA D 384 -35.24 5.38 12.39
CA ALA D 384 -34.22 4.43 12.79
C ALA D 384 -33.74 3.54 11.66
N ARG D 385 -34.27 3.74 10.44
CA ARG D 385 -33.93 2.85 9.35
C ARG D 385 -32.49 3.04 8.90
N GLY D 386 -31.79 1.94 8.71
CA GLY D 386 -30.46 1.99 8.14
C GLY D 386 -29.48 2.80 8.94
N VAL D 387 -29.65 2.83 10.26
CA VAL D 387 -28.82 3.64 11.14
C VAL D 387 -28.41 2.80 12.33
N SER D 388 -27.16 2.99 12.78
CA SER D 388 -26.72 2.41 14.03
C SER D 388 -27.64 2.87 15.15
N ASN D 389 -27.97 1.94 16.05
CA ASN D 389 -28.73 2.30 17.23
C ASN D 389 -28.12 3.53 17.89
N ASN D 390 -26.80 3.51 18.07
CA ASN D 390 -26.07 4.60 18.71
C ASN D 390 -26.48 5.94 18.15
N ALA D 391 -26.15 6.19 16.88
CA ALA D 391 -26.48 7.47 16.26
C ALA D 391 -27.94 7.79 16.46
N PHE D 392 -28.82 6.86 16.06
CA PHE D 392 -30.25 7.03 16.30
C PHE D 392 -30.51 7.32 17.77
N ARG D 393 -29.97 6.47 18.65
CA ARG D 393 -30.04 6.75 20.07
C ARG D 393 -29.45 8.12 20.37
N GLN D 394 -28.29 8.40 19.79
CA GLN D 394 -27.67 9.69 20.03
C GLN D 394 -28.49 10.82 19.42
N PHE D 395 -29.27 10.51 18.38
CA PHE D 395 -30.16 11.50 17.81
C PHE D 395 -31.17 11.99 18.84
N VAL D 396 -31.94 11.08 19.41
CA VAL D 396 -33.01 11.47 20.31
C VAL D 396 -32.46 12.23 21.50
N ILE D 397 -31.33 11.78 22.04
CA ILE D 397 -30.67 12.51 23.11
C ILE D 397 -30.51 13.97 22.71
N GLY D 398 -30.16 14.22 21.46
CA GLY D 398 -30.21 15.58 20.96
C GLY D 398 -31.61 16.16 21.08
N VAL D 399 -32.60 15.45 20.55
CA VAL D 399 -33.97 15.94 20.60
C VAL D 399 -34.38 16.16 22.03
N THR D 400 -33.88 15.33 22.94
CA THR D 400 -34.19 15.42 24.35
C THR D 400 -34.07 16.83 24.88
N GLY D 401 -32.84 17.33 24.96
CA GLY D 401 -32.59 18.58 25.65
C GLY D 401 -33.27 19.76 25.01
N TYR D 402 -33.00 19.98 23.71
CA TYR D 402 -33.58 21.13 23.04
C TYR D 402 -35.08 21.14 23.25
N ALA D 403 -35.71 19.97 23.22
CA ALA D 403 -37.08 19.86 23.68
C ALA D 403 -37.20 20.35 25.11
N LYS D 404 -36.42 19.76 26.01
CA LYS D 404 -36.55 20.09 27.41
C LYS D 404 -36.17 21.53 27.67
N GLN D 405 -35.03 21.97 27.13
CA GLN D 405 -34.52 23.29 27.49
C GLN D 405 -35.48 24.40 27.06
N GLU D 406 -36.12 24.23 25.90
CA GLU D 406 -37.09 25.20 25.44
C GLU D 406 -38.38 25.15 26.24
N GLU D 407 -38.49 24.19 27.15
CA GLU D 407 -39.69 24.01 27.96
C GLU D 407 -40.86 23.64 27.05
N ILE D 408 -40.63 22.65 26.21
CA ILE D 408 -41.64 22.12 25.30
C ILE D 408 -42.16 20.83 25.90
N THR D 409 -43.42 20.53 25.70
CA THR D 409 -44.02 19.32 26.24
C THR D 409 -43.89 18.21 25.19
N GLY D 410 -43.07 17.21 25.51
CA GLY D 410 -42.70 16.21 24.52
C GLY D 410 -43.66 15.04 24.40
N LEU D 411 -43.93 14.65 23.15
CA LEU D 411 -44.67 13.46 22.80
C LEU D 411 -44.12 12.90 21.50
N PHE D 412 -43.80 11.60 21.47
CA PHE D 412 -43.20 11.00 20.30
C PHE D 412 -44.00 9.77 19.85
N THR D 413 -43.71 9.34 18.62
CA THR D 413 -44.38 8.22 17.98
C THR D 413 -43.37 7.16 17.64
N ASN D 414 -43.52 5.98 18.22
CA ASN D 414 -42.62 4.87 17.94
C ASN D 414 -43.43 3.62 17.65
N THR D 415 -42.75 2.61 17.11
CA THR D 415 -43.37 1.34 16.76
C THR D 415 -42.48 0.19 17.16
N SER D 416 -43.08 -0.86 17.72
CA SER D 416 -42.35 -2.06 18.05
C SER D 416 -42.15 -2.92 16.81
N ASP D 417 -41.03 -3.65 16.79
CA ASP D 417 -40.78 -4.58 15.69
C ASP D 417 -41.89 -5.60 15.58
N GLN D 418 -41.96 -6.52 16.53
CA GLN D 418 -42.90 -7.62 16.47
C GLN D 418 -44.12 -7.31 17.31
N PHE D 419 -45.28 -7.66 16.79
CA PHE D 419 -46.52 -7.60 17.52
C PHE D 419 -46.61 -8.75 18.52
N MET D 420 -47.48 -8.57 19.52
CA MET D 420 -47.99 -9.69 20.30
C MET D 420 -46.90 -10.48 21.01
N GLY D 421 -46.37 -9.93 22.10
CA GLY D 421 -45.41 -10.64 22.91
C GLY D 421 -43.99 -10.14 22.83
N ALA D 422 -43.74 -9.01 22.17
CA ALA D 422 -42.45 -8.36 22.30
C ALA D 422 -42.22 -7.99 23.75
N HIS D 423 -41.08 -8.41 24.28
CA HIS D 423 -40.77 -8.20 25.68
C HIS D 423 -39.95 -6.94 25.93
N SER D 424 -39.68 -6.17 24.89
CA SER D 424 -38.91 -4.94 25.00
C SER D 424 -39.78 -3.76 24.59
N ILE D 425 -39.80 -2.73 25.44
CA ILE D 425 -40.51 -1.49 25.11
C ILE D 425 -39.97 -0.91 23.82
N THR D 426 -38.66 -0.92 23.66
CA THR D 426 -38.02 -0.15 22.60
C THR D 426 -36.85 -0.93 22.01
N ASP D 427 -36.75 -0.92 20.68
CA ASP D 427 -35.59 -1.50 20.01
C ASP D 427 -34.32 -0.79 20.44
N SER D 428 -34.30 0.53 20.32
CA SER D 428 -33.17 1.36 20.69
C SER D 428 -33.15 1.68 22.17
N HIS D 429 -34.08 1.13 22.95
CA HIS D 429 -34.07 1.25 24.41
C HIS D 429 -34.17 2.71 24.86
N ILE D 430 -35.17 3.42 24.37
CA ILE D 430 -35.30 4.83 24.65
C ILE D 430 -36.03 5.04 25.98
N SER D 431 -36.65 3.97 26.46
CA SER D 431 -37.51 4.00 27.64
C SER D 431 -37.12 4.98 28.72
N THR D 432 -35.82 5.08 28.99
CA THR D 432 -35.34 5.87 30.11
C THR D 432 -35.38 7.35 29.84
N ILE D 433 -35.32 7.74 28.58
CA ILE D 433 -35.16 9.14 28.27
C ILE D 433 -36.53 9.82 28.14
N THR D 434 -37.45 9.44 29.00
CA THR D 434 -38.75 10.09 29.02
C THR D 434 -39.33 10.01 30.41
N ASP D 435 -40.17 10.97 30.72
CA ASP D 435 -40.75 11.05 32.05
C ASP D 435 -41.95 10.12 32.19
N THR D 436 -42.57 9.76 31.07
CA THR D 436 -43.79 8.98 31.09
C THR D 436 -43.84 8.13 29.84
N ILE D 437 -44.39 6.92 29.96
CA ILE D 437 -44.41 5.97 28.87
C ILE D 437 -45.81 5.39 28.75
N ILE D 438 -46.29 5.28 27.52
CA ILE D 438 -47.54 4.62 27.24
C ILE D 438 -47.27 3.42 26.36
N LEU D 439 -48.09 2.40 26.52
CA LEU D 439 -48.04 1.23 25.66
C LEU D 439 -49.44 0.92 25.16
N LEU D 440 -49.51 0.53 23.89
CA LEU D 440 -50.70 -0.10 23.35
C LEU D 440 -50.34 -1.50 22.89
N GLN D 441 -51.30 -2.40 22.98
CA GLN D 441 -51.03 -3.77 22.55
C GLN D 441 -52.33 -4.45 22.18
N TYR D 442 -52.27 -5.31 21.18
CA TYR D 442 -53.44 -6.05 20.75
C TYR D 442 -53.65 -7.27 21.64
N VAL D 443 -54.90 -7.72 21.72
CA VAL D 443 -55.27 -8.78 22.64
C VAL D 443 -56.24 -9.71 21.97
N GLU D 444 -56.04 -11.01 22.17
CA GLU D 444 -57.00 -12.00 21.71
C GLU D 444 -58.15 -12.06 22.71
N ILE D 445 -59.36 -11.77 22.24
CA ILE D 445 -60.57 -11.95 23.05
C ILE D 445 -61.64 -12.56 22.16
N ARG D 446 -62.12 -13.74 22.51
CA ARG D 446 -63.16 -14.42 21.75
C ARG D 446 -62.85 -14.37 20.26
N GLY D 447 -61.57 -14.50 19.93
CA GLY D 447 -61.16 -14.39 18.56
C GLY D 447 -61.20 -12.98 18.01
N GLU D 448 -61.21 -11.98 18.88
CA GLU D 448 -61.16 -10.60 18.45
C GLU D 448 -59.91 -9.94 19.02
N MET D 449 -59.24 -9.15 18.19
CA MET D 449 -58.31 -8.17 18.72
C MET D 449 -59.09 -7.02 19.34
N SER D 450 -58.44 -6.32 20.26
CA SER D 450 -59.07 -5.16 20.87
C SER D 450 -57.99 -4.18 21.29
N ARG D 451 -58.40 -2.92 21.36
CA ARG D 451 -57.51 -1.87 21.81
C ARG D 451 -57.24 -2.05 23.30
N ALA D 452 -55.98 -2.18 23.66
CA ALA D 452 -55.57 -2.31 25.06
C ALA D 452 -54.59 -1.20 25.40
N ILE D 453 -54.82 -0.57 26.54
CA ILE D 453 -54.07 0.63 26.91
C ILE D 453 -53.35 0.37 28.22
N ASN D 454 -52.25 1.10 28.42
CA ASN D 454 -51.59 1.14 29.70
C ASN D 454 -50.92 2.49 29.92
N VAL D 455 -50.99 2.97 31.15
CA VAL D 455 -50.08 4.00 31.61
C VAL D 455 -48.95 3.25 32.28
N PHE D 456 -47.80 3.20 31.60
CA PHE D 456 -46.76 2.31 32.10
C PHE D 456 -46.03 2.92 33.27
N LYS D 457 -45.54 4.14 33.10
CA LYS D 457 -44.92 4.87 34.19
C LYS D 457 -45.09 6.36 33.94
N MET D 458 -45.34 7.11 35.00
CA MET D 458 -45.28 8.57 34.95
C MET D 458 -44.53 9.01 36.19
N ARG D 459 -43.37 9.61 35.99
CA ARG D 459 -42.42 9.76 37.10
C ARG D 459 -42.98 10.57 38.24
N GLY D 460 -44.08 11.29 38.05
CA GLY D 460 -44.62 12.03 39.16
C GLY D 460 -45.87 11.54 39.83
N SER D 461 -46.59 10.60 39.24
CA SER D 461 -48.01 10.58 39.57
C SER D 461 -48.57 9.27 40.07
N TRP D 462 -49.90 9.27 40.18
CA TRP D 462 -50.69 8.21 40.78
C TRP D 462 -50.95 7.09 39.78
N HIS D 463 -51.66 7.40 38.69
CA HIS D 463 -51.66 6.62 37.46
C HIS D 463 -51.94 5.13 37.67
N ASP D 464 -53.23 4.79 37.73
CA ASP D 464 -53.67 3.42 37.97
C ASP D 464 -52.91 2.41 37.12
N LYS D 465 -52.42 1.37 37.80
CA LYS D 465 -51.74 0.25 37.17
C LYS D 465 -52.68 -0.65 36.38
N ALA D 466 -53.98 -0.48 36.52
CA ALA D 466 -54.90 -1.38 35.84
C ALA D 466 -54.80 -1.18 34.34
N ILE D 467 -55.29 -2.17 33.60
CA ILE D 467 -55.24 -2.15 32.15
C ILE D 467 -56.66 -2.12 31.63
N ARG D 468 -57.03 -1.01 31.01
CA ARG D 468 -58.39 -0.81 30.54
C ARG D 468 -58.50 -1.11 29.06
N GLU D 469 -59.65 -1.62 28.67
CA GLU D 469 -60.02 -1.77 27.27
C GLU D 469 -60.57 -0.44 26.73
N PHE D 470 -60.46 -0.26 25.43
CA PHE D 470 -60.96 0.98 24.86
C PHE D 470 -61.29 0.78 23.38
N MET D 471 -62.06 1.71 22.82
CA MET D 471 -62.56 1.55 21.47
C MET D 471 -62.69 2.92 20.83
N ILE D 472 -63.13 2.95 19.57
CA ILE D 472 -63.17 4.16 18.77
C ILE D 472 -64.42 4.22 17.91
N SER D 473 -65.11 5.34 17.96
CA SER D 473 -65.93 5.82 16.87
C SER D 473 -65.30 7.10 16.36
N ASP D 474 -65.88 7.68 15.31
CA ASP D 474 -65.40 8.99 14.91
C ASP D 474 -65.72 10.06 15.94
N LYS D 475 -66.57 9.73 16.90
CA LYS D 475 -66.68 10.54 18.10
C LYS D 475 -65.37 10.43 18.86
N GLY D 476 -64.47 9.60 18.37
CA GLY D 476 -63.14 9.51 18.90
C GLY D 476 -62.95 8.23 19.68
N PRO D 477 -61.82 8.14 20.35
CA PRO D 477 -61.56 6.97 21.19
C PRO D 477 -62.33 7.03 22.50
N ASP D 478 -62.62 5.85 23.04
CA ASP D 478 -63.28 5.77 24.34
C ASP D 478 -62.86 4.49 25.04
N ILE D 479 -62.83 4.55 26.36
CA ILE D 479 -62.10 3.59 27.18
C ILE D 479 -63.05 2.85 28.08
N LYS D 480 -63.04 1.53 27.97
CA LYS D 480 -63.78 0.65 28.86
C LYS D 480 -62.90 0.29 30.05
N ASP D 481 -63.28 -0.71 30.81
CA ASP D 481 -62.60 -1.01 32.06
C ASP D 481 -61.73 -2.25 31.95
N SER D 482 -61.11 -2.60 33.07
CA SER D 482 -60.14 -3.68 33.19
C SER D 482 -60.81 -5.05 33.17
N PHE D 483 -60.00 -6.07 32.95
CA PHE D 483 -60.48 -7.44 32.83
C PHE D 483 -60.22 -8.14 34.15
N ARG D 484 -61.26 -8.35 34.95
CA ARG D 484 -61.11 -9.12 36.17
C ARG D 484 -61.30 -10.61 35.94
N ASN D 485 -61.90 -10.98 34.82
CA ASN D 485 -62.16 -12.37 34.49
C ASN D 485 -61.13 -12.96 33.53
N PHE D 486 -60.12 -12.19 33.12
CA PHE D 486 -59.25 -12.61 32.04
C PHE D 486 -57.84 -12.88 32.56
N GLU D 487 -57.12 -13.70 31.79
CA GLU D 487 -55.97 -14.42 32.33
C GLU D 487 -54.83 -14.40 31.33
N ARG D 488 -53.64 -14.00 31.80
CA ARG D 488 -52.44 -13.97 30.97
C ARG D 488 -52.63 -13.09 29.73
N ILE D 489 -53.01 -11.84 29.98
CA ILE D 489 -53.41 -10.97 28.88
C ILE D 489 -52.21 -10.40 28.14
N ILE D 490 -51.15 -10.07 28.88
CA ILE D 490 -50.03 -9.35 28.27
C ILE D 490 -49.35 -10.20 27.21
N SER D 491 -49.23 -11.51 27.47
CA SER D 491 -48.53 -12.38 26.54
C SER D 491 -49.12 -12.29 25.14
N GLY D 492 -50.44 -12.15 25.04
CA GLY D 492 -51.13 -12.23 23.78
C GLY D 492 -51.99 -13.47 23.62
N SER D 493 -51.89 -14.42 24.55
CA SER D 493 -52.76 -15.59 24.58
C SER D 493 -53.55 -15.55 25.89
N PRO D 494 -54.57 -14.71 25.96
CA PRO D 494 -55.31 -14.56 27.22
C PRO D 494 -56.21 -15.76 27.48
N THR D 495 -56.87 -15.73 28.63
CA THR D 495 -57.74 -16.81 29.05
C THR D 495 -58.74 -16.24 30.05
N ARG D 496 -59.81 -16.98 30.31
CA ARG D 496 -60.77 -16.55 31.32
C ARG D 496 -61.20 -17.71 32.19
N GLU E 14 -25.88 39.34 -11.24
CA GLU E 14 -25.66 40.69 -10.73
C GLU E 14 -25.18 40.64 -9.28
N HIS E 15 -26.01 41.12 -8.38
CA HIS E 15 -25.78 41.02 -6.94
C HIS E 15 -26.50 39.79 -6.36
N GLN E 16 -26.79 38.83 -7.22
CA GLN E 16 -27.50 37.65 -6.75
C GLN E 16 -26.57 36.44 -6.66
N ALA E 17 -27.03 35.42 -5.95
CA ALA E 17 -26.30 34.14 -5.91
C ALA E 17 -26.25 33.57 -7.33
N ILE E 18 -25.32 32.65 -7.58
CA ILE E 18 -25.11 32.13 -8.92
C ILE E 18 -26.38 31.42 -9.41
N ALA E 19 -26.71 31.61 -10.69
CA ALA E 19 -27.87 30.95 -11.31
C ALA E 19 -27.43 29.65 -11.98
N LYS E 20 -28.38 28.82 -12.40
CA LYS E 20 -28.03 27.53 -12.98
C LYS E 20 -28.71 27.30 -14.32
N MET E 21 -28.11 26.48 -15.16
CA MET E 21 -28.76 26.13 -16.41
C MET E 21 -29.19 24.69 -16.34
N ARG E 22 -30.41 24.46 -16.80
CA ARG E 22 -31.00 23.13 -16.72
C ARG E 22 -30.32 22.16 -17.66
N THR E 23 -29.97 20.99 -17.15
CA THR E 23 -29.40 19.94 -17.98
C THR E 23 -30.50 19.16 -18.69
N MET E 24 -31.67 19.12 -18.05
CA MET E 24 -32.82 18.31 -18.47
C MET E 24 -32.53 16.82 -18.40
N ILE E 25 -31.44 16.45 -17.72
CA ILE E 25 -31.13 15.05 -17.47
C ILE E 25 -32.00 14.66 -16.30
N GLU E 26 -32.91 13.71 -16.52
CA GLU E 26 -33.93 13.40 -15.53
C GLU E 26 -33.33 13.10 -14.16
N GLY E 27 -33.75 13.85 -13.16
CA GLY E 27 -33.29 13.65 -11.81
C GLY E 27 -32.14 14.58 -11.45
N PHE E 28 -31.31 14.96 -12.43
CA PHE E 28 -30.11 15.70 -12.09
C PHE E 28 -30.44 17.14 -11.67
N ASP E 29 -31.42 17.75 -12.33
CA ASP E 29 -31.73 19.13 -12.01
C ASP E 29 -32.32 19.21 -10.61
N ASP E 30 -32.91 18.12 -10.12
CA ASP E 30 -33.36 18.06 -8.72
C ASP E 30 -32.18 17.95 -7.75
N ILE E 31 -31.31 16.97 -7.99
CA ILE E 31 -30.11 16.81 -7.16
C ILE E 31 -29.28 18.10 -7.08
N SER E 32 -29.16 18.80 -8.21
CA SER E 32 -28.37 20.05 -8.26
C SER E 32 -29.15 21.29 -7.89
N HIS E 33 -30.42 21.12 -7.53
CA HIS E 33 -31.30 22.26 -7.24
C HIS E 33 -31.32 23.27 -8.39
N GLY E 34 -31.53 22.80 -9.60
CA GLY E 34 -31.74 23.75 -10.68
C GLY E 34 -30.86 23.57 -11.90
N GLY E 35 -29.79 22.78 -11.77
CA GLY E 35 -28.92 22.53 -12.91
C GLY E 35 -27.46 22.89 -12.61
N LEU E 36 -26.68 23.13 -13.66
CA LEU E 36 -25.27 23.44 -13.53
C LEU E 36 -25.07 24.94 -13.39
N PRO E 37 -24.24 25.34 -12.43
CA PRO E 37 -23.93 26.77 -12.28
C PRO E 37 -23.49 27.42 -13.58
N ILE E 38 -24.18 28.50 -13.97
CA ILE E 38 -23.93 29.13 -15.26
C ILE E 38 -22.59 29.83 -15.33
N GLY E 39 -21.92 29.68 -16.48
CA GLY E 39 -20.67 30.34 -16.75
C GLY E 39 -19.47 29.73 -16.06
N ARG E 40 -19.62 28.54 -15.49
CA ARG E 40 -18.54 27.85 -14.82
C ARG E 40 -18.34 26.44 -15.34
N SER E 41 -17.21 25.84 -14.96
CA SER E 41 -16.89 24.44 -15.31
C SER E 41 -17.33 23.43 -14.26
N THR E 42 -17.86 22.31 -14.71
CA THR E 42 -18.17 21.21 -13.81
C THR E 42 -17.36 19.99 -14.24
N LEU E 43 -16.59 19.42 -13.31
CA LEU E 43 -15.84 18.23 -13.58
C LEU E 43 -16.76 17.03 -13.38
N VAL E 44 -16.78 16.11 -14.32
CA VAL E 44 -17.52 14.86 -14.13
C VAL E 44 -16.45 13.76 -14.21
N SER E 45 -16.18 13.12 -13.07
CA SER E 45 -15.10 12.15 -12.95
C SER E 45 -15.63 10.75 -12.64
N GLY E 46 -14.96 9.72 -13.14
CA GLY E 46 -15.49 8.39 -12.98
C GLY E 46 -14.61 7.36 -13.65
N THR E 47 -14.73 6.11 -13.22
CA THR E 47 -13.93 5.07 -13.82
C THR E 47 -14.41 4.84 -15.26
N SER E 48 -13.67 4.05 -16.00
CA SER E 48 -14.03 3.73 -17.39
C SER E 48 -15.42 3.13 -17.50
N GLY E 49 -16.21 3.63 -18.45
CA GLY E 49 -17.53 3.07 -18.64
C GLY E 49 -18.57 3.49 -17.61
N THR E 50 -18.36 4.63 -16.91
CA THR E 50 -19.36 5.03 -15.94
C THR E 50 -20.46 5.91 -16.54
N GLY E 51 -20.25 6.41 -17.76
CA GLY E 51 -21.24 7.30 -18.37
C GLY E 51 -20.86 8.78 -18.47
N LYS E 52 -19.58 9.08 -18.29
CA LYS E 52 -19.09 10.48 -18.38
C LYS E 52 -19.37 11.11 -19.75
N THR E 53 -18.94 10.42 -20.79
CA THR E 53 -19.11 10.93 -22.14
C THR E 53 -20.60 11.07 -22.45
N LEU E 54 -21.37 10.06 -22.07
CA LEU E 54 -22.83 10.19 -22.19
C LEU E 54 -23.40 11.44 -21.49
N PHE E 55 -22.99 11.67 -20.25
CA PHE E 55 -23.46 12.86 -19.53
C PHE E 55 -23.15 14.13 -20.33
N SER E 56 -21.93 14.19 -20.84
CA SER E 56 -21.43 15.41 -21.50
C SER E 56 -22.11 15.64 -22.85
N ILE E 57 -22.53 14.56 -23.51
CA ILE E 57 -23.27 14.66 -24.77
C ILE E 57 -24.71 15.08 -24.50
N GLN E 58 -25.33 14.43 -23.51
CA GLN E 58 -26.73 14.67 -23.16
C GLN E 58 -26.94 16.13 -22.75
N PHE E 59 -25.93 16.66 -22.08
CA PHE E 59 -25.92 18.06 -21.66
C PHE E 59 -26.04 18.99 -22.86
N LEU E 60 -25.23 18.73 -23.88
CA LEU E 60 -25.23 19.57 -25.10
C LEU E 60 -26.47 19.36 -25.94
N TYR E 61 -26.87 18.08 -26.04
CA TYR E 61 -28.04 17.71 -26.87
C TYR E 61 -29.30 18.35 -26.32
N ASN E 62 -29.52 18.24 -25.01
CA ASN E 62 -30.68 18.82 -24.40
C ASN E 62 -30.69 20.35 -24.55
N GLY E 63 -29.52 20.98 -24.45
CA GLY E 63 -29.43 22.41 -24.65
C GLY E 63 -29.93 22.81 -26.05
N ILE E 64 -29.48 22.07 -27.06
CA ILE E 64 -29.90 22.34 -28.44
C ILE E 64 -31.39 22.08 -28.62
N ILE E 65 -31.83 20.88 -28.24
CA ILE E 65 -33.21 20.49 -28.51
C ILE E 65 -34.21 21.24 -27.64
N GLU E 66 -33.89 21.47 -26.37
CA GLU E 66 -34.90 22.03 -25.46
C GLU E 66 -34.89 23.55 -25.43
N PHE E 67 -33.71 24.14 -25.63
CA PHE E 67 -33.54 25.58 -25.41
C PHE E 67 -32.98 26.32 -26.62
N ASP E 68 -32.70 25.60 -27.70
CA ASP E 68 -32.00 26.16 -28.85
C ASP E 68 -30.66 26.82 -28.45
N GLU E 69 -29.97 26.23 -27.47
CA GLU E 69 -28.65 26.71 -27.08
C GLU E 69 -27.59 25.87 -27.78
N PRO E 70 -26.78 26.50 -28.63
CA PRO E 70 -25.80 25.76 -29.44
C PRO E 70 -24.69 25.20 -28.56
N GLY E 71 -24.06 24.12 -29.02
CA GLY E 71 -23.04 23.47 -28.22
C GLY E 71 -21.76 23.18 -28.97
N VAL E 72 -20.67 23.15 -28.22
CA VAL E 72 -19.39 22.74 -28.74
C VAL E 72 -18.86 21.56 -27.92
N PHE E 73 -18.48 20.49 -28.63
CA PHE E 73 -17.98 19.28 -27.99
C PHE E 73 -16.56 19.12 -28.42
N VAL E 74 -15.64 19.22 -27.46
CA VAL E 74 -14.22 19.06 -27.72
C VAL E 74 -13.83 17.62 -27.41
N THR E 75 -13.35 16.88 -28.39
CA THR E 75 -13.05 15.46 -28.14
C THR E 75 -11.53 15.16 -28.16
N PHE E 76 -11.04 14.63 -27.04
CA PHE E 76 -9.62 14.27 -26.87
C PHE E 76 -9.38 12.77 -26.99
N GLU E 77 -10.42 11.96 -26.79
CA GLU E 77 -10.24 10.50 -26.80
C GLU E 77 -10.78 9.92 -28.11
N GLU E 78 -12.07 10.14 -28.35
CA GLU E 78 -12.78 9.55 -29.47
C GLU E 78 -12.81 10.41 -30.74
N THR E 79 -12.99 9.78 -31.90
CA THR E 79 -13.13 10.55 -33.14
C THR E 79 -14.55 11.10 -33.26
N PRO E 80 -14.72 12.23 -33.96
CA PRO E 80 -16.09 12.74 -34.13
C PRO E 80 -17.01 11.70 -34.78
N GLN E 81 -16.49 10.90 -35.71
CA GLN E 81 -17.32 9.90 -36.40
C GLN E 81 -17.86 8.89 -35.39
N ASP E 82 -17.00 8.47 -34.47
CA ASP E 82 -17.43 7.51 -33.46
C ASP E 82 -18.38 8.12 -32.43
N ILE E 83 -18.12 9.37 -32.01
CA ILE E 83 -19.03 10.09 -31.12
C ILE E 83 -20.45 10.12 -31.73
N ILE E 84 -20.54 10.41 -33.02
CA ILE E 84 -21.83 10.50 -33.69
C ILE E 84 -22.49 9.13 -33.81
N LYS E 85 -21.69 8.13 -34.18
CA LYS E 85 -22.23 6.79 -34.36
C LYS E 85 -22.73 6.22 -33.02
N ASN E 86 -21.95 6.40 -31.96
CA ASN E 86 -22.36 5.87 -30.66
C ASN E 86 -23.58 6.56 -30.05
N ALA E 87 -23.76 7.84 -30.35
CA ALA E 87 -24.90 8.59 -29.85
C ALA E 87 -26.22 8.09 -30.43
N ARG E 88 -26.18 7.40 -31.58
CA ARG E 88 -27.40 6.78 -32.12
C ARG E 88 -28.00 5.77 -31.12
N SER E 89 -27.20 5.32 -30.17
CA SER E 89 -27.66 4.36 -29.15
C SER E 89 -28.81 4.96 -28.34
N PHE E 90 -28.81 6.29 -28.23
CA PHE E 90 -29.81 6.99 -27.42
C PHE E 90 -30.84 7.74 -28.27
N GLY E 91 -30.87 7.43 -29.57
CA GLY E 91 -31.86 7.99 -30.47
C GLY E 91 -31.53 9.43 -30.80
N TRP E 92 -30.26 9.78 -30.66
CA TRP E 92 -29.84 11.12 -30.96
C TRP E 92 -29.14 11.21 -32.30
N ASP E 93 -29.64 12.08 -33.17
CA ASP E 93 -29.03 12.32 -34.48
C ASP E 93 -28.11 13.52 -34.42
N LEU E 94 -26.85 13.32 -34.01
CA LEU E 94 -25.89 14.44 -33.93
C LEU E 94 -25.43 14.99 -35.29
N ALA E 95 -25.40 14.15 -36.31
CA ALA E 95 -25.00 14.60 -37.65
C ALA E 95 -25.94 15.68 -38.16
N LYS E 96 -27.24 15.49 -37.95
CA LYS E 96 -28.23 16.52 -38.29
C LYS E 96 -27.97 17.86 -37.59
N LEU E 97 -27.63 17.81 -36.31
CA LEU E 97 -27.40 19.03 -35.54
C LEU E 97 -26.14 19.73 -36.01
N VAL E 98 -25.15 18.93 -36.42
CA VAL E 98 -23.90 19.48 -36.94
C VAL E 98 -24.21 20.14 -38.30
N ASP E 99 -25.02 19.46 -39.11
CA ASP E 99 -25.35 20.01 -40.43
C ASP E 99 -26.12 21.33 -40.32
N GLU E 100 -26.93 21.42 -39.26
CA GLU E 100 -27.76 22.58 -38.99
C GLU E 100 -26.99 23.69 -38.30
N GLY E 101 -25.75 23.40 -37.92
CA GLY E 101 -24.90 24.39 -37.26
C GLY E 101 -25.21 24.64 -35.79
N LYS E 102 -25.93 23.73 -35.15
CA LYS E 102 -26.30 23.89 -33.74
C LYS E 102 -25.33 23.17 -32.82
N LEU E 103 -24.60 22.20 -33.40
CA LEU E 103 -23.56 21.48 -32.69
C LEU E 103 -22.28 21.56 -33.49
N PHE E 104 -21.16 21.80 -32.83
CA PHE E 104 -19.85 21.66 -33.48
C PHE E 104 -19.01 20.67 -32.68
N ILE E 105 -18.51 19.65 -33.35
CA ILE E 105 -17.58 18.73 -32.69
C ILE E 105 -16.16 19.13 -33.09
N LEU E 106 -15.36 19.53 -32.12
CA LEU E 106 -13.98 19.94 -32.39
C LEU E 106 -13.01 18.78 -32.17
N ASP E 107 -12.34 18.32 -33.23
CA ASP E 107 -11.47 17.14 -33.14
C ASP E 107 -10.10 17.47 -32.59
N ALA E 108 -9.82 17.08 -31.35
CA ALA E 108 -8.48 17.13 -30.80
C ALA E 108 -8.01 15.73 -30.35
N SER E 109 -8.47 14.69 -31.04
CA SER E 109 -8.13 13.30 -30.64
C SER E 109 -6.75 12.96 -31.22
N PRO E 110 -5.83 12.28 -31.51
CA PRO E 110 -4.55 12.30 -32.19
C PRO E 110 -4.49 11.34 -33.36
N ASP E 111 -3.73 11.74 -34.36
CA ASP E 111 -3.25 10.83 -35.37
C ASP E 111 -2.51 9.69 -34.70
N PRO E 112 -2.73 8.44 -35.08
CA PRO E 112 -1.86 7.36 -34.60
C PRO E 112 -0.40 7.58 -34.93
N GLU E 113 -0.11 8.53 -35.81
CA GLU E 113 1.21 8.70 -36.40
C GLU E 113 2.05 9.78 -35.73
N GLY E 114 1.57 10.35 -34.62
CA GLY E 114 2.27 11.47 -34.00
C GLY E 114 3.66 11.08 -33.51
N GLN E 115 4.40 12.08 -33.02
CA GLN E 115 5.83 11.95 -32.78
C GLN E 115 6.23 12.65 -31.48
N GLU E 116 7.55 12.76 -31.29
CA GLU E 116 8.09 13.28 -30.04
C GLU E 116 8.00 14.80 -29.98
N VAL E 117 7.78 15.33 -28.78
CA VAL E 117 7.48 16.73 -28.55
C VAL E 117 8.17 17.17 -27.26
N VAL E 118 8.49 18.44 -27.21
CA VAL E 118 8.60 19.17 -25.95
C VAL E 118 7.75 20.43 -26.11
N GLY E 119 7.29 20.99 -25.00
CA GLY E 119 6.50 22.20 -25.04
C GLY E 119 5.02 21.91 -25.06
N GLY E 120 4.28 22.77 -24.37
CA GLY E 120 2.86 22.59 -24.17
C GLY E 120 2.04 23.60 -24.93
N PHE E 121 2.68 24.26 -25.89
CA PHE E 121 2.02 25.37 -26.56
C PHE E 121 0.86 24.87 -27.42
N ASP E 122 0.69 23.56 -27.51
CA ASP E 122 -0.40 22.97 -28.27
C ASP E 122 -1.72 23.62 -27.92
N LEU E 123 -0.83 23.85 -27.01
CA LEU E 123 -2.18 23.82 -26.50
C LEU E 123 -2.76 25.23 -26.39
N SER E 124 -1.90 26.25 -26.49
CA SER E 124 -2.38 27.63 -26.58
C SER E 124 -3.19 27.79 -27.84
N ALA E 125 -2.71 27.18 -28.92
CA ALA E 125 -3.42 27.20 -30.19
C ALA E 125 -4.77 26.51 -30.06
N LEU E 126 -4.81 25.45 -29.25
CA LEU E 126 -6.03 24.69 -29.03
C LEU E 126 -7.09 25.54 -28.35
N ILE E 127 -6.70 26.23 -27.28
CA ILE E 127 -7.60 27.11 -26.55
C ILE E 127 -8.20 28.16 -27.48
N GLU E 128 -7.39 28.72 -28.37
CA GLU E 128 -7.88 29.72 -29.30
C GLU E 128 -8.89 29.15 -30.31
N ARG E 129 -8.71 27.90 -30.72
CA ARG E 129 -9.66 27.26 -31.62
C ARG E 129 -10.97 26.97 -30.91
N ILE E 130 -10.88 26.57 -29.64
CA ILE E 130 -12.06 26.36 -28.82
C ILE E 130 -12.82 27.69 -28.70
N ASN E 131 -12.12 28.78 -28.37
CA ASN E 131 -12.74 30.10 -28.34
C ASN E 131 -13.41 30.48 -29.65
N TYR E 132 -12.68 30.33 -30.77
CA TYR E 132 -13.25 30.66 -32.06
C TYR E 132 -14.52 29.89 -32.37
N ALA E 133 -14.54 28.60 -32.03
CA ALA E 133 -15.69 27.75 -32.29
C ALA E 133 -16.88 28.21 -31.47
N ILE E 134 -16.63 28.55 -30.22
CA ILE E 134 -17.71 28.99 -29.33
C ILE E 134 -18.36 30.24 -29.91
N GLN E 135 -17.54 31.16 -30.39
CA GLN E 135 -18.03 32.42 -30.96
C GLN E 135 -18.70 32.20 -32.30
N LYS E 136 -18.08 31.37 -33.15
CA LYS E 136 -18.65 31.08 -34.46
C LYS E 136 -20.05 30.46 -34.38
N TYR E 137 -20.22 29.49 -33.48
CA TYR E 137 -21.50 28.80 -33.35
C TYR E 137 -22.40 29.41 -32.26
N ARG E 138 -21.93 30.50 -31.66
CA ARG E 138 -22.64 31.21 -30.58
C ARG E 138 -23.07 30.21 -29.51
N ALA E 139 -22.13 29.35 -29.13
CA ALA E 139 -22.45 28.27 -28.17
C ALA E 139 -22.54 28.78 -26.75
N ARG E 140 -23.48 28.22 -26.01
CA ARG E 140 -23.60 28.57 -24.59
C ARG E 140 -23.21 27.39 -23.70
N ARG E 141 -23.15 26.22 -24.30
CA ARG E 141 -22.76 25.00 -23.57
C ARG E 141 -21.55 24.40 -24.25
N VAL E 142 -20.60 23.95 -23.45
CA VAL E 142 -19.37 23.33 -23.96
C VAL E 142 -19.13 22.01 -23.20
N SER E 143 -18.73 20.96 -23.91
CA SER E 143 -18.26 19.77 -23.23
C SER E 143 -16.83 19.48 -23.65
N ILE E 144 -15.98 19.18 -22.67
CA ILE E 144 -14.59 18.83 -22.94
C ILE E 144 -14.40 17.37 -22.52
N ASP E 145 -14.21 16.48 -23.49
CA ASP E 145 -14.23 15.06 -23.15
C ASP E 145 -12.85 14.44 -23.00
N SER E 146 -12.63 13.85 -21.83
CA SER E 146 -11.42 13.10 -21.46
C SER E 146 -10.18 14.00 -21.23
N VAL E 147 -10.25 14.81 -20.19
CA VAL E 147 -9.10 15.59 -19.75
C VAL E 147 -7.92 14.66 -19.49
N THR E 148 -8.21 13.48 -18.91
CA THR E 148 -7.18 12.45 -18.72
C THR E 148 -6.32 12.21 -19.97
N SER E 149 -6.96 12.10 -21.13
CA SER E 149 -6.26 11.85 -22.40
C SER E 149 -5.27 12.95 -22.77
N VAL E 150 -5.67 14.21 -22.65
CA VAL E 150 -4.74 15.28 -22.99
C VAL E 150 -3.56 15.24 -22.00
N PHE E 151 -3.82 14.81 -20.75
CA PHE E 151 -2.73 14.63 -19.79
C PHE E 151 -1.73 13.53 -20.22
N GLN E 152 -2.24 12.43 -20.78
CA GLN E 152 -1.37 11.32 -21.16
C GLN E 152 -0.54 11.63 -22.39
N GLN E 153 -0.96 12.61 -23.19
CA GLN E 153 -0.20 12.96 -24.39
C GLN E 153 1.04 13.78 -24.06
N TYR E 154 1.00 14.45 -22.92
CA TYR E 154 2.10 15.30 -22.45
C TYR E 154 2.71 14.76 -21.16
N ASP E 155 2.29 13.55 -20.77
CA ASP E 155 2.83 12.85 -19.60
C ASP E 155 2.64 13.59 -18.28
N ALA E 156 1.47 14.21 -18.11
CA ALA E 156 1.13 14.95 -16.90
C ALA E 156 2.18 16.00 -16.49
N SER E 157 2.95 16.47 -17.48
CA SER E 157 3.84 17.60 -17.27
C SER E 157 2.99 18.80 -16.88
N SER E 158 3.49 19.68 -16.01
CA SER E 158 2.63 20.76 -15.58
C SER E 158 2.52 21.84 -16.65
N VAL E 159 3.01 21.53 -17.84
CA VAL E 159 2.73 22.33 -19.03
C VAL E 159 1.29 22.07 -19.50
N VAL E 160 0.81 20.83 -19.36
CA VAL E 160 -0.59 20.52 -19.67
C VAL E 160 -1.47 20.99 -18.52
N ARG E 161 -0.91 20.98 -17.31
CA ARG E 161 -1.70 21.21 -16.10
C ARG E 161 -2.22 22.64 -15.97
N ARG E 162 -1.41 23.65 -16.27
CA ARG E 162 -1.91 25.00 -16.24
C ARG E 162 -2.12 25.59 -17.64
N GLU E 163 -1.88 24.76 -18.64
CA GLU E 163 -2.53 25.05 -19.92
C GLU E 163 -4.01 24.70 -19.74
N LEU E 164 -4.27 23.71 -18.88
CA LEU E 164 -5.62 23.36 -18.48
C LEU E 164 -6.26 24.53 -17.73
N PHE E 165 -5.51 25.14 -16.81
CA PHE E 165 -6.05 26.29 -16.08
C PHE E 165 -6.32 27.45 -17.03
N ARG E 166 -5.44 27.64 -18.01
CA ARG E 166 -5.67 28.64 -19.05
C ARG E 166 -6.98 28.37 -19.79
N LEU E 167 -7.30 27.10 -20.03
CA LEU E 167 -8.56 26.75 -20.66
C LEU E 167 -9.74 27.07 -19.74
N VAL E 168 -9.70 26.58 -18.49
CA VAL E 168 -10.79 26.80 -17.54
C VAL E 168 -11.08 28.30 -17.39
N ALA E 169 -10.00 29.07 -17.25
CA ALA E 169 -10.07 30.55 -17.13
C ALA E 169 -10.75 31.19 -18.32
N ARG E 170 -10.27 30.83 -19.51
CA ARG E 170 -10.79 31.39 -20.75
C ARG E 170 -12.25 31.05 -20.98
N LEU E 171 -12.65 29.83 -20.62
CA LEU E 171 -14.04 29.44 -20.73
C LEU E 171 -14.89 30.34 -19.83
N LYS E 172 -14.39 30.60 -18.62
CA LYS E 172 -15.12 31.41 -17.66
C LYS E 172 -15.28 32.84 -18.18
N GLN E 173 -14.25 33.34 -18.85
CA GLN E 173 -14.30 34.68 -19.43
C GLN E 173 -15.36 34.80 -20.53
N ILE E 174 -15.48 33.81 -21.40
CA ILE E 174 -16.51 33.86 -22.45
C ILE E 174 -17.91 33.65 -21.86
N GLY E 175 -17.97 33.17 -20.62
CA GLY E 175 -19.24 32.85 -19.99
C GLY E 175 -19.83 31.52 -20.45
N ALA E 176 -18.98 30.64 -20.99
CA ALA E 176 -19.41 29.32 -21.40
C ALA E 176 -19.77 28.49 -20.16
N THR E 177 -20.79 27.65 -20.25
CA THR E 177 -21.08 26.72 -19.16
C THR E 177 -20.58 25.35 -19.63
N THR E 178 -19.66 24.76 -18.87
CA THR E 178 -18.81 23.71 -19.44
C THR E 178 -18.85 22.44 -18.59
N VAL E 179 -18.94 21.28 -19.24
CA VAL E 179 -18.72 19.98 -18.57
C VAL E 179 -17.36 19.48 -19.04
N MET E 180 -16.55 19.04 -18.10
CA MET E 180 -15.28 18.42 -18.41
C MET E 180 -15.27 17.01 -17.82
N THR E 181 -15.02 16.01 -18.67
CA THR E 181 -14.96 14.65 -18.15
C THR E 181 -13.54 14.20 -17.93
N THR E 182 -13.35 13.33 -16.95
CA THR E 182 -12.03 12.82 -16.67
C THR E 182 -12.08 11.48 -15.94
N GLU E 183 -11.00 10.72 -16.02
CA GLU E 183 -11.00 9.35 -15.48
C GLU E 183 -10.51 9.28 -14.02
N ARG E 184 -11.00 8.30 -13.30
CA ARG E 184 -10.39 7.93 -12.02
C ARG E 184 -10.23 6.43 -12.03
N ILE E 185 -9.36 5.92 -11.14
CA ILE E 185 -9.02 4.48 -11.11
C ILE E 185 -9.84 3.66 -10.15
N GLU E 186 -10.19 4.22 -8.97
CA GLU E 186 -10.94 3.46 -7.98
C GLU E 186 -12.34 4.03 -7.77
N GLU E 187 -13.28 3.18 -7.37
CA GLU E 187 -14.62 3.74 -7.10
C GLU E 187 -14.64 4.59 -5.84
N TYR E 188 -13.92 4.16 -4.80
CA TYR E 188 -13.86 4.97 -3.58
C TYR E 188 -12.43 5.30 -3.29
N GLY E 189 -11.92 6.31 -3.98
CA GLY E 189 -10.54 6.74 -3.85
C GLY E 189 -10.48 8.17 -4.35
N PRO E 190 -9.32 8.58 -4.86
CA PRO E 190 -9.12 9.96 -5.32
C PRO E 190 -10.20 10.39 -6.32
N ILE E 191 -10.50 11.68 -6.33
CA ILE E 191 -11.53 12.22 -7.20
C ILE E 191 -11.20 12.05 -8.68
N ALA E 192 -9.93 12.26 -9.04
CA ALA E 192 -9.55 12.24 -10.45
C ALA E 192 -8.10 11.85 -10.58
N ARG E 193 -7.82 11.01 -11.56
CA ARG E 193 -6.46 10.68 -11.90
C ARG E 193 -5.76 11.98 -12.27
N TYR E 194 -4.48 12.04 -11.91
CA TYR E 194 -3.60 13.18 -12.12
C TYR E 194 -3.99 14.45 -11.36
N GLY E 195 -4.93 14.36 -10.41
CA GLY E 195 -5.34 15.56 -9.69
C GLY E 195 -6.09 16.61 -10.52
N VAL E 196 -6.85 16.18 -11.50
CA VAL E 196 -7.57 17.14 -12.33
C VAL E 196 -8.51 18.10 -11.57
N GLU E 197 -9.02 17.70 -10.40
CA GLU E 197 -10.00 18.52 -9.69
C GLU E 197 -9.42 19.80 -9.11
N GLU E 198 -8.10 19.92 -9.18
CA GLU E 198 -7.43 21.14 -8.77
C GLU E 198 -7.69 22.30 -9.75
N PHE E 199 -7.94 21.98 -11.03
CA PHE E 199 -8.15 23.01 -12.07
C PHE E 199 -9.61 23.19 -12.42
N VAL E 200 -10.30 22.08 -12.66
CA VAL E 200 -11.74 22.12 -12.84
C VAL E 200 -12.31 22.03 -11.44
N SER E 201 -12.12 23.11 -10.68
CA SER E 201 -12.31 23.05 -9.24
C SER E 201 -13.65 23.59 -8.75
N ASP E 202 -14.34 24.41 -9.56
CA ASP E 202 -15.59 25.01 -9.10
C ASP E 202 -16.64 23.97 -8.70
N ASN E 203 -16.93 23.04 -9.60
CA ASN E 203 -17.97 22.03 -9.34
C ASN E 203 -17.45 20.62 -9.64
N VAL E 204 -17.81 19.67 -8.80
CA VAL E 204 -17.35 18.28 -8.98
C VAL E 204 -18.52 17.30 -8.87
N VAL E 205 -18.67 16.47 -9.91
CA VAL E 205 -19.67 15.41 -9.95
C VAL E 205 -18.90 14.10 -10.10
N ILE E 206 -19.25 13.08 -9.31
CA ILE E 206 -18.58 11.79 -9.40
C ILE E 206 -19.56 10.69 -9.84
N LEU E 207 -19.22 10.03 -10.93
CA LEU E 207 -20.00 8.86 -11.38
C LEU E 207 -19.27 7.61 -10.89
N ARG E 208 -20.03 6.66 -10.36
CA ARG E 208 -19.45 5.41 -9.86
C ARG E 208 -20.18 4.23 -10.47
N ASN E 209 -19.47 3.12 -10.54
CA ASN E 209 -19.97 1.86 -11.06
C ASN E 209 -19.53 0.84 -10.00
N VAL E 210 -20.26 0.71 -8.92
CA VAL E 210 -19.72 -0.01 -7.77
C VAL E 210 -20.03 -1.50 -7.85
N LEU E 211 -19.07 -2.35 -7.51
CA LEU E 211 -19.34 -3.78 -7.42
C LEU E 211 -20.05 -4.13 -6.10
N GLU E 212 -21.25 -4.68 -6.24
CA GLU E 212 -22.05 -5.19 -5.14
C GLU E 212 -22.03 -6.70 -5.30
N GLY E 213 -21.04 -7.36 -4.71
CA GLY E 213 -20.84 -8.78 -4.94
C GLY E 213 -20.39 -8.87 -6.38
N GLU E 214 -21.13 -9.60 -7.20
CA GLU E 214 -20.75 -9.69 -8.62
C GLU E 214 -21.61 -8.80 -9.49
N ARG E 215 -22.47 -7.98 -8.86
CA ARG E 215 -23.35 -7.09 -9.61
C ARG E 215 -22.78 -5.66 -9.60
N ARG E 216 -23.15 -4.87 -10.61
CA ARG E 216 -22.75 -3.44 -10.66
C ARG E 216 -23.94 -2.53 -10.36
N ARG E 217 -23.68 -1.49 -9.59
CA ARG E 217 -24.68 -0.46 -9.29
C ARG E 217 -24.12 0.92 -9.70
N ARG E 218 -24.80 1.65 -10.61
CA ARG E 218 -24.30 2.95 -11.04
C ARG E 218 -24.83 4.03 -10.11
N THR E 219 -23.98 4.96 -9.69
CA THR E 219 -24.42 6.09 -8.87
C THR E 219 -23.77 7.38 -9.32
N LEU E 220 -24.46 8.47 -8.99
CA LEU E 220 -23.99 9.81 -9.32
C LEU E 220 -23.97 10.59 -8.01
N GLU E 221 -22.91 11.34 -7.78
CA GLU E 221 -22.84 12.19 -6.57
C GLU E 221 -22.42 13.58 -6.98
N ILE E 222 -23.12 14.61 -6.51
CA ILE E 222 -22.57 15.95 -6.63
C ILE E 222 -21.76 16.23 -5.36
N LEU E 223 -20.44 16.24 -5.49
CA LEU E 223 -19.58 16.40 -4.33
C LEU E 223 -19.55 17.84 -3.83
N LYS E 224 -19.55 18.76 -4.79
CA LYS E 224 -19.27 20.18 -4.54
C LYS E 224 -19.87 21.05 -5.63
N LEU E 225 -20.56 22.12 -5.26
CA LEU E 225 -20.93 23.19 -6.20
C LEU E 225 -20.64 24.48 -5.47
N ARG E 226 -19.61 25.20 -5.89
CA ARG E 226 -19.24 26.43 -5.18
C ARG E 226 -20.38 27.44 -5.25
N GLY E 227 -20.65 28.09 -4.13
CA GLY E 227 -21.60 29.21 -4.13
C GLY E 227 -23.08 28.86 -4.23
N THR E 228 -23.41 27.59 -4.05
CA THR E 228 -24.81 27.18 -4.14
C THR E 228 -25.07 25.82 -3.45
N SER E 229 -26.34 25.49 -3.26
CA SER E 229 -26.73 24.27 -2.58
C SER E 229 -26.92 23.13 -3.55
N HIS E 230 -26.90 21.92 -3.00
CA HIS E 230 -27.13 20.70 -3.77
C HIS E 230 -27.38 19.54 -2.82
N MET E 231 -28.06 18.52 -3.31
CA MET E 231 -28.21 17.28 -2.55
C MET E 231 -26.88 16.56 -2.41
N LYS E 232 -26.76 15.80 -1.33
CA LYS E 232 -25.52 15.14 -0.92
C LYS E 232 -25.57 13.62 -1.01
N GLY E 233 -24.41 13.04 -1.24
CA GLY E 233 -24.22 11.60 -1.26
C GLY E 233 -24.50 11.03 -2.64
N GLU E 234 -24.64 9.72 -2.70
CA GLU E 234 -24.83 9.03 -3.96
C GLU E 234 -26.29 8.78 -4.31
N TYR E 235 -26.62 8.91 -5.60
CA TYR E 235 -27.95 8.62 -6.11
C TYR E 235 -27.85 7.61 -7.25
N PRO E 236 -28.60 6.53 -7.16
CA PRO E 236 -28.47 5.51 -8.21
C PRO E 236 -29.09 5.97 -9.54
N PHE E 237 -28.53 5.47 -10.63
CA PHE E 237 -29.07 5.75 -11.95
C PHE E 237 -28.85 4.57 -12.88
N THR E 238 -29.55 4.57 -14.00
CA THR E 238 -29.29 3.59 -15.05
C THR E 238 -29.08 4.31 -16.36
N ILE E 239 -28.47 3.62 -17.31
CA ILE E 239 -28.33 4.17 -18.65
C ILE E 239 -29.33 3.39 -19.51
N THR E 240 -30.14 4.13 -20.25
CA THR E 240 -31.26 3.59 -21.00
C THR E 240 -31.13 4.03 -22.44
N ASP E 241 -32.07 3.63 -23.26
CA ASP E 241 -32.12 4.07 -24.65
C ASP E 241 -32.46 5.55 -24.73
N HIS E 242 -32.78 6.18 -23.60
CA HIS E 242 -32.94 7.64 -23.61
C HIS E 242 -31.85 8.38 -22.82
N GLY E 243 -30.74 7.70 -22.55
CA GLY E 243 -29.62 8.32 -21.83
C GLY E 243 -29.61 8.07 -20.34
N ILE E 244 -29.06 9.00 -19.57
CA ILE E 244 -29.00 8.80 -18.14
C ILE E 244 -30.35 9.02 -17.49
N ASN E 245 -30.70 8.13 -16.58
CA ASN E 245 -31.93 8.26 -15.83
C ASN E 245 -31.70 8.05 -14.33
N ILE E 246 -31.70 9.15 -13.57
CA ILE E 246 -31.50 9.11 -12.12
C ILE E 246 -32.83 9.09 -11.38
N PHE E 247 -32.81 8.64 -10.12
CA PHE E 247 -33.94 8.85 -9.22
C PHE E 247 -33.45 9.19 -7.80
N PRO E 248 -34.79 10.51 -7.70
CA PRO E 248 -34.68 11.46 -6.57
C PRO E 248 -35.45 10.98 -5.36
N LEU E 249 -34.83 10.09 -4.59
CA LEU E 249 -35.51 9.56 -3.41
C LEU E 249 -35.82 10.66 -2.42
N GLY E 250 -34.80 11.39 -1.98
CA GLY E 250 -35.02 12.42 -0.98
C GLY E 250 -35.89 13.56 -1.47
N ALA E 251 -35.76 13.93 -2.75
CA ALA E 251 -36.41 15.12 -3.25
C ALA E 251 -37.93 15.00 -3.33
N MET E 252 -38.47 13.78 -3.28
CA MET E 252 -39.90 13.60 -3.45
C MET E 252 -40.66 14.40 -2.40
N ARG E 253 -41.84 14.89 -2.79
CA ARG E 253 -42.65 15.68 -1.89
C ARG E 253 -44.09 15.17 -1.91
N LEU E 254 -44.80 15.48 -0.83
CA LEU E 254 -45.97 14.76 -0.39
C LEU E 254 -47.28 15.40 -0.87
N THR E 255 -47.21 16.41 -1.74
CA THR E 255 -48.34 17.30 -2.03
C THR E 255 -49.57 16.56 -2.53
N GLN E 256 -49.46 15.29 -2.89
CA GLN E 256 -50.53 14.59 -3.59
C GLN E 256 -51.80 14.47 -2.77
N ARG E 257 -52.93 14.63 -3.45
CA ARG E 257 -54.27 14.68 -2.87
C ARG E 257 -54.78 13.31 -2.46
N SER E 258 -55.81 13.31 -1.62
CA SER E 258 -56.48 12.10 -1.17
C SER E 258 -57.99 12.34 -1.12
N SER E 259 -58.75 11.24 -1.09
CA SER E 259 -60.21 11.33 -1.04
C SER E 259 -60.79 10.04 -0.49
N ASN E 260 -62.03 10.12 -0.06
CA ASN E 260 -62.70 8.98 0.57
C ASN E 260 -63.36 8.05 -0.42
N VAL E 261 -63.16 8.28 -1.72
CA VAL E 261 -63.72 7.40 -2.72
C VAL E 261 -63.33 5.97 -2.44
N ARG E 262 -64.32 5.10 -2.36
CA ARG E 262 -64.04 3.70 -2.14
C ARG E 262 -63.79 2.99 -3.47
N VAL E 263 -63.43 1.71 -3.39
CA VAL E 263 -63.28 0.84 -4.56
C VAL E 263 -63.71 -0.57 -4.16
N SER E 264 -64.44 -1.23 -5.05
CA SER E 264 -64.80 -2.61 -4.85
C SER E 264 -63.61 -3.53 -5.13
N SER E 265 -63.43 -4.52 -4.26
CA SER E 265 -62.42 -5.53 -4.54
C SER E 265 -62.93 -6.56 -5.52
N GLY E 266 -64.18 -6.98 -5.36
CA GLY E 266 -64.69 -8.16 -6.01
C GLY E 266 -65.00 -9.30 -5.07
N VAL E 267 -64.64 -9.23 -3.80
CA VAL E 267 -65.16 -10.16 -2.81
C VAL E 267 -66.02 -9.37 -1.84
N VAL E 268 -67.34 -9.50 -1.97
CA VAL E 268 -68.24 -8.64 -1.22
C VAL E 268 -68.18 -8.97 0.26
N ARG E 269 -68.37 -10.25 0.60
CA ARG E 269 -68.29 -10.69 1.98
C ARG E 269 -67.08 -10.11 2.66
N LEU E 270 -65.93 -10.18 2.00
CA LEU E 270 -64.74 -9.49 2.51
C LEU E 270 -64.98 -7.99 2.56
N ASP E 271 -65.33 -7.41 1.42
CA ASP E 271 -65.54 -5.98 1.36
C ASP E 271 -66.58 -5.52 2.35
N GLU E 272 -67.45 -6.42 2.78
CA GLU E 272 -68.36 -6.11 3.86
C GLU E 272 -67.60 -5.87 5.16
N MET E 273 -66.56 -6.67 5.42
CA MET E 273 -65.67 -6.30 6.51
C MET E 273 -64.76 -5.14 6.14
N CYS E 274 -64.77 -4.72 4.88
CA CYS E 274 -64.09 -3.51 4.48
C CYS E 274 -64.98 -2.29 4.58
N GLY E 275 -66.20 -2.44 5.10
CA GLY E 275 -67.09 -1.33 5.29
C GLY E 275 -67.27 -0.52 4.02
N GLY E 276 -67.65 -1.18 2.95
CA GLY E 276 -67.77 -0.52 1.68
C GLY E 276 -66.50 -0.55 0.84
N GLY E 277 -65.61 -1.48 1.09
CA GLY E 277 -64.48 -1.68 0.21
C GLY E 277 -63.32 -0.74 0.50
N PHE E 278 -62.29 -0.91 -0.31
CA PHE E 278 -61.03 -0.20 -0.15
C PHE E 278 -61.17 1.26 -0.53
N PHE E 279 -60.24 2.06 -0.04
CA PHE E 279 -60.12 3.43 -0.51
C PHE E 279 -59.54 3.45 -1.91
N LYS E 280 -60.08 4.33 -2.75
CA LYS E 280 -59.48 4.54 -4.06
C LYS E 280 -57.99 4.84 -3.93
N ASP E 281 -57.66 5.80 -3.09
CA ASP E 281 -56.27 6.20 -2.89
C ASP E 281 -55.82 5.56 -1.60
N SER E 282 -54.98 4.54 -1.71
CA SER E 282 -54.51 3.74 -0.59
C SER E 282 -53.66 2.61 -1.14
N ILE E 283 -52.89 1.98 -0.26
CA ILE E 283 -51.99 0.89 -0.63
C ILE E 283 -52.36 -0.32 0.22
N ILE E 284 -52.43 -1.50 -0.41
CA ILE E 284 -52.92 -2.69 0.26
C ILE E 284 -51.78 -3.68 0.41
N LEU E 285 -51.61 -4.20 1.62
CA LEU E 285 -50.52 -5.12 1.91
C LEU E 285 -51.07 -6.40 2.51
N ALA E 286 -50.96 -7.51 1.78
CA ALA E 286 -51.37 -8.81 2.25
C ALA E 286 -50.14 -9.71 2.32
N THR E 287 -50.03 -10.46 3.41
CA THR E 287 -48.84 -11.23 3.66
C THR E 287 -49.21 -12.36 4.60
N GLY E 288 -48.38 -13.39 4.62
CA GLY E 288 -48.61 -14.54 5.48
C GLY E 288 -47.78 -15.72 5.03
N ALA E 289 -48.26 -16.90 5.37
CA ALA E 289 -47.61 -18.12 4.96
C ALA E 289 -47.73 -18.29 3.45
N THR E 290 -46.89 -19.16 2.93
CA THR E 290 -47.10 -19.57 1.56
C THR E 290 -48.39 -20.36 1.44
N GLY E 291 -48.89 -20.47 0.20
CA GLY E 291 -50.04 -21.29 -0.10
C GLY E 291 -51.37 -20.67 0.20
N THR E 292 -51.41 -19.55 0.88
CA THR E 292 -52.64 -19.09 1.49
C THR E 292 -53.56 -18.41 0.50
N GLY E 293 -53.18 -18.32 -0.76
CA GLY E 293 -53.97 -17.58 -1.72
C GLY E 293 -53.47 -16.19 -1.99
N LYS E 294 -52.25 -15.89 -1.60
CA LYS E 294 -51.66 -14.60 -1.94
C LYS E 294 -51.82 -14.35 -3.43
N THR E 295 -51.31 -15.28 -4.23
CA THR E 295 -51.44 -15.17 -5.67
C THR E 295 -52.91 -15.15 -6.08
N LEU E 296 -53.77 -15.84 -5.32
CA LEU E 296 -55.20 -15.84 -5.59
C LEU E 296 -55.79 -14.43 -5.57
N LEU E 297 -55.77 -13.80 -4.40
CA LEU E 297 -56.61 -12.64 -4.16
C LEU E 297 -56.39 -11.57 -5.21
N VAL E 298 -55.22 -11.58 -5.84
CA VAL E 298 -55.00 -10.75 -7.03
C VAL E 298 -56.15 -10.91 -8.00
N SER E 299 -56.51 -12.17 -8.28
CA SER E 299 -57.42 -12.47 -9.37
C SER E 299 -58.81 -11.90 -9.12
N ARG E 300 -59.40 -12.25 -7.98
CA ARG E 300 -60.66 -11.63 -7.60
C ARG E 300 -60.57 -10.12 -7.72
N PHE E 301 -59.49 -9.54 -7.20
CA PHE E 301 -59.34 -8.10 -7.26
C PHE E 301 -59.16 -7.61 -8.68
N VAL E 302 -58.15 -8.13 -9.37
CA VAL E 302 -57.78 -7.54 -10.65
C VAL E 302 -58.91 -7.66 -11.65
N GLU E 303 -59.54 -8.84 -11.71
CA GLU E 303 -60.60 -9.06 -12.68
C GLU E 303 -61.66 -7.97 -12.62
N ASN E 304 -62.03 -7.55 -11.40
CA ASN E 304 -63.18 -6.70 -11.20
C ASN E 304 -63.15 -5.50 -12.13
N ALA E 305 -61.97 -5.01 -12.45
CA ALA E 305 -61.86 -3.80 -13.27
C ALA E 305 -62.56 -3.98 -14.60
N CYS E 306 -62.40 -5.14 -15.22
CA CYS E 306 -62.98 -5.36 -16.54
C CYS E 306 -64.49 -5.15 -16.52
N ALA E 307 -65.17 -5.80 -15.59
CA ALA E 307 -66.61 -5.59 -15.45
C ALA E 307 -66.95 -4.13 -15.28
N ASN E 308 -66.02 -3.34 -14.77
CA ASN E 308 -66.17 -1.91 -14.69
C ASN E 308 -65.58 -1.19 -15.89
N LYS E 309 -65.01 -1.94 -16.83
CA LYS E 309 -64.48 -1.36 -18.07
C LYS E 309 -63.44 -0.29 -17.76
N GLU E 310 -62.67 -0.50 -16.70
CA GLU E 310 -61.61 0.41 -16.33
C GLU E 310 -60.28 -0.31 -16.44
N ARG E 311 -59.23 0.47 -16.65
CA ARG E 311 -57.93 -0.10 -17.01
C ARG E 311 -57.38 -0.97 -15.90
N ALA E 312 -56.57 -1.97 -16.27
CA ALA E 312 -55.86 -2.76 -15.28
C ALA E 312 -54.60 -3.37 -15.90
N ILE E 313 -53.56 -3.55 -15.07
CA ILE E 313 -52.31 -4.18 -15.47
C ILE E 313 -51.69 -4.90 -14.27
N LEU E 314 -51.08 -6.06 -14.53
CA LEU E 314 -50.47 -6.87 -13.48
C LEU E 314 -48.99 -7.10 -13.73
N PHE E 315 -48.22 -7.24 -12.64
CA PHE E 315 -46.85 -7.72 -12.66
C PHE E 315 -46.80 -9.07 -11.95
N ALA E 316 -45.91 -9.96 -12.40
CA ALA E 316 -45.72 -11.25 -11.73
C ALA E 316 -44.26 -11.66 -11.75
N TYR E 317 -43.70 -11.97 -10.57
CA TYR E 317 -42.39 -12.58 -10.49
C TYR E 317 -42.39 -14.06 -10.15
N GLU E 318 -43.53 -14.66 -9.80
CA GLU E 318 -43.48 -16.03 -9.33
C GLU E 318 -43.83 -17.09 -10.35
N GLU E 319 -44.49 -16.75 -11.45
CA GLU E 319 -45.13 -17.79 -12.25
C GLU E 319 -45.32 -17.32 -13.68
N SER E 320 -45.56 -18.31 -14.55
CA SER E 320 -45.88 -18.04 -15.94
C SER E 320 -47.34 -17.65 -16.07
N ARG E 321 -47.61 -16.90 -17.15
CA ARG E 321 -48.99 -16.72 -17.56
C ARG E 321 -49.72 -18.05 -17.61
N ALA E 322 -49.13 -19.02 -18.29
CA ALA E 322 -49.75 -20.32 -18.43
C ALA E 322 -50.15 -20.88 -17.08
N GLN E 323 -49.19 -20.96 -16.16
CA GLN E 323 -49.50 -21.38 -14.81
C GLN E 323 -50.65 -20.57 -14.26
N LEU E 324 -50.51 -19.25 -14.30
CA LEU E 324 -51.64 -18.39 -13.98
C LEU E 324 -52.86 -18.79 -14.79
N LEU E 325 -52.71 -18.80 -16.12
CA LEU E 325 -53.81 -19.24 -16.97
C LEU E 325 -54.32 -20.59 -16.51
N ARG E 326 -53.42 -21.51 -16.22
CA ARG E 326 -53.88 -22.82 -15.81
C ARG E 326 -54.66 -22.73 -14.52
N ASN E 327 -54.33 -21.76 -13.68
CA ASN E 327 -55.17 -21.45 -12.55
C ASN E 327 -56.32 -20.53 -12.93
N ALA E 328 -56.10 -19.64 -13.89
CA ALA E 328 -57.09 -18.63 -14.25
C ALA E 328 -58.41 -19.25 -14.60
N TYR E 329 -58.49 -19.90 -15.76
CA TYR E 329 -59.75 -20.48 -16.17
C TYR E 329 -60.23 -21.50 -15.16
N SER E 330 -59.29 -22.24 -14.57
CA SER E 330 -59.62 -23.06 -13.42
C SER E 330 -60.35 -22.22 -12.38
N TRP E 331 -59.87 -21.01 -12.15
CA TRP E 331 -60.54 -20.07 -11.27
C TRP E 331 -61.48 -19.16 -12.02
N GLY E 332 -61.60 -19.31 -13.33
CA GLY E 332 -62.49 -18.50 -14.12
C GLY E 332 -61.85 -17.20 -14.59
N MET E 333 -62.65 -16.14 -14.72
CA MET E 333 -62.19 -14.83 -15.13
C MET E 333 -61.26 -14.87 -16.34
N ASP E 334 -61.84 -15.01 -17.52
CA ASP E 334 -61.08 -15.03 -18.77
C ASP E 334 -60.09 -13.88 -18.83
N PHE E 335 -58.85 -14.22 -19.10
CA PHE E 335 -57.86 -13.22 -19.48
C PHE E 335 -57.90 -12.93 -20.97
N GLU E 336 -58.21 -13.95 -21.75
CA GLU E 336 -57.78 -14.00 -23.15
C GLU E 336 -58.23 -12.78 -23.93
N GLU E 337 -59.53 -12.53 -23.95
CA GLU E 337 -60.00 -11.34 -24.65
C GLU E 337 -59.79 -10.09 -23.81
N MET E 338 -59.93 -10.21 -22.48
CA MET E 338 -59.60 -9.10 -21.61
C MET E 338 -58.22 -8.58 -21.94
N GLU E 339 -57.29 -9.51 -22.20
CA GLU E 339 -55.99 -9.13 -22.75
C GLU E 339 -56.16 -8.35 -24.03
N ARG E 340 -56.90 -8.92 -24.99
CA ARG E 340 -57.12 -8.22 -26.26
C ARG E 340 -57.90 -6.94 -26.04
N GLN E 341 -59.02 -7.03 -25.32
CA GLN E 341 -59.81 -5.84 -25.01
C GLN E 341 -59.00 -4.91 -24.12
N ASN E 342 -57.81 -5.36 -23.73
CA ASN E 342 -56.77 -4.48 -23.27
C ASN E 342 -57.15 -3.81 -21.96
N LEU E 343 -57.87 -4.53 -21.11
CA LEU E 343 -57.95 -4.16 -19.72
C LEU E 343 -57.00 -4.97 -18.85
N LEU E 344 -56.17 -5.82 -19.46
CA LEU E 344 -55.30 -6.69 -18.70
C LEU E 344 -53.96 -6.84 -19.40
N LYS E 345 -52.88 -6.85 -18.61
CA LYS E 345 -51.55 -6.96 -19.17
C LYS E 345 -50.62 -7.52 -18.10
N ILE E 346 -49.51 -8.11 -18.55
CA ILE E 346 -48.72 -9.03 -17.75
C ILE E 346 -47.23 -8.75 -17.99
N VAL E 347 -46.37 -9.31 -17.15
CA VAL E 347 -44.93 -9.05 -17.20
C VAL E 347 -44.13 -10.30 -17.55
N CYS E 348 -44.11 -11.28 -16.65
CA CYS E 348 -43.30 -12.49 -16.78
C CYS E 348 -41.81 -12.16 -16.83
N ALA E 349 -41.28 -11.75 -15.69
CA ALA E 349 -39.86 -11.49 -15.54
C ALA E 349 -39.31 -12.33 -14.39
N TYR E 350 -37.99 -12.25 -14.20
CA TYR E 350 -37.28 -12.91 -13.11
C TYR E 350 -36.61 -11.87 -12.24
N PRO E 351 -36.95 -11.80 -10.95
CA PRO E 351 -36.64 -10.61 -10.15
C PRO E 351 -35.19 -10.15 -10.21
N GLU E 352 -34.27 -11.05 -10.49
CA GLU E 352 -32.86 -10.73 -10.46
C GLU E 352 -32.34 -10.28 -11.81
N SER E 353 -33.23 -10.10 -12.78
CA SER E 353 -32.84 -9.81 -14.16
C SER E 353 -32.00 -8.56 -14.30
N ALA E 354 -31.94 -7.73 -13.27
CA ALA E 354 -31.13 -6.51 -13.30
C ALA E 354 -31.05 -6.00 -11.87
N GLY E 355 -30.49 -4.81 -11.71
CA GLY E 355 -30.50 -4.17 -10.41
C GLY E 355 -31.92 -3.98 -9.90
N LEU E 356 -32.04 -3.93 -8.57
CA LEU E 356 -33.35 -3.84 -7.96
C LEU E 356 -34.13 -2.68 -8.53
N GLU E 357 -33.53 -1.49 -8.49
CA GLU E 357 -34.22 -0.30 -8.98
C GLU E 357 -34.58 -0.42 -10.45
N ASP E 358 -33.80 -1.17 -11.22
CA ASP E 358 -34.03 -1.24 -12.66
C ASP E 358 -35.46 -1.65 -12.92
N HIS E 359 -35.96 -2.61 -12.14
CA HIS E 359 -37.38 -2.95 -12.17
C HIS E 359 -38.23 -1.70 -12.01
N LEU E 360 -37.91 -0.88 -11.03
CA LEU E 360 -38.72 0.30 -10.76
C LEU E 360 -38.82 1.17 -11.99
N GLN E 361 -37.74 1.30 -12.75
CA GLN E 361 -37.85 2.00 -14.01
C GLN E 361 -38.78 1.27 -14.96
N ILE E 362 -38.57 -0.04 -15.11
CA ILE E 362 -39.45 -0.86 -15.93
C ILE E 362 -40.90 -0.58 -15.57
N ILE E 363 -41.17 -0.52 -14.27
CA ILE E 363 -42.53 -0.25 -13.78
C ILE E 363 -43.04 1.07 -14.35
N LYS E 364 -42.37 2.17 -14.01
CA LYS E 364 -42.89 3.50 -14.33
C LYS E 364 -43.20 3.62 -15.82
N SER E 365 -42.20 3.33 -16.66
CA SER E 365 -42.42 3.35 -18.10
C SER E 365 -43.68 2.60 -18.47
N GLU E 366 -43.79 1.36 -18.00
CA GLU E 366 -45.01 0.60 -18.17
C GLU E 366 -46.20 1.36 -17.61
N ILE E 367 -46.08 1.84 -16.39
CA ILE E 367 -47.15 2.69 -15.85
C ILE E 367 -47.37 3.89 -16.74
N ASN E 368 -46.27 4.51 -17.19
CA ASN E 368 -46.40 5.60 -18.14
C ASN E 368 -47.24 5.16 -19.33
N ASP E 369 -47.02 3.95 -19.81
CA ASP E 369 -47.66 3.48 -21.02
C ASP E 369 -49.19 3.49 -20.91
N PHE E 370 -49.73 2.51 -20.19
CA PHE E 370 -51.16 2.32 -20.18
C PHE E 370 -51.85 2.91 -18.95
N LYS E 371 -51.08 3.29 -17.93
CA LYS E 371 -51.50 3.91 -16.67
C LYS E 371 -52.88 3.48 -16.16
N PRO E 372 -53.05 2.21 -15.81
CA PRO E 372 -54.26 1.79 -15.10
C PRO E 372 -54.19 2.14 -13.62
N ALA E 373 -55.37 2.24 -13.02
CA ALA E 373 -55.45 2.60 -11.61
C ALA E 373 -55.08 1.47 -10.68
N ARG E 374 -55.14 0.22 -11.14
CA ARG E 374 -54.79 -0.92 -10.31
C ARG E 374 -53.42 -1.43 -10.66
N ILE E 375 -52.71 -1.93 -9.65
CA ILE E 375 -51.44 -2.59 -9.88
C ILE E 375 -51.20 -3.57 -8.73
N ALA E 376 -50.47 -4.63 -9.02
CA ALA E 376 -50.15 -5.60 -7.97
C ALA E 376 -48.71 -6.07 -8.12
N ILE E 377 -47.94 -5.91 -7.04
CA ILE E 377 -46.60 -6.46 -6.97
C ILE E 377 -46.67 -7.93 -6.60
N ASP E 378 -45.77 -8.72 -7.18
CA ASP E 378 -45.61 -10.12 -6.85
C ASP E 378 -44.35 -10.31 -6.02
N SER E 379 -44.49 -10.99 -4.88
CA SER E 379 -43.37 -11.60 -4.16
C SER E 379 -42.29 -10.58 -3.80
N LEU E 380 -42.62 -9.73 -2.84
CA LEU E 380 -41.58 -8.93 -2.22
C LEU E 380 -40.43 -9.80 -1.76
N SER E 381 -40.72 -11.03 -1.36
CA SER E 381 -39.71 -11.92 -0.80
C SER E 381 -38.55 -12.11 -1.77
N ALA E 382 -38.84 -12.62 -2.97
CA ALA E 382 -37.79 -12.78 -3.96
C ALA E 382 -37.10 -11.46 -4.24
N LEU E 383 -37.87 -10.38 -4.22
CA LEU E 383 -37.28 -9.07 -4.39
C LEU E 383 -36.35 -8.70 -3.26
N ALA E 384 -36.46 -9.39 -2.12
CA ALA E 384 -35.61 -9.13 -0.97
C ALA E 384 -34.41 -10.05 -0.91
N ARG E 385 -34.24 -10.94 -1.88
CA ARG E 385 -33.17 -11.92 -1.80
C ARG E 385 -31.81 -11.26 -1.99
N GLY E 386 -30.87 -11.63 -1.15
CA GLY E 386 -29.49 -11.18 -1.33
C GLY E 386 -29.33 -9.68 -1.30
N VAL E 387 -30.17 -8.99 -0.56
CA VAL E 387 -30.16 -7.53 -0.52
C VAL E 387 -30.24 -7.08 0.93
N SER E 388 -29.51 -6.01 1.25
CA SER E 388 -29.66 -5.36 2.53
C SER E 388 -31.12 -4.94 2.71
N ASN E 389 -31.63 -5.14 3.93
CA ASN E 389 -32.95 -4.65 4.26
C ASN E 389 -33.12 -3.21 3.80
N ASN E 390 -32.14 -2.37 4.14
CA ASN E 390 -32.14 -0.96 3.79
C ASN E 390 -32.51 -0.74 2.34
N ALA E 391 -31.64 -1.16 1.43
CA ALA E 391 -31.90 -0.97 0.01
C ALA E 391 -33.27 -1.50 -0.36
N PHE E 392 -33.54 -2.75 -0.02
CA PHE E 392 -34.88 -3.31 -0.22
C PHE E 392 -35.93 -2.43 0.40
N ARG E 393 -35.75 -2.10 1.69
CA ARG E 393 -36.64 -1.13 2.32
C ARG E 393 -36.65 0.17 1.54
N GLN E 394 -35.46 0.64 1.14
CA GLN E 394 -35.40 1.88 0.39
C GLN E 394 -36.03 1.70 -0.98
N PHE E 395 -36.05 0.48 -1.50
CA PHE E 395 -36.72 0.22 -2.77
C PHE E 395 -38.20 0.54 -2.68
N VAL E 396 -38.90 -0.08 -1.74
CA VAL E 396 -40.34 0.08 -1.66
C VAL E 396 -40.71 1.53 -1.45
N ILE E 397 -39.96 2.22 -0.59
CA ILE E 397 -40.16 3.65 -0.39
C ILE E 397 -40.20 4.35 -1.74
N GLY E 398 -39.31 3.94 -2.65
CA GLY E 398 -39.43 4.41 -4.01
C GLY E 398 -40.76 4.03 -4.62
N VAL E 399 -41.12 2.75 -4.55
CA VAL E 399 -42.38 2.30 -5.11
C VAL E 399 -43.52 3.05 -4.47
N THR E 400 -43.39 3.38 -3.20
CA THR E 400 -44.41 4.08 -2.45
C THR E 400 -44.94 5.30 -3.22
N GLY E 401 -44.10 6.32 -3.34
CA GLY E 401 -44.58 7.59 -3.85
C GLY E 401 -45.08 7.51 -5.27
N TYR E 402 -44.24 7.03 -6.19
CA TYR E 402 -44.64 6.96 -7.59
C TYR E 402 -45.97 6.26 -7.70
N ALA E 403 -46.17 5.21 -6.91
CA ALA E 403 -47.50 4.65 -6.78
C ALA E 403 -48.47 5.71 -6.30
N LYS E 404 -48.16 6.33 -5.16
CA LYS E 404 -49.10 7.29 -4.58
C LYS E 404 -49.29 8.50 -5.49
N GLN E 405 -48.18 9.06 -5.98
CA GLN E 405 -48.29 10.33 -6.70
C GLN E 405 -49.12 10.17 -7.98
N GLU E 406 -48.98 9.03 -8.65
CA GLU E 406 -49.78 8.79 -9.84
C GLU E 406 -51.22 8.50 -9.51
N GLU E 407 -51.55 8.43 -8.23
CA GLU E 407 -52.91 8.12 -7.79
C GLU E 407 -53.30 6.71 -8.24
N ILE E 408 -52.42 5.77 -7.96
CA ILE E 408 -52.63 4.36 -8.25
C ILE E 408 -53.05 3.68 -6.96
N THR E 409 -53.90 2.68 -7.06
CA THR E 409 -54.36 1.96 -5.88
C THR E 409 -53.43 0.78 -5.63
N GLY E 410 -52.68 0.84 -4.54
CA GLY E 410 -51.61 -0.11 -4.30
C GLY E 410 -52.04 -1.41 -3.62
N LEU E 411 -51.50 -2.51 -4.13
CA LEU E 411 -51.62 -3.83 -3.53
C LEU E 411 -50.35 -4.63 -3.81
N PHE E 412 -49.76 -5.21 -2.76
CA PHE E 412 -48.50 -5.92 -2.92
C PHE E 412 -48.60 -7.34 -2.37
N THR E 413 -47.63 -8.15 -2.74
CA THR E 413 -47.55 -9.56 -2.36
C THR E 413 -46.27 -9.80 -1.58
N ASN E 414 -46.42 -10.22 -0.32
CA ASN E 414 -45.26 -10.53 0.49
C ASN E 414 -45.45 -11.88 1.15
N THR E 415 -44.37 -12.40 1.73
CA THR E 415 -44.38 -13.69 2.40
C THR E 415 -43.57 -13.62 3.67
N SER E 416 -44.09 -14.24 4.73
CA SER E 416 -43.38 -14.32 6.00
C SER E 416 -42.34 -15.44 5.93
N ASP E 417 -41.25 -15.26 6.65
CA ASP E 417 -40.24 -16.30 6.75
C ASP E 417 -40.83 -17.59 7.30
N GLN E 418 -41.15 -17.59 8.59
CA GLN E 418 -41.61 -18.79 9.26
C GLN E 418 -43.12 -18.80 9.34
N PHE E 419 -43.70 -19.97 9.11
CA PHE E 419 -45.11 -20.19 9.31
C PHE E 419 -45.43 -20.31 10.80
N MET E 420 -46.70 -20.11 11.13
CA MET E 420 -47.25 -20.58 12.39
C MET E 420 -46.54 -20.01 13.61
N GLY E 421 -46.82 -18.75 13.94
CA GLY E 421 -46.29 -18.14 15.13
C GLY E 421 -45.21 -17.10 14.92
N ALA E 422 -44.95 -16.70 13.68
CA ALA E 422 -44.13 -15.52 13.46
C ALA E 422 -44.80 -14.31 14.08
N HIS E 423 -44.06 -13.60 14.92
CA HIS E 423 -44.60 -12.48 15.66
C HIS E 423 -44.36 -11.15 14.97
N SER E 424 -43.79 -11.16 13.76
CA SER E 424 -43.52 -9.96 13.00
C SER E 424 -44.31 -10.00 11.71
N ILE E 425 -45.03 -8.91 11.42
CA ILE E 425 -45.74 -8.80 10.15
C ILE E 425 -44.76 -8.92 8.99
N THR E 426 -43.61 -8.28 9.10
CA THR E 426 -42.72 -8.11 7.97
C THR E 426 -41.28 -8.24 8.40
N ASP E 427 -40.49 -8.97 7.59
CA ASP E 427 -39.06 -9.04 7.81
C ASP E 427 -38.43 -7.68 7.73
N SER E 428 -38.68 -6.98 6.63
CA SER E 428 -38.16 -5.64 6.40
C SER E 428 -39.00 -4.56 7.05
N HIS E 429 -40.03 -4.94 7.81
CA HIS E 429 -40.82 -4.01 8.60
C HIS E 429 -41.50 -2.95 7.74
N ILE E 430 -42.23 -3.40 6.73
CA ILE E 430 -42.84 -2.48 5.79
C ILE E 430 -44.17 -1.98 6.31
N SER E 431 -44.67 -2.66 7.34
CA SER E 431 -46.00 -2.44 7.90
C SER E 431 -46.49 -1.00 7.86
N THR E 432 -45.61 -0.07 8.15
CA THR E 432 -46.00 1.33 8.29
C THR E 432 -46.27 2.00 6.97
N ILE E 433 -45.65 1.51 5.91
CA ILE E 433 -45.70 2.24 4.65
C ILE E 433 -46.90 1.78 3.84
N THR E 434 -48.03 1.56 4.51
CA THR E 434 -49.24 1.22 3.81
C THR E 434 -50.43 1.67 4.64
N ASP E 435 -51.52 1.94 3.94
CA ASP E 435 -52.71 2.44 4.61
C ASP E 435 -53.52 1.32 5.22
N THR E 436 -53.35 0.10 4.72
CA THR E 436 -54.16 -1.03 5.15
C THR E 436 -53.33 -2.28 5.04
N ILE E 437 -53.55 -3.21 5.96
CA ILE E 437 -52.75 -4.43 6.03
C ILE E 437 -53.67 -5.62 6.18
N ILE E 438 -53.39 -6.68 5.44
CA ILE E 438 -54.10 -7.93 5.58
C ILE E 438 -53.11 -9.00 6.02
N LEU E 439 -53.62 -9.96 6.78
CA LEU E 439 -52.83 -11.11 7.18
C LEU E 439 -53.62 -12.38 6.89
N LEU E 440 -52.92 -13.39 6.41
CA LEU E 440 -53.43 -14.75 6.38
C LEU E 440 -52.56 -15.62 7.25
N GLN E 441 -53.17 -16.63 7.85
CA GLN E 441 -52.38 -17.53 8.68
C GLN E 441 -53.08 -18.86 8.78
N TYR E 442 -52.28 -19.92 8.84
CA TYR E 442 -52.83 -21.26 8.98
C TYR E 442 -53.15 -21.56 10.43
N VAL E 443 -54.11 -22.47 10.64
CA VAL E 443 -54.64 -22.75 11.96
C VAL E 443 -54.83 -24.24 12.13
N GLU E 444 -54.46 -24.76 13.29
CA GLU E 444 -54.75 -26.13 13.63
C GLU E 444 -56.19 -26.22 14.10
N ILE E 445 -57.00 -27.01 13.40
CA ILE E 445 -58.36 -27.32 13.84
C ILE E 445 -58.61 -28.80 13.59
N ARG E 446 -58.89 -29.54 14.66
CA ARG E 446 -59.17 -30.97 14.55
C ARG E 446 -58.14 -31.65 13.66
N GLY E 447 -56.90 -31.20 13.77
CA GLY E 447 -55.86 -31.72 12.90
C GLY E 447 -55.97 -31.25 11.47
N GLU E 448 -56.68 -30.16 11.22
CA GLU E 448 -56.75 -29.58 9.89
C GLU E 448 -56.20 -28.17 9.92
N MET E 449 -55.41 -27.83 8.90
CA MET E 449 -55.19 -26.43 8.62
C MET E 449 -56.44 -25.82 7.99
N SER E 450 -56.56 -24.51 8.10
CA SER E 450 -57.68 -23.83 7.48
C SER E 450 -57.28 -22.41 7.14
N ARG E 451 -57.95 -21.86 6.14
CA ARG E 451 -57.73 -20.49 5.75
C ARG E 451 -58.25 -19.57 6.84
N ALA E 452 -57.38 -18.72 7.36
CA ALA E 452 -57.75 -17.75 8.37
C ALA E 452 -57.42 -16.35 7.87
N ILE E 453 -58.36 -15.43 8.04
CA ILE E 453 -58.24 -14.10 7.45
C ILE E 453 -58.28 -13.07 8.57
N ASN E 454 -57.67 -11.92 8.30
CA ASN E 454 -57.82 -10.76 9.15
C ASN E 454 -57.72 -9.48 8.34
N VAL E 455 -58.55 -8.51 8.70
CA VAL E 455 -58.31 -7.13 8.34
C VAL E 455 -57.55 -6.53 9.51
N PHE E 456 -56.26 -6.32 9.32
CA PHE E 456 -55.45 -5.96 10.47
C PHE E 456 -55.62 -4.50 10.82
N LYS E 457 -55.45 -3.62 9.85
CA LYS E 457 -55.69 -2.21 10.05
C LYS E 457 -56.06 -1.59 8.71
N MET E 458 -57.01 -0.67 8.74
CA MET E 458 -57.31 0.19 7.58
C MET E 458 -57.46 1.60 8.12
N ARG E 459 -56.55 2.48 7.71
CA ARG E 459 -56.41 3.75 8.42
C ARG E 459 -57.67 4.58 8.40
N GLY E 460 -58.63 4.26 7.55
CA GLY E 460 -59.83 5.06 7.56
C GLY E 460 -61.09 4.46 8.17
N SER E 461 -61.13 3.15 8.42
CA SER E 461 -62.46 2.55 8.41
C SER E 461 -62.85 1.77 9.64
N TRP E 462 -63.98 1.10 9.49
CA TRP E 462 -64.68 0.40 10.56
C TRP E 462 -64.09 -0.99 10.78
N HIS E 463 -64.17 -1.85 9.77
CA HIS E 463 -63.33 -3.04 9.62
C HIS E 463 -63.29 -3.94 10.85
N ASP E 464 -64.28 -4.82 10.96
CA ASP E 464 -64.43 -5.72 12.09
C ASP E 464 -63.12 -6.38 12.50
N LYS E 465 -62.82 -6.30 13.79
CA LYS E 465 -61.65 -6.95 14.39
C LYS E 465 -61.77 -8.45 14.44
N ALA E 466 -62.96 -9.01 14.20
CA ALA E 466 -63.12 -10.44 14.34
C ALA E 466 -62.30 -11.16 13.28
N ILE E 467 -62.06 -12.44 13.52
CA ILE E 467 -61.26 -13.27 12.62
C ILE E 467 -62.15 -14.35 12.05
N ARG E 468 -62.39 -14.29 10.76
CA ARG E 468 -63.31 -15.20 10.11
C ARG E 468 -62.53 -16.31 9.40
N GLU E 469 -63.14 -17.49 9.40
CA GLU E 469 -62.67 -18.61 8.59
C GLU E 469 -63.16 -18.47 7.16
N PHE E 470 -62.44 -19.07 6.21
CA PHE E 470 -62.85 -18.97 4.83
C PHE E 470 -62.28 -20.15 4.05
N MET E 471 -62.85 -20.37 2.87
CA MET E 471 -62.50 -21.54 2.08
C MET E 471 -62.62 -21.20 0.59
N ILE E 472 -62.31 -22.18 -0.25
CA ILE E 472 -62.22 -21.97 -1.69
C ILE E 472 -62.81 -23.15 -2.46
N SER E 473 -63.67 -22.86 -3.42
CA SER E 473 -63.88 -23.69 -4.57
C SER E 473 -63.42 -22.90 -5.78
N ASP E 474 -63.47 -23.50 -6.96
CA ASP E 474 -63.20 -22.71 -8.16
C ASP E 474 -64.28 -21.67 -8.40
N LYS E 475 -65.39 -21.76 -7.69
CA LYS E 475 -66.32 -20.65 -7.61
C LYS E 475 -65.62 -19.52 -6.86
N GLY E 476 -64.42 -19.80 -6.37
CA GLY E 476 -63.60 -18.79 -5.76
C GLY E 476 -63.54 -18.96 -4.27
N PRO E 477 -62.95 -17.98 -3.60
CA PRO E 477 -62.88 -18.01 -2.14
C PRO E 477 -64.22 -17.63 -1.52
N ASP E 478 -64.46 -18.17 -0.31
CA ASP E 478 -65.65 -17.80 0.44
C ASP E 478 -65.36 -17.89 1.92
N ILE E 479 -66.04 -17.06 2.69
CA ILE E 479 -65.64 -16.72 4.04
C ILE E 479 -66.71 -17.16 5.02
N LYS E 480 -66.32 -17.98 5.99
CA LYS E 480 -67.17 -18.38 7.09
C LYS E 480 -66.97 -17.39 8.24
N ASP E 481 -67.46 -17.73 9.42
CA ASP E 481 -67.48 -16.79 10.52
C ASP E 481 -66.40 -17.08 11.55
N SER E 482 -66.41 -16.27 12.60
CA SER E 482 -65.41 -16.29 13.67
C SER E 482 -65.61 -17.47 14.61
N PHE E 483 -64.58 -17.74 15.40
CA PHE E 483 -64.57 -18.86 16.32
C PHE E 483 -64.87 -18.33 17.71
N ARG E 484 -66.09 -18.58 18.19
CA ARG E 484 -66.41 -18.20 19.56
C ARG E 484 -66.08 -19.32 20.54
N ASN E 485 -65.88 -20.53 20.06
CA ASN E 485 -65.58 -21.68 20.88
C ASN E 485 -64.09 -22.01 20.92
N PHE E 486 -63.25 -21.24 20.25
CA PHE E 486 -61.86 -21.63 20.05
C PHE E 486 -60.92 -20.69 20.79
N GLU E 487 -59.73 -21.22 21.07
CA GLU E 487 -58.90 -20.68 22.15
C GLU E 487 -57.45 -20.61 21.70
N ARG E 488 -56.83 -19.45 21.86
CA ARG E 488 -55.42 -19.24 21.52
C ARG E 488 -55.15 -19.57 20.06
N ILE E 489 -55.89 -18.91 19.18
CA ILE E 489 -55.85 -19.28 17.77
C ILE E 489 -54.64 -18.71 17.06
N ILE E 490 -54.24 -17.49 17.42
CA ILE E 490 -53.19 -16.81 16.66
C ILE E 490 -51.86 -17.54 16.79
N SER E 491 -51.58 -18.08 17.98
CA SER E 491 -50.31 -18.75 18.20
C SER E 491 -50.07 -19.85 17.19
N GLY E 492 -51.13 -20.57 16.81
CA GLY E 492 -51.01 -21.75 15.99
C GLY E 492 -51.31 -23.04 16.73
N SER E 493 -51.48 -22.99 18.04
CA SER E 493 -51.92 -24.13 18.83
C SER E 493 -53.26 -23.78 19.48
N PRO E 494 -54.33 -23.82 18.71
CA PRO E 494 -55.63 -23.41 19.24
C PRO E 494 -56.20 -24.45 20.19
N THR E 495 -57.36 -24.12 20.76
CA THR E 495 -58.01 -24.99 21.73
C THR E 495 -59.49 -24.63 21.73
N ARG E 496 -60.32 -25.50 22.30
CA ARG E 496 -61.74 -25.20 22.42
C ARG E 496 -62.26 -25.59 23.78
N GLU F 14 -24.90 1.54 -41.53
CA GLU F 14 -25.31 2.74 -42.23
C GLU F 14 -25.66 3.85 -41.22
N HIS F 15 -26.95 4.20 -41.17
CA HIS F 15 -27.49 5.12 -40.18
C HIS F 15 -28.06 4.36 -38.99
N GLN F 16 -27.61 3.12 -38.82
CA GLN F 16 -28.14 2.31 -37.72
C GLN F 16 -27.13 2.20 -36.59
N ALA F 17 -27.61 1.76 -35.42
CA ALA F 17 -26.73 1.45 -34.30
C ALA F 17 -25.79 0.31 -34.72
N ILE F 18 -24.68 0.14 -34.01
CA ILE F 18 -23.68 -0.84 -34.39
C ILE F 18 -24.28 -2.25 -34.34
N ALA F 19 -23.93 -3.08 -35.32
CA ALA F 19 -24.37 -4.47 -35.37
C ALA F 19 -23.35 -5.37 -34.70
N LYS F 20 -23.69 -6.64 -34.47
CA LYS F 20 -22.78 -7.53 -33.76
C LYS F 20 -22.57 -8.84 -34.51
N MET F 21 -21.43 -9.48 -34.28
CA MET F 21 -21.23 -10.79 -34.90
C MET F 21 -21.25 -11.83 -33.80
N ARG F 22 -21.94 -12.92 -34.09
CA ARG F 22 -22.14 -13.97 -33.10
C ARG F 22 -20.84 -14.70 -32.82
N THR F 23 -20.53 -14.88 -31.53
CA THR F 23 -19.37 -15.67 -31.14
C THR F 23 -19.70 -17.15 -31.15
N MET F 24 -20.97 -17.45 -30.91
CA MET F 24 -21.50 -18.81 -30.71
C MET F 24 -20.91 -19.47 -29.47
N ILE F 25 -20.30 -18.68 -28.59
CA ILE F 25 -19.82 -19.16 -27.31
C ILE F 25 -21.05 -19.19 -26.42
N GLU F 26 -21.44 -20.37 -25.96
CA GLU F 26 -22.71 -20.54 -25.28
C GLU F 26 -22.86 -19.57 -24.11
N GLY F 27 -23.92 -18.77 -24.16
CA GLY F 27 -24.21 -17.83 -23.10
C GLY F 27 -23.69 -16.43 -23.42
N PHE F 28 -22.60 -16.33 -24.18
CA PHE F 28 -21.97 -15.02 -24.37
C PHE F 28 -22.82 -14.13 -25.28
N ASP F 29 -23.43 -14.72 -26.31
CA ASP F 29 -24.20 -13.91 -27.23
C ASP F 29 -25.43 -13.36 -26.53
N ASP F 30 -25.90 -14.03 -25.47
CA ASP F 30 -26.98 -13.48 -24.64
C ASP F 30 -26.50 -12.31 -23.77
N ILE F 31 -25.42 -12.53 -23.04
CA ILE F 31 -24.84 -11.45 -22.20
C ILE F 31 -24.53 -10.20 -23.04
N SER F 32 -24.01 -10.39 -24.25
CA SER F 32 -23.65 -9.26 -25.12
C SER F 32 -24.80 -8.77 -25.99
N HIS F 33 -25.98 -9.36 -25.82
CA HIS F 33 -27.13 -9.02 -26.67
C HIS F 33 -26.79 -9.12 -28.16
N GLY F 34 -26.21 -10.23 -28.57
CA GLY F 34 -26.06 -10.44 -30.00
C GLY F 34 -24.65 -10.77 -30.47
N GLY F 35 -23.65 -10.56 -29.61
CA GLY F 35 -22.29 -10.89 -29.99
C GLY F 35 -21.36 -9.70 -29.85
N LEU F 36 -20.22 -9.74 -30.55
CA LEU F 36 -19.22 -8.69 -30.50
C LEU F 36 -19.51 -7.63 -31.54
N PRO F 37 -19.42 -6.36 -31.14
CA PRO F 37 -19.62 -5.27 -32.10
C PRO F 37 -18.73 -5.42 -33.34
N ILE F 38 -19.36 -5.41 -34.52
CA ILE F 38 -18.64 -5.67 -35.77
C ILE F 38 -17.68 -4.55 -36.14
N GLY F 39 -16.51 -4.94 -36.61
CA GLY F 39 -15.50 -4.03 -37.11
C GLY F 39 -14.75 -3.30 -36.02
N ARG F 40 -14.87 -3.74 -34.77
CA ARG F 40 -14.17 -3.13 -33.66
C ARG F 40 -13.38 -4.15 -32.84
N SER F 41 -12.51 -3.64 -31.97
CA SER F 41 -11.71 -4.47 -31.06
C SER F 41 -12.37 -4.68 -29.70
N THR F 42 -12.28 -5.90 -29.19
CA THR F 42 -12.73 -6.17 -27.83
C THR F 42 -11.54 -6.68 -27.02
N LEU F 43 -11.26 -6.04 -25.90
CA LEU F 43 -10.21 -6.47 -25.02
C LEU F 43 -10.77 -7.56 -24.10
N VAL F 44 -10.06 -8.65 -23.96
CA VAL F 44 -10.44 -9.68 -23.00
C VAL F 44 -9.26 -9.76 -22.03
N SER F 45 -9.49 -9.31 -20.80
CA SER F 45 -8.42 -9.20 -19.80
C SER F 45 -8.67 -10.12 -18.60
N GLY F 46 -7.60 -10.64 -18.02
CA GLY F 46 -7.78 -11.61 -16.97
C GLY F 46 -6.46 -12.11 -16.44
N THR F 47 -6.47 -12.65 -15.22
CA THR F 47 -5.24 -13.17 -14.66
C THR F 47 -4.83 -14.42 -15.44
N SER F 48 -3.63 -14.90 -15.16
CA SER F 48 -3.12 -16.11 -15.82
C SER F 48 -4.04 -17.30 -15.64
N GLY F 49 -4.31 -18.02 -16.73
CA GLY F 49 -5.15 -19.20 -16.62
C GLY F 49 -6.64 -18.91 -16.48
N THR F 50 -7.12 -17.73 -16.90
CA THR F 50 -8.54 -17.48 -16.78
C THR F 50 -9.34 -17.94 -17.99
N GLY F 51 -8.66 -18.26 -19.09
CA GLY F 51 -9.37 -18.66 -20.30
C GLY F 51 -9.37 -17.65 -21.46
N LYS F 52 -8.50 -16.65 -21.39
CA LYS F 52 -8.40 -15.62 -22.45
C LYS F 52 -8.06 -16.21 -23.82
N THR F 53 -7.00 -17.00 -23.85
CA THR F 53 -6.56 -17.59 -25.09
C THR F 53 -7.65 -18.52 -25.62
N LEU F 54 -8.22 -19.32 -24.74
CA LEU F 54 -9.39 -20.14 -25.14
C LEU F 54 -10.53 -19.32 -25.76
N PHE F 55 -10.89 -18.22 -25.12
CA PHE F 55 -11.95 -17.36 -25.67
C PHE F 55 -11.59 -16.94 -27.10
N SER F 56 -10.35 -16.51 -27.28
CA SER F 56 -9.91 -15.91 -28.54
C SER F 56 -9.81 -16.96 -29.66
N ILE F 57 -9.52 -18.21 -29.28
CA ILE F 57 -9.51 -19.31 -30.25
C ILE F 57 -10.92 -19.73 -30.63
N GLN F 58 -11.78 -19.86 -29.62
CA GLN F 58 -13.16 -20.29 -29.81
C GLN F 58 -13.91 -19.32 -30.73
N PHE F 59 -13.58 -18.05 -30.57
CA PHE F 59 -14.14 -16.99 -31.40
C PHE F 59 -13.83 -17.22 -32.87
N LEU F 60 -12.58 -17.53 -33.17
CA LEU F 60 -12.16 -17.77 -34.56
C LEU F 60 -12.67 -19.08 -35.10
N TYR F 61 -12.62 -20.11 -34.25
CA TYR F 61 -13.04 -21.46 -34.64
C TYR F 61 -14.53 -21.48 -35.00
N ASN F 62 -15.36 -20.87 -34.14
CA ASN F 62 -16.78 -20.84 -34.40
C ASN F 62 -17.08 -20.04 -35.68
N GLY F 63 -16.34 -18.97 -35.92
CA GLY F 63 -16.52 -18.20 -37.15
C GLY F 63 -16.29 -19.08 -38.38
N ILE F 64 -15.21 -19.86 -38.36
CA ILE F 64 -14.89 -20.75 -39.48
C ILE F 64 -15.94 -21.85 -39.63
N ILE F 65 -16.21 -22.56 -38.54
CA ILE F 65 -17.10 -23.72 -38.60
C ILE F 65 -18.56 -23.33 -38.81
N GLU F 66 -19.01 -22.25 -38.16
CA GLU F 66 -20.45 -21.96 -38.20
C GLU F 66 -20.84 -21.06 -39.36
N PHE F 67 -19.93 -20.17 -39.75
CA PHE F 67 -20.25 -19.11 -40.71
C PHE F 67 -19.35 -19.08 -41.93
N ASP F 68 -18.37 -19.99 -41.99
CA ASP F 68 -17.34 -19.96 -43.03
C ASP F 68 -16.63 -18.59 -43.08
N GLU F 69 -16.43 -17.97 -41.92
CA GLU F 69 -15.68 -16.71 -41.84
C GLU F 69 -14.25 -17.02 -41.46
N PRO F 70 -13.29 -16.71 -42.35
CA PRO F 70 -11.89 -17.08 -42.11
C PRO F 70 -11.30 -16.25 -40.97
N GLY F 71 -10.28 -16.81 -40.31
CA GLY F 71 -9.70 -16.12 -39.16
C GLY F 71 -8.22 -16.02 -39.19
N VAL F 72 -7.71 -14.99 -38.54
CA VAL F 72 -6.29 -14.82 -38.34
C VAL F 72 -5.98 -14.72 -36.85
N PHE F 73 -5.04 -15.55 -36.39
CA PHE F 73 -4.67 -15.59 -34.97
C PHE F 73 -3.24 -15.14 -34.89
N VAL F 74 -3.03 -14.00 -34.24
CA VAL F 74 -1.69 -13.45 -34.06
C VAL F 74 -1.17 -13.88 -32.69
N THR F 75 -0.07 -14.63 -32.64
CA THR F 75 0.38 -15.14 -31.34
C THR F 75 1.70 -14.47 -30.88
N PHE F 76 1.65 -13.85 -29.71
CA PHE F 76 2.80 -13.16 -29.11
C PHE F 76 3.44 -13.96 -27.97
N GLU F 77 2.69 -14.88 -27.39
CA GLU F 77 3.21 -15.64 -26.24
C GLU F 77 3.60 -17.05 -26.67
N GLU F 78 2.62 -17.79 -27.19
CA GLU F 78 2.78 -19.20 -27.53
C GLU F 78 3.20 -19.46 -28.98
N THR F 79 3.82 -20.62 -29.23
CA THR F 79 4.16 -20.98 -30.60
C THR F 79 2.93 -21.53 -31.32
N PRO F 80 2.88 -21.39 -32.65
CA PRO F 80 1.72 -21.96 -33.36
C PRO F 80 1.58 -23.46 -33.10
N GLN F 81 2.69 -24.19 -32.96
CA GLN F 81 2.62 -25.64 -32.74
C GLN F 81 1.91 -25.93 -31.42
N ASP F 82 2.24 -25.14 -30.41
CA ASP F 82 1.60 -25.34 -29.10
C ASP F 82 0.12 -24.91 -29.10
N ILE F 83 -0.20 -23.80 -29.77
CA ILE F 83 -1.58 -23.36 -29.93
C ILE F 83 -2.43 -24.50 -30.54
N ILE F 84 -1.89 -25.15 -31.57
CA ILE F 84 -2.61 -26.21 -32.26
C ILE F 84 -2.74 -27.44 -31.36
N LYS F 85 -1.65 -27.80 -30.70
CA LYS F 85 -1.66 -28.98 -29.85
C LYS F 85 -2.62 -28.80 -28.66
N ASN F 86 -2.60 -27.64 -28.03
CA ASN F 86 -3.48 -27.40 -26.89
C ASN F 86 -4.96 -27.31 -27.25
N ALA F 87 -5.27 -26.85 -28.45
CA ALA F 87 -6.66 -26.76 -28.89
C ALA F 87 -7.29 -28.14 -29.08
N ARG F 88 -6.49 -29.19 -29.23
CA ARG F 88 -7.04 -30.55 -29.27
C ARG F 88 -7.80 -30.88 -27.98
N SER F 89 -7.54 -30.12 -26.92
CA SER F 89 -8.21 -30.34 -25.62
C SER F 89 -9.72 -30.15 -25.77
N PHE F 90 -10.12 -29.32 -26.72
CA PHE F 90 -11.53 -28.98 -26.92
C PHE F 90 -12.09 -29.65 -28.19
N GLY F 91 -11.37 -30.61 -28.76
CA GLY F 91 -11.84 -31.36 -29.90
C GLY F 91 -11.76 -30.55 -31.16
N TRP F 92 -10.88 -29.55 -31.15
CA TRP F 92 -10.73 -28.71 -32.32
C TRP F 92 -9.47 -29.07 -33.09
N ASP F 93 -9.65 -29.36 -34.38
CA ASP F 93 -8.52 -29.65 -35.26
C ASP F 93 -8.10 -28.40 -36.03
N LEU F 94 -7.24 -27.58 -35.43
CA LEU F 94 -6.79 -26.34 -36.08
C LEU F 94 -5.84 -26.57 -37.28
N ALA F 95 -5.06 -27.64 -37.23
CA ALA F 95 -4.15 -27.95 -38.34
C ALA F 95 -4.91 -28.16 -39.64
N LYS F 96 -6.03 -28.87 -39.57
CA LYS F 96 -6.92 -29.03 -40.73
C LYS F 96 -7.41 -27.69 -41.30
N LEU F 97 -7.79 -26.77 -40.42
CA LEU F 97 -8.31 -25.48 -40.87
C LEU F 97 -7.21 -24.65 -41.50
N VAL F 98 -5.99 -24.80 -40.98
CA VAL F 98 -4.84 -24.09 -41.53
C VAL F 98 -4.54 -24.68 -42.92
N ASP F 99 -4.60 -26.01 -43.01
CA ASP F 99 -4.33 -26.67 -44.31
C ASP F 99 -5.34 -26.26 -45.37
N GLU F 100 -6.58 -26.04 -44.92
CA GLU F 100 -7.68 -25.67 -45.79
C GLU F 100 -7.69 -24.18 -46.09
N GLY F 101 -6.81 -23.43 -45.45
CA GLY F 101 -6.71 -21.99 -45.69
C GLY F 101 -7.80 -21.14 -45.03
N LYS F 102 -8.50 -21.70 -44.03
CA LYS F 102 -9.57 -20.98 -43.37
C LYS F 102 -9.08 -20.32 -42.09
N LEU F 103 -7.95 -20.80 -41.58
CA LEU F 103 -7.29 -20.21 -40.42
C LEU F 103 -5.85 -19.94 -40.78
N PHE F 104 -5.34 -18.78 -40.39
CA PHE F 104 -3.91 -18.51 -40.47
C PHE F 104 -3.39 -18.15 -39.09
N ILE F 105 -2.38 -18.85 -38.63
CA ILE F 105 -1.73 -18.47 -37.37
C ILE F 105 -0.47 -17.69 -37.69
N LEU F 106 -0.43 -16.44 -37.29
CA LEU F 106 0.74 -15.57 -37.57
C LEU F 106 1.70 -15.58 -36.37
N ASP F 107 2.92 -16.09 -36.56
CA ASP F 107 3.87 -16.24 -35.46
C ASP F 107 4.62 -14.95 -35.17
N ALA F 108 4.30 -14.30 -34.06
CA ALA F 108 5.08 -13.19 -33.55
C ALA F 108 5.58 -13.48 -32.12
N SER F 109 5.82 -14.73 -31.80
CA SER F 109 6.23 -15.12 -30.42
C SER F 109 7.75 -14.89 -30.30
N PRO F 110 8.81 -14.93 -29.81
CA PRO F 110 10.22 -14.61 -30.04
C PRO F 110 11.11 -15.83 -30.01
N ASP F 111 12.16 -15.76 -30.81
CA ASP F 111 13.30 -16.63 -30.65
C ASP F 111 13.84 -16.46 -29.24
N PRO F 112 14.18 -17.55 -28.54
CA PRO F 112 14.90 -17.39 -27.27
C PRO F 112 16.20 -16.65 -27.41
N GLU F 113 16.68 -16.46 -28.64
CA GLU F 113 18.02 -15.97 -28.92
C GLU F 113 18.08 -14.47 -29.22
N GLY F 114 16.97 -13.75 -29.06
CA GLY F 114 16.93 -12.34 -29.44
C GLY F 114 17.89 -11.50 -28.62
N GLN F 115 18.00 -10.23 -28.98
CA GLN F 115 19.07 -9.36 -28.52
C GLN F 115 18.54 -7.96 -28.21
N GLU F 116 19.48 -7.04 -27.96
CA GLU F 116 19.13 -5.69 -27.52
C GLU F 116 18.66 -4.84 -28.68
N VAL F 117 17.71 -3.94 -28.39
CA VAL F 117 17.00 -3.15 -29.38
C VAL F 117 16.77 -1.76 -28.83
N VAL F 118 16.68 -0.80 -29.73
CA VAL F 118 15.93 0.43 -29.51
C VAL F 118 15.01 0.59 -30.72
N GLY F 119 13.92 1.30 -30.55
CA GLY F 119 12.98 1.55 -31.62
C GLY F 119 11.86 0.54 -31.64
N GLY F 120 10.69 1.04 -32.00
CA GLY F 120 9.47 0.25 -31.97
C GLY F 120 8.94 -0.08 -33.35
N PHE F 121 9.80 0.10 -34.35
CA PHE F 121 9.35 -0.03 -35.72
C PHE F 121 8.98 -1.46 -36.04
N ASP F 122 9.22 -2.37 -35.10
CA ASP F 122 8.88 -3.78 -35.28
C ASP F 122 7.45 -3.93 -35.78
N LEU F 123 7.65 -2.76 -35.26
CA LEU F 123 6.28 -3.24 -35.13
C LEU F 123 5.40 -2.68 -36.25
N SER F 124 5.90 -1.67 -36.96
CA SER F 124 5.21 -1.19 -38.16
C SER F 124 5.17 -2.31 -39.19
N ALA F 125 6.29 -3.02 -39.31
CA ALA F 125 6.37 -4.16 -40.20
C ALA F 125 5.37 -5.24 -39.80
N LEU F 126 5.18 -5.39 -38.49
CA LEU F 126 4.26 -6.39 -37.96
C LEU F 126 2.82 -6.07 -38.35
N ILE F 127 2.42 -4.83 -38.18
CA ILE F 127 1.07 -4.40 -38.56
C ILE F 127 0.81 -4.66 -40.03
N GLU F 128 1.80 -4.42 -40.89
CA GLU F 128 1.64 -4.67 -42.31
C GLU F 128 1.49 -6.16 -42.63
N ARG F 129 2.16 -7.03 -41.89
CA ARG F 129 2.02 -8.47 -42.10
C ARG F 129 0.64 -8.94 -41.64
N ILE F 130 0.16 -8.37 -40.54
CA ILE F 130 -1.18 -8.67 -40.06
C ILE F 130 -2.19 -8.25 -41.14
N ASN F 131 -2.07 -7.04 -41.66
CA ASN F 131 -2.92 -6.59 -42.77
C ASN F 131 -2.87 -7.53 -43.97
N TYR F 132 -1.67 -7.86 -44.42
CA TYR F 132 -1.51 -8.76 -45.57
C TYR F 132 -2.20 -10.12 -45.35
N ALA F 133 -2.07 -10.66 -44.14
CA ALA F 133 -2.67 -11.95 -43.82
C ALA F 133 -4.17 -11.86 -43.87
N ILE F 134 -4.71 -10.78 -43.31
CA ILE F 134 -6.17 -10.61 -43.30
C ILE F 134 -6.71 -10.59 -44.72
N GLN F 135 -6.02 -9.88 -45.59
CA GLN F 135 -6.43 -9.76 -47.00
C GLN F 135 -6.21 -11.07 -47.76
N LYS F 136 -5.06 -11.70 -47.53
CA LYS F 136 -4.78 -12.96 -48.20
C LYS F 136 -5.80 -14.06 -47.87
N TYR F 137 -6.17 -14.18 -46.59
CA TYR F 137 -7.10 -15.22 -46.18
C TYR F 137 -8.55 -14.72 -46.14
N ARG F 138 -8.75 -13.47 -46.54
CA ARG F 138 -10.09 -12.82 -46.53
C ARG F 138 -10.74 -13.00 -45.18
N ALA F 139 -9.97 -12.76 -44.12
CA ALA F 139 -10.45 -12.99 -42.76
C ALA F 139 -11.40 -11.91 -42.30
N ARG F 140 -12.42 -12.31 -41.56
CA ARG F 140 -13.34 -11.33 -40.98
C ARG F 140 -13.20 -11.27 -39.46
N ARG F 141 -12.54 -12.28 -38.91
CA ARG F 141 -12.30 -12.33 -37.45
C ARG F 141 -10.81 -12.40 -37.22
N VAL F 142 -10.34 -11.65 -36.23
CA VAL F 142 -8.93 -11.63 -35.87
C VAL F 142 -8.79 -11.81 -34.34
N SER F 143 -7.83 -12.62 -33.91
CA SER F 143 -7.51 -12.64 -32.49
C SER F 143 -6.06 -12.26 -32.29
N ILE F 144 -5.80 -11.38 -31.33
CA ILE F 144 -4.44 -10.96 -31.01
C ILE F 144 -4.14 -11.45 -29.60
N ASP F 145 -3.25 -12.43 -29.47
CA ASP F 145 -3.10 -13.07 -28.16
C ASP F 145 -1.89 -12.57 -27.37
N SER F 146 -2.18 -12.10 -26.17
CA SER F 146 -1.20 -11.63 -25.17
C SER F 146 -0.53 -10.29 -25.53
N VAL F 147 -1.35 -9.23 -25.53
CA VAL F 147 -0.83 -7.88 -25.69
C VAL F 147 0.22 -7.60 -24.63
N THR F 148 -0.01 -8.10 -23.41
CA THR F 148 0.98 -8.01 -22.34
C THR F 148 2.40 -8.41 -22.78
N SER F 149 2.51 -9.52 -23.50
CA SER F 149 3.80 -10.03 -23.98
C SER F 149 4.54 -9.05 -24.90
N VAL F 150 3.83 -8.48 -25.87
CA VAL F 150 4.49 -7.53 -26.75
C VAL F 150 4.94 -6.31 -25.93
N PHE F 151 4.20 -5.97 -24.88
CA PHE F 151 4.63 -4.90 -23.98
C PHE F 151 5.93 -5.22 -23.24
N GLN F 152 6.08 -6.48 -22.81
CA GLN F 152 7.26 -6.86 -22.05
C GLN F 152 8.52 -6.94 -22.91
N GLN F 153 8.35 -7.09 -24.22
CA GLN F 153 9.51 -7.18 -25.10
C GLN F 153 10.14 -5.81 -25.35
N TYR F 154 9.34 -4.76 -25.18
CA TYR F 154 9.78 -3.38 -25.38
C TYR F 154 9.73 -2.59 -24.07
N ASP F 155 9.49 -3.29 -22.97
CA ASP F 155 9.49 -2.71 -21.62
C ASP F 155 8.45 -1.59 -21.43
N ALA F 156 7.27 -1.79 -21.98
CA ALA F 156 6.17 -0.84 -21.86
C ALA F 156 6.55 0.60 -22.27
N SER F 157 7.57 0.72 -23.11
CA SER F 157 7.90 2.00 -23.73
C SER F 157 6.71 2.45 -24.56
N SER F 158 6.43 3.75 -24.61
CA SER F 158 5.23 4.16 -25.33
C SER F 158 5.44 4.09 -26.84
N VAL F 159 6.54 3.47 -27.25
CA VAL F 159 6.73 3.08 -28.64
C VAL F 159 5.88 1.84 -28.96
N VAL F 160 5.72 0.94 -27.98
CA VAL F 160 4.82 -0.21 -28.14
C VAL F 160 3.39 0.25 -27.94
N ARG F 161 3.20 1.28 -27.11
CA ARG F 161 1.88 1.69 -26.68
C ARG F 161 1.03 2.29 -27.77
N ARG F 162 1.59 3.16 -28.62
CA ARG F 162 0.83 3.67 -29.73
C ARG F 162 1.24 3.08 -31.07
N GLU F 163 2.16 2.13 -31.01
CA GLU F 163 2.24 1.18 -32.12
C GLU F 163 1.04 0.26 -31.96
N LEU F 164 0.62 0.05 -30.71
CA LEU F 164 -0.60 -0.68 -30.41
C LEU F 164 -1.81 0.09 -30.95
N PHE F 165 -1.83 1.41 -30.75
CA PHE F 165 -2.95 2.20 -31.28
C PHE F 165 -2.96 2.16 -32.79
N ARG F 166 -1.78 2.18 -33.41
CA ARG F 166 -1.67 2.02 -34.85
C ARG F 166 -2.28 0.69 -35.31
N LEU F 167 -2.09 -0.37 -34.51
CA LEU F 167 -2.70 -1.65 -34.83
C LEU F 167 -4.23 -1.58 -34.69
N VAL F 168 -4.72 -1.10 -33.54
CA VAL F 168 -6.17 -1.02 -33.30
C VAL F 168 -6.86 -0.21 -34.42
N ALA F 169 -6.25 0.92 -34.76
CA ALA F 169 -6.73 1.80 -35.85
C ALA F 169 -6.82 1.09 -37.17
N ARG F 170 -5.72 0.44 -37.56
CA ARG F 170 -5.64 -0.26 -38.83
C ARG F 170 -6.62 -1.41 -38.94
N LEU F 171 -6.82 -2.13 -37.82
CA LEU F 171 -7.81 -3.19 -37.80
C LEU F 171 -9.19 -2.62 -38.08
N LYS F 172 -9.47 -1.47 -37.47
CA LYS F 172 -10.78 -0.84 -37.63
C LYS F 172 -11.00 -0.40 -39.08
N GLN F 173 -9.92 0.07 -39.71
CA GLN F 173 -10.00 0.46 -41.11
C GLN F 173 -10.32 -0.71 -42.04
N ILE F 174 -9.72 -1.87 -41.84
CA ILE F 174 -10.01 -3.04 -42.68
C ILE F 174 -11.41 -3.60 -42.37
N GLY F 175 -11.98 -3.17 -41.25
CA GLY F 175 -13.27 -3.70 -40.81
C GLY F 175 -13.18 -5.06 -40.14
N ALA F 176 -11.99 -5.41 -39.67
CA ALA F 176 -11.79 -6.67 -38.95
C ALA F 176 -12.53 -6.61 -37.61
N THR F 177 -13.10 -7.73 -37.17
CA THR F 177 -13.67 -7.78 -35.83
C THR F 177 -12.67 -8.57 -34.98
N THR F 178 -12.18 -7.95 -33.91
CA THR F 178 -10.93 -8.42 -33.31
C THR F 178 -11.10 -8.67 -31.82
N VAL F 179 -10.53 -9.78 -31.32
CA VAL F 179 -10.39 -10.01 -29.87
C VAL F 179 -8.91 -9.83 -29.56
N MET F 180 -8.63 -9.06 -28.53
CA MET F 180 -7.28 -8.90 -28.03
C MET F 180 -7.21 -9.37 -26.58
N THR F 181 -6.32 -10.31 -26.27
CA THR F 181 -6.22 -10.76 -24.89
C THR F 181 -5.04 -10.09 -24.19
N THR F 182 -5.20 -9.91 -22.88
CA THR F 182 -4.13 -9.29 -22.11
C THR F 182 -4.22 -9.67 -20.64
N GLU F 183 -3.11 -9.56 -19.93
CA GLU F 183 -3.06 -10.02 -18.54
C GLU F 183 -3.40 -8.93 -17.52
N ARG F 184 -3.94 -9.35 -16.39
CA ARG F 184 -4.02 -8.46 -15.23
C ARG F 184 -3.50 -9.24 -14.04
N ILE F 185 -3.14 -8.52 -12.97
CA ILE F 185 -2.52 -9.15 -11.79
C ILE F 185 -3.49 -9.51 -10.68
N GLU F 186 -4.52 -8.69 -10.45
CA GLU F 186 -5.46 -8.96 -9.37
C GLU F 186 -6.86 -9.29 -9.90
N GLU F 187 -7.62 -10.06 -9.15
CA GLU F 187 -8.99 -10.34 -9.62
C GLU F 187 -9.89 -9.10 -9.52
N TYR F 188 -9.74 -8.34 -8.44
CA TYR F 188 -10.53 -7.11 -8.30
C TYR F 188 -9.59 -5.94 -8.16
N GLY F 189 -9.07 -5.48 -9.28
CA GLY F 189 -8.13 -4.39 -9.34
C GLY F 189 -8.16 -3.82 -10.74
N PRO F 190 -7.05 -3.24 -11.19
CA PRO F 190 -7.01 -2.60 -12.51
C PRO F 190 -7.47 -3.55 -13.63
N ILE F 191 -8.02 -2.96 -14.67
CA ILE F 191 -8.55 -3.75 -15.78
C ILE F 191 -7.45 -4.54 -16.51
N ALA F 192 -6.29 -3.93 -16.69
CA ALA F 192 -5.23 -4.55 -17.48
C ALA F 192 -3.89 -4.05 -17.03
N ARG F 193 -2.94 -4.97 -16.93
CA ARG F 193 -1.57 -4.59 -16.67
C ARG F 193 -1.13 -3.67 -17.80
N TYR F 194 -0.29 -2.71 -17.42
CA TYR F 194 0.25 -1.68 -18.31
C TYR F 194 -0.78 -0.71 -18.88
N GLY F 195 -2.02 -0.72 -18.38
CA GLY F 195 -3.04 0.17 -18.93
C GLY F 195 -3.46 -0.12 -20.37
N VAL F 196 -3.47 -1.39 -20.76
CA VAL F 196 -3.86 -1.73 -22.12
C VAL F 196 -5.27 -1.25 -22.54
N GLU F 197 -6.19 -1.06 -21.60
CA GLU F 197 -7.58 -0.72 -21.95
C GLU F 197 -7.72 0.69 -22.50
N GLU F 198 -6.64 1.46 -22.44
CA GLU F 198 -6.61 2.78 -23.03
C GLU F 198 -6.60 2.73 -24.57
N PHE F 199 -6.06 1.65 -25.14
CA PHE F 199 -5.94 1.50 -26.60
C PHE F 199 -6.99 0.58 -27.19
N VAL F 200 -7.14 -0.59 -26.58
CA VAL F 200 -8.23 -1.48 -26.95
C VAL F 200 -9.41 -1.02 -26.11
N SER F 201 -9.92 0.17 -26.45
CA SER F 201 -10.81 0.88 -25.55
C SER F 201 -12.30 0.73 -25.88
N ASP F 202 -12.63 0.34 -27.12
CA ASP F 202 -14.05 0.27 -27.49
C ASP F 202 -14.86 -0.68 -26.61
N ASN F 203 -14.39 -1.93 -26.48
CA ASN F 203 -15.12 -2.93 -25.71
C ASN F 203 -14.19 -3.64 -24.71
N VAL F 204 -14.68 -3.90 -23.52
CA VAL F 204 -13.87 -4.54 -22.48
C VAL F 204 -14.63 -5.70 -21.83
N VAL F 205 -14.00 -6.89 -21.85
CA VAL F 205 -14.53 -8.09 -21.21
C VAL F 205 -13.49 -8.50 -20.17
N ILE F 206 -13.93 -8.83 -18.95
CA ILE F 206 -13.03 -9.26 -17.88
C ILE F 206 -13.32 -10.70 -17.46
N LEU F 207 -12.30 -11.53 -17.56
CA LEU F 207 -12.41 -12.92 -17.05
C LEU F 207 -11.77 -12.95 -15.66
N ARG F 208 -12.41 -13.60 -14.72
CA ARG F 208 -11.90 -13.70 -13.36
C ARG F 208 -11.87 -15.17 -12.93
N ASN F 209 -10.98 -15.45 -12.01
CA ASN F 209 -10.80 -16.76 -11.42
C ASN F 209 -10.74 -16.48 -9.91
N VAL F 210 -11.87 -16.33 -9.26
CA VAL F 210 -11.85 -15.76 -7.91
C VAL F 210 -11.71 -16.85 -6.86
N LEU F 211 -10.88 -16.59 -5.85
CA LEU F 211 -10.79 -17.53 -4.72
C LEU F 211 -11.97 -17.35 -3.75
N GLU F 212 -12.74 -18.42 -3.60
CA GLU F 212 -13.84 -18.50 -2.65
C GLU F 212 -13.35 -19.46 -1.58
N GLY F 213 -12.70 -18.95 -0.55
CA GLY F 213 -12.06 -19.78 0.43
C GLY F 213 -10.91 -20.45 -0.30
N GLU F 214 -10.90 -21.77 -0.36
CA GLU F 214 -9.83 -22.44 -1.09
C GLU F 214 -10.30 -22.93 -2.44
N ARG F 215 -11.53 -22.56 -2.83
CA ARG F 215 -12.08 -22.99 -4.12
C ARG F 215 -11.99 -21.84 -5.13
N ARG F 216 -11.95 -22.17 -6.42
CA ARG F 216 -11.95 -21.16 -7.51
C ARG F 216 -13.29 -21.11 -8.20
N ARG F 217 -13.77 -19.91 -8.50
CA ARG F 217 -14.98 -19.70 -9.27
C ARG F 217 -14.66 -18.82 -10.51
N ARG F 218 -14.92 -19.32 -11.73
CA ARG F 218 -14.61 -18.55 -12.93
C ARG F 218 -15.81 -17.67 -13.27
N THR F 219 -15.57 -16.40 -13.60
CA THR F 219 -16.63 -15.51 -14.05
C THR F 219 -16.19 -14.65 -15.22
N LEU F 220 -17.20 -14.22 -15.98
CA LEU F 220 -16.97 -13.37 -17.15
C LEU F 220 -17.84 -12.13 -16.95
N GLU F 221 -17.29 -10.97 -17.22
CA GLU F 221 -18.06 -9.72 -17.13
C GLU F 221 -17.86 -8.93 -18.40
N ILE F 222 -18.94 -8.44 -19.01
CA ILE F 222 -18.76 -7.42 -20.05
C ILE F 222 -18.84 -6.06 -19.36
N LEU F 223 -17.70 -5.39 -19.24
CA LEU F 223 -17.64 -4.13 -18.53
C LEU F 223 -18.26 -2.99 -19.34
N LYS F 224 -17.97 -3.02 -20.63
CA LYS F 224 -18.23 -1.89 -21.53
C LYS F 224 -18.36 -2.38 -22.98
N LEU F 225 -19.39 -1.92 -23.68
CA LEU F 225 -19.46 -2.07 -25.14
C LEU F 225 -19.93 -0.71 -25.66
N ARG F 226 -19.05 0.03 -26.31
CA ARG F 226 -19.43 1.35 -26.77
C ARG F 226 -20.57 1.27 -27.77
N GLY F 227 -21.55 2.16 -27.64
CA GLY F 227 -22.60 2.28 -28.65
C GLY F 227 -23.65 1.18 -28.67
N THR F 228 -23.71 0.38 -27.62
CA THR F 228 -24.69 -0.70 -27.59
C THR F 228 -24.93 -1.23 -26.15
N SER F 229 -25.99 -2.01 -25.97
CA SER F 229 -26.35 -2.53 -24.66
C SER F 229 -25.71 -3.88 -24.41
N HIS F 230 -25.68 -4.25 -23.13
CA HIS F 230 -25.16 -5.54 -22.69
C HIS F 230 -25.58 -5.78 -21.25
N MET F 231 -25.61 -7.04 -20.86
CA MET F 231 -25.82 -7.40 -19.46
C MET F 231 -24.64 -7.00 -18.60
N LYS F 232 -24.92 -6.73 -17.34
CA LYS F 232 -23.96 -6.17 -16.39
C LYS F 232 -23.57 -7.14 -15.26
N GLY F 233 -22.36 -6.95 -14.78
CA GLY F 233 -21.83 -7.69 -13.64
C GLY F 233 -21.20 -9.00 -14.08
N GLU F 234 -20.96 -9.88 -13.13
CA GLU F 234 -20.27 -11.13 -13.41
C GLU F 234 -21.22 -12.28 -13.65
N TYR F 235 -20.84 -13.16 -14.58
CA TYR F 235 -21.59 -14.38 -14.88
C TYR F 235 -20.65 -15.58 -14.78
N PRO F 236 -21.04 -16.58 -13.99
CA PRO F 236 -20.13 -17.72 -13.83
C PRO F 236 -20.05 -18.58 -15.11
N PHE F 237 -18.90 -19.22 -15.30
CA PHE F 237 -18.72 -20.14 -16.41
C PHE F 237 -17.76 -21.24 -16.00
N THR F 238 -17.74 -22.30 -16.81
CA THR F 238 -16.74 -23.33 -16.65
C THR F 238 -16.06 -23.59 -17.98
N ILE F 239 -14.89 -24.21 -17.93
CA ILE F 239 -14.21 -24.60 -19.16
C ILE F 239 -14.38 -26.11 -19.23
N THR F 240 -14.83 -26.59 -20.38
CA THR F 240 -15.22 -27.98 -20.59
C THR F 240 -14.46 -28.49 -21.80
N ASP F 241 -14.70 -29.75 -22.15
CA ASP F 241 -14.13 -30.34 -23.34
C ASP F 241 -14.73 -29.71 -24.59
N HIS F 242 -15.74 -28.85 -24.43
CA HIS F 242 -16.23 -28.11 -25.60
C HIS F 242 -15.94 -26.61 -25.52
N GLY F 243 -15.02 -26.21 -24.65
CA GLY F 243 -14.63 -24.81 -24.52
C GLY F 243 -15.35 -24.06 -23.42
N ILE F 244 -15.52 -22.75 -23.58
CA ILE F 244 -16.18 -21.98 -22.55
C ILE F 244 -17.68 -22.24 -22.52
N ASN F 245 -18.21 -22.41 -21.32
CA ASN F 245 -19.65 -22.57 -21.15
C ASN F 245 -20.19 -21.67 -20.05
N ILE F 246 -20.87 -20.59 -20.43
CA ILE F 246 -21.45 -19.65 -19.48
C ILE F 246 -22.91 -19.96 -19.22
N PHE F 247 -23.45 -19.47 -18.10
CA PHE F 247 -24.88 -19.45 -17.89
C PHE F 247 -25.32 -18.13 -17.21
N PRO F 248 -26.80 -18.05 -18.39
CA PRO F 248 -27.53 -16.77 -18.42
C PRO F 248 -28.67 -16.76 -17.41
N LEU F 249 -28.35 -16.47 -16.16
CA LEU F 249 -29.39 -16.46 -15.14
C LEU F 249 -30.44 -15.41 -15.43
N GLY F 250 -30.02 -14.15 -15.57
CA GLY F 250 -30.98 -13.09 -15.79
C GLY F 250 -31.71 -13.21 -17.11
N ALA F 251 -31.03 -13.68 -18.16
CA ALA F 251 -31.59 -13.65 -19.49
C ALA F 251 -32.76 -14.61 -19.68
N MET F 252 -32.91 -15.60 -18.79
CA MET F 252 -33.95 -16.60 -18.96
C MET F 252 -35.32 -15.94 -19.07
N ARG F 253 -36.20 -16.55 -19.87
CA ARG F 253 -37.53 -16.02 -20.06
C ARG F 253 -38.56 -17.13 -19.90
N LEU F 254 -39.78 -16.70 -19.59
CA LEU F 254 -40.80 -17.51 -18.95
C LEU F 254 -41.77 -18.16 -19.93
N THR F 255 -41.51 -18.04 -21.24
CA THR F 255 -42.49 -18.33 -22.28
C THR F 255 -43.05 -19.76 -22.22
N GLN F 256 -42.45 -20.64 -21.43
CA GLN F 256 -42.77 -22.06 -21.48
C GLN F 256 -44.22 -22.34 -21.09
N ARG F 257 -44.83 -23.29 -21.79
CA ARG F 257 -46.23 -23.67 -21.69
C ARG F 257 -46.50 -24.51 -20.46
N SER F 258 -47.79 -24.59 -20.11
CA SER F 258 -48.28 -25.39 -18.99
C SER F 258 -49.58 -26.09 -19.38
N SER F 259 -49.95 -27.11 -18.63
CA SER F 259 -51.18 -27.85 -18.90
C SER F 259 -51.62 -28.60 -17.66
N ASN F 260 -52.88 -29.00 -17.65
CA ASN F 260 -53.47 -29.65 -16.48
C ASN F 260 -53.25 -31.15 -16.48
N VAL F 261 -52.46 -31.66 -17.40
CA VAL F 261 -52.18 -33.09 -17.43
C VAL F 261 -51.65 -33.53 -16.07
N ARG F 262 -52.29 -34.55 -15.51
CA ARG F 262 -51.82 -35.08 -14.24
C ARG F 262 -50.74 -36.13 -14.48
N VAL F 263 -50.17 -36.62 -13.38
CA VAL F 263 -49.22 -37.74 -13.39
C VAL F 263 -49.43 -38.55 -12.13
N SER F 264 -49.38 -39.88 -12.27
CA SER F 264 -49.43 -40.76 -11.12
C SER F 264 -48.10 -40.79 -10.41
N SER F 265 -48.15 -40.75 -9.08
CA SER F 265 -46.93 -40.93 -8.31
C SER F 265 -46.57 -42.40 -8.19
N GLY F 266 -47.57 -43.23 -7.96
CA GLY F 266 -47.36 -44.60 -7.52
C GLY F 266 -47.82 -44.88 -6.11
N VAL F 267 -48.21 -43.88 -5.33
CA VAL F 267 -48.91 -44.12 -4.08
C VAL F 267 -50.32 -43.56 -4.23
N VAL F 268 -51.29 -44.46 -4.42
CA VAL F 268 -52.63 -44.03 -4.77
C VAL F 268 -53.28 -43.30 -3.60
N ARG F 269 -53.29 -43.94 -2.43
CA ARG F 269 -53.83 -43.34 -1.23
C ARG F 269 -53.35 -41.92 -1.08
N LEU F 270 -52.05 -41.71 -1.25
CA LEU F 270 -51.54 -40.35 -1.28
C LEU F 270 -52.12 -39.58 -2.45
N ASP F 271 -51.96 -40.12 -3.65
CA ASP F 271 -52.45 -39.43 -4.83
C ASP F 271 -53.93 -39.17 -4.75
N GLU F 272 -54.63 -39.93 -3.91
CA GLU F 272 -56.03 -39.61 -3.64
C GLU F 272 -56.15 -38.28 -2.91
N MET F 273 -55.23 -38.00 -1.98
CA MET F 273 -55.17 -36.65 -1.46
C MET F 273 -54.54 -35.69 -2.44
N CYS F 274 -53.99 -36.20 -3.53
CA CYS F 274 -53.53 -35.34 -4.61
C CYS F 274 -54.61 -35.07 -5.64
N GLY F 275 -55.83 -35.56 -5.40
CA GLY F 275 -56.94 -35.29 -6.28
C GLY F 275 -56.63 -35.66 -7.71
N GLY F 276 -56.20 -36.90 -7.90
CA GLY F 276 -55.79 -37.34 -9.21
C GLY F 276 -54.32 -37.14 -9.51
N GLY F 277 -53.48 -37.03 -8.49
CA GLY F 277 -52.06 -37.03 -8.71
C GLY F 277 -51.50 -35.68 -9.08
N PHE F 278 -50.19 -35.68 -9.28
CA PHE F 278 -49.43 -34.47 -9.54
C PHE F 278 -49.72 -33.92 -10.92
N PHE F 279 -49.42 -32.65 -11.10
CA PHE F 279 -49.41 -32.06 -12.43
C PHE F 279 -48.21 -32.56 -13.21
N LYS F 280 -48.43 -32.85 -14.50
CA LYS F 280 -47.31 -33.17 -15.36
C LYS F 280 -46.24 -32.09 -15.29
N ASP F 281 -46.65 -30.85 -15.47
CA ASP F 281 -45.73 -29.72 -15.44
C ASP F 281 -45.88 -29.07 -14.07
N SER F 282 -44.88 -29.26 -13.23
CA SER F 282 -44.88 -28.79 -11.85
C SER F 282 -43.62 -29.30 -11.17
N ILE F 283 -43.29 -28.71 -10.03
CA ILE F 283 -42.10 -29.06 -9.26
C ILE F 283 -42.53 -29.47 -7.87
N ILE F 284 -41.98 -30.57 -7.35
CA ILE F 284 -42.43 -31.12 -6.09
C ILE F 284 -41.33 -30.98 -5.06
N LEU F 285 -41.69 -30.47 -3.89
CA LEU F 285 -40.73 -30.21 -2.82
C LEU F 285 -41.18 -30.92 -1.55
N ALA F 286 -40.42 -31.91 -1.12
CA ALA F 286 -40.67 -32.62 0.12
C ALA F 286 -39.49 -32.43 1.04
N THR F 287 -39.78 -32.15 2.30
CA THR F 287 -38.75 -31.77 3.25
C THR F 287 -39.26 -32.08 4.65
N GLY F 288 -38.33 -32.21 5.58
CA GLY F 288 -38.69 -32.48 6.95
C GLY F 288 -37.48 -32.97 7.73
N ALA F 289 -37.76 -33.72 8.78
CA ALA F 289 -36.70 -34.32 9.58
C ALA F 289 -35.98 -35.37 8.78
N THR F 290 -34.79 -35.72 9.25
CA THR F 290 -34.14 -36.88 8.70
C THR F 290 -34.94 -38.14 9.04
N GLY F 291 -34.67 -39.20 8.29
CA GLY F 291 -35.24 -40.50 8.56
C GLY F 291 -36.64 -40.72 8.06
N THR F 292 -37.31 -39.68 7.60
CA THR F 292 -38.75 -39.74 7.42
C THR F 292 -39.14 -40.45 6.15
N GLY F 293 -38.20 -40.94 5.37
CA GLY F 293 -38.53 -41.52 4.09
C GLY F 293 -38.33 -40.59 2.92
N LYS F 294 -37.59 -39.50 3.11
CA LYS F 294 -37.27 -38.63 1.99
C LYS F 294 -36.68 -39.45 0.86
N THR F 295 -35.61 -40.19 1.18
CA THR F 295 -34.99 -41.05 0.19
C THR F 295 -35.98 -42.10 -0.30
N LEU F 296 -36.91 -42.53 0.56
CA LEU F 296 -37.93 -43.50 0.18
C LEU F 296 -38.76 -42.99 -1.00
N LEU F 297 -39.52 -41.93 -0.77
CA LEU F 297 -40.62 -41.58 -1.66
C LEU F 297 -40.16 -41.45 -3.10
N VAL F 298 -38.88 -41.18 -3.29
CA VAL F 298 -38.28 -41.27 -4.62
C VAL F 298 -38.66 -42.59 -5.27
N SER F 299 -38.50 -43.68 -4.52
CA SER F 299 -38.60 -45.01 -5.10
C SER F 299 -40.00 -45.30 -5.60
N ARG F 300 -40.99 -45.17 -4.73
CA ARG F 300 -42.36 -45.30 -5.17
C ARG F 300 -42.61 -44.44 -6.40
N PHE F 301 -42.15 -43.20 -6.37
CA PHE F 301 -42.36 -42.31 -7.50
C PHE F 301 -41.60 -42.78 -8.72
N VAL F 302 -40.28 -42.91 -8.59
CA VAL F 302 -39.45 -43.11 -9.76
C VAL F 302 -39.81 -44.42 -10.45
N GLU F 303 -40.01 -45.48 -9.68
CA GLU F 303 -40.31 -46.79 -10.27
C GLU F 303 -41.47 -46.71 -11.23
N ASN F 304 -42.50 -45.95 -10.88
CA ASN F 304 -43.77 -45.98 -11.59
C ASN F 304 -43.56 -45.82 -13.08
N ALA F 305 -42.55 -45.06 -13.49
CA ALA F 305 -42.34 -44.79 -14.90
C ALA F 305 -42.17 -46.07 -15.70
N CYS F 306 -41.42 -47.03 -15.14
CA CYS F 306 -41.14 -48.26 -15.88
C CYS F 306 -42.43 -48.97 -16.26
N ALA F 307 -43.32 -49.17 -15.28
CA ALA F 307 -44.61 -49.78 -15.58
C ALA F 307 -45.34 -49.02 -16.66
N ASN F 308 -45.04 -47.74 -16.82
CA ASN F 308 -45.58 -46.95 -17.91
C ASN F 308 -44.64 -46.91 -19.11
N LYS F 309 -43.50 -47.58 -19.01
CA LYS F 309 -42.56 -47.68 -20.13
C LYS F 309 -42.14 -46.31 -20.62
N GLU F 310 -42.02 -45.37 -19.68
CA GLU F 310 -41.59 -44.03 -20.00
C GLU F 310 -40.26 -43.76 -19.31
N ARG F 311 -39.49 -42.85 -19.87
CA ARG F 311 -38.10 -42.67 -19.45
C ARG F 311 -38.02 -42.20 -18.00
N ALA F 312 -36.92 -42.54 -17.33
CA ALA F 312 -36.65 -42.03 -16.00
C ALA F 312 -35.15 -42.04 -15.70
N ILE F 313 -34.69 -41.07 -14.91
CA ILE F 313 -33.30 -40.97 -14.47
C ILE F 313 -33.26 -40.33 -13.08
N LEU F 314 -32.33 -40.81 -12.24
CA LEU F 314 -32.18 -40.31 -10.88
C LEU F 314 -30.78 -39.77 -10.62
N PHE F 315 -30.70 -38.77 -9.73
CA PHE F 315 -29.45 -38.30 -9.14
C PHE F 315 -29.44 -38.63 -7.65
N ALA F 316 -28.26 -38.91 -7.11
CA ALA F 316 -28.14 -39.16 -5.68
C ALA F 316 -26.83 -38.60 -5.13
N TYR F 317 -26.93 -37.76 -4.09
CA TYR F 317 -25.74 -37.34 -3.36
C TYR F 317 -25.55 -38.01 -2.00
N GLU F 318 -26.52 -38.77 -1.50
CA GLU F 318 -26.37 -39.26 -0.13
C GLU F 318 -25.87 -40.68 0.00
N GLU F 319 -25.91 -41.50 -1.04
CA GLU F 319 -25.76 -42.92 -0.83
C GLU F 319 -25.27 -43.62 -2.09
N SER F 320 -24.76 -44.83 -1.90
CA SER F 320 -24.37 -45.68 -3.00
C SER F 320 -25.58 -46.36 -3.62
N ARG F 321 -25.43 -46.72 -4.89
CA ARG F 321 -26.38 -47.62 -5.51
C ARG F 321 -26.62 -48.82 -4.61
N ALA F 322 -25.53 -49.46 -4.18
CA ALA F 322 -25.64 -50.65 -3.35
C ALA F 322 -26.54 -50.40 -2.16
N GLN F 323 -26.21 -49.36 -1.38
CA GLN F 323 -27.06 -48.98 -0.28
C GLN F 323 -28.50 -48.83 -0.75
N LEU F 324 -28.70 -48.01 -1.78
CA LEU F 324 -30.00 -47.95 -2.43
C LEU F 324 -30.46 -49.34 -2.80
N LEU F 325 -29.64 -50.06 -3.58
CA LEU F 325 -29.98 -51.42 -3.93
C LEU F 325 -30.31 -52.22 -2.69
N ARG F 326 -29.49 -52.08 -1.65
CA ARG F 326 -29.75 -52.86 -0.46
C ARG F 326 -31.09 -52.47 0.13
N ASN F 327 -31.49 -51.23 -0.04
CA ASN F 327 -32.86 -50.85 0.28
C ASN F 327 -33.82 -51.18 -0.85
N ALA F 328 -33.36 -51.12 -2.10
CA ALA F 328 -34.23 -51.29 -3.25
C ALA F 328 -34.97 -52.61 -3.18
N TYR F 329 -34.26 -53.71 -3.41
CA TYR F 329 -34.92 -55.00 -3.41
C TYR F 329 -35.58 -55.26 -2.07
N SER F 330 -34.95 -54.81 -0.99
CA SER F 330 -35.62 -54.78 0.30
C SER F 330 -36.96 -54.09 0.17
N TRP F 331 -37.00 -52.98 -0.55
CA TRP F 331 -38.24 -52.30 -0.83
C TRP F 331 -38.85 -52.74 -2.15
N GLY F 332 -38.21 -53.67 -2.86
CA GLY F 332 -38.73 -54.16 -4.12
C GLY F 332 -38.28 -53.33 -5.31
N MET F 333 -39.14 -53.25 -6.33
CA MET F 333 -38.87 -52.46 -7.53
C MET F 333 -37.46 -52.68 -8.09
N ASP F 334 -37.28 -53.79 -8.80
CA ASP F 334 -36.01 -54.12 -9.43
C ASP F 334 -35.46 -52.94 -10.21
N PHE F 335 -34.21 -52.60 -9.92
CA PHE F 335 -33.47 -51.69 -10.76
C PHE F 335 -32.80 -52.42 -11.91
N GLU F 336 -32.37 -53.66 -11.65
CA GLU F 336 -31.28 -54.29 -12.39
C GLU F 336 -31.55 -54.28 -13.89
N GLU F 337 -32.65 -54.88 -14.30
CA GLU F 337 -32.97 -54.87 -15.72
C GLU F 337 -33.55 -53.52 -16.14
N MET F 338 -34.33 -52.89 -15.26
CA MET F 338 -34.80 -51.54 -15.55
C MET F 338 -33.62 -50.66 -15.92
N GLU F 339 -32.51 -50.83 -15.23
CA GLU F 339 -31.26 -50.22 -15.64
C GLU F 339 -30.91 -50.62 -17.07
N ARG F 340 -30.87 -51.93 -17.32
CA ARG F 340 -30.57 -52.39 -18.67
C ARG F 340 -31.63 -51.96 -19.65
N GLN F 341 -32.90 -52.22 -19.32
CA GLN F 341 -33.99 -51.78 -20.18
C GLN F 341 -34.04 -50.27 -20.23
N ASN F 342 -33.16 -49.63 -19.45
CA ASN F 342 -32.78 -48.25 -19.71
C ASN F 342 -33.95 -47.30 -19.48
N LEU F 343 -34.78 -47.63 -18.51
CA LEU F 343 -35.68 -46.64 -17.95
C LEU F 343 -35.15 -46.06 -16.65
N LEU F 344 -33.96 -46.44 -16.24
CA LEU F 344 -33.42 -46.01 -14.95
C LEU F 344 -31.93 -45.76 -15.07
N LYS F 345 -31.47 -44.70 -14.41
CA LYS F 345 -30.05 -44.35 -14.46
C LYS F 345 -29.72 -43.53 -13.22
N ILE F 346 -28.43 -43.51 -12.86
CA ILE F 346 -27.98 -43.13 -11.54
C ILE F 346 -26.71 -42.28 -11.68
N VAL F 347 -26.31 -41.61 -10.58
CA VAL F 347 -25.17 -40.69 -10.59
C VAL F 347 -24.03 -41.17 -9.71
N CYS F 348 -24.25 -41.19 -8.40
CA CYS F 348 -23.21 -41.52 -7.42
C CYS F 348 -22.05 -40.52 -7.48
N ALA F 349 -22.32 -39.31 -7.01
CA ALA F 349 -21.31 -38.29 -6.89
C ALA F 349 -21.25 -37.78 -5.46
N TYR F 350 -20.30 -36.89 -5.20
CA TYR F 350 -20.14 -36.23 -3.91
C TYR F 350 -20.31 -34.73 -4.08
N PRO F 351 -21.27 -34.11 -3.40
CA PRO F 351 -21.74 -32.78 -3.78
C PRO F 351 -20.64 -31.73 -3.94
N GLU F 352 -19.52 -31.91 -3.28
CA GLU F 352 -18.46 -30.91 -3.30
C GLU F 352 -17.45 -31.16 -4.39
N SER F 353 -17.71 -32.13 -5.26
CA SER F 353 -16.74 -32.57 -6.26
C SER F 353 -16.30 -31.45 -7.19
N ALA F 354 -17.00 -30.32 -7.19
CA ALA F 354 -16.63 -29.19 -8.03
C ALA F 354 -17.43 -28.00 -7.53
N GLY F 355 -17.36 -26.90 -8.28
CA GLY F 355 -18.21 -25.76 -7.98
C GLY F 355 -19.67 -26.14 -8.03
N LEU F 356 -20.48 -25.40 -7.28
CA LEU F 356 -21.90 -25.71 -7.18
C LEU F 356 -22.52 -25.82 -8.56
N GLU F 357 -22.35 -24.77 -9.36
CA GLU F 357 -22.96 -24.75 -10.69
C GLU F 357 -22.45 -25.89 -11.55
N ASP F 358 -21.22 -26.35 -11.32
CA ASP F 358 -20.64 -27.37 -12.17
C ASP F 358 -21.56 -28.57 -12.25
N HIS F 359 -22.14 -28.94 -11.10
CA HIS F 359 -23.19 -29.95 -11.08
C HIS F 359 -24.28 -29.62 -12.08
N LEU F 360 -24.74 -28.36 -12.07
CA LEU F 360 -25.84 -27.98 -12.94
C LEU F 360 -25.49 -28.27 -14.39
N GLN F 361 -24.24 -28.04 -14.78
CA GLN F 361 -23.85 -28.44 -16.12
C GLN F 361 -23.92 -29.94 -16.27
N ILE F 362 -23.35 -30.68 -15.31
CA ILE F 362 -23.43 -32.12 -15.32
C ILE F 362 -24.87 -32.55 -15.55
N ILE F 363 -25.79 -31.91 -14.84
CA ILE F 363 -27.21 -32.21 -14.96
C ILE F 363 -27.66 -32.08 -16.41
N LYS F 364 -27.58 -30.86 -16.95
CA LYS F 364 -28.15 -30.58 -18.26
C LYS F 364 -27.66 -31.56 -19.31
N SER F 365 -26.34 -31.68 -19.44
CA SER F 365 -25.77 -32.63 -20.38
C SER F 365 -26.40 -34.00 -20.21
N GLU F 366 -26.43 -34.49 -18.99
CA GLU F 366 -27.15 -35.72 -18.69
C GLU F 366 -28.60 -35.62 -19.12
N ILE F 367 -29.27 -34.54 -18.72
CA ILE F 367 -30.63 -34.32 -19.21
C ILE F 367 -30.63 -34.27 -20.73
N ASN F 368 -29.66 -33.58 -21.32
CA ASN F 368 -29.54 -33.58 -22.77
C ASN F 368 -29.50 -35.02 -23.28
N ASP F 369 -28.75 -35.87 -22.59
CA ASP F 369 -28.53 -37.23 -23.08
C ASP F 369 -29.83 -38.00 -23.25
N PHE F 370 -30.40 -38.44 -22.14
CA PHE F 370 -31.53 -39.35 -22.21
C PHE F 370 -32.88 -38.66 -22.02
N LYS F 371 -32.88 -37.41 -21.57
CA LYS F 371 -34.05 -36.54 -21.35
C LYS F 371 -35.32 -37.26 -20.91
N PRO F 372 -35.33 -37.89 -19.74
CA PRO F 372 -36.60 -38.38 -19.18
C PRO F 372 -37.39 -37.26 -18.53
N ALA F 373 -38.69 -37.50 -18.41
CA ALA F 373 -39.59 -36.51 -17.85
C ALA F 373 -39.48 -36.41 -16.34
N ARG F 374 -38.99 -37.44 -15.67
CA ARG F 374 -38.86 -37.41 -14.22
C ARG F 374 -37.41 -37.15 -13.83
N ILE F 375 -37.25 -36.45 -12.72
CA ILE F 375 -35.92 -36.26 -12.13
C ILE F 375 -36.09 -36.00 -10.65
N ALA F 376 -35.07 -36.37 -9.88
CA ALA F 376 -35.12 -36.14 -8.44
C ALA F 376 -33.77 -35.70 -7.93
N ILE F 377 -33.73 -34.54 -7.29
CA ILE F 377 -32.54 -34.06 -6.61
C ILE F 377 -32.43 -34.74 -5.26
N ASP F 378 -31.19 -35.03 -4.85
CA ASP F 378 -30.89 -35.56 -3.54
C ASP F 378 -30.26 -34.47 -2.69
N SER F 379 -30.79 -34.27 -1.49
CA SER F 379 -30.10 -33.57 -0.40
C SER F 379 -29.67 -32.16 -0.81
N LEU F 380 -30.66 -31.27 -0.93
CA LEU F 380 -30.34 -29.87 -1.01
C LEU F 380 -29.42 -29.46 0.13
N SER F 381 -29.56 -30.10 1.29
CA SER F 381 -28.80 -29.71 2.47
C SER F 381 -27.31 -29.75 2.20
N ALA F 382 -26.80 -30.92 1.82
CA ALA F 382 -25.38 -31.01 1.51
C ALA F 382 -25.00 -30.03 0.42
N LEU F 383 -25.90 -29.81 -0.53
CA LEU F 383 -25.67 -28.83 -1.56
C LEU F 383 -25.60 -27.42 -1.00
N ALA F 384 -26.11 -27.21 0.21
CA ALA F 384 -26.08 -25.91 0.84
C ALA F 384 -24.90 -25.72 1.79
N ARG F 385 -24.03 -26.72 1.90
CA ARG F 385 -22.96 -26.65 2.88
C ARG F 385 -21.91 -25.62 2.45
N GLY F 386 -21.50 -24.80 3.41
CA GLY F 386 -20.40 -23.88 3.17
C GLY F 386 -20.64 -22.91 2.04
N VAL F 387 -21.90 -22.54 1.83
CA VAL F 387 -22.27 -21.65 0.73
C VAL F 387 -23.22 -20.59 1.25
N SER F 388 -23.05 -19.38 0.73
CA SER F 388 -24.02 -18.31 0.98
C SER F 388 -25.39 -18.79 0.54
N ASN F 389 -26.40 -18.46 1.36
CA ASN F 389 -27.77 -18.72 0.98
C ASN F 389 -28.03 -18.25 -0.45
N ASN F 390 -27.62 -17.02 -0.74
CA ASN F 390 -27.80 -16.40 -2.04
C ASN F 390 -27.40 -17.35 -3.17
N ALA F 391 -26.10 -17.64 -3.25
CA ALA F 391 -25.61 -18.52 -4.31
C ALA F 391 -26.41 -19.81 -4.34
N PHE F 392 -26.49 -20.49 -3.20
CA PHE F 392 -27.33 -21.68 -3.10
C PHE F 392 -28.74 -21.38 -3.56
N ARG F 393 -29.35 -20.34 -3.01
CA ARG F 393 -30.64 -19.89 -3.50
C ARG F 393 -30.56 -19.60 -5.00
N GLN F 394 -29.51 -18.91 -5.42
CA GLN F 394 -29.38 -18.60 -6.83
C GLN F 394 -29.12 -19.86 -7.64
N PHE F 395 -28.55 -20.89 -7.01
CA PHE F 395 -28.37 -22.17 -7.68
C PHE F 395 -29.71 -22.76 -8.11
N VAL F 396 -30.61 -22.95 -7.16
CA VAL F 396 -31.88 -23.62 -7.46
C VAL F 396 -32.65 -22.86 -8.51
N ILE F 397 -32.65 -21.54 -8.41
CA ILE F 397 -33.28 -20.71 -9.44
C ILE F 397 -32.77 -21.11 -10.80
N GLY F 398 -31.48 -21.39 -10.90
CA GLY F 398 -30.97 -22.00 -12.12
C GLY F 398 -31.65 -23.32 -12.40
N VAL F 399 -31.65 -24.22 -11.42
CA VAL F 399 -32.27 -25.52 -11.61
C VAL F 399 -33.73 -25.35 -11.98
N THR F 400 -34.37 -24.33 -11.43
CA THR F 400 -35.77 -24.05 -11.68
C THR F 400 -36.10 -24.09 -13.17
N GLY F 401 -35.61 -23.11 -13.92
CA GLY F 401 -36.05 -22.94 -15.28
C GLY F 401 -35.69 -24.11 -16.17
N TYR F 402 -34.40 -24.46 -16.22
CA TYR F 402 -33.98 -25.55 -17.09
C TYR F 402 -34.83 -26.78 -16.83
N ALA F 403 -35.15 -27.03 -15.56
CA ALA F 403 -36.16 -28.01 -15.25
C ALA F 403 -37.46 -27.65 -15.93
N LYS F 404 -37.97 -26.45 -15.67
CA LYS F 404 -39.27 -26.08 -16.20
C LYS F 404 -39.25 -26.02 -17.72
N GLN F 405 -38.24 -25.36 -18.29
CA GLN F 405 -38.26 -25.12 -19.73
C GLN F 405 -38.22 -26.42 -20.51
N GLU F 406 -37.48 -27.41 -20.03
CA GLU F 406 -37.44 -28.70 -20.68
C GLU F 406 -38.72 -29.49 -20.50
N GLU F 407 -39.65 -28.96 -19.70
CA GLU F 407 -40.89 -29.63 -19.39
C GLU F 407 -40.63 -30.93 -18.65
N ILE F 408 -39.82 -30.82 -17.61
CA ILE F 408 -39.49 -31.92 -16.72
C ILE F 408 -40.33 -31.78 -15.47
N THR F 409 -40.73 -32.90 -14.89
CA THR F 409 -41.53 -32.88 -13.68
C THR F 409 -40.62 -32.90 -12.47
N GLY F 410 -40.59 -31.79 -11.72
CA GLY F 410 -39.60 -31.60 -10.68
C GLY F 410 -39.99 -32.19 -9.33
N LEU F 411 -39.01 -32.83 -8.69
CA LEU F 411 -39.09 -33.31 -7.33
C LEU F 411 -37.72 -33.22 -6.68
N PHE F 412 -37.63 -32.60 -5.50
CA PHE F 412 -36.35 -32.41 -4.84
C PHE F 412 -36.38 -32.96 -3.43
N THR F 413 -35.18 -33.10 -2.86
CA THR F 413 -34.96 -33.66 -1.54
C THR F 413 -34.27 -32.62 -0.66
N ASN F 414 -34.94 -32.20 0.40
CA ASN F 414 -34.35 -31.25 1.32
C ASN F 414 -34.52 -31.74 2.74
N THR F 415 -33.81 -31.10 3.67
CA THR F 415 -33.85 -31.46 5.08
C THR F 415 -33.87 -30.21 5.94
N SER F 416 -34.70 -30.23 6.97
CA SER F 416 -34.75 -29.13 7.91
C SER F 416 -33.61 -29.24 8.90
N ASP F 417 -33.12 -28.09 9.39
CA ASP F 417 -32.09 -28.07 10.41
C ASP F 417 -32.54 -28.82 11.65
N GLN F 418 -33.48 -28.24 12.39
CA GLN F 418 -33.91 -28.80 13.66
C GLN F 418 -35.18 -29.61 13.48
N PHE F 419 -35.23 -30.74 14.16
CA PHE F 419 -36.44 -31.53 14.23
C PHE F 419 -37.44 -30.91 15.19
N MET F 420 -38.70 -31.30 15.03
CA MET F 420 -39.69 -31.13 16.08
C MET F 420 -39.90 -29.68 16.50
N GLY F 421 -40.61 -28.91 15.68
CA GLY F 421 -40.96 -27.56 16.02
C GLY F 421 -40.24 -26.47 15.25
N ALA F 422 -39.47 -26.83 14.22
CA ALA F 422 -38.97 -25.82 13.30
C ALA F 422 -40.15 -25.12 12.64
N HIS F 423 -40.16 -23.80 12.72
CA HIS F 423 -41.27 -23.01 12.21
C HIS F 423 -41.05 -22.52 10.79
N SER F 424 -39.96 -22.92 10.17
CA SER F 424 -39.63 -22.53 8.80
C SER F 424 -39.59 -23.77 7.92
N ILE F 425 -40.30 -23.71 6.78
CA ILE F 425 -40.24 -24.78 5.81
C ILE F 425 -38.81 -25.00 5.34
N THR F 426 -38.08 -23.92 5.10
CA THR F 426 -36.81 -23.99 4.40
C THR F 426 -35.82 -23.01 5.00
N ASP F 427 -34.58 -23.47 5.19
CA ASP F 427 -33.51 -22.58 5.62
C ASP F 427 -33.29 -21.48 4.59
N SER F 428 -33.10 -21.87 3.34
CA SER F 428 -32.88 -20.94 2.25
C SER F 428 -34.18 -20.40 1.68
N HIS F 429 -35.33 -20.75 2.27
CA HIS F 429 -36.62 -20.18 1.92
C HIS F 429 -36.98 -20.45 0.46
N ILE F 430 -36.94 -21.72 0.07
CA ILE F 430 -37.17 -22.09 -1.32
C ILE F 430 -38.66 -22.24 -1.58
N SER F 431 -39.43 -22.30 -0.50
CA SER F 431 -40.85 -22.58 -0.54
C SER F 431 -41.60 -22.05 -1.76
N THR F 432 -41.26 -20.83 -2.17
CA THR F 432 -42.01 -20.16 -3.23
C THR F 432 -41.70 -20.71 -4.60
N ILE F 433 -40.51 -21.28 -4.77
CA ILE F 433 -40.08 -21.62 -6.11
C ILE F 433 -40.53 -23.05 -6.44
N THR F 434 -41.73 -23.40 -6.03
CA THR F 434 -42.27 -24.70 -6.38
C THR F 434 -43.78 -24.62 -6.40
N ASP F 435 -44.37 -25.48 -7.21
CA ASP F 435 -45.82 -25.46 -7.39
C ASP F 435 -46.52 -26.20 -6.27
N THR F 436 -45.81 -27.10 -5.60
CA THR F 436 -46.40 -27.96 -4.59
C THR F 436 -45.36 -28.29 -3.56
N ILE F 437 -45.79 -28.40 -2.30
CA ILE F 437 -44.88 -28.62 -1.19
C ILE F 437 -45.41 -29.74 -0.31
N ILE F 438 -44.53 -30.63 0.10
CA ILE F 438 -44.86 -31.67 1.04
C ILE F 438 -44.03 -31.47 2.30
N LEU F 439 -44.60 -31.86 3.42
CA LEU F 439 -43.88 -31.86 4.68
C LEU F 439 -44.05 -33.20 5.37
N LEU F 440 -42.97 -33.68 5.96
CA LEU F 440 -43.04 -34.78 6.92
C LEU F 440 -42.56 -34.28 8.26
N GLN F 441 -43.11 -34.84 9.33
CA GLN F 441 -42.69 -34.43 10.64
C GLN F 441 -42.98 -35.53 11.64
N TYR F 442 -42.09 -35.67 12.62
CA TYR F 442 -42.28 -36.67 13.66
C TYR F 442 -43.23 -36.16 14.73
N VAL F 443 -43.88 -37.11 15.41
CA VAL F 443 -44.94 -36.77 16.35
C VAL F 443 -44.81 -37.65 17.58
N GLU F 444 -44.99 -37.05 18.75
CA GLU F 444 -45.06 -37.81 19.98
C GLU F 444 -46.46 -38.38 20.11
N ILE F 445 -46.56 -39.71 20.17
CA ILE F 445 -47.81 -40.39 20.47
C ILE F 445 -47.52 -41.54 21.43
N ARG F 446 -48.12 -41.49 22.61
CA ARG F 446 -47.93 -42.54 23.61
C ARG F 446 -46.46 -42.89 23.75
N GLY F 447 -45.62 -41.87 23.66
CA GLY F 447 -44.20 -42.10 23.69
C GLY F 447 -43.64 -42.73 22.44
N GLU F 448 -44.37 -42.66 21.33
CA GLU F 448 -43.86 -43.15 20.06
C GLU F 448 -43.79 -42.00 19.07
N MET F 449 -42.71 -41.96 18.31
CA MET F 449 -42.72 -41.19 17.08
C MET F 449 -43.56 -41.92 16.03
N SER F 450 -44.04 -41.16 15.06
CA SER F 450 -44.80 -41.76 13.97
C SER F 450 -44.64 -40.91 12.73
N ARG F 451 -44.81 -41.57 11.59
CA ARG F 451 -44.77 -40.88 10.32
C ARG F 451 -45.99 -40.00 10.19
N ALA F 452 -45.78 -38.70 9.98
CA ALA F 452 -46.85 -37.75 9.79
C ALA F 452 -46.66 -37.04 8.46
N ILE F 453 -47.75 -36.93 7.70
CA ILE F 453 -47.68 -36.45 6.33
C ILE F 453 -48.55 -35.22 6.21
N ASN F 454 -48.20 -34.37 5.25
CA ASN F 454 -49.06 -33.27 4.84
C ASN F 454 -48.87 -32.96 3.37
N VAL F 455 -49.99 -32.65 2.71
CA VAL F 455 -49.94 -31.93 1.45
C VAL F 455 -50.08 -30.47 1.82
N PHE F 456 -48.99 -29.73 1.74
CA PHE F 456 -49.02 -28.39 2.30
C PHE F 456 -49.71 -27.43 1.35
N LYS F 457 -49.28 -27.39 0.10
CA LYS F 457 -49.94 -26.60 -0.92
C LYS F 457 -49.69 -27.24 -2.27
N MET F 458 -50.71 -27.22 -3.12
CA MET F 458 -50.55 -27.58 -4.52
C MET F 458 -51.31 -26.53 -5.32
N ARG F 459 -50.59 -25.75 -6.12
CA ARG F 459 -51.14 -24.52 -6.64
C ARG F 459 -52.38 -24.75 -7.50
N GLY F 460 -52.64 -25.97 -7.92
CA GLY F 460 -53.82 -26.17 -8.72
C GLY F 460 -55.00 -26.87 -8.08
N SER F 461 -54.84 -27.50 -6.93
CA SER F 461 -55.77 -28.60 -6.66
C SER F 461 -56.54 -28.54 -5.36
N TRP F 462 -57.22 -29.65 -5.11
CA TRP F 462 -58.17 -29.81 -4.02
C TRP F 462 -57.46 -30.16 -2.71
N HIS F 463 -56.77 -31.30 -2.68
CA HIS F 463 -55.72 -31.60 -1.72
C HIS F 463 -56.11 -31.38 -0.26
N ASP F 464 -56.75 -32.37 0.33
CA ASP F 464 -57.24 -32.31 1.70
C ASP F 464 -56.21 -31.72 2.66
N LYS F 465 -56.67 -30.74 3.44
CA LYS F 465 -55.87 -30.11 4.48
C LYS F 465 -55.63 -31.01 5.68
N ALA F 466 -56.32 -32.14 5.77
CA ALA F 466 -56.16 -32.98 6.94
C ALA F 466 -54.76 -33.57 6.98
N ILE F 467 -54.37 -34.03 8.15
CA ILE F 467 -53.05 -34.59 8.38
C ILE F 467 -53.20 -36.06 8.73
N ARG F 468 -52.73 -36.92 7.85
CA ARG F 468 -52.91 -38.35 8.01
C ARG F 468 -51.65 -38.98 8.57
N GLU F 469 -51.84 -40.02 9.38
CA GLU F 469 -50.75 -40.87 9.84
C GLU F 469 -50.44 -41.92 8.77
N PHE F 470 -49.20 -42.41 8.78
CA PHE F 470 -48.84 -43.41 7.79
C PHE F 470 -47.67 -44.23 8.31
N MET F 471 -47.45 -45.38 7.67
CA MET F 471 -46.47 -46.33 8.15
C MET F 471 -45.87 -47.09 6.96
N ILE F 472 -44.92 -47.97 7.25
CA ILE F 472 -44.15 -48.66 6.22
C ILE F 472 -43.93 -50.12 6.58
N SER F 473 -44.21 -51.00 5.63
CA SER F 473 -43.56 -52.29 5.53
C SER F 473 -42.75 -52.29 4.25
N ASP F 474 -42.03 -53.37 3.99
CA ASP F 474 -41.38 -53.47 2.68
C ASP F 474 -42.39 -53.61 1.57
N LYS F 475 -43.64 -53.87 1.90
CA LYS F 475 -44.72 -53.68 0.94
C LYS F 475 -44.83 -52.20 0.63
N GLY F 476 -44.04 -51.40 1.33
CA GLY F 476 -43.93 -50.00 1.05
C GLY F 476 -44.63 -49.18 2.11
N PRO F 477 -44.75 -47.89 1.85
CA PRO F 477 -45.45 -47.00 2.77
C PRO F 477 -46.96 -47.16 2.66
N ASP F 478 -47.64 -46.89 3.76
CA ASP F 478 -49.10 -46.90 3.76
C ASP F 478 -49.62 -45.91 4.79
N ILE F 479 -50.79 -45.36 4.50
CA ILE F 479 -51.26 -44.13 5.13
C ILE F 479 -52.53 -44.40 5.90
N LYS F 480 -52.51 -44.08 7.19
CA LYS F 480 -53.68 -44.14 8.04
C LYS F 480 -54.37 -42.79 7.99
N ASP F 481 -55.30 -42.55 8.92
CA ASP F 481 -56.13 -41.36 8.85
C ASP F 481 -55.71 -40.32 9.88
N SER F 482 -56.48 -39.23 9.89
CA SER F 482 -56.23 -38.05 10.71
C SER F 482 -56.59 -38.29 12.17
N PHE F 483 -56.09 -37.40 13.02
CA PHE F 483 -56.28 -37.50 14.46
C PHE F 483 -57.39 -36.54 14.86
N ARG F 484 -58.58 -37.07 15.14
CA ARG F 484 -59.64 -36.23 15.65
C ARG F 484 -59.62 -36.11 17.16
N ASN F 485 -58.89 -36.98 17.83
CA ASN F 485 -58.79 -36.99 19.28
C ASN F 485 -57.52 -36.32 19.79
N PHE F 486 -56.67 -35.81 18.91
CA PHE F 486 -55.34 -35.37 19.31
C PHE F 486 -55.20 -33.87 19.18
N GLU F 487 -54.25 -33.33 19.94
CA GLU F 487 -54.27 -31.93 20.31
C GLU F 487 -52.87 -31.33 20.21
N ARG F 488 -52.75 -30.22 19.50
CA ARG F 488 -51.47 -29.51 19.36
C ARG F 488 -50.40 -30.42 18.76
N ILE F 489 -50.70 -30.98 17.59
CA ILE F 489 -49.85 -32.01 17.03
C ILE F 489 -48.63 -31.41 16.35
N ILE F 490 -48.79 -30.27 15.68
CA ILE F 490 -47.71 -29.74 14.85
C ILE F 490 -46.52 -29.35 15.71
N SER F 491 -46.77 -28.79 16.89
CA SER F 491 -45.69 -28.34 17.74
C SER F 491 -44.69 -29.45 18.02
N GLY F 492 -45.17 -30.67 18.17
CA GLY F 492 -44.35 -31.78 18.61
C GLY F 492 -44.65 -32.26 20.01
N SER F 493 -45.50 -31.55 20.75
CA SER F 493 -45.99 -31.99 22.05
C SER F 493 -47.49 -32.15 21.96
N PRO F 494 -47.97 -33.23 21.37
CA PRO F 494 -49.40 -33.41 21.16
C PRO F 494 -50.10 -33.76 22.46
N THR F 495 -51.43 -33.88 22.38
CA THR F 495 -52.25 -34.17 23.54
C THR F 495 -53.54 -34.80 23.03
N ARG F 496 -54.30 -35.42 23.93
CA ARG F 496 -55.59 -35.97 23.55
C ARG F 496 -56.64 -35.68 24.60
N THR G 6 53.28 -16.92 -13.25
CA THR G 6 52.79 -17.18 -14.60
C THR G 6 52.24 -18.60 -14.72
N TYR G 7 51.48 -19.02 -13.71
CA TYR G 7 50.03 -19.15 -13.86
C TYR G 7 49.68 -20.15 -14.96
N ILE G 8 49.19 -21.31 -14.56
CA ILE G 8 48.17 -21.99 -15.29
C ILE G 8 46.94 -21.16 -15.17
N LEU G 9 46.59 -20.50 -16.28
CA LEU G 9 45.44 -19.66 -16.34
C LEU G 9 44.55 -20.27 -17.38
N LYS G 10 43.22 -20.25 -17.15
CA LYS G 10 42.34 -20.87 -18.10
C LYS G 10 41.08 -20.06 -18.19
N LEU G 11 40.44 -20.07 -19.38
CA LEU G 11 39.22 -19.32 -19.60
C LEU G 11 38.18 -20.26 -20.13
N TYR G 12 36.93 -20.11 -19.64
CA TYR G 12 35.89 -20.97 -20.14
C TYR G 12 35.01 -20.14 -21.02
N VAL G 13 34.77 -20.62 -22.27
CA VAL G 13 33.98 -19.88 -23.21
C VAL G 13 32.81 -20.71 -23.67
N ALA G 14 31.71 -20.02 -24.04
CA ALA G 14 30.41 -20.50 -24.41
C ALA G 14 30.43 -21.31 -25.65
N GLY G 15 31.30 -20.95 -26.59
CA GLY G 15 31.38 -21.72 -27.78
C GLY G 15 32.29 -20.94 -28.61
N ASN G 16 33.34 -20.45 -27.94
CA ASN G 16 34.26 -19.60 -28.60
C ASN G 16 33.45 -18.48 -29.16
N THR G 17 32.50 -17.97 -28.33
CA THR G 17 31.69 -16.88 -28.77
C THR G 17 32.60 -15.71 -28.84
N PRO G 18 32.24 -14.76 -29.64
CA PRO G 18 33.05 -13.59 -29.85
C PRO G 18 33.22 -12.78 -28.61
N ASN G 19 32.28 -12.82 -27.67
CA ASN G 19 32.51 -12.04 -26.49
C ASN G 19 33.69 -12.66 -25.81
N SER G 20 33.72 -14.00 -25.79
CA SER G 20 34.76 -14.72 -25.13
C SER G 20 36.05 -14.40 -25.79
N VAL G 21 36.07 -14.48 -27.13
CA VAL G 21 37.29 -14.23 -27.84
C VAL G 21 37.66 -12.81 -27.61
N ARG G 22 36.65 -11.93 -27.53
CA ARG G 22 36.87 -10.53 -27.34
C ARG G 22 37.59 -10.35 -26.05
N ALA G 23 37.06 -10.96 -24.98
CA ALA G 23 37.64 -10.86 -23.68
C ALA G 23 38.98 -11.52 -23.70
N LEU G 24 39.10 -12.62 -24.45
CA LEU G 24 40.32 -13.36 -24.44
C LEU G 24 41.42 -12.47 -24.89
N LYS G 25 41.20 -11.68 -25.95
CA LYS G 25 42.25 -10.84 -26.42
C LYS G 25 42.60 -9.86 -25.34
N THR G 26 41.59 -9.33 -24.62
CA THR G 26 41.91 -8.38 -23.60
C THR G 26 42.69 -9.09 -22.54
N LEU G 27 42.31 -10.33 -22.21
CA LEU G 27 43.02 -11.04 -21.18
C LEU G 27 44.42 -11.27 -21.64
N LYS G 28 44.58 -11.69 -22.91
CA LYS G 28 45.88 -11.98 -23.42
C LYS G 28 46.70 -10.73 -23.44
N ASN G 29 46.10 -9.60 -23.86
CA ASN G 29 46.85 -8.38 -23.95
C ASN G 29 47.31 -7.94 -22.60
N ILE G 30 46.41 -7.98 -21.60
CA ILE G 30 46.76 -7.51 -20.30
C ILE G 30 47.82 -8.40 -19.74
N LEU G 31 47.62 -9.71 -19.89
CA LEU G 31 48.47 -10.71 -19.30
C LEU G 31 49.85 -10.59 -19.86
N GLU G 32 49.97 -10.39 -21.18
CA GLU G 32 51.27 -10.33 -21.79
C GLU G 32 52.04 -9.18 -21.23
N VAL G 33 51.34 -8.09 -20.90
CA VAL G 33 51.97 -6.87 -20.49
C VAL G 33 52.80 -7.04 -19.23
N GLU G 34 52.36 -7.86 -18.26
CA GLU G 34 52.95 -7.80 -16.95
C GLU G 34 54.43 -8.13 -16.80
N PHE G 35 54.94 -9.30 -17.23
CA PHE G 35 56.31 -9.53 -16.82
C PHE G 35 56.75 -10.87 -17.32
N GLN G 36 57.84 -11.41 -16.74
CA GLN G 36 58.38 -12.70 -17.07
C GLN G 36 57.58 -13.70 -16.29
N GLY G 37 57.92 -14.99 -16.38
CA GLY G 37 57.09 -15.93 -15.68
C GLY G 37 55.78 -15.92 -16.39
N VAL G 38 55.81 -16.25 -17.69
CA VAL G 38 54.66 -16.18 -18.55
C VAL G 38 53.55 -16.98 -17.97
N TYR G 39 52.32 -16.50 -18.21
CA TYR G 39 51.10 -17.17 -17.81
C TYR G 39 50.66 -17.97 -19.00
N ALA G 40 50.15 -19.20 -18.76
CA ALA G 40 49.68 -20.00 -19.86
C ALA G 40 48.19 -19.78 -19.96
N LEU G 41 47.73 -19.38 -21.15
CA LEU G 41 46.33 -19.09 -21.33
C LEU G 41 45.75 -20.25 -22.08
N LYS G 42 44.78 -20.95 -21.46
CA LYS G 42 44.15 -22.05 -22.14
C LYS G 42 42.67 -21.87 -22.02
N VAL G 43 41.95 -22.11 -23.12
CA VAL G 43 40.54 -21.94 -23.10
C VAL G 43 39.90 -23.30 -22.99
N ILE G 44 38.81 -23.39 -22.22
CA ILE G 44 38.13 -24.63 -22.07
C ILE G 44 36.75 -24.45 -22.64
N ASP G 45 36.36 -25.34 -23.58
CA ASP G 45 35.07 -25.21 -24.20
C ASP G 45 34.09 -25.82 -23.26
N VAL G 46 33.19 -24.98 -22.72
CA VAL G 46 32.20 -25.44 -21.79
C VAL G 46 31.38 -26.47 -22.49
N LEU G 47 31.15 -26.27 -23.80
CA LEU G 47 30.32 -27.18 -24.55
C LEU G 47 31.00 -28.51 -24.52
N LYS G 48 32.34 -28.55 -24.69
CA LYS G 48 33.02 -29.81 -24.73
C LYS G 48 32.97 -30.50 -23.41
N ASN G 49 33.32 -29.82 -22.29
CA ASN G 49 33.27 -30.53 -21.04
C ASN G 49 32.59 -29.68 -20.01
N PRO G 50 31.32 -29.86 -19.87
CA PRO G 50 30.59 -29.13 -18.86
C PRO G 50 30.84 -29.68 -17.49
N GLN G 51 31.43 -30.89 -17.39
CA GLN G 51 31.58 -31.52 -16.11
C GLN G 51 32.49 -30.74 -15.20
N LEU G 52 33.65 -30.30 -15.72
CA LEU G 52 34.60 -29.58 -14.91
C LEU G 52 34.02 -28.26 -14.54
N ALA G 53 33.22 -27.67 -15.43
CA ALA G 53 32.65 -26.38 -15.15
C ALA G 53 31.79 -26.53 -13.95
N GLU G 54 31.02 -27.63 -13.89
CA GLU G 54 30.09 -27.85 -12.82
C GLU G 54 30.82 -28.00 -11.52
N GLU G 55 31.97 -28.70 -11.52
CA GLU G 55 32.64 -28.91 -10.28
C GLU G 55 33.10 -27.58 -9.75
N ASP G 56 33.61 -26.72 -10.64
CA ASP G 56 34.07 -25.41 -10.30
C ASP G 56 32.85 -24.62 -9.94
N LYS G 57 31.67 -25.21 -10.21
CA LYS G 57 30.42 -24.56 -9.92
C LYS G 57 30.38 -23.37 -10.79
N ILE G 58 31.17 -23.45 -11.88
CA ILE G 58 31.24 -22.38 -12.81
C ILE G 58 30.05 -22.52 -13.69
N LEU G 59 28.99 -21.79 -13.29
CA LEU G 59 27.75 -21.68 -13.97
C LEU G 59 27.80 -20.68 -15.09
N ALA G 60 28.57 -19.58 -14.93
CA ALA G 60 28.44 -18.49 -15.87
C ALA G 60 29.60 -18.40 -16.82
N THR G 61 29.29 -17.91 -18.04
CA THR G 61 30.28 -17.75 -19.07
C THR G 61 30.07 -16.42 -19.73
N PRO G 62 31.10 -15.81 -20.26
CA PRO G 62 32.43 -16.36 -20.18
C PRO G 62 32.99 -16.22 -18.80
N THR G 63 33.99 -17.05 -18.47
CA THR G 63 34.61 -16.97 -17.16
C THR G 63 36.07 -17.27 -17.30
N LEU G 64 36.84 -16.85 -16.28
CA LEU G 64 38.26 -17.01 -16.22
C LEU G 64 38.58 -17.60 -14.89
N ALA G 65 39.48 -18.60 -14.85
CA ALA G 65 39.82 -19.16 -13.57
C ALA G 65 41.30 -19.40 -13.53
N LYS G 66 41.96 -18.98 -12.44
CA LYS G 66 43.37 -19.21 -12.34
C LYS G 66 43.58 -20.29 -11.33
N VAL G 67 44.11 -21.44 -11.79
CA VAL G 67 44.37 -22.54 -10.92
C VAL G 67 45.61 -22.32 -10.07
N LEU G 68 46.77 -22.02 -10.70
CA LEU G 68 48.00 -21.86 -9.97
C LEU G 68 48.97 -21.14 -10.86
N PRO G 69 50.11 -20.71 -10.37
CA PRO G 69 50.49 -20.88 -9.00
C PRO G 69 49.70 -19.93 -8.16
N LEU G 70 49.72 -20.14 -6.83
CA LEU G 70 49.02 -19.32 -5.88
C LEU G 70 47.69 -19.97 -5.64
N PRO G 71 46.88 -19.31 -4.86
CA PRO G 71 45.57 -19.84 -4.63
C PRO G 71 44.73 -19.71 -5.85
N VAL G 72 43.58 -20.42 -5.90
CA VAL G 72 42.76 -20.38 -7.07
C VAL G 72 41.74 -19.30 -6.93
N ARG G 73 41.38 -18.65 -8.07
CA ARG G 73 40.38 -17.62 -8.06
C ARG G 73 39.48 -17.87 -9.23
N ARG G 74 38.26 -17.32 -9.15
CA ARG G 74 37.28 -17.49 -10.18
C ARG G 74 36.83 -16.14 -10.61
N ILE G 75 37.06 -15.78 -11.89
CA ILE G 75 36.62 -14.49 -12.34
C ILE G 75 35.57 -14.75 -13.38
N ILE G 76 34.41 -14.08 -13.24
CA ILE G 76 33.30 -14.37 -14.11
C ILE G 76 32.52 -13.11 -14.35
N GLY G 77 31.29 -13.31 -14.86
CA GLY G 77 30.32 -12.29 -15.15
C GLY G 77 30.07 -12.35 -16.62
N ASP G 78 28.85 -12.70 -17.00
CA ASP G 78 28.47 -12.79 -18.40
C ASP G 78 28.61 -11.45 -19.11
N LEU G 79 28.26 -10.38 -18.39
CA LEU G 79 28.36 -9.04 -18.95
C LEU G 79 29.84 -8.78 -19.24
N SER G 80 30.12 -7.96 -20.25
CA SER G 80 31.49 -7.62 -20.60
C SER G 80 32.00 -6.43 -19.79
N ASP G 81 31.84 -6.52 -18.47
CA ASP G 81 32.73 -5.83 -17.54
C ASP G 81 34.09 -5.60 -18.18
N ARG G 82 34.28 -6.15 -19.38
CA ARG G 82 35.44 -6.98 -19.66
C ARG G 82 36.74 -6.18 -19.52
N GLU G 83 36.72 -4.94 -20.03
CA GLU G 83 37.85 -4.04 -19.87
C GLU G 83 38.08 -3.71 -18.40
N LYS G 84 37.00 -3.51 -17.66
CA LYS G 84 37.07 -3.28 -16.22
C LYS G 84 37.65 -4.51 -15.52
N VAL G 85 37.25 -5.69 -15.97
CA VAL G 85 37.79 -6.93 -15.44
C VAL G 85 39.28 -7.02 -15.68
N LEU G 86 39.71 -6.60 -16.87
CA LEU G 86 41.12 -6.56 -17.21
C LEU G 86 41.88 -5.61 -16.31
N ILE G 87 41.27 -4.46 -16.03
CA ILE G 87 41.87 -3.50 -15.11
C ILE G 87 42.02 -4.08 -13.72
N GLY G 88 41.01 -4.83 -13.28
CA GLY G 88 41.06 -5.51 -11.99
C GLY G 88 42.19 -6.54 -11.96
N LEU G 89 42.36 -7.25 -13.07
CA LEU G 89 43.43 -8.22 -13.20
C LEU G 89 44.79 -7.54 -13.10
N ASP G 90 44.89 -6.37 -13.73
CA ASP G 90 46.10 -5.56 -13.68
C ASP G 90 46.40 -5.12 -12.24
N LEU G 91 45.35 -4.75 -11.52
CA LEU G 91 45.48 -4.39 -10.11
C LEU G 91 45.98 -5.57 -9.29
N LEU G 92 45.46 -6.75 -9.60
CA LEU G 92 45.91 -7.97 -8.93
C LEU G 92 47.38 -8.24 -9.22
N TYR G 93 47.80 -8.00 -10.45
CA TYR G 93 49.20 -8.14 -10.84
C TYR G 93 50.07 -7.16 -10.07
N GLY G 94 49.58 -5.94 -9.90
CA GLY G 94 50.29 -4.92 -9.13
C GLY G 94 50.43 -5.36 -7.68
N GLU G 95 49.38 -5.95 -7.13
CA GLU G 95 49.43 -6.57 -5.80
C GLU G 95 50.31 -7.81 -5.80
N LEU G 96 50.27 -8.56 -6.90
CA LEU G 96 51.31 -9.54 -7.20
C LEU G 96 52.66 -8.87 -7.39
N GLN G 97 52.67 -7.73 -8.06
CA GLN G 97 53.84 -6.86 -8.10
C GLN G 97 54.20 -6.35 -6.71
N ASP G 98 53.17 -5.99 -5.94
CA ASP G 98 53.36 -5.64 -4.53
C ASP G 98 53.81 -6.85 -3.72
N THR H 6 54.52 12.11 13.47
CA THR H 6 54.90 10.88 12.77
C THR H 6 54.86 9.68 13.72
N TYR H 7 53.81 9.61 14.53
CA TYR H 7 52.75 8.64 14.32
C TYR H 7 53.29 7.21 14.37
N ILE H 8 52.97 6.49 15.45
CA ILE H 8 52.69 5.10 15.37
C ILE H 8 51.42 4.96 14.61
N LEU H 9 51.56 4.49 13.36
CA LEU H 9 50.45 4.29 12.48
C LEU H 9 50.43 2.83 12.19
N LYS H 10 49.22 2.23 12.11
CA LYS H 10 49.16 0.81 11.87
C LYS H 10 47.99 0.52 10.98
N LEU H 11 48.08 -0.56 10.17
CA LEU H 11 47.04 -0.95 9.27
C LEU H 11 46.70 -2.38 9.52
N TYR H 12 45.39 -2.71 9.49
CA TYR H 12 45.02 -4.08 9.70
C TYR H 12 44.56 -4.62 8.37
N VAL H 13 45.14 -5.77 7.96
CA VAL H 13 44.82 -6.35 6.69
C VAL H 13 44.32 -7.76 6.88
N ALA H 14 43.45 -8.19 5.93
CA ALA H 14 42.71 -9.42 5.87
C ALA H 14 43.59 -10.60 5.76
N GLY H 15 44.69 -10.47 5.04
CA GLY H 15 45.57 -11.59 4.93
C GLY H 15 46.56 -11.11 3.96
N ASN H 16 46.94 -9.85 4.16
CA ASN H 16 47.82 -9.23 3.24
C ASN H 16 47.18 -9.37 1.91
N THR H 17 45.85 -9.12 1.86
CA THR H 17 45.15 -9.20 0.62
C THR H 17 45.64 -8.06 -0.20
N PRO H 18 45.52 -8.19 -1.49
CA PRO H 18 46.01 -7.19 -2.39
C PRO H 18 45.30 -5.88 -2.24
N ASN H 19 44.04 -5.87 -1.79
CA ASN H 19 43.42 -4.60 -1.65
C ASN H 19 44.17 -3.89 -0.57
N SER H 20 44.51 -4.63 0.49
CA SER H 20 45.19 -4.08 1.62
C SER H 20 46.51 -3.54 1.18
N VAL H 21 47.25 -4.38 0.44
CA VAL H 21 48.55 -3.99 0.00
C VAL H 21 48.38 -2.81 -0.92
N ARG H 22 47.31 -2.83 -1.71
CA ARG H 22 47.03 -1.78 -2.65
C ARG H 22 46.90 -0.50 -1.89
N ALA H 23 46.06 -0.53 -0.85
CA ALA H 23 45.81 0.63 -0.04
C ALA H 23 47.07 0.99 0.67
N LEU H 24 47.85 -0.02 1.07
CA LEU H 24 49.01 0.24 1.86
C LEU H 24 49.92 1.10 1.06
N LYS H 25 50.11 0.80 -0.23
CA LYS H 25 51.00 1.61 -1.00
C LYS H 25 50.46 3.00 -1.06
N THR H 26 49.14 3.17 -1.20
CA THR H 26 48.62 4.50 -1.25
C THR H 26 48.88 5.17 0.06
N LEU H 27 48.70 4.42 1.17
CA LEU H 27 48.90 5.03 2.46
C LEU H 27 50.34 5.41 2.58
N LYS H 28 51.25 4.51 2.16
CA LYS H 28 52.65 4.77 2.27
C LYS H 28 53.02 5.93 1.41
N ASN H 29 52.46 6.00 0.19
CA ASN H 29 52.82 7.06 -0.70
C ASN H 29 52.37 8.38 -0.15
N ILE H 30 51.13 8.45 0.34
CA ILE H 30 50.60 9.69 0.84
C ILE H 30 51.40 10.11 2.03
N LEU H 31 51.65 9.14 2.94
CA LEU H 31 52.26 9.39 4.20
C LEU H 31 53.65 9.90 4.00
N GLU H 32 54.39 9.31 3.04
CA GLU H 32 55.76 9.70 2.84
C GLU H 32 55.80 11.12 2.40
N VAL H 33 54.78 11.56 1.64
CA VAL H 33 54.78 12.88 1.05
C VAL H 33 54.83 13.98 2.07
N GLU H 34 54.17 13.84 3.22
CA GLU H 34 53.95 14.99 4.07
C GLU H 34 55.15 15.71 4.63
N PHE H 35 56.07 15.07 5.38
CA PHE H 35 57.04 15.95 6.02
C PHE H 35 57.98 15.12 6.84
N GLN H 36 58.69 15.77 7.78
CA GLN H 36 59.63 15.14 8.67
C GLN H 36 58.81 14.57 9.79
N GLY H 37 59.47 13.95 10.80
CA GLY H 37 58.65 13.36 11.83
C GLY H 37 57.95 12.22 11.18
N VAL H 38 58.76 11.27 10.65
CA VAL H 38 58.26 10.16 9.89
C VAL H 38 57.24 9.42 10.70
N TYR H 39 56.25 8.85 9.98
CA TYR H 39 55.22 8.03 10.55
C TYR H 39 55.68 6.61 10.38
N ALA H 40 55.44 5.76 11.40
CA ALA H 40 55.83 4.38 11.29
C ALA H 40 54.63 3.62 10.81
N LEU H 41 54.78 2.87 9.71
CA LEU H 41 53.68 2.16 9.16
C LEU H 41 53.88 0.72 9.50
N LYS H 42 52.94 0.13 10.29
CA LYS H 42 53.05 -1.25 10.63
C LYS H 42 51.75 -1.90 10.34
N VAL H 43 51.81 -3.10 9.73
CA VAL H 43 50.60 -3.79 9.39
C VAL H 43 50.36 -4.86 10.40
N ILE H 44 49.09 -5.07 10.77
CA ILE H 44 48.76 -6.10 11.73
C ILE H 44 47.91 -7.09 11.03
N ASP H 45 48.30 -8.38 11.08
CA ASP H 45 47.55 -9.40 10.41
C ASP H 45 46.41 -9.75 11.29
N VAL H 46 45.19 -9.45 10.83
CA VAL H 46 44.00 -9.70 11.60
C VAL H 46 43.96 -11.18 11.84
N LEU H 47 44.41 -11.97 10.86
CA LEU H 47 44.36 -13.40 10.98
C LEU H 47 45.24 -13.78 12.14
N LYS H 48 46.42 -13.14 12.27
CA LYS H 48 47.30 -13.52 13.34
C LYS H 48 46.73 -13.16 14.67
N ASN H 49 46.25 -11.90 14.88
CA ASN H 49 45.73 -11.60 16.18
C ASN H 49 44.42 -10.88 16.05
N PRO H 50 43.36 -11.62 16.06
CA PRO H 50 42.06 -11.00 16.00
C PRO H 50 41.68 -10.37 17.30
N GLN H 51 42.40 -10.66 18.40
CA GLN H 51 42.00 -10.18 19.69
C GLN H 51 42.08 -8.70 19.77
N LEU H 52 43.18 -8.09 19.30
CA LEU H 52 43.35 -6.67 19.38
C LEU H 52 42.35 -6.01 18.48
N ALA H 53 42.02 -6.65 17.36
CA ALA H 53 41.09 -6.06 16.44
C ALA H 53 39.79 -5.91 17.14
N GLU H 54 39.41 -6.94 17.92
CA GLU H 54 38.15 -6.96 18.59
C GLU H 54 38.10 -5.86 19.61
N GLU H 55 39.20 -5.63 20.34
CA GLU H 55 39.14 -4.62 21.36
C GLU H 55 38.90 -3.29 20.72
N ASP H 56 39.59 -3.04 19.59
CA ASP H 56 39.45 -1.83 18.84
C ASP H 56 38.07 -1.84 18.26
N LYS H 57 37.40 -3.00 18.36
CA LYS H 57 36.07 -3.17 17.84
C LYS H 57 36.21 -3.02 16.38
N ILE H 58 37.44 -3.26 15.90
CA ILE H 58 37.72 -3.15 14.52
C ILE H 58 37.26 -4.42 13.91
N LEU H 59 36.00 -4.36 13.41
CA LEU H 59 35.33 -5.40 12.71
C LEU H 59 35.70 -5.46 11.27
N ALA H 60 35.98 -4.29 10.63
CA ALA H 60 36.11 -4.30 9.19
C ALA H 60 37.52 -4.16 8.72
N THR H 61 37.79 -4.78 7.56
CA THR H 61 39.10 -4.74 6.95
C THR H 61 38.95 -4.47 5.48
N PRO H 62 39.91 -3.86 4.85
CA PRO H 62 41.09 -3.39 5.53
C PRO H 62 40.78 -2.18 6.35
N THR H 63 41.64 -1.88 7.36
CA THR H 63 41.42 -0.73 8.19
C THR H 63 42.75 -0.16 8.56
N LEU H 64 42.74 1.12 8.98
CA LEU H 64 43.90 1.86 9.37
C LEU H 64 43.60 2.49 10.69
N ALA H 65 44.55 2.45 11.63
CA ALA H 65 44.29 3.07 12.90
C ALA H 65 45.54 3.79 13.34
N LYS H 66 45.40 5.05 13.78
CA LYS H 66 46.55 5.77 14.25
C LYS H 66 46.46 5.86 15.73
N VAL H 67 47.41 5.21 16.43
CA VAL H 67 47.44 5.25 17.86
C VAL H 67 47.94 6.57 18.39
N LEU H 68 49.14 7.02 17.96
CA LEU H 68 49.71 8.25 18.48
C LEU H 68 50.79 8.67 17.52
N PRO H 69 51.36 9.85 17.66
CA PRO H 69 50.98 10.79 18.69
C PRO H 69 49.67 11.39 18.34
N LEU H 70 49.03 12.07 19.32
CA LEU H 70 47.76 12.70 19.15
C LEU H 70 46.72 11.73 19.59
N PRO H 71 45.48 12.11 19.41
CA PRO H 71 44.42 11.21 19.77
C PRO H 71 44.34 10.09 18.79
N VAL H 72 43.62 9.01 19.13
CA VAL H 72 43.56 7.87 18.26
C VAL H 72 42.39 8.01 17.34
N ARG H 73 42.54 7.50 16.10
CA ARG H 73 41.47 7.54 15.14
C ARG H 73 41.41 6.21 14.49
N ARG H 74 40.24 5.88 13.91
CA ARG H 74 40.04 4.62 13.26
C ARG H 74 39.57 4.89 11.87
N ILE H 75 40.33 4.47 10.85
CA ILE H 75 39.90 4.69 9.51
C ILE H 75 39.65 3.34 8.91
N ILE H 76 38.48 3.15 8.29
CA ILE H 76 38.11 1.85 7.81
C ILE H 76 37.28 1.99 6.57
N GLY H 77 36.61 0.88 6.22
CA GLY H 77 35.71 0.76 5.10
C GLY H 77 36.30 -0.29 4.21
N ASP H 78 35.60 -1.40 4.06
CA ASP H 78 36.06 -2.50 3.22
C ASP H 78 36.21 -2.07 1.76
N LEU H 79 35.29 -1.22 1.31
CA LEU H 79 35.33 -0.72 -0.05
C LEU H 79 36.62 0.09 -0.19
N SER H 80 37.17 0.12 -1.41
CA SER H 80 38.39 0.87 -1.67
C SER H 80 38.08 2.33 -2.01
N ASP H 81 37.27 2.97 -1.18
CA ASP H 81 37.34 4.41 -1.00
C ASP H 81 38.72 4.94 -1.37
N ARG H 82 39.65 4.01 -1.63
CA ARG H 82 40.94 4.02 -0.97
C ARG H 82 41.73 5.29 -1.31
N GLU H 83 41.68 5.69 -2.58
CA GLU H 83 42.28 6.95 -3.01
C GLU H 83 41.62 8.14 -2.34
N LYS H 84 40.29 8.08 -2.22
CA LYS H 84 39.53 9.10 -1.50
C LYS H 84 39.94 9.15 -0.03
N VAL H 85 40.15 7.97 0.54
CA VAL H 85 40.60 7.87 1.92
C VAL H 85 41.98 8.52 2.08
N LEU H 86 42.84 8.29 1.10
CA LEU H 86 44.17 8.89 1.09
C LEU H 86 44.07 10.42 1.01
N ILE H 87 43.14 10.90 0.19
CA ILE H 87 42.90 12.34 0.09
C ILE H 87 42.43 12.91 1.42
N GLY H 88 41.56 12.16 2.10
CA GLY H 88 41.09 12.57 3.42
C GLY H 88 42.24 12.64 4.43
N LEU H 89 43.15 11.66 4.33
CA LEU H 89 44.33 11.63 5.18
C LEU H 89 45.21 12.84 4.91
N ASP H 90 45.34 13.20 3.64
CA ASP H 90 46.10 14.38 3.24
C ASP H 90 45.46 15.64 3.81
N LEU H 91 44.14 15.69 3.80
CA LEU H 91 43.42 16.81 4.38
C LEU H 91 43.68 16.90 5.88
N LEU H 92 43.72 15.75 6.54
CA LEU H 92 44.03 15.69 7.95
C LEU H 92 45.44 16.20 8.23
N TYR H 93 46.37 15.84 7.36
CA TYR H 93 47.75 16.31 7.46
C TYR H 93 47.81 17.82 7.29
N GLY H 94 47.02 18.36 6.37
CA GLY H 94 46.94 19.78 6.16
C GLY H 94 46.40 20.48 7.41
N GLU H 95 45.40 19.86 8.04
CA GLU H 95 44.90 20.34 9.32
C GLU H 95 45.92 20.11 10.43
N LEU H 96 46.64 19.01 10.34
CA LEU H 96 47.89 18.84 11.08
C LEU H 96 48.92 19.89 10.66
N GLN H 97 49.00 20.15 9.36
CA GLN H 97 49.77 21.28 8.85
C GLN H 97 49.19 22.59 9.36
N ASP H 98 47.87 22.69 9.38
CA ASP H 98 47.19 23.83 9.99
C ASP H 98 47.42 23.87 11.50
N THR I 6 10.85 21.63 -51.71
CA THR I 6 10.67 22.85 -50.93
C THR I 6 9.22 23.31 -50.96
N TYR I 7 8.30 22.37 -50.82
CA TYR I 7 7.53 22.24 -49.58
C TYR I 7 6.74 23.51 -49.29
N ILE I 8 5.42 23.44 -49.46
CA ILE I 8 4.51 24.12 -48.60
C ILE I 8 4.61 23.46 -47.26
N LEU I 9 5.25 24.18 -46.33
CA LEU I 9 5.45 23.73 -45.00
C LEU I 9 4.72 24.70 -44.12
N LYS I 10 4.06 24.19 -43.06
CA LYS I 10 3.31 25.09 -42.22
C LYS I 10 3.43 24.63 -40.80
N LEU I 11 3.36 25.59 -39.85
CA LEU I 11 3.47 25.29 -38.44
C LEU I 11 2.29 25.86 -37.73
N TYR I 12 1.72 25.11 -36.76
CA TYR I 12 0.60 25.63 -36.04
C TYR I 12 1.08 25.98 -34.67
N VAL I 13 0.81 27.23 -34.23
CA VAL I 13 1.27 27.68 -32.94
C VAL I 13 0.09 28.13 -32.11
N ALA I 14 0.26 28.01 -30.77
CA ALA I 14 -0.69 28.24 -29.71
C ALA I 14 -1.13 29.66 -29.63
N GLY I 15 -0.21 30.58 -29.92
CA GLY I 15 -0.61 31.94 -29.88
C GLY I 15 0.67 32.63 -30.07
N ASN I 16 1.44 32.07 -31.02
CA ASN I 16 2.73 32.60 -31.25
C ASN I 16 3.44 32.56 -29.92
N THR I 17 3.26 31.43 -29.20
CA THR I 17 3.90 31.29 -27.93
C THR I 17 5.36 31.17 -28.23
N PRO I 18 6.16 31.51 -27.27
CA PRO I 18 7.59 31.47 -27.45
C PRO I 18 8.12 30.11 -27.71
N ASN I 19 7.45 29.05 -27.23
CA ASN I 19 7.98 27.76 -27.53
C ASN I 19 7.87 27.60 -29.00
N SER I 20 6.72 28.03 -29.55
CA SER I 20 6.45 27.88 -30.95
C SER I 20 7.47 28.65 -31.72
N VAL I 21 7.69 29.92 -31.31
CA VAL I 21 8.62 30.75 -32.01
C VAL I 21 9.97 30.13 -31.86
N ARG I 22 10.24 29.56 -30.67
CA ARG I 22 11.50 28.96 -30.39
C ARG I 22 11.73 27.87 -31.38
N ALA I 23 10.73 26.98 -31.52
CA ALA I 23 10.82 25.87 -32.42
C ALA I 23 10.89 26.39 -33.81
N LEU I 24 10.17 27.48 -34.09
CA LEU I 24 10.09 27.98 -35.42
C LEU I 24 11.48 28.32 -35.87
N LYS I 25 12.26 28.98 -35.01
CA LYS I 25 13.58 29.35 -35.43
C LYS I 25 14.36 28.11 -35.71
N THR I 26 14.20 27.06 -34.89
CA THR I 26 14.95 25.87 -35.13
C THR I 26 14.50 25.30 -36.44
N LEU I 27 13.18 25.33 -36.71
CA LEU I 27 12.69 24.77 -37.94
C LEU I 27 13.24 25.57 -39.08
N LYS I 28 13.22 26.91 -38.95
CA LYS I 28 13.70 27.76 -40.00
C LYS I 28 15.16 27.52 -40.21
N ASN I 29 15.93 27.40 -39.11
CA ASN I 29 17.35 27.24 -39.24
C ASN I 29 17.66 25.95 -39.93
N ILE I 30 17.01 24.85 -39.51
CA ILE I 30 17.30 23.56 -40.07
C ILE I 30 16.93 23.58 -41.52
N LEU I 31 15.73 24.11 -41.81
CA LEU I 31 15.16 24.09 -43.12
C LEU I 31 16.02 24.86 -44.06
N GLU I 32 16.53 26.03 -43.64
CA GLU I 32 17.31 26.84 -44.53
C GLU I 32 18.54 26.11 -44.93
N VAL I 33 19.07 25.28 -44.01
CA VAL I 33 20.33 24.63 -44.23
C VAL I 33 20.34 23.72 -45.42
N GLU I 34 19.22 23.00 -45.69
CA GLU I 34 19.29 21.91 -46.63
C GLU I 34 19.67 22.19 -48.06
N PHE I 35 18.99 23.08 -48.82
CA PHE I 35 19.35 23.07 -50.22
C PHE I 35 18.50 24.08 -50.94
N GLN I 36 18.43 23.96 -52.29
CA GLN I 36 17.65 24.79 -53.14
C GLN I 36 16.25 24.25 -53.10
N GLY I 37 15.32 24.84 -53.87
CA GLY I 37 13.98 24.34 -53.76
C GLY I 37 13.53 24.70 -52.39
N VAL I 38 13.53 26.02 -52.11
CA VAL I 38 13.22 26.54 -50.80
C VAL I 38 11.88 26.04 -50.37
N TYR I 39 11.76 25.84 -49.04
CA TYR I 39 10.55 25.44 -48.39
C TYR I 39 9.88 26.70 -47.92
N ALA I 40 8.55 26.79 -48.03
CA ALA I 40 7.86 27.95 -47.57
C ALA I 40 7.38 27.66 -46.18
N LEU I 41 7.74 28.53 -45.22
CA LEU I 41 7.36 28.30 -43.86
C LEU I 41 6.26 29.26 -43.55
N LYS I 42 5.07 28.72 -43.22
CA LYS I 42 3.96 29.57 -42.87
C LYS I 42 3.40 29.09 -41.58
N VAL I 43 3.09 30.03 -40.67
CA VAL I 43 2.56 29.65 -39.39
C VAL I 43 1.08 29.87 -39.42
N ILE I 44 0.33 28.96 -38.77
CA ILE I 44 -1.10 29.10 -38.72
C ILE I 44 -1.46 29.27 -37.29
N ASP I 45 -2.22 30.34 -36.98
CA ASP I 45 -2.60 30.60 -35.62
C ASP I 45 -3.77 29.74 -35.32
N VAL I 46 -3.59 28.77 -34.41
CA VAL I 46 -4.63 27.86 -34.06
C VAL I 46 -5.76 28.67 -33.52
N LEU I 47 -5.43 29.76 -32.80
CA LEU I 47 -6.44 30.58 -32.20
C LEU I 47 -7.28 31.15 -33.30
N LYS I 48 -6.63 31.59 -34.41
CA LYS I 48 -7.39 32.19 -35.46
C LYS I 48 -8.28 31.20 -36.14
N ASN I 49 -7.77 30.02 -36.54
CA ASN I 49 -8.65 29.10 -37.21
C ASN I 49 -8.46 27.72 -36.65
N PRO I 50 -9.24 27.39 -35.67
CA PRO I 50 -9.16 26.06 -35.11
C PRO I 50 -9.80 25.05 -36.00
N GLN I 51 -10.57 25.47 -37.02
CA GLN I 51 -11.31 24.54 -37.81
C GLN I 51 -10.39 23.64 -38.60
N LEU I 52 -9.37 24.22 -39.25
CA LEU I 52 -8.46 23.45 -40.05
C LEU I 52 -7.67 22.53 -39.18
N ALA I 53 -7.36 22.98 -37.95
CA ALA I 53 -6.59 22.18 -37.07
C ALA I 53 -7.36 20.94 -36.79
N GLU I 54 -8.69 21.08 -36.58
CA GLU I 54 -9.53 19.99 -36.23
C GLU I 54 -9.57 19.00 -37.35
N GLU I 55 -9.64 19.47 -38.61
CA GLU I 55 -9.75 18.53 -39.69
C GLU I 55 -8.51 17.70 -39.75
N ASP I 56 -7.35 18.35 -39.55
CA ASP I 56 -6.08 17.69 -39.53
C ASP I 56 -6.05 16.84 -38.31
N LYS I 57 -7.04 17.04 -37.43
CA LYS I 57 -7.15 16.29 -36.21
C LYS I 57 -5.96 16.69 -35.42
N ILE I 58 -5.44 17.87 -35.76
CA ILE I 58 -4.29 18.39 -35.10
C ILE I 58 -4.79 18.99 -33.83
N LEU I 59 -4.74 18.16 -32.78
CA LEU I 59 -5.09 18.48 -31.43
C LEU I 59 -3.98 19.18 -30.70
N ALA I 60 -2.71 18.83 -30.99
CA ALA I 60 -1.64 19.30 -30.15
C ALA I 60 -0.83 20.39 -30.77
N THR I 61 -0.30 21.29 -29.91
CA THR I 61 0.50 22.39 -30.34
C THR I 61 1.69 22.50 -29.42
N PRO I 62 2.80 22.99 -29.90
CA PRO I 62 2.95 23.39 -31.26
C PRO I 62 3.04 22.20 -32.17
N THR I 63 2.74 22.38 -33.47
CA THR I 63 2.82 21.29 -34.40
C THR I 63 3.29 21.82 -35.72
N LEU I 64 3.80 20.90 -36.57
CA LEU I 64 4.32 21.21 -37.86
C LEU I 64 3.68 20.25 -38.81
N ALA I 65 3.24 20.73 -39.99
CA ALA I 65 2.66 19.82 -40.93
C ALA I 65 3.14 20.18 -42.31
N LYS I 66 3.59 19.17 -43.08
CA LYS I 66 4.04 19.46 -44.41
C LYS I 66 3.00 18.94 -45.35
N VAL I 67 2.35 19.86 -46.10
CA VAL I 67 1.36 19.48 -47.05
C VAL I 67 1.96 18.90 -48.31
N LEU I 68 2.89 19.61 -48.97
CA LEU I 68 3.46 19.15 -50.22
C LEU I 68 4.71 19.92 -50.45
N PRO I 69 5.52 19.58 -51.44
CA PRO I 69 5.27 18.46 -52.29
C PRO I 69 5.54 17.19 -51.54
N LEU I 70 5.10 16.05 -52.08
CA LEU I 70 5.27 14.75 -51.48
C LEU I 70 4.05 14.47 -50.68
N PRO I 71 4.07 13.37 -49.98
CA PRO I 71 2.95 13.05 -49.15
C PRO I 71 2.92 13.96 -47.96
N VAL I 72 1.78 13.99 -47.25
CA VAL I 72 1.66 14.88 -46.12
C VAL I 72 2.09 14.18 -44.88
N ARG I 73 2.71 14.94 -43.94
CA ARG I 73 3.12 14.36 -42.68
C ARG I 73 2.73 15.32 -41.61
N ARG I 74 2.60 14.82 -40.38
CA ARG I 74 2.20 15.62 -39.26
C ARG I 74 3.25 15.46 -38.20
N ILE I 75 3.92 16.56 -37.83
CA ILE I 75 4.91 16.47 -36.79
C ILE I 75 4.42 17.27 -35.64
N ILE I 76 4.42 16.68 -34.43
CA ILE I 76 3.82 17.35 -33.31
C ILE I 76 4.58 16.97 -32.06
N GLY I 77 3.93 17.24 -30.92
CA GLY I 77 4.41 16.97 -29.59
C GLY I 77 4.54 18.28 -28.90
N ASP I 78 3.75 18.49 -27.86
CA ASP I 78 3.77 19.74 -27.09
C ASP I 78 5.14 19.96 -26.45
N LEU I 79 5.76 18.88 -25.98
CA LEU I 79 7.07 18.97 -25.36
C LEU I 79 8.04 19.45 -26.43
N SER I 80 9.08 20.16 -26.01
CA SER I 80 10.09 20.66 -26.92
C SER I 80 11.18 19.62 -27.17
N ASP I 81 10.76 18.41 -27.51
CA ASP I 81 11.59 17.52 -28.33
C ASP I 81 12.56 18.32 -29.20
N ARG I 82 12.42 19.64 -29.16
CA ARG I 82 12.31 20.42 -30.39
C ARG I 82 13.58 20.30 -31.23
N GLU I 83 14.73 20.34 -30.56
CA GLU I 83 16.01 20.13 -31.24
C GLU I 83 16.09 18.72 -31.81
N LYS I 84 15.61 17.75 -31.04
CA LYS I 84 15.54 16.37 -31.51
C LYS I 84 14.62 16.25 -32.72
N VAL I 85 13.51 16.98 -32.69
CA VAL I 85 12.58 17.01 -33.81
C VAL I 85 13.26 17.59 -35.04
N LEU I 86 14.06 18.62 -34.84
CA LEU I 86 14.83 19.24 -35.92
C LEU I 86 15.82 18.24 -36.50
N ILE I 87 16.46 17.47 -35.63
CA ILE I 87 17.40 16.43 -36.08
C ILE I 87 16.67 15.38 -36.91
N GLY I 88 15.46 15.02 -36.48
CA GLY I 88 14.65 14.07 -37.22
C GLY I 88 14.28 14.62 -38.60
N LEU I 89 13.97 15.91 -38.65
CA LEU I 89 13.68 16.59 -39.91
C LEU I 89 14.89 16.56 -40.83
N ASP I 90 16.07 16.77 -40.25
CA ASP I 90 17.32 16.69 -41.00
C ASP I 90 17.54 15.30 -41.56
N LEU I 91 17.22 14.29 -40.76
CA LEU I 91 17.30 12.91 -41.21
C LEU I 91 16.36 12.65 -42.38
N LEU I 92 15.16 13.21 -42.29
CA LEU I 92 14.18 13.12 -43.37
C LEU I 92 14.71 13.77 -44.65
N TYR I 93 15.36 14.92 -44.48
CA TYR I 93 15.98 15.62 -45.61
C TYR I 93 17.08 14.77 -46.24
N GLY I 94 17.86 14.10 -45.40
CA GLY I 94 18.90 13.20 -45.88
C GLY I 94 18.29 12.04 -46.66
N GLU I 95 17.17 11.52 -46.17
CA GLU I 95 16.41 10.51 -46.90
C GLU I 95 15.75 11.11 -48.13
N LEU I 96 15.31 12.36 -48.02
CA LEU I 96 15.02 13.19 -49.19
C LEU I 96 16.27 13.42 -50.03
N GLN I 97 17.39 13.66 -49.36
CA GLN I 97 18.70 13.65 -50.02
C GLN I 97 19.02 12.28 -50.60
N ASP I 98 18.70 11.24 -49.84
CA ASP I 98 18.79 9.87 -50.34
C ASP I 98 17.80 9.62 -51.47
N THR J 6 12.87 49.79 -25.46
CA THR J 6 13.57 50.16 -24.25
C THR J 6 12.63 50.83 -23.25
N TYR J 7 11.44 50.26 -23.10
CA TYR J 7 11.09 49.51 -21.90
C TYR J 7 11.19 50.38 -20.65
N ILE J 8 10.04 50.73 -20.08
CA ILE J 8 9.90 50.82 -18.68
C ILE J 8 10.00 49.44 -18.13
N LEU J 9 11.16 49.17 -17.50
CA LEU J 9 11.44 47.90 -16.92
C LEU J 9 11.60 48.15 -15.45
N LYS J 10 11.09 47.23 -14.61
CA LYS J 10 11.19 47.44 -13.20
C LYS J 10 11.44 46.14 -12.51
N LEU J 11 12.15 46.17 -11.36
CA LEU J 11 12.47 44.99 -10.60
C LEU J 11 12.00 45.17 -9.20
N TYR J 12 11.42 44.10 -8.60
CA TYR J 12 10.99 44.23 -7.25
C TYR J 12 11.94 43.43 -6.40
N VAL J 13 12.49 44.07 -5.35
CA VAL J 13 13.45 43.41 -4.49
C VAL J 13 12.97 43.43 -3.06
N ALA J 14 13.40 42.40 -2.31
CA ALA J 14 13.05 42.05 -0.96
C ALA J 14 13.45 43.09 0.02
N GLY J 15 14.60 43.72 -0.21
CA GLY J 15 15.01 44.74 0.69
C GLY J 15 16.34 45.07 0.20
N ASN J 16 16.41 45.15 -1.14
CA ASN J 16 17.67 45.38 -1.75
C ASN J 16 18.57 44.30 -1.26
N THR J 17 18.04 43.06 -1.21
CA THR J 17 18.83 41.96 -0.76
C THR J 17 19.86 41.76 -1.82
N PRO J 18 20.95 41.16 -1.45
CA PRO J 18 22.04 40.94 -2.36
C PRO J 18 21.68 40.04 -3.50
N ASN J 19 20.73 39.13 -3.31
CA ASN J 19 20.39 38.31 -4.44
C ASN J 19 19.81 39.22 -5.47
N SER J 20 18.96 40.15 -5.00
CA SER J 20 18.29 41.05 -5.88
C SER J 20 19.30 41.88 -6.58
N VAL J 21 20.25 42.45 -5.81
CA VAL J 21 21.24 43.30 -6.39
C VAL J 21 22.05 42.47 -7.32
N ARG J 22 22.29 41.19 -6.94
CA ARG J 22 23.08 40.30 -7.73
C ARG J 22 22.42 40.16 -9.06
N ALA J 23 21.11 39.85 -9.04
CA ALA J 23 20.36 39.67 -10.24
C ALA J 23 20.30 40.97 -10.98
N LEU J 24 20.22 42.07 -10.24
CA LEU J 24 20.05 43.35 -10.86
C LEU J 24 21.22 43.59 -11.76
N LYS J 25 22.44 43.28 -11.28
CA LYS J 25 23.57 43.54 -12.11
C LYS J 25 23.48 42.69 -13.33
N THR J 26 23.03 41.43 -13.19
CA THR J 26 22.94 40.60 -14.35
C THR J 26 21.92 41.18 -15.27
N LEU J 27 20.80 41.68 -14.72
CA LEU J 27 19.77 42.23 -15.56
C LEU J 27 20.33 43.44 -16.25
N LYS J 28 21.04 44.30 -15.50
CA LYS J 28 21.58 45.50 -16.07
C LYS J 28 22.58 45.15 -17.12
N ASN J 29 23.44 44.15 -16.86
CA ASN J 29 24.46 43.82 -17.80
C ASN J 29 23.86 43.30 -19.06
N ILE J 30 22.87 42.39 -18.96
CA ILE J 30 22.28 41.82 -20.12
C ILE J 30 21.59 42.89 -20.90
N LEU J 31 20.82 43.72 -20.18
CA LEU J 31 19.98 44.72 -20.77
C LEU J 31 20.81 45.71 -21.51
N GLU J 32 21.96 46.13 -20.94
CA GLU J 32 22.77 47.13 -21.57
C GLU J 32 23.27 46.61 -22.87
N VAL J 33 23.53 45.29 -22.95
CA VAL J 33 24.14 44.70 -24.10
C VAL J 33 23.34 44.88 -25.35
N GLU J 34 21.99 44.81 -25.28
CA GLU J 34 21.21 44.66 -26.48
C GLU J 34 21.28 45.75 -27.53
N PHE J 35 20.98 47.03 -27.24
CA PHE J 35 20.88 47.90 -28.41
C PHE J 35 20.52 49.28 -27.93
N GLN J 36 20.04 50.13 -28.88
CA GLN J 36 19.61 51.47 -28.62
C GLN J 36 18.22 51.37 -28.09
N GLY J 37 17.55 52.51 -27.82
CA GLY J 37 16.24 52.38 -27.25
C GLY J 37 16.45 51.81 -25.90
N VAL J 38 17.20 52.54 -25.06
CA VAL J 38 17.59 52.08 -23.76
C VAL J 38 16.37 51.73 -22.97
N TYR J 39 16.54 50.72 -22.09
CA TYR J 39 15.52 50.27 -21.18
C TYR J 39 15.78 50.98 -19.89
N ALA J 40 14.71 51.42 -19.19
CA ALA J 40 14.89 52.07 -17.93
C ALA J 40 14.73 51.03 -16.87
N LEU J 41 15.75 50.91 -15.99
CA LEU J 41 15.70 49.90 -14.97
C LEU J 41 15.38 50.61 -13.68
N LYS J 42 14.23 50.27 -13.06
CA LYS J 42 13.88 50.87 -11.81
C LYS J 42 13.53 49.78 -10.85
N VAL J 43 14.02 49.90 -9.61
CA VAL J 43 13.75 48.89 -8.63
C VAL J 43 12.66 49.39 -7.74
N ILE J 44 11.76 48.48 -7.33
CA ILE J 44 10.69 48.86 -6.44
C ILE J 44 10.88 48.08 -5.18
N ASP J 45 10.92 48.80 -4.04
CA ASP J 45 11.12 48.13 -2.78
C ASP J 45 9.80 47.60 -2.36
N VAL J 46 9.70 46.25 -2.31
CA VAL J 46 8.47 45.61 -1.95
C VAL J 46 8.13 46.06 -0.56
N LEU J 47 9.17 46.26 0.28
CA LEU J 47 8.94 46.65 1.63
C LEU J 47 8.27 47.99 1.62
N LYS J 48 8.71 48.91 0.73
CA LYS J 48 8.12 50.20 0.73
C LYS J 48 6.70 50.17 0.26
N ASN J 49 6.39 49.50 -0.87
CA ASN J 49 5.01 49.51 -1.29
C ASN J 49 4.60 48.12 -1.68
N PRO J 50 4.06 47.39 -0.75
CA PRO J 50 3.60 46.07 -1.05
C PRO J 50 2.30 46.10 -1.81
N GLN J 51 1.63 47.26 -1.86
CA GLN J 51 0.32 47.32 -2.46
C GLN J 51 0.37 47.01 -3.93
N LEU J 52 1.32 47.63 -4.66
CA LEU J 52 1.42 47.44 -6.08
C LEU J 52 1.82 46.03 -6.36
N ALA J 53 2.64 45.44 -5.47
CA ALA J 53 3.10 44.10 -5.68
C ALA J 53 1.90 43.22 -5.68
N GLU J 54 0.97 43.47 -4.74
CA GLU J 54 -0.19 42.65 -4.57
C GLU J 54 -1.05 42.73 -5.80
N GLU J 55 -1.21 43.94 -6.39
CA GLU J 55 -2.08 44.04 -7.51
C GLU J 55 -1.52 43.22 -8.64
N ASP J 56 -0.20 43.29 -8.82
CA ASP J 56 0.49 42.53 -9.83
C ASP J 56 0.40 41.09 -9.42
N LYS J 57 -0.06 40.85 -8.18
CA LYS J 57 -0.19 39.53 -7.67
C LYS J 57 1.19 39.01 -7.58
N ILE J 58 2.14 39.95 -7.52
CA ILE J 58 3.52 39.60 -7.44
C ILE J 58 3.78 39.27 -6.02
N LEU J 59 3.67 37.96 -5.73
CA LEU J 59 3.92 37.36 -4.46
C LEU J 59 5.38 37.11 -4.24
N ALA J 60 6.16 36.78 -5.30
CA ALA J 60 7.49 36.30 -5.08
C ALA J 60 8.55 37.31 -5.41
N THR J 61 9.67 37.23 -4.68
CA THR J 61 10.79 38.11 -4.88
C THR J 61 12.05 37.30 -4.85
N PRO J 62 13.08 37.73 -5.54
CA PRO J 62 13.03 38.91 -6.36
C PRO J 62 12.23 38.66 -7.60
N THR J 63 11.72 39.73 -8.24
CA THR J 63 10.97 39.58 -9.45
C THR J 63 11.26 40.75 -10.34
N LEU J 64 10.96 40.57 -11.65
CA LEU J 64 11.18 41.55 -12.66
C LEU J 64 9.90 41.66 -13.43
N ALA J 65 9.47 42.90 -13.76
CA ALA J 65 8.27 43.03 -14.52
C ALA J 65 8.47 44.10 -15.55
N LYS J 66 8.10 43.83 -16.82
CA LYS J 66 8.24 44.83 -17.82
C LYS J 66 6.87 45.33 -18.15
N VAL J 67 6.63 46.63 -17.85
CA VAL J 67 5.36 47.23 -18.15
C VAL J 67 5.19 47.54 -19.62
N LEU J 68 6.13 48.29 -20.23
CA LEU J 68 6.01 48.68 -21.61
C LEU J 68 7.36 49.11 -22.09
N PRO J 69 7.57 49.35 -23.36
CA PRO J 69 6.54 49.20 -24.36
C PRO J 69 6.31 47.76 -24.60
N LEU J 70 5.20 47.42 -25.29
CA LEU J 70 4.83 46.06 -25.61
C LEU J 70 3.92 45.59 -24.53
N PRO J 71 3.55 44.35 -24.60
CA PRO J 71 2.71 43.80 -23.58
C PRO J 71 3.48 43.63 -22.31
N VAL J 72 2.78 43.43 -21.18
CA VAL J 72 3.46 43.31 -19.92
C VAL J 72 3.78 41.88 -19.65
N ARG J 73 4.93 41.63 -18.98
CA ARG J 73 5.31 40.30 -18.63
C ARG J 73 5.79 40.33 -17.21
N ARG J 74 5.75 39.16 -16.55
CA ARG J 74 6.17 39.06 -15.18
C ARG J 74 7.22 37.98 -15.11
N ILE J 75 8.44 38.36 -14.69
CA ILE J 75 9.47 37.36 -14.57
C ILE J 75 9.80 37.26 -13.12
N ILE J 76 9.84 36.03 -12.58
CA ILE J 76 10.01 35.86 -11.18
C ILE J 76 10.77 34.59 -10.92
N GLY J 77 10.70 34.14 -9.65
CA GLY J 77 11.31 32.94 -9.15
C GLY J 77 12.29 33.37 -8.11
N ASP J 78 12.05 32.99 -6.86
CA ASP J 78 12.93 33.32 -5.75
C ASP J 78 14.33 32.74 -5.95
N LEU J 79 14.39 31.53 -6.49
CA LEU J 79 15.66 30.88 -6.74
C LEU J 79 16.40 31.73 -7.77
N SER J 80 17.73 31.70 -7.70
CA SER J 80 18.56 32.46 -8.64
C SER J 80 18.82 31.66 -9.91
N ASP J 81 17.76 31.13 -10.51
CA ASP J 81 17.73 30.88 -11.94
C ASP J 81 18.70 31.81 -12.67
N ARG J 82 19.28 32.74 -11.94
CA ARG J 82 19.27 34.15 -12.33
C ARG J 82 20.00 34.35 -13.65
N GLU J 83 21.14 33.68 -13.81
CA GLU J 83 21.88 33.70 -15.07
C GLU J 83 21.05 33.08 -16.20
N LYS J 84 20.36 31.99 -15.88
CA LYS J 84 19.45 31.35 -16.83
C LYS J 84 18.32 32.30 -17.21
N VAL J 85 17.82 33.03 -16.23
CA VAL J 85 16.78 34.02 -16.47
C VAL J 85 17.28 35.11 -17.41
N LEU J 86 18.53 35.52 -17.20
CA LEU J 86 19.16 36.52 -18.05
C LEU J 86 19.29 35.99 -19.48
N ILE J 87 19.64 34.72 -19.61
CA ILE J 87 19.72 34.09 -20.92
C ILE J 87 18.37 34.07 -21.61
N GLY J 88 17.32 33.80 -20.83
CA GLY J 88 15.96 33.82 -21.36
C GLY J 88 15.58 35.23 -21.82
N LEU J 89 15.99 36.23 -21.06
CA LEU J 89 15.75 37.62 -21.43
C LEU J 89 16.46 37.96 -22.73
N ASP J 90 17.67 37.45 -22.88
CA ASP J 90 18.45 37.63 -24.11
C ASP J 90 17.75 36.98 -25.29
N LEU J 91 17.18 35.81 -25.06
CA LEU J 91 16.39 35.12 -26.09
C LEU J 91 15.18 35.94 -26.49
N LEU J 92 14.54 36.55 -25.50
CA LEU J 92 13.40 37.42 -25.75
C LEU J 92 13.82 38.63 -26.58
N TYR J 93 14.99 39.18 -26.28
CA TYR J 93 15.54 40.29 -27.04
C TYR J 93 15.80 39.89 -28.48
N GLY J 94 16.32 38.68 -28.67
CA GLY J 94 16.55 38.14 -29.99
C GLY J 94 15.24 38.00 -30.76
N GLU J 95 14.21 37.55 -30.07
CA GLU J 95 12.86 37.51 -30.64
C GLU J 95 12.30 38.92 -30.83
N LEU J 96 12.65 39.81 -29.91
CA LEU J 96 12.51 41.24 -30.14
C LEU J 96 13.41 41.70 -31.29
N GLN J 97 14.62 41.16 -31.33
CA GLN J 97 15.49 41.32 -32.49
C GLN J 97 14.88 40.67 -33.73
N ASP J 98 14.28 39.50 -33.55
CA ASP J 98 13.50 38.86 -34.61
C ASP J 98 12.26 39.68 -34.95
N THR K 6 34.35 45.40 7.35
CA THR K 6 35.32 44.50 7.95
C THR K 6 35.08 44.34 9.44
N TYR K 7 33.82 44.20 9.83
CA TYR K 7 33.30 42.91 10.30
C TYR K 7 34.06 42.43 11.52
N ILE K 8 33.42 42.48 12.67
CA ILE K 8 33.58 41.47 13.67
C ILE K 8 32.98 40.22 13.12
N LEU K 9 33.87 39.29 12.75
CA LEU K 9 33.48 38.03 12.20
C LEU K 9 33.98 37.00 13.16
N LYS K 10 33.18 35.93 13.38
CA LYS K 10 33.60 34.94 14.33
C LYS K 10 33.18 33.58 13.84
N LEU K 11 33.96 32.54 14.20
CA LEU K 11 33.68 31.19 13.79
C LEU K 11 33.62 30.31 15.00
N TYR K 12 32.65 29.38 15.04
CA TYR K 12 32.57 28.50 16.17
C TYR K 12 33.03 27.15 15.72
N VAL K 13 34.01 26.56 16.45
CA VAL K 13 34.56 25.29 16.07
C VAL K 13 34.40 24.31 17.21
N ALA K 14 34.29 23.02 16.83
CA ALA K 14 34.02 21.85 17.65
C ALA K 14 35.09 21.59 18.64
N GLY K 15 36.34 21.86 18.27
CA GLY K 15 37.38 21.65 19.21
C GLY K 15 38.58 21.89 18.40
N ASN K 16 38.46 22.96 17.60
CA ASN K 16 39.52 23.26 16.70
C ASN K 16 39.73 22.02 15.89
N THR K 17 38.61 21.40 15.46
CA THR K 17 38.72 20.22 14.66
C THR K 17 39.27 20.66 13.36
N PRO K 18 39.89 19.76 12.65
CA PRO K 18 40.51 20.07 11.41
C PRO K 18 39.53 20.52 10.36
N ASN K 19 38.27 20.08 10.44
CA ASN K 19 37.37 20.57 9.44
C ASN K 19 37.24 22.03 9.65
N SER K 20 37.15 22.42 10.93
CA SER K 20 36.96 23.80 11.29
C SER K 20 38.14 24.57 10.82
N VAL K 21 39.34 24.07 11.13
CA VAL K 21 40.54 24.76 10.77
C VAL K 21 40.59 24.80 9.27
N ARG K 22 40.13 23.71 8.62
CA ARG K 22 40.15 23.61 7.20
C ARG K 22 39.32 24.72 6.65
N ALA K 23 38.09 24.86 7.16
CA ALA K 23 37.18 25.86 6.72
C ALA K 23 37.75 27.20 7.06
N LEU K 24 38.41 27.29 8.22
CA LEU K 24 38.89 28.56 8.67
C LEU K 24 39.83 29.10 7.66
N LYS K 25 40.74 28.25 7.13
CA LYS K 25 41.67 28.76 6.19
C LYS K 25 40.92 29.23 4.98
N THR K 26 39.88 28.51 4.56
CA THR K 26 39.16 28.95 3.40
C THR K 26 38.52 30.26 3.72
N LEU K 27 37.97 30.40 4.95
CA LEU K 27 37.31 31.62 5.29
C LEU K 27 38.33 32.72 5.30
N LYS K 28 39.50 32.45 5.89
CA LYS K 28 40.51 33.46 5.97
C LYS K 28 40.98 33.82 4.60
N ASN K 29 41.16 32.82 3.72
CA ASN K 29 41.66 33.11 2.40
C ASN K 29 40.68 33.94 1.65
N ILE K 30 39.39 33.58 1.70
CA ILE K 30 38.40 34.30 0.94
C ILE K 30 38.31 35.70 1.47
N LEU K 31 38.27 35.81 2.80
CA LEU K 31 38.05 37.06 3.48
C LEU K 31 39.16 38.00 3.17
N GLU K 32 40.42 37.50 3.17
CA GLU K 32 41.54 38.38 2.96
C GLU K 32 41.45 38.97 1.58
N VAL K 33 40.92 38.20 0.63
CA VAL K 33 40.90 38.60 -0.75
C VAL K 33 40.14 39.87 -0.99
N GLU K 34 39.02 40.11 -0.28
CA GLU K 34 38.12 41.15 -0.69
C GLU K 34 38.61 42.58 -0.73
N PHE K 35 39.14 43.17 0.37
CA PHE K 35 39.36 44.60 0.23
C PHE K 35 39.91 45.12 1.52
N GLN K 36 39.84 46.46 1.70
CA GLN K 36 40.28 47.16 2.88
C GLN K 36 39.17 47.03 3.87
N GLY K 37 39.32 47.64 5.06
CA GLY K 37 38.26 47.46 6.01
C GLY K 37 38.32 46.02 6.40
N VAL K 38 39.48 45.61 6.94
CA VAL K 38 39.74 44.24 7.28
C VAL K 38 38.68 43.72 8.18
N TYR K 39 38.38 42.41 8.03
CA TYR K 39 37.45 41.70 8.85
C TYR K 39 38.26 41.05 9.94
N ALA K 40 37.75 41.02 11.17
CA ALA K 40 38.46 40.38 12.24
C ALA K 40 37.92 38.99 12.36
N LEU K 41 38.80 37.98 12.29
CA LEU K 41 38.36 36.62 12.35
C LEU K 41 38.70 36.12 13.72
N LYS K 42 37.68 35.72 14.49
CA LYS K 42 37.93 35.19 15.79
C LYS K 42 37.18 33.90 15.92
N VAL K 43 37.84 32.88 16.50
CA VAL K 43 37.21 31.60 16.63
C VAL K 43 36.75 31.47 18.05
N ILE K 44 35.56 30.85 18.24
CA ILE K 44 35.05 30.64 19.55
C ILE K 44 34.97 29.17 19.77
N ASP K 45 35.57 28.69 20.88
CA ASP K 45 35.57 27.28 21.14
C ASP K 45 34.26 26.96 21.77
N VAL K 46 33.44 26.17 21.07
CA VAL K 46 32.12 25.82 21.54
C VAL K 46 32.32 25.09 22.83
N LEU K 47 33.41 24.30 22.92
CA LEU K 47 33.66 23.53 24.11
C LEU K 47 33.85 24.48 25.24
N LYS K 48 34.59 25.59 25.01
CA LYS K 48 34.84 26.50 26.09
C LYS K 48 33.58 27.19 26.53
N ASN K 49 32.78 27.76 25.60
CA ASN K 49 31.60 28.42 26.08
C ASN K 49 30.42 28.03 25.22
N PRO K 50 29.73 27.02 25.64
CA PRO K 50 28.55 26.61 24.92
C PRO K 50 27.40 27.53 25.16
N GLN K 51 27.49 28.42 26.17
CA GLN K 51 26.36 29.24 26.52
C GLN K 51 26.01 30.19 25.42
N LEU K 52 27.02 30.88 24.83
CA LEU K 52 26.76 31.84 23.80
C LEU K 52 26.25 31.14 22.58
N ALA K 53 26.74 29.91 22.35
CA ALA K 53 26.32 29.18 21.19
C ALA K 53 24.86 28.96 21.30
N GLU K 54 24.38 28.61 22.51
CA GLU K 54 23.01 28.30 22.73
C GLU K 54 22.16 29.51 22.49
N GLU K 55 22.62 30.70 22.92
CA GLU K 55 21.78 31.85 22.74
C GLU K 55 21.60 32.10 21.29
N ASP K 56 22.69 31.96 20.52
CA ASP K 56 22.67 32.14 19.09
C ASP K 56 21.86 31.01 18.53
N LYS K 57 21.54 30.03 19.39
CA LYS K 57 20.78 28.88 18.99
C LYS K 57 21.62 28.18 18.01
N ILE K 58 22.94 28.42 18.10
CA ILE K 58 23.87 27.84 17.22
C ILE K 58 24.13 26.47 17.77
N LEU K 59 23.35 25.52 17.23
CA LEU K 59 23.42 24.12 17.50
C LEU K 59 24.51 23.43 16.73
N ALA K 60 24.78 23.88 15.48
CA ALA K 60 25.64 23.09 14.62
C ALA K 60 27.00 23.69 14.46
N THR K 61 28.00 22.79 14.27
CA THR K 61 29.37 23.18 14.10
C THR K 61 29.94 22.37 12.97
N PRO K 62 30.91 22.90 12.25
CA PRO K 62 31.40 24.23 12.49
C PRO K 62 30.42 25.25 12.00
N THR K 63 30.51 26.49 12.52
CA THR K 63 29.62 27.53 12.08
C THR K 63 30.36 28.83 12.07
N LEU K 64 29.81 29.81 11.33
CA LEU K 64 30.38 31.11 11.17
C LEU K 64 29.29 32.09 11.43
N ALA K 65 29.58 33.16 12.19
CA ALA K 65 28.54 34.13 12.43
C ALA K 65 29.14 35.51 12.34
N LYS K 66 28.49 36.42 11.59
CA LYS K 66 29.00 37.75 11.50
C LYS K 66 28.13 38.63 12.32
N VAL K 67 28.70 39.22 13.39
CA VAL K 67 27.96 40.11 14.24
C VAL K 67 27.76 41.46 13.61
N LEU K 68 28.85 42.14 13.19
CA LEU K 68 28.74 43.47 12.63
C LEU K 68 30.02 43.75 11.89
N PRO K 69 30.12 44.83 11.15
CA PRO K 69 29.04 45.78 11.00
C PRO K 69 28.00 45.18 10.11
N LEU K 70 26.81 45.80 10.06
CA LEU K 70 25.70 45.34 9.26
C LEU K 70 24.87 44.46 10.12
N PRO K 71 23.86 43.89 9.53
CA PRO K 71 23.02 42.99 10.28
C PRO K 71 23.76 41.72 10.55
N VAL K 72 23.25 40.89 11.48
CA VAL K 72 23.94 39.68 11.83
C VAL K 72 23.44 38.56 10.98
N ARG K 73 24.34 37.61 10.64
CA ARG K 73 23.96 36.47 9.86
C ARG K 73 24.59 35.28 10.50
N ARG K 74 24.02 34.09 10.22
CA ARG K 74 24.51 32.86 10.78
C ARG K 74 24.78 31.93 9.64
N ILE K 75 26.05 31.51 9.48
CA ILE K 75 26.35 30.58 8.42
C ILE K 75 26.80 29.32 9.07
N ILE K 76 26.22 28.18 8.65
CA ILE K 76 26.49 26.94 9.31
C ILE K 76 26.43 25.83 8.32
N GLY K 77 26.33 24.59 8.87
CA GLY K 77 26.23 23.36 8.15
C GLY K 77 27.43 22.55 8.51
N ASP K 78 27.21 21.43 9.18
CA ASP K 78 28.30 20.54 9.60
C ASP K 78 29.08 20.02 8.40
N LEU K 79 28.37 19.72 7.31
CA LEU K 79 29.00 19.22 6.10
C LEU K 79 29.92 20.32 5.59
N SER K 80 30.99 19.93 4.92
CA SER K 80 31.94 20.89 4.37
C SER K 80 31.51 21.35 2.98
N ASP K 81 30.26 21.76 2.86
CA ASP K 81 29.87 22.74 1.85
C ASP K 81 31.06 23.60 1.44
N ARG K 82 32.18 23.43 2.13
CA ARG K 82 32.88 24.56 2.74
C ARG K 82 33.39 25.52 1.67
N GLU K 83 33.91 24.96 0.58
CA GLU K 83 34.31 25.77 -0.57
C GLU K 83 33.13 26.49 -1.19
N LYS K 84 32.00 25.79 -1.28
CA LYS K 84 30.76 26.38 -1.76
C LYS K 84 30.31 27.50 -0.84
N VAL K 85 30.46 27.29 0.46
CA VAL K 85 30.13 28.30 1.44
C VAL K 85 31.01 29.54 1.26
N LEU K 86 32.29 29.31 0.97
CA LEU K 86 33.23 30.39 0.70
C LEU K 86 32.81 31.16 -0.54
N ILE K 87 32.36 30.43 -1.57
CA ILE K 87 31.87 31.07 -2.79
C ILE K 87 30.65 31.93 -2.49
N GLY K 88 29.76 31.43 -1.64
CA GLY K 88 28.59 32.19 -1.22
C GLY K 88 28.98 33.46 -0.48
N LEU K 89 30.00 33.35 0.36
CA LEU K 89 30.53 34.50 1.09
C LEU K 89 31.09 35.53 0.12
N ASP K 90 31.78 35.04 -0.92
CA ASP K 90 32.31 35.91 -1.96
C ASP K 90 31.19 36.63 -2.69
N LEU K 91 30.10 35.91 -2.96
CA LEU K 91 28.93 36.51 -3.59
C LEU K 91 28.34 37.59 -2.70
N LEU K 92 28.30 37.34 -1.39
CA LEU K 92 27.82 38.32 -0.44
C LEU K 92 28.71 39.57 -0.45
N TYR K 93 30.02 39.35 -0.55
CA TYR K 93 30.97 40.46 -0.64
C TYR K 93 30.73 41.27 -1.91
N GLY K 94 30.45 40.59 -3.00
CA GLY K 94 30.13 41.25 -4.27
C GLY K 94 28.86 42.08 -4.13
N GLU K 95 27.87 41.55 -3.43
CA GLU K 95 26.67 42.30 -3.10
C GLU K 95 26.97 43.40 -2.08
N LEU K 96 27.89 43.12 -1.16
CA LEU K 96 28.55 44.17 -0.39
C LEU K 96 29.35 45.09 -1.29
N GLN K 97 30.03 44.51 -2.27
CA GLN K 97 30.64 45.29 -3.34
C GLN K 97 29.59 46.02 -4.16
N ASP K 98 28.48 45.36 -4.42
CA ASP K 98 27.32 46.00 -5.05
C ASP K 98 26.71 47.05 -4.12
N THR L 6 31.81 -12.54 -46.05
CA THR L 6 31.05 -11.52 -46.78
C THR L 6 29.78 -12.12 -47.39
N TYR L 7 29.09 -12.95 -46.63
CA TYR L 7 27.81 -12.56 -46.04
C TYR L 7 26.80 -12.20 -47.12
N ILE L 8 25.81 -13.06 -47.32
CA ILE L 8 24.49 -12.63 -47.63
C ILE L 8 23.96 -11.96 -46.41
N LEU L 9 23.87 -10.61 -46.51
CA LEU L 9 23.39 -9.79 -45.45
C LEU L 9 22.17 -9.12 -45.98
N LYS L 10 21.13 -8.97 -45.13
CA LYS L 10 19.92 -8.37 -45.62
C LYS L 10 19.33 -7.52 -44.53
N LEU L 11 18.61 -6.44 -44.92
CA LEU L 11 17.99 -5.54 -43.98
C LEU L 11 16.54 -5.41 -44.30
N TYR L 12 15.68 -5.39 -43.28
CA TYR L 12 14.28 -5.26 -43.53
C TYR L 12 13.89 -3.87 -43.12
N VAL L 13 13.23 -3.13 -44.04
CA VAL L 13 12.85 -1.77 -43.76
C VAL L 13 11.36 -1.61 -43.93
N ALA L 14 10.80 -0.64 -43.16
CA ALA L 14 9.41 -0.31 -42.99
C ALA L 14 8.78 0.17 -44.25
N GLY L 15 9.54 0.90 -45.06
CA GLY L 15 8.97 1.35 -46.28
C GLY L 15 10.03 2.22 -46.80
N ASN L 16 11.26 1.73 -46.65
CA ASN L 16 12.38 2.50 -47.03
C ASN L 16 12.25 3.79 -46.27
N THR L 17 11.90 3.67 -44.97
CA THR L 17 11.77 4.85 -44.17
C THR L 17 13.16 5.37 -44.00
N PRO L 18 13.26 6.63 -43.73
CA PRO L 18 14.54 7.26 -43.59
C PRO L 18 15.34 6.73 -42.45
N ASN L 19 14.69 6.21 -41.39
CA ASN L 19 15.50 5.68 -40.34
C ASN L 19 16.23 4.51 -40.91
N SER L 20 15.50 3.71 -41.70
CA SER L 20 16.05 2.52 -42.28
C SER L 20 17.18 2.90 -43.16
N VAL L 21 16.94 3.88 -44.05
CA VAL L 21 17.95 4.28 -44.97
C VAL L 21 19.10 4.85 -44.19
N ARG L 22 18.77 5.55 -43.08
CA ARG L 22 19.77 6.15 -42.24
C ARG L 22 20.66 5.07 -41.73
N ALA L 23 20.04 4.02 -41.17
CA ALA L 23 20.78 2.92 -40.61
C ALA L 23 21.50 2.22 -41.72
N LEU L 24 20.87 2.15 -42.90
CA LEU L 24 21.45 1.42 -43.98
C LEU L 24 22.78 2.00 -44.30
N LYS L 25 22.86 3.34 -44.35
CA LYS L 25 24.12 3.93 -44.69
C LYS L 25 25.12 3.57 -43.63
N THR L 26 24.71 3.57 -42.36
CA THR L 26 25.65 3.25 -41.33
C THR L 26 26.08 1.83 -41.52
N LEU L 27 25.12 0.94 -41.86
CA LEU L 27 25.46 -0.44 -42.02
C LEU L 27 26.40 -0.57 -43.18
N LYS L 28 26.10 0.13 -44.28
CA LYS L 28 26.92 0.05 -45.45
C LYS L 28 28.28 0.59 -45.15
N ASN L 29 28.36 1.71 -44.41
CA ASN L 29 29.63 2.31 -44.14
C ASN L 29 30.46 1.41 -43.29
N ILE L 30 29.87 0.83 -42.23
CA ILE L 30 30.62 -0.01 -41.35
C ILE L 30 31.07 -1.21 -42.09
N LEU L 31 30.16 -1.81 -42.87
CA LEU L 31 30.38 -3.06 -43.54
C LEU L 31 31.49 -2.90 -44.53
N GLU L 32 31.49 -1.77 -45.27
CA GLU L 32 32.49 -1.60 -46.29
C GLU L 32 33.84 -1.55 -45.68
N VAL L 33 33.93 -1.01 -44.45
CA VAL L 33 35.20 -0.78 -43.81
C VAL L 33 35.97 -2.05 -43.59
N GLU L 34 35.31 -3.16 -43.25
CA GLU L 34 36.04 -4.29 -42.73
C GLU L 34 37.08 -4.96 -43.60
N PHE L 35 36.77 -5.44 -44.83
CA PHE L 35 37.83 -6.23 -45.43
C PHE L 35 37.35 -6.73 -46.77
N GLN L 36 38.04 -7.76 -47.30
CA GLN L 36 37.71 -8.39 -48.55
C GLN L 36 36.61 -9.36 -48.25
N GLY L 37 36.15 -10.14 -49.26
CA GLY L 37 35.06 -11.02 -48.95
C GLY L 37 33.90 -10.13 -48.68
N VAL L 38 33.54 -9.33 -49.70
CA VAL L 38 32.51 -8.34 -49.58
C VAL L 38 31.23 -8.98 -49.11
N TYR L 39 30.45 -8.21 -48.33
CA TYR L 39 29.17 -8.61 -47.85
C TYR L 39 28.17 -8.04 -48.81
N ALA L 40 27.11 -8.81 -49.12
CA ALA L 40 26.10 -8.31 -50.02
C ALA L 40 25.01 -7.73 -49.17
N LEU L 41 24.66 -6.46 -49.42
CA LEU L 41 23.65 -5.81 -48.63
C LEU L 41 22.41 -5.76 -49.46
N LYS L 42 21.33 -6.42 -49.00
CA LYS L 42 20.10 -6.38 -49.73
C LYS L 42 19.01 -6.00 -48.77
N VAL L 43 18.12 -5.09 -49.21
CA VAL L 43 17.06 -4.66 -48.35
C VAL L 43 15.80 -5.37 -48.76
N ILE L 44 14.98 -5.76 -47.77
CA ILE L 44 13.75 -6.43 -48.06
C ILE L 44 12.65 -5.55 -47.58
N ASP L 45 11.68 -5.23 -48.47
CA ASP L 45 10.61 -4.37 -48.10
C ASP L 45 9.61 -5.20 -47.37
N VAL L 46 9.43 -4.91 -46.07
CA VAL L 46 8.52 -5.66 -45.27
C VAL L 46 7.17 -5.52 -45.87
N LEU L 47 6.88 -4.32 -46.44
CA LEU L 47 5.59 -4.07 -46.99
C LEU L 47 5.40 -5.02 -48.13
N LYS L 48 6.45 -5.25 -48.95
CA LYS L 48 6.28 -6.11 -50.08
C LYS L 48 6.07 -7.53 -49.66
N ASN L 49 6.91 -8.08 -48.75
CA ASN L 49 6.67 -9.45 -48.39
C ASN L 49 6.75 -9.60 -46.90
N PRO L 50 5.63 -9.49 -46.25
CA PRO L 50 5.61 -9.68 -44.83
C PRO L 50 5.72 -11.12 -44.45
N GLN L 51 5.56 -12.05 -45.41
CA GLN L 51 5.52 -13.44 -45.08
C GLN L 51 6.85 -13.92 -44.55
N LEU L 52 7.95 -13.55 -45.21
CA LEU L 52 9.25 -13.99 -44.79
C LEU L 52 9.58 -13.38 -43.47
N ALA L 53 9.11 -12.14 -43.24
CA ALA L 53 9.40 -11.48 -42.01
C ALA L 53 8.81 -12.28 -40.91
N GLU L 54 7.60 -12.77 -41.12
CA GLU L 54 6.87 -13.50 -40.11
C GLU L 54 7.59 -14.78 -39.80
N GLU L 55 8.13 -15.46 -40.81
CA GLU L 55 8.77 -16.72 -40.52
C GLU L 55 9.97 -16.48 -39.66
N ASP L 56 10.72 -15.41 -39.97
CA ASP L 56 11.88 -15.02 -39.21
C ASP L 56 11.38 -14.54 -37.88
N LYS L 57 10.04 -14.38 -37.78
CA LYS L 57 9.43 -13.93 -36.57
C LYS L 57 9.93 -12.55 -36.38
N ILE L 58 10.36 -11.94 -37.50
CA ILE L 58 10.87 -10.62 -37.46
C ILE L 58 9.68 -9.72 -37.45
N LEU L 59 9.28 -9.35 -36.23
CA LEU L 59 8.23 -8.44 -35.92
C LEU L 59 8.65 -7.01 -36.03
N ALA L 60 9.92 -6.68 -35.69
CA ALA L 60 10.28 -5.30 -35.55
C ALA L 60 11.11 -4.79 -36.68
N THR L 61 10.94 -3.48 -36.98
CA THR L 61 11.67 -2.83 -38.04
C THR L 61 12.14 -1.50 -37.53
N PRO L 62 13.23 -0.99 -38.04
CA PRO L 62 14.03 -1.69 -39.02
C PRO L 62 14.78 -2.82 -38.38
N THR L 63 15.20 -3.82 -39.20
CA THR L 63 15.93 -4.93 -38.68
C THR L 63 16.94 -5.36 -39.70
N LEU L 64 17.96 -6.09 -39.24
CA LEU L 64 19.04 -6.59 -40.04
C LEU L 64 19.18 -8.04 -39.74
N ALA L 65 19.36 -8.88 -40.78
CA ALA L 65 19.53 -10.28 -40.51
C ALA L 65 20.61 -10.81 -41.41
N LYS L 66 21.56 -11.58 -40.84
CA LYS L 66 22.60 -12.13 -41.66
C LYS L 66 22.32 -13.60 -41.80
N VAL L 67 22.03 -14.04 -43.04
CA VAL L 67 21.78 -15.43 -43.30
C VAL L 67 23.04 -16.25 -43.30
N LEU L 68 24.05 -15.87 -44.11
CA LEU L 68 25.26 -16.65 -44.21
C LEU L 68 26.31 -15.78 -44.83
N PRO L 69 27.56 -16.19 -44.88
CA PRO L 69 27.99 -17.45 -44.34
C PRO L 69 28.01 -17.36 -42.85
N LEU L 70 28.13 -18.52 -42.17
CA LEU L 70 28.15 -18.61 -40.74
C LEU L 70 26.75 -18.83 -40.29
N PRO L 71 26.57 -18.86 -38.99
CA PRO L 71 25.24 -19.03 -38.48
C PRO L 71 24.44 -17.79 -38.70
N VAL L 72 23.10 -17.89 -38.56
CA VAL L 72 22.27 -16.75 -38.81
C VAL L 72 22.07 -15.97 -37.55
N ARG L 73 21.96 -14.63 -37.68
CA ARG L 73 21.72 -13.80 -36.54
C ARG L 73 20.67 -12.82 -36.92
N ARG L 74 19.98 -12.26 -35.90
CA ARG L 74 18.93 -11.31 -36.14
C ARG L 74 19.25 -10.08 -35.35
N ILE L 75 19.43 -8.94 -36.03
CA ILE L 75 19.72 -7.73 -35.33
C ILE L 75 18.56 -6.81 -35.55
N ILE L 76 18.01 -6.24 -34.47
CA ILE L 76 16.81 -5.47 -34.59
C ILE L 76 16.83 -4.36 -33.58
N GLY L 77 15.64 -3.78 -33.36
CA GLY L 77 15.37 -2.73 -32.42
C GLY L 77 14.91 -1.56 -33.22
N ASP L 78 13.65 -1.16 -33.03
CA ASP L 78 13.06 -0.03 -33.73
C ASP L 78 13.81 1.27 -33.43
N LEU L 79 14.25 1.42 -32.18
CA LEU L 79 14.99 2.60 -31.79
C LEU L 79 16.29 2.61 -32.58
N SER L 80 16.81 3.80 -32.85
CA SER L 80 18.07 3.93 -33.59
C SER L 80 19.28 3.86 -32.65
N ASP L 81 19.30 2.83 -31.82
CA ASP L 81 20.56 2.29 -31.31
C ASP L 81 21.70 2.59 -32.28
N ARG L 82 21.35 3.15 -33.43
CA ARG L 82 21.80 2.60 -34.70
C ARG L 82 23.32 2.64 -34.82
N GLU L 83 23.91 3.75 -34.40
CA GLU L 83 25.36 3.87 -34.34
C GLU L 83 25.97 2.86 -33.37
N LYS L 84 25.32 2.68 -32.24
CA LYS L 84 25.73 1.67 -31.27
C LYS L 84 25.63 0.27 -31.87
N VAL L 85 24.57 0.05 -32.65
CA VAL L 85 24.39 -1.23 -33.32
C VAL L 85 25.53 -1.47 -34.31
N LEU L 86 25.93 -0.40 -35.01
CA LEU L 86 27.04 -0.46 -35.94
C LEU L 86 28.33 -0.79 -35.22
N ILE L 87 28.52 -0.20 -34.05
CA ILE L 87 29.69 -0.49 -33.23
C ILE L 87 29.70 -1.95 -32.80
N GLY L 88 28.54 -2.48 -32.46
CA GLY L 88 28.40 -3.88 -32.10
C GLY L 88 28.75 -4.79 -33.28
N LEU L 89 28.31 -4.39 -34.47
CA LEU L 89 28.64 -5.11 -35.69
C LEU L 89 30.14 -5.11 -35.94
N ASP L 90 30.77 -3.98 -35.68
CA ASP L 90 32.22 -3.85 -35.80
C ASP L 90 32.93 -4.78 -34.83
N LEU L 91 32.39 -4.87 -33.61
CA LEU L 91 32.93 -5.78 -32.60
C LEU L 91 32.81 -7.23 -33.07
N LEU L 92 31.67 -7.55 -33.68
CA LEU L 92 31.47 -8.88 -34.24
C LEU L 92 32.48 -9.18 -35.34
N TYR L 93 32.75 -8.18 -36.17
CA TYR L 93 33.75 -8.31 -37.23
C TYR L 93 35.13 -8.55 -36.64
N GLY L 94 35.44 -7.85 -35.55
CA GLY L 94 36.69 -8.05 -34.85
C GLY L 94 36.80 -9.46 -34.30
N GLU L 95 35.70 -9.96 -33.77
CA GLU L 95 35.61 -11.36 -33.34
C GLU L 95 35.63 -12.30 -34.55
N LEU L 96 35.01 -11.87 -35.64
CA LEU L 96 35.26 -12.47 -36.95
C LEU L 96 36.71 -12.26 -37.37
N GLN L 97 37.24 -11.08 -37.10
CA GLN L 97 38.67 -10.84 -37.24
C GLN L 97 39.48 -11.71 -36.27
N ASP L 98 38.97 -11.85 -35.05
CA ASP L 98 39.53 -12.78 -34.09
C ASP L 98 39.35 -14.23 -34.54
N ASP M 174 4.02 52.17 -53.13
CA ASP M 174 4.42 52.87 -51.92
C ASP M 174 3.84 52.14 -50.71
N PRO M 175 4.68 51.48 -49.89
CA PRO M 175 4.17 50.73 -48.73
C PRO M 175 3.43 51.62 -47.72
N ASP M 176 3.80 52.88 -47.62
CA ASP M 176 3.15 53.84 -46.73
C ASP M 176 1.69 54.12 -47.13
N ARG M 177 1.36 53.80 -48.38
CA ARG M 177 0.02 53.99 -48.90
C ARG M 177 -0.80 52.68 -48.99
N PHE M 178 -2.24 53.84 -49.39
CA PHE M 178 -2.89 52.53 -49.27
C PHE M 178 -4.13 52.68 -48.40
N LEU M 179 -5.21 52.01 -48.81
CA LEU M 179 -6.48 52.04 -48.09
C LEU M 179 -6.34 51.75 -46.59
N ARG M 180 -5.42 50.86 -46.22
CA ARG M 180 -5.23 50.46 -44.82
C ARG M 180 -4.38 51.46 -44.00
N ASN M 181 -3.70 52.38 -44.67
CA ASN M 181 -2.85 53.37 -44.01
C ASN M 181 -3.45 54.78 -43.95
N LEU M 182 -4.57 54.99 -44.62
CA LEU M 182 -5.23 56.30 -44.64
C LEU M 182 -5.95 56.56 -43.32
N PRO M 183 -6.06 57.83 -42.92
CA PRO M 183 -6.97 58.22 -41.83
C PRO M 183 -8.40 57.78 -42.15
N ALA M 184 -9.13 57.34 -41.14
CA ALA M 184 -10.47 56.76 -41.34
C ALA M 184 -11.41 57.62 -42.20
N TYR M 185 -11.13 58.93 -42.24
CA TYR M 185 -11.93 59.85 -43.05
C TYR M 185 -11.60 59.72 -44.53
N GLU M 186 -10.31 59.85 -44.88
CA GLU M 186 -9.86 59.68 -46.27
C GLU M 186 -10.11 58.24 -46.74
N SER M 187 -10.00 57.30 -45.79
CA SER M 187 -10.34 55.88 -46.01
C SER M 187 -11.79 55.72 -46.45
N GLN M 188 -12.69 56.34 -45.70
CA GLN M 188 -14.12 56.38 -46.04
C GLN M 188 -14.34 56.99 -47.43
N LYS M 189 -13.61 58.07 -47.73
CA LYS M 189 -13.73 58.77 -49.01
C LYS M 189 -13.29 57.91 -50.20
N LEU M 190 -12.20 57.17 -50.04
CA LEU M 190 -11.72 56.28 -51.09
C LEU M 190 -12.69 55.12 -51.27
N HIS M 191 -13.13 54.55 -50.15
CA HIS M 191 -14.09 53.46 -50.17
C HIS M 191 -15.36 53.88 -50.94
N GLN M 192 -15.87 55.06 -50.64
CA GLN M 192 -17.04 55.60 -51.32
C GLN M 192 -16.81 55.81 -52.81
N ALA M 193 -15.63 56.28 -53.18
CA ALA M 193 -15.27 56.45 -54.58
C ALA M 193 -15.16 55.11 -55.29
N MET M 194 -14.64 54.11 -54.58
CA MET M 194 -14.55 52.76 -55.13
C MET M 194 -15.94 52.14 -55.32
N GLN M 195 -16.84 52.43 -54.39
CA GLN M 195 -18.26 52.05 -54.52
C GLN M 195 -18.97 52.70 -55.71
N THR M 196 -18.74 54.00 -55.92
CA THR M 196 -19.33 54.71 -57.04
C THR M 196 -18.86 54.12 -58.36
N SER M 197 -17.54 53.87 -58.42
CA SER M 197 -16.94 53.27 -59.59
C SER M 197 -17.49 51.87 -59.84
N TYR M 198 -17.62 51.08 -58.78
CA TYR M 198 -18.15 49.72 -58.87
C TYR M 198 -19.61 49.71 -59.34
N ARG M 199 -20.42 50.62 -58.78
CA ARG M 199 -21.82 50.79 -59.21
C ARG M 199 -21.91 51.03 -60.72
N GLU M 200 -21.00 51.86 -61.22
CA GLU M 200 -20.93 52.18 -62.63
C GLU M 200 -20.60 50.93 -63.48
N ILE M 201 -19.69 50.10 -62.98
CA ILE M 201 -19.42 48.81 -63.64
C ILE M 201 -20.69 47.94 -63.70
N VAL M 202 -21.35 47.80 -62.55
CA VAL M 202 -22.52 46.92 -62.42
C VAL M 202 -23.63 47.39 -63.36
N LEU M 203 -24.00 48.66 -63.24
CA LEU M 203 -25.06 49.23 -64.07
C LEU M 203 -24.78 49.06 -65.55
N SER M 204 -23.51 49.10 -65.93
CA SER M 204 -23.15 49.03 -67.34
C SER M 204 -22.82 47.62 -67.86
N TYR M 205 -22.63 46.67 -66.95
CA TYR M 205 -22.04 45.37 -67.30
C TYR M 205 -22.73 44.62 -68.45
N PHE M 206 -24.06 44.50 -68.36
CA PHE M 206 -24.82 43.78 -69.38
C PHE M 206 -25.49 44.70 -70.41
N SER M 207 -25.08 45.98 -70.42
CA SER M 207 -25.53 46.95 -71.41
C SER M 207 -24.61 46.93 -72.63
N PRO M 208 -25.16 46.90 -73.84
CA PRO M 208 -24.34 46.96 -75.05
C PRO M 208 -23.75 48.36 -75.25
N ASN M 209 -22.61 48.43 -75.91
CA ASN M 209 -21.92 49.70 -76.23
C ASN M 209 -21.72 50.68 -75.06
N SER M 210 -21.74 50.17 -73.83
CA SER M 210 -21.40 50.97 -72.67
C SER M 210 -19.87 51.05 -72.57
N ASN M 211 -19.38 51.94 -71.72
CA ASN M 211 -17.94 52.14 -71.55
C ASN M 211 -17.40 51.27 -70.39
N LEU M 212 -17.66 49.96 -70.50
CA LEU M 212 -17.41 49.01 -69.41
C LEU M 212 -15.93 48.86 -69.08
N ASN M 213 -15.10 48.63 -70.09
CA ASN M 213 -13.66 48.44 -69.90
C ASN M 213 -13.00 49.63 -69.19
N GLN M 214 -13.35 50.84 -69.63
CA GLN M 214 -12.89 52.07 -68.97
C GLN M 214 -13.30 52.11 -67.49
N SER M 215 -14.54 51.70 -67.21
CA SER M 215 -15.07 51.70 -65.86
C SER M 215 -14.35 50.66 -64.99
N ILE M 216 -14.10 49.48 -65.55
CA ILE M 216 -13.31 48.46 -64.85
C ILE M 216 -11.88 48.96 -64.58
N ASP M 217 -11.22 49.51 -65.58
CA ASP M 217 -9.86 50.01 -65.43
C ASP M 217 -9.76 51.05 -64.32
N ASN M 218 -10.65 52.03 -64.35
CA ASN M 218 -10.77 53.04 -63.31
C ASN M 218 -10.84 52.44 -61.88
N PHE M 219 -11.71 51.46 -61.70
CA PHE M 219 -11.86 50.82 -60.38
C PHE M 219 -10.57 50.13 -60.02
N VAL M 220 -10.02 49.39 -60.97
CA VAL M 220 -8.87 48.53 -60.75
C VAL M 220 -7.61 49.33 -60.46
N ASN M 221 -7.49 50.49 -61.11
CA ASN M 221 -6.41 51.42 -60.78
C ASN M 221 -6.43 51.88 -59.34
N MET M 222 -7.62 52.22 -58.83
CA MET M 222 -7.76 52.55 -57.42
C MET M 222 -7.38 51.34 -56.55
N ALA M 223 -7.92 50.18 -56.89
CA ALA M 223 -7.67 48.95 -56.09
C ALA M 223 -6.17 48.59 -56.03
N PHE M 224 -5.49 48.73 -57.16
CA PHE M 224 -4.08 48.39 -57.28
C PHE M 224 -3.18 49.38 -56.54
N PHE M 225 -3.40 50.67 -56.82
CA PHE M 225 -2.53 51.72 -56.29
C PHE M 225 -2.77 52.00 -54.82
N ALA M 226 -3.96 51.68 -54.34
CA ALA M 226 -4.24 51.74 -52.90
C ALA M 226 -3.99 50.39 -52.22
N ASP M 227 -3.47 49.44 -53.00
CA ASP M 227 -3.10 48.11 -52.53
C ASP M 227 -4.21 47.47 -51.69
N VAL M 228 -5.41 47.42 -52.24
CA VAL M 228 -6.52 46.82 -51.50
C VAL M 228 -6.47 45.28 -51.67
N PRO M 229 -6.75 44.54 -50.61
CA PRO M 229 -6.83 43.07 -50.71
C PRO M 229 -8.08 42.68 -51.52
N VAL M 230 -8.06 41.48 -52.11
CA VAL M 230 -9.22 41.01 -52.88
C VAL M 230 -10.49 40.98 -52.04
N THR M 231 -10.39 40.60 -50.77
CA THR M 231 -11.57 40.60 -49.89
C THR M 231 -12.29 41.94 -49.86
N LYS M 232 -11.56 43.04 -50.00
CA LYS M 232 -12.19 44.37 -49.98
C LYS M 232 -13.03 44.60 -51.26
N VAL M 233 -12.55 44.07 -52.38
CA VAL M 233 -13.32 44.14 -53.64
C VAL M 233 -14.61 43.32 -53.53
N VAL M 234 -14.49 42.10 -52.98
CA VAL M 234 -15.66 41.27 -52.71
C VAL M 234 -16.66 42.00 -51.82
N GLU M 235 -16.17 42.67 -50.79
CA GLU M 235 -17.09 43.36 -49.89
C GLU M 235 -17.79 44.55 -50.54
N ILE M 236 -17.07 45.29 -51.38
CA ILE M 236 -17.69 46.35 -52.16
C ILE M 236 -18.79 45.78 -53.06
N HIS M 237 -18.45 44.71 -53.78
CA HIS M 237 -19.42 43.98 -54.58
C HIS M 237 -20.68 43.63 -53.75
N MET M 238 -20.47 43.06 -52.57
CA MET M 238 -21.56 42.62 -51.70
C MET M 238 -22.42 43.78 -51.22
N GLU M 239 -21.78 44.90 -50.90
CA GLU M 239 -22.47 46.14 -50.56
C GLU M 239 -23.38 46.62 -51.69
N LEU M 240 -22.89 46.59 -52.92
CA LEU M 240 -23.69 47.03 -54.05
C LEU M 240 -24.84 46.06 -54.36
N MET M 241 -24.61 44.76 -54.16
CA MET M 241 -25.67 43.76 -54.33
C MET M 241 -26.79 43.98 -53.32
N ASP M 242 -26.41 44.33 -52.08
CA ASP M 242 -27.36 44.76 -51.07
C ASP M 242 -28.26 45.87 -51.63
N GLU M 243 -27.62 46.99 -52.00
CA GLU M 243 -28.29 48.15 -52.60
C GLU M 243 -29.19 47.79 -53.80
N PHE M 244 -28.72 46.89 -54.65
CA PHE M 244 -29.48 46.49 -55.82
C PHE M 244 -30.65 45.57 -55.47
N ALA M 245 -30.45 44.69 -54.50
CA ALA M 245 -31.51 43.79 -54.03
C ALA M 245 -32.71 44.56 -53.51
N LYS M 246 -32.44 45.66 -52.80
CA LYS M 246 -33.48 46.58 -52.33
C LYS M 246 -34.17 47.30 -53.49
N LYS M 247 -33.37 47.75 -54.46
CA LYS M 247 -33.89 48.41 -55.66
C LYS M 247 -34.85 47.49 -56.43
N LEU M 248 -34.49 46.22 -56.57
CA LEU M 248 -35.29 45.23 -57.29
C LEU M 248 -36.59 44.85 -56.56
N ARG M 249 -36.52 44.70 -55.23
CA ARG M 249 -37.67 44.30 -54.45
C ARG M 249 -38.73 45.39 -54.30
N VAL M 250 -38.31 46.66 -54.48
CA VAL M 250 -39.26 47.78 -54.49
C VAL M 250 -39.65 48.17 -55.92
N GLU M 251 -39.76 47.17 -56.78
CA GLU M 251 -40.13 47.38 -58.18
C GLU M 251 -40.85 46.17 -58.79
N GLY M 252 -40.75 45.02 -58.11
CA GLY M 252 -41.38 43.80 -58.58
C GLY M 252 -40.44 42.77 -59.15
N ARG M 253 -39.26 43.24 -59.60
CA ARG M 253 -38.25 42.38 -60.23
C ARG M 253 -37.67 41.37 -59.25
N SER M 254 -37.33 40.18 -59.77
CA SER M 254 -36.82 39.08 -58.95
C SER M 254 -35.36 39.32 -58.54
N GLU M 255 -35.03 38.87 -57.32
CA GLU M 255 -33.69 39.04 -56.75
C GLU M 255 -32.74 37.90 -57.17
N ASP M 256 -32.95 37.37 -58.37
CA ASP M 256 -32.13 36.27 -58.89
C ASP M 256 -31.32 36.70 -60.09
N ILE M 257 -31.63 37.88 -60.63
CA ILE M 257 -30.81 38.48 -61.65
C ILE M 257 -29.46 38.90 -61.03
N LEU M 258 -29.46 39.03 -59.70
CA LEU M 258 -28.27 39.43 -58.95
C LEU M 258 -27.12 38.44 -59.07
N LEU M 259 -27.44 37.15 -59.20
CA LEU M 259 -26.39 36.13 -59.27
C LEU M 259 -25.65 36.11 -60.59
N ASP M 260 -26.20 36.76 -61.60
CA ASP M 260 -25.47 36.97 -62.85
C ASP M 260 -24.33 37.95 -62.67
N TYR M 261 -24.44 38.81 -61.66
CA TYR M 261 -23.38 39.78 -61.38
C TYR M 261 -22.15 39.15 -60.73
N ARG M 262 -22.22 37.86 -60.42
CA ARG M 262 -21.01 37.13 -60.06
C ARG M 262 -20.00 37.20 -61.20
N LEU M 263 -20.50 37.33 -62.43
CA LEU M 263 -19.65 37.47 -63.61
C LEU M 263 -18.88 38.78 -63.58
N THR M 264 -19.58 39.85 -63.22
CA THR M 264 -18.97 41.14 -62.94
C THR M 264 -17.82 41.01 -61.95
N LEU M 265 -18.07 40.38 -60.81
CA LEU M 265 -17.05 40.22 -59.76
C LEU M 265 -15.85 39.40 -60.26
N ILE M 266 -16.13 38.30 -60.95
CA ILE M 266 -15.08 37.53 -61.63
C ILE M 266 -14.26 38.41 -62.55
N ASP M 267 -14.24 39.48 -62.64
CA ASP M 267 -13.54 40.14 -63.75
C ASP M 267 -12.44 41.09 -63.26
N VAL M 268 -12.81 41.92 -62.29
CA VAL M 268 -11.89 42.90 -61.73
C VAL M 268 -10.71 42.24 -60.99
N ILE M 269 -10.99 41.31 -60.09
CA ILE M 269 -9.91 40.59 -59.40
C ILE M 269 -9.00 39.80 -60.37
N ALA M 270 -9.58 39.23 -61.43
CA ALA M 270 -8.80 38.52 -62.46
C ALA M 270 -7.84 39.49 -63.15
N HIS M 271 -8.35 40.67 -63.50
CA HIS M 271 -7.50 41.71 -64.07
C HIS M 271 -6.37 42.11 -63.12
N LEU M 272 -6.68 42.35 -61.85
CA LEU M 272 -5.66 42.64 -60.87
C LEU M 272 -4.63 41.49 -60.77
N CYS M 273 -5.11 40.26 -60.72
CA CYS M 273 -4.24 39.09 -60.66
C CYS M 273 -3.24 39.05 -61.84
N GLU M 274 -3.74 39.32 -63.04
CA GLU M 274 -2.91 39.30 -64.25
C GLU M 274 -1.84 40.38 -64.23
N MET M 275 -2.20 41.54 -63.70
CA MET M 275 -1.24 42.62 -63.58
C MET M 275 -0.08 42.20 -62.67
N TYR M 276 -0.38 41.61 -61.52
CA TYR M 276 0.66 41.01 -60.69
C TYR M 276 1.46 39.94 -61.43
N ARG M 277 0.76 39.03 -62.08
CA ARG M 277 1.38 37.93 -62.83
C ARG M 277 2.33 38.43 -63.93
N ARG M 278 1.87 39.46 -64.65
CA ARG M 278 2.61 40.13 -65.70
C ARG M 278 3.84 40.83 -65.16
N SER M 279 3.82 41.16 -63.87
CA SER M 279 4.86 41.99 -63.27
C SER M 279 6.14 41.21 -62.94
N ILE M 280 6.04 39.88 -62.90
CA ILE M 280 7.17 39.01 -62.58
C ILE M 280 8.19 38.96 -63.72
N PRO M 281 9.41 39.42 -63.47
CA PRO M 281 10.45 39.42 -64.52
C PRO M 281 10.76 38.02 -65.07
N ARG M 282 11.02 37.96 -66.38
CA ARG M 282 11.28 36.73 -67.13
C ARG M 282 10.10 35.78 -67.16
N ASP N 174 11.21 30.16 -64.23
CA ASP N 174 11.89 29.73 -65.43
C ASP N 174 11.05 30.04 -66.68
N PRO N 175 11.48 31.01 -67.49
CA PRO N 175 10.69 31.41 -68.67
C PRO N 175 10.44 30.27 -69.65
N ASP N 176 11.35 29.29 -69.70
CA ASP N 176 11.17 28.12 -70.56
C ASP N 176 9.96 27.28 -70.14
N ARG N 177 9.51 27.45 -68.90
CA ARG N 177 8.33 26.75 -68.39
C ARG N 177 7.07 27.63 -68.34
N PHE N 178 7.15 28.86 -68.83
CA PHE N 178 5.97 29.70 -69.03
C PHE N 178 5.14 29.10 -70.16
N LEU N 179 3.81 29.13 -69.96
CA LEU N 179 2.88 28.59 -70.94
C LEU N 179 3.16 29.10 -72.36
N ARG N 180 3.38 30.40 -72.51
CA ARG N 180 3.62 30.99 -73.84
C ARG N 180 4.90 30.48 -74.53
N ASN N 181 5.81 29.88 -73.76
CA ASN N 181 7.08 29.38 -74.27
C ASN N 181 7.15 27.88 -74.50
N LEU N 182 6.09 27.16 -74.15
CA LEU N 182 6.10 25.70 -74.21
C LEU N 182 5.80 25.24 -75.63
N PRO N 183 6.48 24.19 -76.10
CA PRO N 183 6.10 23.52 -77.34
C PRO N 183 4.72 22.85 -77.19
N ALA N 184 4.12 22.48 -78.31
CA ALA N 184 2.76 21.95 -78.32
C ALA N 184 2.57 20.79 -77.33
N TYR N 185 3.51 19.86 -77.27
CA TYR N 185 3.38 18.70 -76.38
C TYR N 185 3.31 19.13 -74.93
N GLU N 186 4.28 19.95 -74.50
CA GLU N 186 4.39 20.43 -73.12
C GLU N 186 3.20 21.33 -72.75
N SER N 187 2.74 22.13 -73.71
CA SER N 187 1.56 22.97 -73.53
C SER N 187 0.31 22.12 -73.27
N GLN N 188 0.10 21.04 -74.02
CA GLN N 188 -1.09 20.20 -73.75
C GLN N 188 -0.96 19.46 -72.43
N LYS N 189 0.26 19.01 -72.10
CA LYS N 189 0.51 18.36 -70.81
C LYS N 189 0.15 19.31 -69.67
N LEU N 190 0.60 20.55 -69.77
CA LEU N 190 0.29 21.53 -68.73
C LEU N 190 -1.23 21.78 -68.64
N HIS N 191 -1.87 21.88 -69.80
CA HIS N 191 -3.31 22.11 -69.89
C HIS N 191 -4.06 21.01 -69.13
N GLN N 192 -3.73 19.77 -69.45
CA GLN N 192 -4.34 18.60 -68.83
C GLN N 192 -4.04 18.52 -67.33
N ALA N 193 -2.78 18.78 -66.95
CA ALA N 193 -2.39 18.81 -65.53
C ALA N 193 -3.20 19.85 -64.75
N MET N 194 -3.39 21.03 -65.34
CA MET N 194 -4.16 22.08 -64.69
C MET N 194 -5.66 21.78 -64.60
N GLN N 195 -6.21 21.13 -65.64
CA GLN N 195 -7.61 20.68 -65.61
C GLN N 195 -7.84 19.64 -64.52
N THR N 196 -6.90 18.71 -64.36
CA THR N 196 -7.02 17.66 -63.33
C THR N 196 -6.97 18.28 -61.94
N SER N 197 -6.07 19.25 -61.76
CA SER N 197 -5.98 19.92 -60.46
C SER N 197 -7.24 20.72 -60.16
N TYR N 198 -7.74 21.46 -61.16
CA TYR N 198 -8.96 22.26 -61.00
C TYR N 198 -10.18 21.37 -60.68
N ARG N 199 -10.26 20.20 -61.32
CA ARG N 199 -11.33 19.24 -61.05
C ARG N 199 -11.38 18.84 -59.56
N GLU N 200 -10.21 18.69 -58.94
CA GLU N 200 -10.14 18.38 -57.51
C GLU N 200 -10.75 19.52 -56.68
N ILE N 201 -10.55 20.77 -57.12
CA ILE N 201 -11.15 21.90 -56.43
C ILE N 201 -12.66 21.83 -56.55
N VAL N 202 -13.13 21.61 -57.77
CA VAL N 202 -14.55 21.58 -58.04
C VAL N 202 -15.24 20.49 -57.18
N LEU N 203 -14.67 19.28 -57.19
CA LEU N 203 -15.22 18.14 -56.43
C LEU N 203 -15.29 18.36 -54.92
N SER N 204 -14.32 19.09 -54.38
CA SER N 204 -14.25 19.28 -52.94
C SER N 204 -14.81 20.62 -52.45
N TYR N 205 -15.18 21.51 -53.38
CA TYR N 205 -15.51 22.88 -53.00
C TYR N 205 -16.66 23.00 -52.00
N PHE N 206 -17.75 22.27 -52.25
CA PHE N 206 -18.94 22.30 -51.41
C PHE N 206 -19.03 21.05 -50.53
N SER N 207 -17.88 20.43 -50.26
CA SER N 207 -17.82 19.21 -49.46
C SER N 207 -17.21 19.47 -48.09
N PRO N 208 -17.83 18.92 -47.04
CA PRO N 208 -17.28 19.01 -45.67
C PRO N 208 -16.00 18.20 -45.52
N ASN N 209 -15.09 18.71 -44.68
CA ASN N 209 -13.81 18.08 -44.41
C ASN N 209 -13.01 17.75 -45.67
N SER N 210 -13.08 18.65 -46.63
CA SER N 210 -12.26 18.58 -47.83
C SER N 210 -11.04 19.49 -47.66
N ASN N 211 -9.92 19.02 -48.21
CA ASN N 211 -8.66 19.74 -48.17
C ASN N 211 -8.64 20.88 -49.18
N LEU N 212 -9.63 21.77 -49.08
CA LEU N 212 -9.88 22.77 -50.11
C LEU N 212 -8.72 23.73 -50.36
N ASN N 213 -8.19 24.33 -49.30
CA ASN N 213 -7.12 25.31 -49.41
C ASN N 213 -5.90 24.72 -50.11
N GLN N 214 -5.59 23.46 -49.79
CA GLN N 214 -4.47 22.74 -50.37
C GLN N 214 -4.69 22.49 -51.87
N SER N 215 -5.92 22.17 -52.24
CA SER N 215 -6.23 21.89 -53.64
C SER N 215 -6.19 23.19 -54.46
N ILE N 216 -6.63 24.31 -53.87
CA ILE N 216 -6.51 25.61 -54.52
C ILE N 216 -5.04 26.02 -54.72
N ASP N 217 -4.23 25.87 -53.68
CA ASP N 217 -2.82 26.21 -53.73
C ASP N 217 -2.08 25.44 -54.80
N ASN N 218 -2.39 24.16 -54.91
CA ASN N 218 -1.80 23.29 -55.93
C ASN N 218 -2.03 23.87 -57.34
N PHE N 219 -3.27 24.24 -57.60
CA PHE N 219 -3.62 24.76 -58.92
C PHE N 219 -2.95 26.13 -59.13
N VAL N 220 -3.04 27.00 -58.13
CA VAL N 220 -2.56 28.39 -58.23
C VAL N 220 -1.06 28.43 -58.40
N ASN N 221 -0.37 27.49 -57.75
CA ASN N 221 1.07 27.35 -57.96
C ASN N 221 1.42 27.13 -59.42
N MET N 222 0.68 26.25 -60.09
CA MET N 222 0.95 26.05 -61.50
C MET N 222 0.62 27.31 -62.33
N ALA N 223 -0.49 27.96 -62.04
CA ALA N 223 -0.87 29.17 -62.79
C ALA N 223 0.17 30.28 -62.62
N PHE N 224 0.65 30.45 -61.40
CA PHE N 224 1.66 31.46 -61.05
C PHE N 224 3.01 31.17 -61.69
N PHE N 225 3.56 29.98 -61.44
CA PHE N 225 4.89 29.64 -61.93
C PHE N 225 5.02 29.43 -63.45
N ALA N 226 3.92 29.03 -64.09
CA ALA N 226 3.84 28.96 -65.54
C ALA N 226 3.42 30.29 -66.14
N ASP N 227 3.21 31.31 -65.29
CA ASP N 227 2.78 32.64 -65.72
C ASP N 227 1.60 32.58 -66.70
N VAL N 228 0.54 31.91 -66.27
CA VAL N 228 -0.64 31.73 -67.11
C VAL N 228 -1.50 33.02 -67.02
N PRO N 229 -1.98 33.54 -68.16
CA PRO N 229 -2.95 34.64 -68.14
C PRO N 229 -4.22 34.21 -67.42
N VAL N 230 -4.85 35.13 -66.71
CA VAL N 230 -6.03 34.81 -65.90
C VAL N 230 -7.18 34.25 -66.75
N THR N 231 -7.25 34.73 -67.98
CA THR N 231 -8.16 34.19 -69.00
C THR N 231 -8.08 32.65 -69.16
N LYS N 232 -6.89 32.07 -69.02
CA LYS N 232 -6.76 30.62 -69.13
C LYS N 232 -7.31 29.88 -67.93
N VAL N 233 -7.30 30.54 -66.78
CA VAL N 233 -7.90 29.96 -65.59
C VAL N 233 -9.42 29.94 -65.82
N VAL N 234 -9.96 31.03 -66.37
CA VAL N 234 -11.40 31.10 -66.69
C VAL N 234 -11.74 29.99 -67.69
N GLU N 235 -10.91 29.84 -68.72
CA GLU N 235 -11.07 28.81 -69.75
C GLU N 235 -11.13 27.41 -69.14
N ILE N 236 -10.16 27.11 -68.27
CA ILE N 236 -10.10 25.81 -67.59
C ILE N 236 -11.39 25.55 -66.79
N HIS N 237 -11.84 26.57 -66.04
CA HIS N 237 -13.11 26.49 -65.30
C HIS N 237 -14.25 26.08 -66.24
N MET N 238 -14.36 26.78 -67.35
CA MET N 238 -15.44 26.56 -68.32
C MET N 238 -15.35 25.19 -68.98
N GLU N 239 -14.13 24.74 -69.25
CA GLU N 239 -13.89 23.40 -69.77
C GLU N 239 -14.39 22.33 -68.80
N LEU N 240 -14.09 22.52 -67.51
CA LEU N 240 -14.55 21.60 -66.47
C LEU N 240 -16.08 21.66 -66.31
N MET N 241 -16.65 22.87 -66.33
CA MET N 241 -18.11 23.01 -66.32
C MET N 241 -18.79 22.25 -67.47
N ASP N 242 -18.20 22.30 -68.66
CA ASP N 242 -18.69 21.47 -69.79
C ASP N 242 -18.70 19.97 -69.47
N GLU N 243 -17.57 19.49 -68.94
CA GLU N 243 -17.40 18.10 -68.52
C GLU N 243 -18.46 17.70 -67.49
N PHE N 244 -18.63 18.52 -66.46
CA PHE N 244 -19.66 18.25 -65.47
C PHE N 244 -21.09 18.33 -66.02
N ALA N 245 -21.34 19.27 -66.93
CA ALA N 245 -22.64 19.40 -67.59
C ALA N 245 -23.06 18.16 -68.39
N LYS N 246 -22.07 17.49 -68.99
CA LYS N 246 -22.31 16.25 -69.72
C LYS N 246 -22.62 15.10 -68.75
N LYS N 247 -21.91 15.08 -67.63
CA LYS N 247 -22.12 14.08 -66.58
C LYS N 247 -23.48 14.26 -65.89
N LEU N 248 -23.92 15.50 -65.75
CA LEU N 248 -25.23 15.80 -65.18
C LEU N 248 -26.39 15.42 -66.09
N ARG N 249 -26.21 15.64 -67.39
CA ARG N 249 -27.24 15.31 -68.38
C ARG N 249 -27.54 13.81 -68.41
N VAL N 250 -26.50 12.99 -68.28
CA VAL N 250 -26.64 11.54 -68.20
C VAL N 250 -27.37 11.13 -66.92
N GLU N 251 -27.19 11.93 -65.87
CA GLU N 251 -27.85 11.68 -64.59
C GLU N 251 -29.29 12.18 -64.55
N GLY N 252 -29.71 12.87 -65.61
CA GLY N 252 -31.02 13.52 -65.64
C GLY N 252 -31.09 14.68 -64.66
N ARG N 253 -29.94 15.23 -64.32
CA ARG N 253 -29.83 16.36 -63.40
C ARG N 253 -29.72 17.68 -64.16
N SER N 254 -30.26 18.73 -63.57
CA SER N 254 -30.24 20.06 -64.17
C SER N 254 -28.82 20.66 -64.19
N GLU N 255 -28.47 21.25 -65.32
CA GLU N 255 -27.16 21.90 -65.49
C GLU N 255 -27.04 23.25 -64.77
N ASP N 256 -28.12 23.69 -64.11
CA ASP N 256 -28.17 24.98 -63.40
C ASP N 256 -27.34 24.97 -62.12
N ILE N 257 -27.19 23.81 -61.50
CA ILE N 257 -26.44 23.71 -60.26
C ILE N 257 -24.95 24.05 -60.47
N LEU N 258 -24.53 24.04 -61.73
CA LEU N 258 -23.16 24.37 -62.09
C LEU N 258 -22.85 25.84 -61.86
N LEU N 259 -23.91 26.66 -61.89
CA LEU N 259 -23.81 28.10 -61.60
C LEU N 259 -23.23 28.38 -60.20
N ASP N 260 -23.47 27.48 -59.26
CA ASP N 260 -22.88 27.56 -57.92
C ASP N 260 -21.35 27.61 -57.95
N TYR N 261 -20.75 27.02 -58.99
CA TYR N 261 -19.30 26.95 -59.14
C TYR N 261 -18.64 28.26 -59.57
N ARG N 262 -19.45 29.28 -59.88
CA ARG N 262 -18.90 30.62 -60.11
C ARG N 262 -18.16 31.10 -58.88
N LEU N 263 -18.64 30.66 -57.71
CA LEU N 263 -18.04 30.97 -56.43
C LEU N 263 -16.64 30.40 -56.32
N THR N 264 -16.45 29.19 -56.89
CA THR N 264 -15.15 28.52 -56.92
C THR N 264 -14.17 29.33 -57.75
N LEU N 265 -14.64 29.79 -58.91
CA LEU N 265 -13.82 30.56 -59.82
C LEU N 265 -13.38 31.88 -59.17
N ILE N 266 -14.33 32.58 -58.57
CA ILE N 266 -14.01 33.76 -57.76
C ILE N 266 -12.88 33.45 -56.77
N ASP N 267 -13.05 32.37 -56.02
CA ASP N 267 -12.10 31.94 -54.99
C ASP N 267 -10.71 31.63 -55.56
N VAL N 268 -10.66 30.87 -56.66
CA VAL N 268 -9.38 30.52 -57.26
C VAL N 268 -8.66 31.76 -57.79
N ILE N 269 -9.37 32.62 -58.51
CA ILE N 269 -8.78 33.86 -59.03
C ILE N 269 -8.33 34.79 -57.90
N ALA N 270 -9.11 34.84 -56.82
CA ALA N 270 -8.76 35.63 -55.63
C ALA N 270 -7.42 35.17 -55.10
N HIS N 271 -7.26 33.85 -54.99
CA HIS N 271 -6.01 33.27 -54.52
C HIS N 271 -4.82 33.59 -55.43
N LEU N 272 -5.03 33.49 -56.74
CA LEU N 272 -3.98 33.80 -57.70
C LEU N 272 -3.53 35.25 -57.57
N CYS N 273 -4.51 36.16 -57.56
CA CYS N 273 -4.28 37.59 -57.36
C CYS N 273 -3.50 37.87 -56.08
N GLU N 274 -3.91 37.27 -54.97
CA GLU N 274 -3.21 37.45 -53.71
C GLU N 274 -1.77 36.92 -53.76
N MET N 275 -1.53 35.84 -54.48
CA MET N 275 -0.17 35.34 -54.67
C MET N 275 0.74 36.36 -55.39
N TYR N 276 0.25 36.94 -56.49
CA TYR N 276 0.96 38.05 -57.14
C TYR N 276 1.10 39.28 -56.20
N ARG N 277 0.02 39.65 -55.52
CA ARG N 277 0.01 40.86 -54.68
C ARG N 277 1.04 40.76 -53.56
N ARG N 278 1.06 39.61 -52.89
CA ARG N 278 1.98 39.39 -51.78
C ARG N 278 3.43 39.23 -52.23
N SER N 279 3.64 39.04 -53.53
CA SER N 279 4.98 38.85 -54.07
C SER N 279 5.69 40.16 -54.42
N ILE N 280 4.97 41.28 -54.39
CA ILE N 280 5.56 42.60 -54.61
C ILE N 280 6.43 42.99 -53.41
N ASP O 174 24.85 65.40 -3.67
CA ASP O 174 25.63 64.63 -2.71
C ASP O 174 24.73 63.59 -2.06
N PRO O 175 24.93 62.29 -2.34
CA PRO O 175 24.09 61.24 -1.77
C PRO O 175 24.12 61.18 -0.24
N ASP O 176 25.25 61.58 0.35
CA ASP O 176 25.40 61.63 1.81
C ASP O 176 24.49 62.67 2.46
N ARG O 177 24.02 63.62 1.66
CA ARG O 177 23.12 64.66 2.13
C ARG O 177 21.64 64.42 1.75
N PHE O 178 21.32 65.89 2.91
CA PHE O 178 19.96 65.42 2.58
C PHE O 178 19.15 65.34 3.85
N LEU O 179 17.89 65.78 3.76
CA LEU O 179 16.98 65.76 4.91
C LEU O 179 16.91 64.40 5.62
N ARG O 180 17.01 63.30 4.87
CA ARG O 180 16.93 61.95 5.43
C ARG O 180 18.23 61.45 6.09
N ASN O 181 19.34 62.15 5.83
CA ASN O 181 20.64 61.76 6.38
C ASN O 181 21.13 62.64 7.53
N LEU O 182 20.42 63.73 7.81
CA LEU O 182 20.79 64.64 8.88
C LEU O 182 20.44 64.05 10.25
N PRO O 183 21.22 64.41 11.28
CA PRO O 183 20.81 64.13 12.67
C PRO O 183 19.44 64.76 12.96
N ALA O 184 18.61 64.06 13.73
CA ALA O 184 17.23 64.48 13.97
C ALA O 184 17.08 65.95 14.40
N TYR O 185 18.14 66.51 14.97
CA TYR O 185 18.14 67.89 15.40
C TYR O 185 18.28 68.85 14.21
N GLU O 186 19.32 68.65 13.39
CA GLU O 186 19.53 69.46 12.18
C GLU O 186 18.38 69.23 11.19
N SER O 187 17.86 67.99 11.19
CA SER O 187 16.67 67.61 10.42
C SER O 187 15.46 68.45 10.80
N GLN O 188 15.21 68.56 12.11
CA GLN O 188 14.16 69.42 12.65
C GLN O 188 14.37 70.88 12.23
N LYS O 189 15.63 71.34 12.28
CA LYS O 189 15.98 72.71 11.92
C LYS O 189 15.72 73.04 10.45
N LEU O 190 16.05 72.11 9.56
CA LEU O 190 15.80 72.29 8.14
C LEU O 190 14.30 72.26 7.86
N HIS O 191 13.61 71.30 8.48
CA HIS O 191 12.17 71.18 8.35
C HIS O 191 11.48 72.49 8.74
N GLN O 192 11.89 73.05 9.89
CA GLN O 192 11.36 74.32 10.36
C GLN O 192 11.64 75.47 9.41
N ALA O 193 12.83 75.50 8.84
CA ALA O 193 13.19 76.52 7.86
C ALA O 193 12.38 76.36 6.58
N MET O 194 12.12 75.11 6.19
CA MET O 194 11.28 74.86 5.02
C MET O 194 9.83 75.27 5.27
N GLN O 195 9.35 75.07 6.50
CA GLN O 195 8.04 75.55 6.94
C GLN O 195 7.92 77.09 6.92
N THR O 196 8.94 77.78 7.41
CA THR O 196 8.95 79.23 7.40
C THR O 196 8.89 79.77 5.98
N SER O 197 9.70 79.16 5.12
CA SER O 197 9.74 79.52 3.72
C SER O 197 8.40 79.26 3.04
N TYR O 198 7.80 78.11 3.34
CA TYR O 198 6.50 77.74 2.78
C TYR O 198 5.39 78.71 3.24
N ARG O 199 5.40 79.04 4.52
CA ARG O 199 4.45 80.02 5.08
C ARG O 199 4.53 81.34 4.30
N GLU O 200 5.74 81.76 3.98
CA GLU O 200 5.98 82.99 3.23
C GLU O 200 5.38 82.89 1.82
N ILE O 201 5.51 81.72 1.18
CA ILE O 201 4.86 81.50 -0.12
C ILE O 201 3.34 81.64 0.02
N VAL O 202 2.77 80.96 1.00
CA VAL O 202 1.31 80.91 1.19
C VAL O 202 0.76 82.31 1.43
N LEU O 203 1.33 83.00 2.42
CA LEU O 203 0.90 84.34 2.78
C LEU O 203 0.97 85.30 1.59
N SER O 204 1.94 85.08 0.71
CA SER O 204 2.14 85.99 -0.40
C SER O 204 1.45 85.58 -1.72
N TYR O 205 0.98 84.33 -1.79
CA TYR O 205 0.56 83.72 -3.05
C TYR O 205 -0.48 84.53 -3.85
N PHE O 206 -1.55 84.94 -3.17
CA PHE O 206 -2.62 85.69 -3.84
C PHE O 206 -2.52 87.21 -3.62
N SER O 207 -1.38 87.67 -3.11
CA SER O 207 -1.09 89.09 -2.95
C SER O 207 -0.44 89.64 -4.22
N PRO O 208 -0.89 90.80 -4.72
CA PRO O 208 -0.26 91.42 -5.88
C PRO O 208 1.11 92.01 -5.51
N ASN O 209 2.00 92.08 -6.49
CA ASN O 209 3.34 92.66 -6.33
C ASN O 209 4.17 92.16 -5.13
N SER O 210 3.83 90.97 -4.63
CA SER O 210 4.65 90.32 -3.60
C SER O 210 5.85 89.66 -4.29
N ASN O 211 6.82 89.23 -3.49
CA ASN O 211 8.03 88.60 -4.02
C ASN O 211 7.88 87.07 -4.05
N LEU O 212 6.81 86.62 -4.74
CA LEU O 212 6.40 85.21 -4.72
C LEU O 212 7.41 84.27 -5.37
N ASN O 213 7.87 84.61 -6.57
CA ASN O 213 8.82 83.77 -7.30
C ASN O 213 10.12 83.54 -6.52
N GLN O 214 10.66 84.61 -5.92
CA GLN O 214 11.82 84.52 -5.03
C GLN O 214 11.56 83.56 -3.86
N SER O 215 10.36 83.65 -3.27
CA SER O 215 9.99 82.81 -2.14
C SER O 215 9.87 81.35 -2.55
N ILE O 216 9.25 81.10 -3.71
CA ILE O 216 9.18 79.74 -4.26
C ILE O 216 10.59 79.19 -4.54
N ASP O 217 11.43 79.97 -5.22
CA ASP O 217 12.79 79.52 -5.53
C ASP O 217 13.57 79.13 -4.29
N ASN O 218 13.56 80.01 -3.29
CA ASN O 218 14.15 79.74 -1.98
C ASN O 218 13.72 78.38 -1.38
N PHE O 219 12.42 78.11 -1.37
CA PHE O 219 11.91 76.86 -0.82
C PHE O 219 12.44 75.70 -1.65
N VAL O 220 12.34 75.86 -2.96
CA VAL O 220 12.63 74.79 -3.91
C VAL O 220 14.11 74.44 -3.93
N ASN O 221 14.96 75.46 -3.74
CA ASN O 221 16.39 75.21 -3.57
C ASN O 221 16.70 74.33 -2.36
N MET O 222 16.05 74.60 -1.23
CA MET O 222 16.19 73.73 -0.07
C MET O 222 15.69 72.31 -0.40
N ALA O 223 14.49 72.22 -1.00
CA ALA O 223 13.90 70.92 -1.34
C ALA O 223 14.77 70.08 -2.27
N PHE O 224 15.36 70.74 -3.27
CA PHE O 224 16.19 70.08 -4.27
C PHE O 224 17.53 69.63 -3.70
N PHE O 225 18.23 70.56 -3.02
CA PHE O 225 19.57 70.29 -2.55
C PHE O 225 19.61 69.40 -1.34
N ALA O 226 18.51 69.36 -0.58
CA ALA O 226 18.37 68.40 0.51
C ALA O 226 17.67 67.11 0.04
N ASP O 227 17.43 67.05 -1.26
CA ASP O 227 16.83 65.88 -1.92
C ASP O 227 15.59 65.38 -1.17
N VAL O 228 14.63 66.27 -0.93
CA VAL O 228 13.43 65.87 -0.23
C VAL O 228 12.44 65.23 -1.24
N PRO O 229 11.76 64.16 -0.84
CA PRO O 229 10.73 63.56 -1.70
C PRO O 229 9.52 64.51 -1.79
N VAL O 230 8.72 64.37 -2.85
CA VAL O 230 7.54 65.20 -3.02
C VAL O 230 6.57 65.07 -1.83
N THR O 231 6.43 63.86 -1.29
CA THR O 231 5.54 63.67 -0.13
C THR O 231 5.90 64.60 1.04
N LYS O 232 7.18 64.94 1.19
CA LYS O 232 7.58 65.83 2.29
C LYS O 232 7.08 67.26 2.04
N VAL O 233 7.08 67.69 0.79
CA VAL O 233 6.52 69.01 0.42
C VAL O 233 5.00 69.05 0.69
N VAL O 234 4.30 67.99 0.28
CA VAL O 234 2.88 67.86 0.58
C VAL O 234 2.63 67.93 2.08
N GLU O 235 3.46 67.25 2.88
CA GLU O 235 3.25 67.27 4.31
C GLU O 235 3.50 68.64 4.94
N ILE O 236 4.51 69.36 4.46
CA ILE O 236 4.74 70.74 4.89
C ILE O 236 3.52 71.60 4.56
N HIS O 237 3.04 71.49 3.31
CA HIS O 237 1.82 72.17 2.90
C HIS O 237 0.67 71.87 3.87
N MET O 238 0.46 70.60 4.18
CA MET O 238 -0.63 70.15 5.06
C MET O 238 -0.50 70.70 6.47
N GLU O 239 0.73 70.74 6.98
CA GLU O 239 1.05 71.36 8.27
C GLU O 239 0.65 72.84 8.29
N LEU O 240 0.98 73.58 7.23
CA LEU O 240 0.64 74.99 7.19
C LEU O 240 -0.86 75.23 7.03
N MET O 241 -1.54 74.35 6.30
CA MET O 241 -2.99 74.42 6.17
C MET O 241 -3.68 74.22 7.53
N ASP O 242 -3.15 73.28 8.31
CA ASP O 242 -3.54 73.09 9.70
C ASP O 242 -3.49 74.43 10.44
N GLU O 243 -2.29 75.00 10.50
CA GLU O 243 -2.03 76.31 11.13
C GLU O 243 -2.96 77.42 10.64
N PHE O 244 -3.23 77.45 9.33
CA PHE O 244 -4.08 78.48 8.75
C PHE O 244 -5.55 78.23 9.06
N ALA O 245 -5.98 76.97 9.07
CA ALA O 245 -7.35 76.61 9.40
C ALA O 245 -7.73 77.07 10.80
N LYS O 246 -6.78 76.96 11.74
CA LYS O 246 -6.96 77.46 13.10
C LYS O 246 -7.01 78.99 13.14
N LYS O 247 -6.13 79.64 12.37
CA LYS O 247 -6.10 81.09 12.25
C LYS O 247 -7.44 81.64 11.73
N LEU O 248 -8.02 80.97 10.73
CA LEU O 248 -9.29 81.37 10.13
C LEU O 248 -10.50 81.17 11.04
N ARG O 249 -10.52 80.04 11.76
CA ARG O 249 -11.65 79.71 12.63
C ARG O 249 -11.70 80.57 13.90
N VAL O 250 -10.56 81.14 14.28
CA VAL O 250 -10.53 82.08 15.42
C VAL O 250 -10.59 83.54 14.94
N GLU O 251 -11.34 83.77 13.86
CA GLU O 251 -11.51 85.11 13.29
C GLU O 251 -12.86 85.27 12.58
N GLY O 252 -13.54 84.15 12.31
CA GLY O 252 -14.83 84.18 11.65
C GLY O 252 -14.80 83.73 10.20
N ARG O 253 -13.63 83.82 9.57
CA ARG O 253 -13.44 83.48 8.16
C ARG O 253 -13.67 81.99 7.90
N SER O 254 -14.20 81.67 6.72
CA SER O 254 -14.53 80.30 6.34
C SER O 254 -13.28 79.49 5.98
N GLU O 255 -13.31 78.21 6.33
CA GLU O 255 -12.18 77.29 6.09
C GLU O 255 -12.22 76.67 4.69
N ASP O 256 -12.75 77.43 3.73
CA ASP O 256 -12.88 76.96 2.35
C ASP O 256 -12.01 77.76 1.40
N ILE O 257 -11.47 78.86 1.90
CA ILE O 257 -10.47 79.62 1.15
C ILE O 257 -9.18 78.79 1.10
N LEU O 258 -9.07 77.82 2.01
CA LEU O 258 -7.89 76.95 2.11
C LEU O 258 -7.70 76.09 0.88
N LEU O 259 -8.79 75.70 0.22
CA LEU O 259 -8.68 74.82 -0.94
C LEU O 259 -8.16 75.53 -2.19
N ASP O 260 -8.17 76.86 -2.17
CA ASP O 260 -7.50 77.62 -3.23
C ASP O 260 -5.99 77.48 -3.14
N TYR O 261 -5.47 77.18 -1.95
CA TYR O 261 -4.04 76.98 -1.77
C TYR O 261 -3.52 75.67 -2.36
N ARG O 262 -4.43 74.84 -2.87
CA ARG O 262 -4.00 73.70 -3.68
C ARG O 262 -3.21 74.20 -4.89
N LEU O 263 -3.53 75.42 -5.34
CA LEU O 263 -2.83 76.05 -6.45
C LEU O 263 -1.37 76.35 -6.09
N THR O 264 -1.19 76.87 -4.88
CA THR O 264 0.14 77.03 -4.28
C THR O 264 0.93 75.74 -4.33
N LEU O 265 0.34 74.65 -3.83
CA LEU O 265 1.02 73.35 -3.78
C LEU O 265 1.37 72.84 -5.18
N ILE O 266 0.42 72.96 -6.11
CA ILE O 266 0.68 72.67 -7.52
C ILE O 266 1.86 73.48 -8.04
N ASP O 267 2.59 74.07 -7.50
CA ASP O 267 3.53 74.94 -8.19
C ASP O 267 4.99 74.58 -7.90
N VAL O 268 5.28 74.37 -6.62
CA VAL O 268 6.62 74.05 -6.18
C VAL O 268 7.09 72.68 -6.69
N ILE O 269 6.28 71.65 -6.52
CA ILE O 269 6.62 70.32 -7.04
C ILE O 269 6.77 70.31 -8.58
N ALA O 270 5.93 71.08 -9.28
CA ALA O 270 6.03 71.22 -10.75
C ALA O 270 7.38 71.82 -11.13
N HIS O 271 7.78 72.87 -10.42
CA HIS O 271 9.09 73.47 -10.63
C HIS O 271 10.23 72.47 -10.38
N LEU O 272 10.17 71.74 -9.28
CA LEU O 272 11.14 70.70 -9.02
C LEU O 272 11.16 69.65 -10.14
N CYS O 273 9.98 69.21 -10.56
CA CYS O 273 9.86 68.23 -11.65
C CYS O 273 10.56 68.71 -12.93
N GLU O 274 10.34 69.98 -13.30
CA GLU O 274 10.94 70.56 -14.50
C GLU O 274 12.44 70.62 -14.43
N MET O 275 12.96 70.93 -13.25
CA MET O 275 14.39 70.96 -13.04
C MET O 275 15.00 69.58 -13.32
N TYR O 276 14.40 68.53 -12.76
CA TYR O 276 14.80 67.16 -13.11
C TYR O 276 14.69 66.90 -14.60
N ARG O 277 13.53 67.25 -15.17
CA ARG O 277 13.26 67.03 -16.60
C ARG O 277 14.29 67.73 -17.50
N ARG O 278 14.62 68.97 -17.15
CA ARG O 278 15.59 69.81 -17.82
C ARG O 278 16.99 69.22 -17.70
N SER O 279 17.21 68.40 -16.69
CA SER O 279 18.55 67.91 -16.38
C SER O 279 19.00 66.76 -17.27
N ILE O 280 18.04 66.12 -17.96
CA ILE O 280 18.32 64.97 -18.83
C ILE O 280 19.03 65.42 -20.12
N PRO O 281 20.26 64.95 -20.33
CA PRO O 281 21.02 65.33 -21.54
C PRO O 281 20.31 64.94 -22.84
N ARG O 282 20.45 65.82 -23.84
CA ARG O 282 19.81 65.69 -25.17
C ARG O 282 18.29 65.74 -25.12
N ASP P 174 15.47 60.29 -27.04
CA ASP P 174 15.67 60.73 -28.40
C ASP P 174 15.22 62.18 -28.57
N PRO P 175 16.17 63.11 -28.75
CA PRO P 175 15.83 64.53 -28.87
C PRO P 175 14.86 64.84 -30.02
N ASP P 176 14.89 64.03 -31.07
CA ASP P 176 13.98 64.20 -32.20
C ASP P 176 12.51 63.96 -31.78
N ARG P 177 12.32 63.27 -30.66
CA ARG P 177 10.98 63.03 -30.13
C ARG P 177 10.61 63.93 -28.93
N PHE P 178 11.48 64.87 -28.60
CA PHE P 178 11.15 65.93 -27.63
C PHE P 178 10.10 66.83 -28.25
N LEU P 179 9.14 67.24 -27.43
CA LEU P 179 8.06 68.13 -27.87
C LEU P 179 8.59 69.34 -28.63
N ARG P 180 9.61 70.01 -28.10
CA ARG P 180 10.16 71.22 -28.73
C ARG P 180 10.76 70.98 -30.13
N ASN P 181 11.06 69.72 -30.44
CA ASN P 181 11.68 69.36 -31.73
C ASN P 181 10.74 68.76 -32.76
N LEU P 182 9.46 68.58 -32.39
CA LEU P 182 8.50 67.92 -33.28
C LEU P 182 7.94 68.91 -34.28
N PRO P 183 7.76 68.48 -35.53
CA PRO P 183 7.01 69.28 -36.52
C PRO P 183 5.54 69.39 -36.09
N ALA P 184 4.81 70.33 -36.69
CA ALA P 184 3.44 70.63 -36.30
C ALA P 184 2.55 69.40 -36.23
N TYR P 185 2.65 68.50 -37.21
CA TYR P 185 1.80 67.31 -37.24
C TYR P 185 2.06 66.42 -36.03
N GLU P 186 3.33 66.09 -35.80
CA GLU P 186 3.76 65.22 -34.70
C GLU P 186 3.47 65.86 -33.33
N SER P 187 3.63 67.18 -33.25
CA SER P 187 3.31 67.93 -32.05
C SER P 187 1.81 67.84 -31.72
N GLN P 188 0.92 67.97 -32.71
CA GLN P 188 -0.51 67.85 -32.39
C GLN P 188 -0.89 66.41 -32.05
N LYS P 189 -0.27 65.44 -32.72
CA LYS P 189 -0.49 64.02 -32.39
C LYS P 189 -0.10 63.74 -30.95
N LEU P 190 1.05 64.25 -30.52
CA LEU P 190 1.49 64.05 -29.15
C LEU P 190 0.51 64.73 -28.16
N HIS P 191 0.08 65.94 -28.51
CA HIS P 191 -0.86 66.70 -27.70
C HIS P 191 -2.13 65.90 -27.45
N GLN P 192 -2.70 65.40 -28.53
CA GLN P 192 -3.92 64.60 -28.48
C GLN P 192 -3.72 63.28 -27.73
N ALA P 193 -2.60 62.60 -27.99
CA ALA P 193 -2.25 61.37 -27.27
C ALA P 193 -2.17 61.60 -25.76
N MET P 194 -1.54 62.70 -25.37
CA MET P 194 -1.40 63.03 -23.96
C MET P 194 -2.73 63.43 -23.30
N GLN P 195 -3.59 64.15 -24.04
CA GLN P 195 -4.93 64.48 -23.56
C GLN P 195 -5.79 63.23 -23.33
N THR P 196 -5.69 62.26 -24.24
CA THR P 196 -6.45 61.01 -24.13
C THR P 196 -5.97 60.21 -22.91
N SER P 197 -4.67 60.18 -22.71
CA SER P 197 -4.12 59.47 -21.55
C SER P 197 -4.53 60.15 -20.24
N TYR P 198 -4.44 61.48 -20.21
CA TYR P 198 -4.82 62.24 -19.02
C TYR P 198 -6.32 62.07 -18.69
N ARG P 199 -7.16 62.03 -19.72
CA ARG P 199 -8.60 61.79 -19.53
C ARG P 199 -8.87 60.48 -18.79
N GLU P 200 -8.09 59.44 -19.09
CA GLU P 200 -8.21 58.16 -18.39
C GLU P 200 -7.90 58.31 -16.91
N ILE P 201 -6.93 59.18 -16.58
CA ILE P 201 -6.62 59.44 -15.18
C ILE P 201 -7.80 60.12 -14.50
N VAL P 202 -8.32 61.16 -15.16
CA VAL P 202 -9.42 61.93 -14.62
C VAL P 202 -10.62 61.01 -14.33
N LEU P 203 -11.01 60.21 -15.32
CA LEU P 203 -12.16 59.30 -15.20
C LEU P 203 -12.04 58.27 -14.08
N SER P 204 -10.82 57.80 -13.83
CA SER P 204 -10.61 56.75 -12.84
C SER P 204 -10.14 57.27 -11.48
N TYR P 205 -9.85 58.56 -11.36
CA TYR P 205 -9.18 59.07 -10.17
C TYR P 205 -9.94 58.83 -8.86
N PHE P 206 -11.24 59.12 -8.88
CA PHE P 206 -12.10 58.97 -7.71
C PHE P 206 -12.98 57.72 -7.82
N SER P 207 -12.54 56.74 -8.60
CA SER P 207 -13.28 55.50 -8.81
C SER P 207 -12.62 54.32 -8.11
N PRO P 208 -13.43 53.50 -7.43
CA PRO P 208 -12.93 52.27 -6.80
C PRO P 208 -12.51 51.23 -7.82
N ASN P 209 -11.48 50.46 -7.47
CA ASN P 209 -10.92 49.41 -8.33
C ASN P 209 -10.57 49.89 -9.73
N SER P 210 -10.04 51.11 -9.79
CA SER P 210 -9.50 51.66 -11.02
C SER P 210 -7.98 51.46 -11.02
N ASN P 211 -7.46 51.21 -12.22
CA ASN P 211 -6.04 51.00 -12.45
C ASN P 211 -5.29 52.34 -12.45
N LEU P 212 -5.44 53.10 -11.37
CA LEU P 212 -4.98 54.49 -11.32
C LEU P 212 -3.48 54.66 -11.53
N ASN P 213 -2.67 53.91 -10.78
CA ASN P 213 -1.22 54.04 -10.86
C ASN P 213 -0.70 53.78 -12.27
N GLN P 214 -1.30 52.80 -12.94
CA GLN P 214 -0.95 52.44 -14.30
C GLN P 214 -1.30 53.57 -15.29
N SER P 215 -2.45 54.19 -15.08
CA SER P 215 -2.89 55.27 -15.96
C SER P 215 -2.02 56.51 -15.76
N ILE P 216 -1.59 56.79 -14.52
CA ILE P 216 -0.66 57.89 -14.25
C ILE P 216 0.71 57.62 -14.91
N ASP P 217 1.24 56.42 -14.75
CA ASP P 217 2.54 56.04 -15.33
C ASP P 217 2.56 56.19 -16.83
N ASN P 218 1.48 55.77 -17.48
CA ASN P 218 1.31 55.90 -18.93
C ASN P 218 1.49 57.35 -19.36
N PHE P 219 0.81 58.25 -18.67
CA PHE P 219 0.89 59.67 -19.03
C PHE P 219 2.28 60.22 -18.74
N VAL P 220 2.80 59.90 -17.56
CA VAL P 220 4.08 60.46 -17.07
C VAL P 220 5.23 60.00 -17.94
N ASN P 221 5.14 58.76 -18.43
CA ASN P 221 6.12 58.26 -19.38
C ASN P 221 6.21 59.13 -20.62
N MET P 222 5.06 59.52 -21.16
CA MET P 222 5.10 60.41 -22.32
C MET P 222 5.67 61.79 -21.96
N ALA P 223 5.27 62.34 -20.82
CA ALA P 223 5.78 63.66 -20.40
C ALA P 223 7.30 63.65 -20.20
N PHE P 224 7.80 62.58 -19.58
CA PHE P 224 9.22 62.41 -19.31
C PHE P 224 10.04 62.19 -20.58
N PHE P 225 9.65 61.20 -21.39
CA PHE P 225 10.41 60.86 -22.59
C PHE P 225 10.35 61.87 -23.74
N ALA P 226 9.26 62.63 -23.80
CA ALA P 226 9.12 63.74 -24.72
C ALA P 226 9.67 65.03 -24.13
N ASP P 227 10.21 64.96 -22.90
CA ASP P 227 10.76 66.11 -22.19
C ASP P 227 9.83 67.32 -22.24
N VAL P 228 8.59 67.10 -21.79
CA VAL P 228 7.57 68.14 -21.82
C VAL P 228 7.79 69.06 -20.58
N PRO P 229 7.74 70.39 -20.76
CA PRO P 229 7.75 71.31 -19.61
C PRO P 229 6.53 71.06 -18.75
N VAL P 230 6.67 71.22 -17.43
CA VAL P 230 5.59 70.92 -16.50
C VAL P 230 4.35 71.78 -16.76
N THR P 231 4.58 73.00 -17.24
CA THR P 231 3.53 73.88 -17.71
C THR P 231 2.57 73.23 -18.73
N LYS P 232 3.08 72.36 -19.59
CA LYS P 232 2.21 71.68 -20.57
C LYS P 232 1.33 70.62 -19.93
N VAL P 233 1.80 70.05 -18.83
CA VAL P 233 0.99 69.10 -18.09
C VAL P 233 -0.17 69.88 -17.45
N VAL P 234 0.13 71.07 -16.91
CA VAL P 234 -0.90 71.93 -16.34
C VAL P 234 -1.91 72.30 -17.42
N GLU P 235 -1.41 72.69 -18.58
CA GLU P 235 -2.23 73.04 -19.75
C GLU P 235 -3.19 71.92 -20.13
N ILE P 236 -2.64 70.70 -20.26
CA ILE P 236 -3.44 69.53 -20.59
C ILE P 236 -4.57 69.32 -19.56
N HIS P 237 -4.21 69.41 -18.27
CA HIS P 237 -5.21 69.34 -17.19
C HIS P 237 -6.36 70.32 -17.43
N MET P 238 -6.00 71.56 -17.68
CA MET P 238 -6.97 72.64 -17.85
C MET P 238 -7.81 72.45 -19.10
N GLU P 239 -7.21 71.94 -20.16
CA GLU P 239 -7.91 71.60 -21.38
C GLU P 239 -8.98 70.53 -21.12
N LEU P 240 -8.61 69.51 -20.35
CA LEU P 240 -9.55 68.44 -19.97
C LEU P 240 -10.65 68.98 -19.04
N MET P 241 -10.28 69.81 -18.07
CA MET P 241 -11.29 70.46 -17.22
C MET P 241 -12.31 71.28 -18.04
N ASP P 242 -11.86 71.98 -19.08
CA ASP P 242 -12.79 72.64 -20.01
C ASP P 242 -13.78 71.67 -20.66
N GLU P 243 -13.25 70.56 -21.17
CA GLU P 243 -14.03 69.49 -21.79
C GLU P 243 -15.07 68.93 -20.83
N PHE P 244 -14.65 68.62 -19.61
CA PHE P 244 -15.58 68.14 -18.60
C PHE P 244 -16.60 69.19 -18.16
N ALA P 245 -16.19 70.45 -18.08
CA ALA P 245 -17.09 71.56 -17.74
C ALA P 245 -18.23 71.74 -18.74
N LYS P 246 -17.95 71.48 -20.02
CA LYS P 246 -18.96 71.53 -21.07
C LYS P 246 -19.93 70.36 -20.94
N LYS P 247 -19.39 69.18 -20.61
CA LYS P 247 -20.20 67.98 -20.41
C LYS P 247 -21.09 68.10 -19.15
N LEU P 248 -20.59 68.78 -18.13
CA LEU P 248 -21.37 69.01 -16.91
C LEU P 248 -22.51 70.01 -17.12
N ARG P 249 -22.25 71.04 -17.91
CA ARG P 249 -23.25 72.07 -18.19
C ARG P 249 -24.48 71.49 -18.91
N VAL P 250 -24.23 70.56 -19.83
CA VAL P 250 -25.29 69.85 -20.54
C VAL P 250 -26.08 68.97 -19.58
N GLU P 251 -25.41 68.47 -18.55
CA GLU P 251 -26.04 67.64 -17.53
C GLU P 251 -26.79 68.44 -16.48
N GLY P 252 -26.67 69.76 -16.53
CA GLY P 252 -27.22 70.64 -15.51
C GLY P 252 -26.50 70.48 -14.19
N ARG P 253 -25.25 70.01 -14.25
CA ARG P 253 -24.42 69.81 -13.08
C ARG P 253 -23.47 70.99 -12.87
N SER P 254 -23.17 71.27 -11.61
CA SER P 254 -22.28 72.36 -11.24
C SER P 254 -20.83 72.09 -11.65
N GLU P 255 -20.18 73.11 -12.22
CA GLU P 255 -18.79 73.02 -12.64
C GLU P 255 -17.79 73.06 -11.46
N ASP P 256 -18.30 73.22 -10.24
CA ASP P 256 -17.46 73.31 -9.03
C ASP P 256 -16.82 71.99 -8.65
N ILE P 257 -17.47 70.88 -9.00
CA ILE P 257 -16.95 69.56 -8.65
C ILE P 257 -15.62 69.28 -9.36
N LEU P 258 -15.32 70.08 -10.39
CA LEU P 258 -14.09 69.94 -11.13
C LEU P 258 -12.88 70.36 -10.31
N LEU P 259 -13.12 71.22 -9.31
CA LEU P 259 -12.09 71.64 -8.37
C LEU P 259 -11.44 70.48 -7.61
N ASP P 260 -12.21 69.40 -7.40
CA ASP P 260 -11.70 68.17 -6.81
C ASP P 260 -10.51 67.59 -7.60
N TYR P 261 -10.48 67.86 -8.91
CA TYR P 261 -9.44 67.34 -9.78
C TYR P 261 -8.09 68.04 -9.66
N ARG P 262 -8.01 69.10 -8.85
CA ARG P 262 -6.73 69.71 -8.52
C ARG P 262 -5.83 68.69 -7.85
N LEU P 263 -6.47 67.78 -7.10
CA LEU P 263 -5.78 66.69 -6.43
C LEU P 263 -5.11 65.76 -7.41
N THR P 264 -5.78 65.52 -8.55
CA THR P 264 -5.25 64.69 -9.64
C THR P 264 -3.99 65.33 -10.21
N LEU P 265 -4.06 66.63 -10.44
CA LEU P 265 -2.94 67.37 -11.00
C LEU P 265 -1.74 67.33 -10.06
N ILE P 266 -1.98 67.60 -8.79
CA ILE P 266 -0.94 67.42 -7.77
C ILE P 266 -0.28 66.04 -7.90
N ASP P 267 -1.11 65.00 -7.96
CA ASP P 267 -0.66 63.62 -8.04
C ASP P 267 0.17 63.33 -9.30
N VAL P 268 -0.32 63.78 -10.45
CA VAL P 268 0.40 63.55 -11.70
C VAL P 268 1.75 64.27 -11.71
N ILE P 269 1.77 65.55 -11.31
CA ILE P 269 3.02 66.29 -11.23
C ILE P 269 3.99 65.69 -10.21
N ALA P 270 3.46 65.21 -9.09
CA ALA P 270 4.28 64.53 -8.08
C ALA P 270 4.98 63.34 -8.69
N HIS P 271 4.23 62.55 -9.46
CA HIS P 271 4.79 61.39 -10.14
C HIS P 271 5.87 61.76 -11.16
N LEU P 272 5.63 62.81 -11.93
CA LEU P 272 6.60 63.26 -12.91
C LEU P 272 7.91 63.69 -12.23
N CYS P 273 7.78 64.53 -11.21
CA CYS P 273 8.90 64.98 -10.38
C CYS P 273 9.70 63.81 -9.81
N GLU P 274 8.99 62.82 -9.24
CA GLU P 274 9.67 61.65 -8.69
C GLU P 274 10.40 60.84 -9.77
N MET P 275 9.85 60.78 -10.98
CA MET P 275 10.54 60.12 -12.08
C MET P 275 11.89 60.80 -12.43
N TYR P 276 11.87 62.12 -12.55
CA TYR P 276 13.13 62.87 -12.69
C TYR P 276 14.06 62.70 -11.47
N ARG P 277 13.52 62.78 -10.26
CA ARG P 277 14.32 62.73 -9.04
C ARG P 277 15.05 61.39 -8.91
N ARG P 278 14.31 60.32 -9.15
CA ARG P 278 14.88 58.97 -9.04
C ARG P 278 15.85 58.65 -10.18
N SER P 279 15.86 59.47 -11.24
CA SER P 279 16.73 59.24 -12.38
C SER P 279 18.12 59.86 -12.21
N ILE P 280 18.32 60.67 -11.17
CA ILE P 280 19.63 61.24 -10.88
C ILE P 280 20.57 60.15 -10.36
N ASP Q 174 56.18 34.48 23.53
CA ASP Q 174 56.52 33.09 23.25
C ASP Q 174 55.31 32.20 23.50
N PRO Q 175 54.71 31.63 22.45
CA PRO Q 175 53.51 30.79 22.63
C PRO Q 175 53.75 29.57 23.50
N ASP Q 176 54.98 29.04 23.50
CA ASP Q 176 55.36 27.89 24.33
C ASP Q 176 55.31 28.22 25.83
N ARG Q 177 55.32 29.51 26.15
CA ARG Q 177 55.27 29.96 27.53
C ARG Q 177 53.87 30.48 27.94
N PHE Q 178 54.63 30.51 29.69
CA PHE Q 178 53.21 30.83 29.92
C PHE Q 178 52.70 30.00 31.08
N LEU Q 179 51.91 30.63 31.96
CA LEU Q 179 51.34 29.96 33.12
C LEU Q 179 50.64 28.63 32.78
N ARG Q 180 49.97 28.57 31.62
CA ARG Q 180 49.23 27.37 31.21
C ARG Q 180 50.11 26.25 30.62
N ASN Q 181 51.36 26.57 30.28
CA ASN Q 181 52.29 25.60 29.70
C ASN Q 181 53.37 25.09 30.66
N LEU Q 182 53.44 25.68 31.85
CA LEU Q 182 54.42 25.27 32.86
C LEU Q 182 54.02 23.95 33.52
N PRO Q 183 55.01 23.16 33.95
CA PRO Q 183 54.74 22.02 34.84
C PRO Q 183 54.03 22.50 36.11
N ALA Q 184 53.08 21.71 36.61
CA ALA Q 184 52.24 22.10 37.73
C ALA Q 184 53.00 22.65 38.94
N TYR Q 185 54.27 22.25 39.06
CA TYR Q 185 55.12 22.72 40.14
C TYR Q 185 55.59 24.17 39.91
N GLU Q 186 56.19 24.43 38.75
CA GLU Q 186 56.62 25.79 38.38
C GLU Q 186 55.40 26.71 38.25
N SER Q 187 54.28 26.13 37.80
CA SER Q 187 52.99 26.79 37.72
C SER Q 187 52.54 27.29 39.10
N GLN Q 188 52.60 26.41 40.09
CA GLN Q 188 52.31 26.74 41.48
C GLN Q 188 53.25 27.85 41.98
N LYS Q 189 54.53 27.76 41.62
CA LYS Q 189 55.54 28.74 42.02
C LYS Q 189 55.28 30.15 41.47
N LEU Q 190 54.89 30.21 40.20
CA LEU Q 190 54.56 31.49 39.57
C LEU Q 190 53.28 32.06 40.18
N HIS Q 191 52.29 31.20 40.35
CA HIS Q 191 51.02 31.60 40.96
C HIS Q 191 51.27 32.21 42.35
N GLN Q 192 52.09 31.55 43.16
CA GLN Q 192 52.45 32.03 44.48
C GLN Q 192 53.17 33.38 44.44
N ALA Q 193 54.08 33.54 43.47
CA ALA Q 193 54.79 34.79 43.29
C ALA Q 193 53.83 35.91 42.86
N MET Q 194 52.86 35.55 42.02
CA MET Q 194 51.86 36.53 41.60
C MET Q 194 50.95 36.94 42.76
N GLN Q 195 50.65 35.97 43.64
CA GLN Q 195 49.92 36.25 44.88
C GLN Q 195 50.68 37.18 45.84
N THR Q 196 51.97 36.93 46.01
CA THR Q 196 52.81 37.77 46.87
C THR Q 196 52.84 39.20 46.35
N SER Q 197 53.02 39.31 45.04
CA SER Q 197 53.03 40.61 44.38
C SER Q 197 51.69 41.32 44.53
N TYR Q 198 50.60 40.57 44.34
CA TYR Q 198 49.26 41.13 44.47
C TYR Q 198 48.96 41.60 45.90
N ARG Q 199 49.36 40.79 46.88
CA ARG Q 199 49.24 41.16 48.29
C ARG Q 199 49.91 42.51 48.58
N GLU Q 200 51.09 42.68 47.99
CA GLU Q 200 51.86 43.92 48.13
C GLU Q 200 51.10 45.12 47.52
N ILE Q 201 50.45 44.90 46.38
CA ILE Q 201 49.59 45.95 45.81
C ILE Q 201 48.45 46.31 46.78
N VAL Q 202 47.75 45.29 47.28
CA VAL Q 202 46.58 45.47 48.12
C VAL Q 202 46.97 46.23 49.40
N LEU Q 203 47.97 45.72 50.10
CA LEU Q 203 48.43 46.32 51.35
C LEU Q 203 48.84 47.77 51.15
N SER Q 204 49.37 48.09 49.98
CA SER Q 204 49.87 49.44 49.74
C SER Q 204 48.87 50.39 49.05
N TYR Q 205 47.77 49.85 48.53
CA TYR Q 205 46.89 50.59 47.63
C TYR Q 205 46.38 51.93 48.17
N PHE Q 206 45.85 51.91 49.38
CA PHE Q 206 45.30 53.12 49.99
C PHE Q 206 46.27 53.81 50.97
N SER Q 207 47.54 53.38 50.95
CA SER Q 207 48.60 54.02 51.74
C SER Q 207 49.24 55.16 50.95
N PRO Q 208 49.45 56.31 51.56
CA PRO Q 208 50.13 57.42 50.90
C PRO Q 208 51.63 57.14 50.75
N ASN Q 209 52.24 57.72 49.73
CA ASN Q 209 53.69 57.59 49.46
C ASN Q 209 54.25 56.16 49.46
N SER Q 210 53.40 55.16 49.23
CA SER Q 210 53.85 53.79 49.03
C SER Q 210 54.34 53.65 47.59
N ASN Q 211 55.01 52.54 47.31
CA ASN Q 211 55.55 52.28 45.97
C ASN Q 211 54.56 51.47 45.13
N LEU Q 212 53.34 52.01 45.00
CA LEU Q 212 52.21 51.29 44.40
C LEU Q 212 52.40 51.00 42.92
N ASN Q 213 52.78 52.02 42.14
CA ASN Q 213 52.96 51.87 40.71
C ASN Q 213 54.01 50.80 40.35
N GLN Q 214 55.14 50.81 41.06
CA GLN Q 214 56.17 49.78 40.93
C GLN Q 214 55.60 48.38 41.22
N SER Q 215 54.78 48.28 42.26
CA SER Q 215 54.18 47.00 42.65
C SER Q 215 53.19 46.52 41.59
N ILE Q 216 52.37 47.43 41.07
CA ILE Q 216 51.46 47.09 39.97
C ILE Q 216 52.24 46.64 38.73
N ASP Q 217 53.26 47.40 38.33
CA ASP Q 217 54.06 47.06 37.15
C ASP Q 217 54.68 45.67 37.26
N ASN Q 218 55.31 45.40 38.40
CA ASN Q 218 55.84 44.08 38.72
C ASN Q 218 54.83 42.93 38.51
N PHE Q 219 53.61 43.09 39.04
CA PHE Q 219 52.59 42.07 38.89
C PHE Q 219 52.22 41.92 37.43
N VAL Q 220 52.03 43.07 36.79
CA VAL Q 220 51.52 43.12 35.43
C VAL Q 220 52.52 42.56 34.42
N ASN Q 221 53.81 42.78 34.68
CA ASN Q 221 54.86 42.14 33.88
C ASN Q 221 54.81 40.62 33.93
N MET Q 222 54.61 40.06 35.12
CA MET Q 222 54.41 38.62 35.24
C MET Q 222 53.15 38.19 34.46
N ALA Q 223 52.04 38.90 34.68
CA ALA Q 223 50.77 38.56 34.01
C ALA Q 223 50.86 38.59 32.48
N PHE Q 224 51.55 39.60 31.96
CA PHE Q 224 51.70 39.81 30.52
C PHE Q 224 52.62 38.75 29.89
N PHE Q 225 53.81 38.59 30.49
CA PHE Q 225 54.84 37.73 29.91
C PHE Q 225 54.55 36.26 30.10
N ALA Q 226 53.76 35.92 31.11
CA ALA Q 226 53.27 34.57 31.27
C ALA Q 226 51.90 34.37 30.61
N ASP Q 227 51.46 35.40 29.89
CA ASP Q 227 50.22 35.38 29.13
C ASP Q 227 49.04 34.82 29.94
N VAL Q 228 48.82 35.39 31.11
CA VAL Q 228 47.71 34.91 31.94
C VAL Q 228 46.41 35.58 31.47
N PRO Q 229 45.31 34.82 31.43
CA PRO Q 229 44.00 35.39 31.11
C PRO Q 229 43.53 36.33 32.25
N VAL Q 230 42.65 37.27 31.94
CA VAL Q 230 42.13 38.17 32.97
C VAL Q 230 41.45 37.41 34.12
N THR Q 231 40.74 36.34 33.80
CA THR Q 231 40.10 35.54 34.87
C THR Q 231 41.09 35.08 35.94
N LYS Q 232 42.35 34.83 35.56
CA LYS Q 232 43.35 34.39 36.54
C LYS Q 232 43.71 35.53 37.50
N VAL Q 233 43.75 36.76 36.99
CA VAL Q 233 43.98 37.93 37.84
C VAL Q 233 42.82 38.13 38.84
N VAL Q 234 41.59 38.01 38.33
CA VAL Q 234 40.41 38.06 39.19
C VAL Q 234 40.49 36.99 40.27
N GLU Q 235 40.89 35.78 39.92
CA GLU Q 235 40.96 34.73 40.91
C GLU Q 235 42.03 34.95 41.97
N ILE Q 236 43.18 35.50 41.57
CA ILE Q 236 44.21 35.89 42.52
C ILE Q 236 43.66 36.95 43.48
N HIS Q 237 43.02 37.98 42.91
CA HIS Q 237 42.33 39.00 43.70
C HIS Q 237 41.38 38.35 44.74
N MET Q 238 40.55 37.43 44.28
CA MET Q 238 39.55 36.76 45.13
C MET Q 238 40.18 35.95 46.24
N GLU Q 239 41.29 35.26 45.92
CA GLU Q 239 42.09 34.54 46.90
C GLU Q 239 42.61 35.47 48.01
N LEU Q 240 43.12 36.64 47.62
CA LEU Q 240 43.64 37.57 48.61
C LEU Q 240 42.53 38.21 49.46
N MET Q 241 41.37 38.44 48.85
CA MET Q 241 40.22 38.95 49.58
C MET Q 241 39.75 37.95 50.64
N ASP Q 242 39.78 36.66 50.28
CA ASP Q 242 39.57 35.57 51.23
C ASP Q 242 40.48 35.75 52.44
N GLU Q 243 41.79 35.73 52.18
CA GLU Q 243 42.83 35.92 53.20
C GLU Q 243 42.63 37.19 54.05
N PHE Q 244 42.22 38.28 53.41
CA PHE Q 244 42.01 39.54 54.12
C PHE Q 244 40.73 39.53 54.95
N ALA Q 245 39.69 38.89 54.43
CA ALA Q 245 38.41 38.77 55.14
C ALA Q 245 38.59 38.04 56.47
N LYS Q 246 39.43 37.02 56.48
CA LYS Q 246 39.79 36.29 57.69
C LYS Q 246 40.61 37.15 58.65
N LYS Q 247 41.57 37.89 58.09
CA LYS Q 247 42.39 38.82 58.88
C LYS Q 247 41.54 39.88 59.59
N LEU Q 248 40.53 40.42 58.89
CA LEU Q 248 39.64 41.44 59.44
C LEU Q 248 38.69 40.90 60.51
N ARG Q 249 38.14 39.70 60.29
CA ARG Q 249 37.17 39.11 61.21
C ARG Q 249 37.81 38.63 62.52
N VAL Q 250 39.12 38.38 62.50
CA VAL Q 250 39.86 38.03 63.72
C VAL Q 250 40.55 39.26 64.33
N GLU Q 251 39.90 40.41 64.21
CA GLU Q 251 40.43 41.67 64.74
C GLU Q 251 39.32 42.65 65.13
N GLY Q 252 38.11 42.39 64.66
CA GLY Q 252 36.97 43.24 64.95
C GLY Q 252 36.50 44.10 63.79
N ARG Q 253 37.41 44.35 62.85
CA ARG Q 253 37.14 45.21 61.69
C ARG Q 253 36.08 44.61 60.76
N SER Q 254 35.29 45.48 60.15
CA SER Q 254 34.19 45.08 59.27
C SER Q 254 34.69 44.57 57.92
N GLU Q 255 34.00 43.56 57.37
CA GLU Q 255 34.36 42.95 56.10
C GLU Q 255 33.76 43.70 54.90
N ASP Q 256 33.61 45.01 55.04
CA ASP Q 256 33.03 45.84 53.99
C ASP Q 256 34.03 46.83 53.43
N ILE Q 257 35.17 46.95 54.11
CA ILE Q 257 36.29 47.70 53.58
C ILE Q 257 36.86 46.95 52.36
N LEU Q 258 36.55 45.66 52.27
CA LEU Q 258 37.03 44.78 51.21
C LEU Q 258 36.51 45.20 49.84
N LEU Q 259 35.30 45.77 49.79
CA LEU Q 259 34.71 46.15 48.50
C LEU Q 259 35.34 47.39 47.88
N ASP Q 260 36.09 48.14 48.68
CA ASP Q 260 36.89 49.23 48.14
C ASP Q 260 38.05 48.71 47.31
N TYR Q 261 38.48 47.48 47.60
CA TYR Q 261 39.57 46.87 46.83
C TYR Q 261 39.15 46.44 45.42
N ARG Q 262 37.87 46.59 45.10
CA ARG Q 262 37.45 46.46 43.71
C ARG Q 262 38.19 47.49 42.86
N LEU Q 263 38.54 48.61 43.46
CA LEU Q 263 39.30 49.67 42.79
C LEU Q 263 40.70 49.20 42.43
N THR Q 264 41.34 48.52 43.37
CA THR Q 264 42.59 47.81 43.13
C THR Q 264 42.50 46.90 41.91
N LEU Q 265 41.49 46.03 41.89
CA LEU Q 265 41.31 45.08 40.78
C LEU Q 265 41.09 45.79 39.45
N ILE Q 266 40.24 46.81 39.45
CA ILE Q 266 40.07 47.68 38.29
C ILE Q 266 41.40 48.26 37.82
N ASP Q 267 42.41 47.99 38.12
CA ASP Q 267 43.56 48.80 37.73
C ASP Q 267 44.59 48.00 36.91
N VAL Q 268 44.90 46.82 37.41
CA VAL Q 268 45.88 45.96 36.78
C VAL Q 268 45.41 45.45 35.40
N ILE Q 269 44.19 44.92 35.33
CA ILE Q 269 43.64 44.49 34.04
C ILE Q 269 43.52 45.63 33.02
N ALA Q 270 43.16 46.84 33.50
CA ALA Q 270 43.09 48.03 32.64
C ALA Q 270 44.46 48.34 32.05
N HIS Q 271 45.49 48.29 32.90
CA HIS Q 271 46.86 48.47 32.43
C HIS Q 271 47.26 47.42 31.38
N LEU Q 272 46.96 46.15 31.66
CA LEU Q 272 47.21 45.11 30.67
C LEU Q 272 46.45 45.38 29.37
N CYS Q 273 45.19 45.74 29.47
CA CYS Q 273 44.37 46.06 28.29
C CYS Q 273 45.01 47.16 27.43
N GLU Q 274 45.49 48.22 28.07
CA GLU Q 274 46.11 49.35 27.36
C GLU Q 274 47.38 48.96 26.66
N MET Q 275 48.15 48.08 27.29
CA MET Q 275 49.37 47.59 26.67
C MET Q 275 49.04 46.85 25.37
N TYR Q 276 48.05 45.96 25.40
CA TYR Q 276 47.56 45.35 24.16
C TYR Q 276 47.07 46.39 23.15
N ARG Q 277 46.25 47.32 23.62
CA ARG Q 277 45.68 48.38 22.77
C ARG Q 277 46.77 49.24 22.10
N ARG Q 278 47.79 49.58 22.88
CA ARG Q 278 48.95 50.34 22.44
C ARG Q 278 49.77 49.57 21.43
N SER Q 279 49.65 48.25 21.45
CA SER Q 279 50.50 47.39 20.64
C SER Q 279 50.07 47.30 19.17
N ILE Q 280 48.84 47.71 18.89
CA ILE Q 280 48.28 47.67 17.52
C ILE Q 280 48.90 48.74 16.63
N PRO Q 281 49.61 48.34 15.58
CA PRO Q 281 50.25 49.31 14.66
C PRO Q 281 49.26 50.28 14.02
N ARG Q 282 49.71 51.53 13.86
CA ARG Q 282 48.91 52.65 13.31
C ARG Q 282 47.71 53.01 14.17
N ASP R 174 42.05 52.08 11.28
CA ASP R 174 42.24 53.34 10.60
C ASP R 174 42.67 54.43 11.60
N PRO R 175 43.94 54.86 11.53
CA PRO R 175 44.45 55.86 12.49
C PRO R 175 43.66 57.17 12.48
N ASP R 176 43.05 57.52 11.35
CA ASP R 176 42.23 58.73 11.25
C ASP R 176 40.98 58.64 12.14
N ARG R 177 40.60 57.40 12.50
CA ARG R 177 39.46 57.19 13.39
C ARG R 177 39.85 56.86 14.85
N PHE R 178 41.15 56.93 15.15
CA PHE R 178 41.63 56.87 16.54
C PHE R 178 41.19 58.13 17.26
N LEU R 179 40.77 57.97 18.51
CA LEU R 179 40.32 59.08 19.32
C LEU R 179 41.32 60.25 19.32
N ARG R 180 42.61 59.96 19.50
CA ARG R 180 43.64 61.01 19.54
C ARG R 180 43.77 61.82 18.23
N ASN R 181 43.25 61.26 17.13
CA ASN R 181 43.36 61.90 15.81
C ASN R 181 42.08 62.60 15.32
N LEU R 182 41.02 62.52 16.11
CA LEU R 182 39.73 63.08 15.69
C LEU R 182 39.66 64.56 15.97
N PRO R 183 39.08 65.34 15.05
CA PRO R 183 38.77 66.75 15.32
C PRO R 183 37.71 66.84 16.43
N ALA R 184 37.55 68.03 17.00
CA ALA R 184 36.67 68.24 18.14
C ALA R 184 35.27 67.69 17.92
N TYR R 185 34.68 67.93 16.74
CA TYR R 185 33.32 67.48 16.47
C TYR R 185 33.22 65.96 16.54
N GLU R 186 34.11 65.27 15.81
CA GLU R 186 34.13 63.80 15.74
C GLU R 186 34.46 63.18 17.10
N SER R 187 35.36 63.84 17.84
CA SER R 187 35.70 63.41 19.20
C SER R 187 34.49 63.47 20.13
N GLN R 188 33.69 64.55 20.07
CA GLN R 188 32.51 64.59 20.95
C GLN R 188 31.44 63.59 20.51
N LYS R 189 31.29 63.40 19.20
CA LYS R 189 30.38 62.38 18.67
C LYS R 189 30.75 61.00 19.18
N LEU R 190 32.04 60.67 19.12
CA LEU R 190 32.50 59.38 19.62
C LEU R 190 32.25 59.24 21.13
N HIS R 191 32.52 60.31 21.87
CA HIS R 191 32.32 60.36 23.31
C HIS R 191 30.87 60.02 23.65
N GLN R 192 29.95 60.72 23.01
CA GLN R 192 28.52 60.53 23.21
C GLN R 192 28.06 59.13 22.77
N ALA R 193 28.54 58.67 21.62
CA ALA R 193 28.24 57.31 21.14
C ALA R 193 28.67 56.24 22.15
N MET R 194 29.87 56.42 22.71
CA MET R 194 30.38 55.47 23.69
C MET R 194 29.64 55.52 25.03
N GLN R 195 29.22 56.72 25.46
CA GLN R 195 28.40 56.87 26.66
C GLN R 195 27.04 56.19 26.50
N THR R 196 26.42 56.32 25.32
CA THR R 196 25.13 55.70 25.06
C THR R 196 25.25 54.18 25.07
N SER R 197 26.33 53.68 24.47
CA SER R 197 26.54 52.23 24.47
C SER R 197 26.80 51.70 25.89
N TYR R 198 27.63 52.42 26.66
CA TYR R 198 27.94 52.03 28.02
C TYR R 198 26.68 52.05 28.92
N ARG R 199 25.81 53.04 28.71
CA ARG R 199 24.53 53.11 29.44
C ARG R 199 23.69 51.84 29.25
N GLU R 200 23.69 51.29 28.05
CA GLU R 200 22.98 50.03 27.77
C GLU R 200 23.56 48.88 28.62
N ILE R 201 24.89 48.89 28.81
CA ILE R 201 25.50 47.87 29.65
C ILE R 201 25.03 48.03 31.08
N VAL R 202 25.09 49.27 31.56
CA VAL R 202 24.72 49.56 32.95
C VAL R 202 23.27 49.11 33.21
N LEU R 203 22.35 49.51 32.34
CA LEU R 203 20.92 49.19 32.47
C LEU R 203 20.61 47.69 32.48
N SER R 204 21.38 46.93 31.72
CA SER R 204 21.11 45.50 31.59
C SER R 204 21.99 44.61 32.46
N TYR R 205 22.98 45.19 33.15
CA TYR R 205 24.00 44.40 33.82
C TYR R 205 23.44 43.43 34.88
N PHE R 206 22.55 43.93 35.73
CA PHE R 206 21.95 43.15 36.81
C PHE R 206 20.51 42.73 36.46
N SER R 207 20.21 42.67 35.17
CA SER R 207 18.87 42.31 34.70
C SER R 207 18.85 40.91 34.08
N PRO R 208 17.83 40.12 34.43
CA PRO R 208 17.64 38.79 33.83
C PRO R 208 17.25 38.89 32.36
N ASN R 209 17.69 37.92 31.57
CA ASN R 209 17.42 37.84 30.12
C ASN R 209 17.76 39.13 29.38
N SER R 210 18.87 39.73 29.78
CA SER R 210 19.43 40.87 29.08
C SER R 210 20.54 40.38 28.16
N ASN R 211 20.64 41.03 27.01
CA ASN R 211 21.65 40.75 25.99
C ASN R 211 23.00 41.32 26.39
N LEU R 212 23.48 40.96 27.58
CA LEU R 212 24.64 41.61 28.19
C LEU R 212 25.92 41.49 27.37
N ASN R 213 26.28 40.28 26.95
CA ASN R 213 27.51 40.05 26.21
C ASN R 213 27.56 40.87 24.93
N GLN R 214 26.43 40.97 24.26
CA GLN R 214 26.29 41.75 23.03
C GLN R 214 26.49 43.25 23.28
N SER R 215 25.94 43.73 24.40
CA SER R 215 26.06 45.14 24.73
C SER R 215 27.50 45.49 25.12
N ILE R 216 28.19 44.58 25.82
CA ILE R 216 29.60 44.76 26.14
C ILE R 216 30.47 44.78 24.86
N ASP R 217 30.24 43.83 23.96
CA ASP R 217 31.00 43.74 22.71
C ASP R 217 30.86 44.99 21.86
N ASN R 218 29.64 45.53 21.80
CA ASN R 218 29.36 46.77 21.08
C ASN R 218 30.26 47.90 21.58
N PHE R 219 30.31 48.06 22.89
CA PHE R 219 31.11 49.13 23.48
C PHE R 219 32.60 48.87 23.24
N VAL R 220 33.03 47.63 23.49
CA VAL R 220 34.46 47.26 23.45
C VAL R 220 35.00 47.38 22.03
N ASN R 221 34.15 47.07 21.06
CA ASN R 221 34.51 47.28 19.66
C ASN R 221 34.88 48.73 19.38
N MET R 222 34.09 49.66 19.90
CA MET R 222 34.45 51.06 19.69
C MET R 222 35.74 51.43 20.42
N ALA R 223 35.90 50.96 21.66
CA ALA R 223 37.13 51.27 22.41
C ALA R 223 38.38 50.73 21.74
N PHE R 224 38.27 49.51 21.22
CA PHE R 224 39.37 48.84 20.52
C PHE R 224 39.72 49.51 19.19
N PHE R 225 38.73 49.66 18.31
CA PHE R 225 38.97 50.20 16.98
C PHE R 225 39.31 51.70 16.91
N ALA R 226 38.82 52.46 17.90
CA ALA R 226 39.21 53.85 18.09
C ALA R 226 40.47 53.98 18.92
N ASP R 227 41.05 52.85 19.33
CA ASP R 227 42.26 52.83 20.16
C ASP R 227 42.17 53.79 21.34
N VAL R 228 41.12 53.63 22.13
CA VAL R 228 40.88 54.50 23.28
C VAL R 228 41.76 54.01 24.47
N PRO R 229 42.45 54.92 25.16
CA PRO R 229 43.15 54.56 26.39
C PRO R 229 42.16 54.05 27.43
N VAL R 230 42.57 53.08 28.23
CA VAL R 230 41.67 52.44 29.21
C VAL R 230 41.10 53.46 30.22
N THR R 231 41.91 54.47 30.51
CA THR R 231 41.48 55.61 31.31
C THR R 231 40.17 56.27 30.82
N LYS R 232 39.95 56.31 29.49
CA LYS R 232 38.72 56.90 28.97
C LYS R 232 37.51 56.01 29.19
N VAL R 233 37.74 54.71 29.28
CA VAL R 233 36.66 53.79 29.59
C VAL R 233 36.26 54.03 31.05
N VAL R 234 37.25 54.22 31.92
CA VAL R 234 37.00 54.52 33.33
C VAL R 234 36.21 55.83 33.43
N GLU R 235 36.66 56.84 32.67
CA GLU R 235 36.02 58.15 32.62
C GLU R 235 34.54 58.05 32.24
N ILE R 236 34.27 57.31 31.15
CA ILE R 236 32.91 57.10 30.66
C ILE R 236 32.05 56.44 31.76
N HIS R 237 32.58 55.42 32.42
CA HIS R 237 31.90 54.78 33.54
C HIS R 237 31.49 55.81 34.59
N MET R 238 32.45 56.64 34.99
CA MET R 238 32.24 57.63 36.04
C MET R 238 31.25 58.71 35.62
N GLU R 239 31.29 59.08 34.35
CA GLU R 239 30.33 60.02 33.78
C GLU R 239 28.90 59.46 33.86
N LEU R 240 28.75 58.18 33.52
CA LEU R 240 27.45 57.51 33.63
C LEU R 240 27.00 57.37 35.08
N MET R 241 27.92 56.99 35.98
CA MET R 241 27.61 56.96 37.41
C MET R 241 27.10 58.33 37.94
N ASP R 242 27.70 59.42 37.49
CA ASP R 242 27.18 60.76 37.81
C ASP R 242 25.72 60.96 37.36
N GLU R 243 25.45 60.59 36.11
CA GLU R 243 24.12 60.66 35.52
C GLU R 243 23.11 59.84 36.32
N PHE R 244 23.47 58.59 36.64
CA PHE R 244 22.60 57.76 37.46
C PHE R 244 22.43 58.29 38.90
N ALA R 245 23.49 58.86 39.47
CA ALA R 245 23.43 59.45 40.81
C ALA R 245 22.45 60.62 40.92
N LYS R 246 22.33 61.39 39.84
CA LYS R 246 21.38 62.49 39.76
C LYS R 246 19.95 61.96 39.66
N LYS R 247 19.77 60.90 38.88
CA LYS R 247 18.47 60.24 38.71
C LYS R 247 18.01 59.56 40.02
N LEU R 248 18.96 59.03 40.78
CA LEU R 248 18.66 58.41 42.06
C LEU R 248 18.26 59.42 43.14
N ARG R 249 18.92 60.57 43.14
CA ARG R 249 18.65 61.63 44.10
C ARG R 249 17.22 62.16 43.97
N VAL R 250 16.75 62.28 42.73
CA VAL R 250 15.38 62.70 42.44
C VAL R 250 14.40 61.63 42.92
N GLU R 251 14.82 60.38 42.89
CA GLU R 251 14.00 59.26 43.34
C GLU R 251 13.99 59.09 44.86
N GLY R 252 14.83 59.87 45.55
CA GLY R 252 15.05 59.71 46.98
C GLY R 252 15.76 58.41 47.31
N ARG R 253 16.48 57.87 46.33
CA ARG R 253 17.23 56.63 46.48
C ARG R 253 18.69 56.93 46.81
N SER R 254 19.29 56.02 47.58
CA SER R 254 20.70 56.14 47.98
C SER R 254 21.65 55.94 46.80
N GLU R 255 22.66 56.81 46.72
CA GLU R 255 23.67 56.73 45.68
C GLU R 255 24.69 55.60 45.89
N ASP R 256 24.56 54.86 47.00
CA ASP R 256 25.48 53.76 47.33
C ASP R 256 25.31 52.54 46.45
N ILE R 257 24.11 52.34 45.93
CA ILE R 257 23.84 51.17 45.08
C ILE R 257 24.65 51.24 43.77
N LEU R 258 25.17 52.42 43.47
CA LEU R 258 25.99 52.62 42.28
C LEU R 258 27.33 51.92 42.39
N LEU R 259 27.77 51.69 43.63
CA LEU R 259 29.00 50.94 43.92
C LEU R 259 28.98 49.53 43.34
N ASP R 260 27.79 48.94 43.23
CA ASP R 260 27.61 47.64 42.60
C ASP R 260 28.12 47.62 41.14
N TYR R 261 28.09 48.79 40.49
CA TYR R 261 28.50 48.92 39.10
C TYR R 261 30.02 48.88 38.88
N ARG R 262 30.80 48.85 39.96
CA ARG R 262 32.22 48.61 39.84
C ARG R 262 32.49 47.28 39.17
N LEU R 263 31.59 46.33 39.42
CA LEU R 263 31.63 45.01 38.82
C LEU R 263 31.49 45.07 37.31
N THR R 264 30.65 45.99 36.84
CA THR R 264 30.43 46.23 35.41
C THR R 264 31.73 46.72 34.77
N LEU R 265 32.37 47.68 35.44
CA LEU R 265 33.60 48.26 34.94
C LEU R 265 34.71 47.21 34.85
N ILE R 266 34.86 46.42 35.90
CA ILE R 266 35.76 45.28 35.88
C ILE R 266 35.50 44.41 34.63
N ASP R 267 34.23 44.06 34.42
CA ASP R 267 33.80 43.22 33.30
C ASP R 267 34.11 43.83 31.94
N VAL R 268 33.79 45.11 31.76
CA VAL R 268 34.06 45.77 30.48
C VAL R 268 35.56 45.85 30.19
N ILE R 269 36.35 46.26 31.18
CA ILE R 269 37.80 46.33 31.00
C ILE R 269 38.40 44.94 30.76
N ALA R 270 37.88 43.92 31.44
CA ALA R 270 38.31 42.53 31.22
C ALA R 270 38.13 42.16 29.77
N HIS R 271 36.95 42.49 29.23
CA HIS R 271 36.64 42.21 27.83
C HIS R 271 37.57 42.95 26.87
N LEU R 272 37.84 44.22 27.14
CA LEU R 272 38.73 45.00 26.30
C LEU R 272 40.14 44.39 26.28
N CYS R 273 40.67 44.10 27.47
CA CYS R 273 41.95 43.44 27.64
C CYS R 273 42.03 42.12 26.87
N GLU R 274 41.00 41.29 27.00
CA GLU R 274 40.97 40.03 26.28
C GLU R 274 40.94 40.21 24.76
N MET R 275 40.27 41.25 24.29
CA MET R 275 40.29 41.56 22.85
C MET R 275 41.71 41.89 22.34
N TYR R 276 42.42 42.74 23.06
CA TYR R 276 43.84 42.97 22.76
C TYR R 276 44.69 41.68 22.89
N ARG R 277 44.48 40.94 23.97
CA ARG R 277 45.30 39.74 24.26
C ARG R 277 45.16 38.70 23.16
N ARG R 278 43.91 38.44 22.76
CA ARG R 278 43.64 37.46 21.74
C ARG R 278 44.06 37.91 20.33
N SER R 279 44.36 39.20 20.17
CA SER R 279 44.76 39.74 18.88
C SER R 279 46.27 39.62 18.61
N ILE R 280 47.05 39.22 19.63
CA ILE R 280 48.48 39.00 19.46
C ILE R 280 48.71 37.73 18.63
N ASP S 174 18.63 2.43 -67.85
CA ASP S 174 18.08 3.71 -67.46
C ASP S 174 17.03 3.50 -66.36
N PRO S 175 17.31 3.92 -65.12
CA PRO S 175 16.37 3.70 -64.01
C PRO S 175 15.02 4.38 -64.23
N ASP S 176 15.00 5.50 -64.96
CA ASP S 176 13.77 6.22 -65.29
C ASP S 176 12.85 5.41 -66.20
N ARG S 177 13.41 4.40 -66.86
CA ARG S 177 12.64 3.53 -67.75
C ARG S 177 12.31 2.16 -67.12
N PHE S 178 11.21 1.96 -68.65
CA PHE S 178 10.88 0.77 -67.84
C PHE S 178 9.38 0.61 -67.80
N LEU S 179 8.92 -0.63 -67.92
CA LEU S 179 7.49 -0.96 -67.89
C LEU S 179 6.75 -0.33 -66.69
N ARG S 180 7.41 -0.25 -65.53
CA ARG S 180 6.79 0.27 -64.31
C ARG S 180 6.75 1.81 -64.23
N ASN S 181 7.52 2.48 -65.11
CA ASN S 181 7.58 3.94 -65.13
C ASN S 181 6.82 4.60 -66.28
N LEU S 182 6.31 3.79 -67.21
CA LEU S 182 5.56 4.30 -68.36
C LEU S 182 4.16 4.73 -67.94
N PRO S 183 3.59 5.73 -68.63
CA PRO S 183 2.16 6.04 -68.51
C PRO S 183 1.32 4.79 -68.85
N ALA S 184 0.22 4.58 -68.13
CA ALA S 184 -0.58 3.36 -68.26
C ALA S 184 -0.95 3.01 -69.71
N TYR S 185 -0.96 4.01 -70.57
CA TYR S 185 -1.26 3.81 -71.98
C TYR S 185 -0.08 3.17 -72.72
N GLU S 186 1.09 3.79 -72.63
CA GLU S 186 2.31 3.25 -73.25
C GLU S 186 2.68 1.90 -72.59
N SER S 187 2.38 1.79 -71.29
CA SER S 187 2.52 0.54 -70.52
C SER S 187 1.69 -0.57 -71.13
N GLN S 188 0.42 -0.28 -71.40
CA GLN S 188 -0.49 -1.21 -72.08
C GLN S 188 0.06 -1.61 -73.46
N LYS S 189 0.60 -0.62 -74.18
CA LYS S 189 1.15 -0.84 -75.53
C LYS S 189 2.37 -1.77 -75.53
N LEU S 190 3.26 -1.59 -74.56
CA LEU S 190 4.43 -2.45 -74.43
C LEU S 190 4.01 -3.85 -74.02
N HIS S 191 3.10 -3.93 -73.05
CA HIS S 191 2.58 -5.20 -72.59
C HIS S 191 1.98 -6.00 -73.77
N GLN S 192 1.17 -5.33 -74.58
CA GLN S 192 0.59 -5.94 -75.76
C GLN S 192 1.62 -6.41 -76.77
N ALA S 193 2.67 -5.62 -76.97
CA ALA S 193 3.76 -5.99 -77.86
C ALA S 193 4.53 -7.19 -77.31
N MET S 194 4.69 -7.23 -75.98
CA MET S 194 5.35 -8.37 -75.35
C MET S 194 4.52 -9.64 -75.46
N GLN S 195 3.19 -9.48 -75.37
CA GLN S 195 2.25 -10.59 -75.61
C GLN S 195 2.29 -11.13 -77.05
N THR S 196 2.34 -10.22 -78.03
CA THR S 196 2.44 -10.62 -79.43
C THR S 196 3.71 -11.40 -79.69
N SER S 197 4.81 -10.88 -79.14
CA SER S 197 6.10 -11.53 -79.26
C SER S 197 6.08 -12.91 -78.59
N TYR S 198 5.49 -12.98 -77.40
CA TYR S 198 5.40 -14.24 -76.66
C TYR S 198 4.55 -15.28 -77.41
N ARG S 199 3.42 -14.83 -77.96
CA ARG S 199 2.56 -15.70 -78.78
C ARG S 199 3.36 -16.33 -79.93
N GLU S 200 4.20 -15.51 -80.55
CA GLU S 200 5.06 -15.96 -81.65
C GLU S 200 6.04 -17.03 -81.18
N ILE S 201 6.61 -16.86 -79.99
CA ILE S 201 7.47 -17.90 -79.41
C ILE S 201 6.68 -19.21 -79.22
N VAL S 202 5.51 -19.10 -78.60
CA VAL S 202 4.70 -20.27 -78.26
C VAL S 202 4.31 -21.04 -79.53
N LEU S 203 3.71 -20.32 -80.48
CA LEU S 203 3.27 -20.92 -81.73
C LEU S 203 4.42 -21.62 -82.46
N SER S 204 5.63 -21.08 -82.33
CA SER S 204 6.77 -21.62 -83.06
C SER S 204 7.61 -22.64 -82.27
N TYR S 205 7.40 -22.74 -80.96
CA TYR S 205 8.31 -23.46 -80.07
C TYR S 205 8.60 -24.91 -80.48
N PHE S 206 7.55 -25.68 -80.75
CA PHE S 206 7.70 -27.08 -81.11
C PHE S 206 7.64 -27.33 -82.62
N SER S 207 7.71 -26.26 -83.41
CA SER S 207 7.79 -26.34 -84.87
C SER S 207 9.24 -26.44 -85.33
N PRO S 208 9.54 -27.36 -86.25
CA PRO S 208 10.89 -27.46 -86.80
C PRO S 208 11.20 -26.29 -87.72
N ASN S 209 12.48 -25.95 -87.83
CA ASN S 209 12.96 -24.86 -88.71
C ASN S 209 12.23 -23.52 -88.63
N SER S 210 11.56 -23.28 -87.50
CA SER S 210 10.98 -21.96 -87.23
C SER S 210 12.08 -21.02 -86.75
N ASN S 211 11.77 -19.73 -86.69
CA ASN S 211 12.76 -18.73 -86.27
C ASN S 211 12.64 -18.45 -84.76
N LEU S 212 12.75 -19.52 -83.97
CA LEU S 212 12.47 -19.50 -82.53
C LEU S 212 13.45 -18.63 -81.75
N ASN S 213 14.75 -18.82 -81.97
CA ASN S 213 15.77 -18.05 -81.26
C ASN S 213 15.64 -16.55 -81.46
N GLN S 214 15.40 -16.13 -82.71
CA GLN S 214 15.12 -14.73 -83.03
C GLN S 214 13.90 -14.21 -82.25
N SER S 215 12.86 -15.02 -82.18
CA SER S 215 11.62 -14.65 -81.48
C SER S 215 11.86 -14.52 -79.97
N ILE S 216 12.61 -15.46 -79.40
CA ILE S 216 12.99 -15.37 -77.99
C ILE S 216 13.84 -14.12 -77.72
N ASP S 217 14.86 -13.88 -78.56
CA ASP S 217 15.73 -12.72 -78.37
C ASP S 217 14.94 -11.41 -78.39
N ASN S 218 14.08 -11.25 -79.40
CA ASN S 218 13.17 -10.12 -79.49
C ASN S 218 12.36 -9.87 -78.19
N PHE S 219 11.76 -10.92 -77.64
CA PHE S 219 10.97 -10.79 -76.42
C PHE S 219 11.88 -10.36 -75.29
N VAL S 220 13.03 -11.03 -75.19
CA VAL S 220 13.94 -10.87 -74.08
C VAL S 220 14.59 -9.50 -74.07
N ASN S 221 14.87 -8.96 -75.26
CA ASN S 221 15.33 -7.58 -75.39
C ASN S 221 14.34 -6.56 -74.82
N MET S 222 13.05 -6.74 -75.11
CA MET S 222 12.03 -5.90 -74.50
C MET S 222 12.03 -6.09 -72.98
N ALA S 223 12.03 -7.33 -72.52
CA ALA S 223 12.00 -7.63 -71.08
C ALA S 223 13.17 -7.02 -70.32
N PHE S 224 14.36 -7.11 -70.91
CA PHE S 224 15.60 -6.62 -70.30
C PHE S 224 15.65 -5.09 -70.26
N PHE S 225 15.40 -4.48 -71.42
CA PHE S 225 15.55 -3.04 -71.56
C PHE S 225 14.43 -2.26 -70.91
N ALA S 226 13.27 -2.89 -70.75
CA ALA S 226 12.19 -2.30 -69.99
C ALA S 226 12.23 -2.74 -68.53
N ASP S 227 13.28 -3.47 -68.17
CA ASP S 227 13.53 -3.94 -66.80
C ASP S 227 12.29 -4.56 -66.18
N VAL S 228 11.70 -5.53 -66.86
CA VAL S 228 10.52 -6.19 -66.32
C VAL S 228 10.95 -7.27 -65.32
N PRO S 229 10.23 -7.40 -64.21
CA PRO S 229 10.51 -8.49 -63.25
C PRO S 229 10.11 -9.85 -63.87
N VAL S 230 10.70 -10.93 -63.38
CA VAL S 230 10.36 -12.26 -63.88
C VAL S 230 8.87 -12.58 -63.74
N THR S 231 8.25 -12.15 -62.64
CA THR S 231 6.81 -12.37 -62.46
C THR S 231 5.98 -11.85 -63.63
N LYS S 232 6.42 -10.76 -64.27
CA LYS S 232 5.67 -10.20 -65.40
C LYS S 232 5.75 -11.14 -66.62
N VAL S 233 6.90 -11.78 -66.81
CA VAL S 233 7.05 -12.78 -67.88
C VAL S 233 6.14 -13.99 -67.63
N VAL S 234 6.13 -14.47 -66.39
CA VAL S 234 5.23 -15.55 -65.99
C VAL S 234 3.78 -15.17 -66.26
N GLU S 235 3.39 -13.93 -65.93
CA GLU S 235 2.02 -13.54 -66.15
C GLU S 235 1.64 -13.43 -67.63
N ILE S 236 2.56 -12.95 -68.46
CA ILE S 236 2.35 -12.95 -69.91
C ILE S 236 2.15 -14.39 -70.41
N HIS S 237 3.05 -15.29 -69.98
CA HIS S 237 2.92 -16.71 -70.28
C HIS S 237 1.52 -17.23 -69.91
N MET S 238 1.07 -16.92 -68.68
CA MET S 238 -0.21 -17.39 -68.16
C MET S 238 -1.39 -16.84 -68.95
N GLU S 239 -1.29 -15.57 -69.36
CA GLU S 239 -2.28 -14.94 -70.25
C GLU S 239 -2.40 -15.68 -71.58
N LEU S 240 -1.25 -16.04 -72.17
CA LEU S 240 -1.28 -16.74 -73.46
C LEU S 240 -1.80 -18.18 -73.32
N MET S 241 -1.49 -18.82 -72.19
CA MET S 241 -2.02 -20.16 -71.92
C MET S 241 -3.55 -20.14 -71.80
N ASP S 242 -4.07 -19.08 -71.15
CA ASP S 242 -5.50 -18.81 -71.12
C ASP S 242 -6.06 -18.83 -72.54
N GLU S 243 -5.55 -17.92 -73.38
CA GLU S 243 -5.93 -17.79 -74.79
C GLU S 243 -5.84 -19.11 -75.57
N PHE S 244 -4.79 -19.89 -75.31
CA PHE S 244 -4.59 -21.15 -76.00
C PHE S 244 -5.54 -22.24 -75.49
N ALA S 245 -5.80 -22.25 -74.18
CA ALA S 245 -6.72 -23.21 -73.58
C ALA S 245 -8.13 -23.08 -74.18
N LYS S 246 -8.55 -21.84 -74.44
CA LYS S 246 -9.81 -21.58 -75.12
C LYS S 246 -9.79 -22.03 -76.59
N LYS S 247 -8.67 -21.77 -77.26
CA LYS S 247 -8.48 -22.20 -78.65
C LYS S 247 -8.58 -23.72 -78.78
N LEU S 248 -7.97 -24.45 -77.84
CA LEU S 248 -7.97 -25.92 -77.85
C LEU S 248 -9.35 -26.53 -77.53
N ARG S 249 -10.06 -25.94 -76.56
CA ARG S 249 -11.35 -26.46 -76.14
C ARG S 249 -12.46 -26.22 -77.17
N VAL S 250 -12.27 -25.23 -78.05
CA VAL S 250 -13.22 -24.99 -79.14
C VAL S 250 -12.73 -25.65 -80.45
N GLU S 251 -12.10 -26.82 -80.31
CA GLU S 251 -11.59 -27.56 -81.45
C GLU S 251 -11.55 -29.07 -81.20
N GLY S 252 -11.66 -29.46 -79.93
CA GLY S 252 -11.64 -30.86 -79.55
C GLY S 252 -10.35 -31.32 -78.88
N ARG S 253 -9.27 -30.58 -79.12
CA ARG S 253 -7.95 -30.91 -78.59
C ARG S 253 -7.89 -30.79 -77.07
N SER S 254 -7.09 -31.66 -76.44
CA SER S 254 -6.97 -31.72 -74.99
C SER S 254 -6.14 -30.56 -74.42
N GLU S 255 -6.53 -30.09 -73.25
CA GLU S 255 -5.87 -28.95 -72.58
C GLU S 255 -4.67 -29.40 -71.74
N ASP S 256 -4.00 -30.46 -72.19
CA ASP S 256 -2.85 -31.01 -71.47
C ASP S 256 -1.57 -30.87 -72.28
N ILE S 257 -1.72 -30.51 -73.55
CA ILE S 257 -0.57 -30.15 -74.37
C ILE S 257 0.01 -28.83 -73.85
N LEU S 258 -0.81 -28.08 -73.11
CA LEU S 258 -0.43 -26.79 -72.55
C LEU S 258 0.72 -26.89 -71.56
N LEU S 259 0.81 -28.00 -70.83
CA LEU S 259 1.85 -28.14 -69.81
C LEU S 259 3.23 -28.40 -70.39
N ASP S 260 3.29 -28.76 -71.67
CA ASP S 260 4.57 -28.84 -72.37
C ASP S 260 5.16 -27.45 -72.59
N TYR S 261 4.30 -26.44 -72.62
CA TYR S 261 4.75 -25.05 -72.79
C TYR S 261 5.44 -24.49 -71.54
N ARG S 262 5.45 -25.25 -70.46
CA ARG S 262 6.30 -24.91 -69.32
C ARG S 262 7.76 -24.85 -69.77
N LEU S 263 8.09 -25.65 -70.79
CA LEU S 263 9.43 -25.67 -71.37
C LEU S 263 9.77 -24.35 -72.05
N THR S 264 8.80 -23.84 -72.81
CA THR S 264 8.86 -22.48 -73.35
C THR S 264 9.18 -21.46 -72.27
N LEU S 265 8.42 -21.46 -71.19
CA LEU S 265 8.60 -20.48 -70.10
C LEU S 265 9.98 -20.62 -69.46
N ILE S 266 10.40 -21.86 -69.19
CA ILE S 266 11.76 -22.14 -68.74
C ILE S 266 12.79 -21.55 -69.69
N ASP S 267 12.66 -20.86 -70.51
CA ASP S 267 13.74 -20.57 -71.45
C ASP S 267 14.11 -19.09 -71.48
N VAL S 268 13.09 -18.25 -71.56
CA VAL S 268 13.27 -16.81 -71.63
C VAL S 268 13.87 -16.24 -70.33
N ILE S 269 13.29 -16.59 -69.18
CA ILE S 269 13.84 -16.13 -67.90
C ILE S 269 15.29 -16.64 -67.66
N ALA S 270 15.57 -17.87 -68.10
CA ALA S 270 16.93 -18.43 -68.00
C ALA S 270 17.92 -17.59 -68.81
N HIS S 271 17.51 -17.24 -70.04
CA HIS S 271 18.31 -16.36 -70.88
C HIS S 271 18.54 -14.99 -70.21
N LEU S 272 17.49 -14.38 -69.68
CA LEU S 272 17.63 -13.14 -68.95
C LEU S 272 18.59 -13.29 -67.76
N CYS S 273 18.42 -14.38 -67.00
CA CYS S 273 19.28 -14.65 -65.84
C CYS S 273 20.77 -14.70 -66.24
N GLU S 274 21.07 -15.40 -67.34
CA GLU S 274 22.44 -15.54 -67.83
C GLU S 274 23.05 -14.22 -68.25
N MET S 275 22.22 -13.37 -68.85
CA MET S 275 22.69 -12.05 -69.25
C MET S 275 23.13 -11.25 -68.02
N TYR S 276 22.31 -11.25 -66.97
CA TYR S 276 22.72 -10.67 -65.69
C TYR S 276 23.99 -11.32 -65.14
N ARG S 277 24.02 -12.65 -65.13
CA ARG S 277 25.16 -13.41 -64.62
C ARG S 277 26.46 -13.10 -65.36
N ARG S 278 26.34 -13.01 -66.69
CA ARG S 278 27.43 -12.66 -67.60
C ARG S 278 27.92 -11.24 -67.37
N SER S 279 27.06 -10.40 -66.80
CA SER S 279 27.35 -8.97 -66.69
C SER S 279 28.29 -8.64 -65.53
N ILE S 280 28.44 -9.57 -64.58
CA ILE S 280 29.28 -9.37 -63.40
C ILE S 280 30.77 -9.42 -63.78
N PRO S 281 31.49 -8.30 -63.56
CA PRO S 281 32.92 -8.25 -63.89
C PRO S 281 33.76 -9.29 -63.14
N ARG S 282 34.75 -9.83 -63.84
CA ARG S 282 35.66 -10.89 -63.35
C ARG S 282 34.94 -12.21 -63.05
N ASP T 174 35.10 -13.94 -56.88
CA ASP T 174 36.44 -14.45 -57.11
C ASP T 174 36.47 -15.32 -58.38
N PRO T 175 37.10 -14.82 -59.45
CA PRO T 175 37.14 -15.57 -60.71
C PRO T 175 37.75 -16.96 -60.59
N ASP T 176 38.66 -17.15 -59.64
CA ASP T 176 39.28 -18.46 -59.41
C ASP T 176 38.24 -19.49 -58.93
N ARG T 177 37.12 -19.00 -58.40
CA ARG T 177 36.04 -19.87 -57.96
C ARG T 177 34.85 -19.95 -58.94
N PHE T 178 34.99 -19.31 -60.11
CA PHE T 178 34.03 -19.50 -61.20
C PHE T 178 34.16 -20.91 -61.74
N LEU T 179 33.03 -21.53 -62.05
CA LEU T 179 32.99 -22.88 -62.58
C LEU T 179 33.97 -23.08 -63.75
N ARG T 180 33.98 -22.15 -64.70
CA ARG T 180 34.87 -22.27 -65.88
C ARG T 180 36.37 -22.26 -65.54
N ASN T 181 36.72 -21.79 -64.35
CA ASN T 181 38.11 -21.68 -63.92
C ASN T 181 38.59 -22.76 -62.96
N LEU T 182 37.69 -23.66 -62.57
CA LEU T 182 38.01 -24.68 -61.56
C LEU T 182 38.72 -25.86 -62.21
N PRO T 183 39.74 -26.41 -61.55
CA PRO T 183 40.33 -27.69 -61.97
C PRO T 183 39.29 -28.81 -61.83
N ALA T 184 39.57 -29.95 -62.46
CA ALA T 184 38.63 -31.07 -62.51
C ALA T 184 38.10 -31.46 -61.13
N TYR T 185 38.97 -31.54 -60.13
CA TYR T 185 38.55 -31.96 -58.79
C TYR T 185 37.54 -30.99 -58.20
N GLU T 186 37.88 -29.70 -58.22
CA GLU T 186 37.03 -28.63 -57.66
C GLU T 186 35.72 -28.50 -58.44
N SER T 187 35.79 -28.69 -59.76
CA SER T 187 34.61 -28.68 -60.61
C SER T 187 33.64 -29.81 -60.24
N GLN T 188 34.15 -31.02 -60.00
CA GLN T 188 33.22 -32.11 -59.62
C GLN T 188 32.67 -31.90 -58.21
N LYS T 189 33.49 -31.37 -57.31
CA LYS T 189 33.02 -31.03 -55.96
C LYS T 189 31.88 -30.03 -56.02
N LEU T 190 32.05 -28.99 -56.83
CA LEU T 190 31.00 -27.98 -56.98
C LEU T 190 29.72 -28.61 -57.58
N HIS T 191 29.91 -29.46 -58.58
CA HIS T 191 28.80 -30.15 -59.24
C HIS T 191 27.97 -30.94 -58.22
N GLN T 192 28.67 -31.74 -57.43
CA GLN T 192 28.04 -32.56 -56.40
C GLN T 192 27.39 -31.70 -55.31
N ALA T 193 28.07 -30.66 -54.86
CA ALA T 193 27.52 -29.72 -53.87
C ALA T 193 26.22 -29.09 -54.37
N MET T 194 26.20 -28.69 -55.64
CA MET T 194 25.02 -28.07 -56.22
C MET T 194 23.87 -29.06 -56.42
N GLN T 195 24.18 -30.30 -56.79
CA GLN T 195 23.17 -31.37 -56.89
C GLN T 195 22.53 -31.67 -55.54
N THR T 196 23.34 -31.69 -54.47
CA THR T 196 22.82 -31.95 -53.12
C THR T 196 21.90 -30.83 -52.68
N SER T 197 22.30 -29.59 -52.97
CA SER T 197 21.47 -28.45 -52.60
C SER T 197 20.15 -28.45 -53.39
N TYR T 198 20.23 -28.73 -54.70
CA TYR T 198 19.05 -28.78 -55.54
C TYR T 198 18.08 -29.90 -55.09
N ARG T 199 18.62 -31.04 -54.69
CA ARG T 199 17.80 -32.14 -54.16
C ARG T 199 16.95 -31.71 -52.97
N GLU T 200 17.51 -30.87 -52.10
CA GLU T 200 16.76 -30.32 -50.96
C GLU T 200 15.57 -29.49 -51.44
N ILE T 201 15.76 -28.75 -52.54
CA ILE T 201 14.65 -27.97 -53.10
C ILE T 201 13.56 -28.91 -53.60
N VAL T 202 13.98 -29.92 -54.36
CA VAL T 202 13.05 -30.87 -54.96
C VAL T 202 12.21 -31.54 -53.85
N LEU T 203 12.88 -32.06 -52.83
CA LEU T 203 12.22 -32.75 -51.71
C LEU T 203 11.21 -31.90 -50.95
N SER T 204 11.50 -30.61 -50.81
CA SER T 204 10.65 -29.74 -50.02
C SER T 204 9.66 -28.90 -50.85
N TYR T 205 9.76 -28.96 -52.17
CA TYR T 205 9.02 -28.02 -53.02
C TYR T 205 7.49 -28.08 -52.83
N PHE T 206 6.96 -29.30 -52.82
CA PHE T 206 5.52 -29.52 -52.68
C PHE T 206 5.16 -29.99 -51.27
N SER T 207 6.00 -29.64 -50.30
CA SER T 207 5.80 -30.04 -48.91
C SER T 207 5.40 -28.85 -48.04
N PRO T 208 4.38 -29.04 -47.19
CA PRO T 208 3.96 -28.00 -46.23
C PRO T 208 5.01 -27.78 -45.15
N ASN T 209 5.13 -26.53 -44.70
CA ASN T 209 6.08 -26.11 -43.67
C ASN T 209 7.52 -26.51 -43.98
N SER T 210 7.87 -26.40 -45.25
CA SER T 210 9.24 -26.59 -45.69
C SER T 210 9.90 -25.24 -45.84
N ASN T 211 11.19 -25.20 -45.51
CA ASN T 211 12.01 -24.01 -45.60
C ASN T 211 12.42 -23.72 -47.04
N LEU T 212 11.42 -23.62 -47.93
CA LEU T 212 11.66 -23.59 -49.37
C LEU T 212 12.52 -22.42 -49.84
N ASN T 213 12.17 -21.20 -49.43
CA ASN T 213 12.89 -20.01 -49.87
C ASN T 213 14.37 -20.08 -49.50
N GLN T 214 14.64 -20.60 -48.31
CA GLN T 214 16.01 -20.76 -47.80
C GLN T 214 16.79 -21.78 -48.64
N SER T 215 16.12 -22.87 -49.02
CA SER T 215 16.78 -23.90 -49.80
C SER T 215 17.07 -23.41 -51.23
N ILE T 216 16.16 -22.60 -51.80
CA ILE T 216 16.38 -21.99 -53.11
C ILE T 216 17.57 -21.00 -53.06
N ASP T 217 17.59 -20.15 -52.04
CA ASP T 217 18.66 -19.15 -51.88
C ASP T 217 20.02 -19.79 -51.76
N ASN T 218 20.10 -20.88 -51.02
CA ASN T 218 21.33 -21.66 -50.85
C ASN T 218 21.88 -22.09 -52.22
N PHE T 219 21.02 -22.65 -53.03
CA PHE T 219 21.44 -23.12 -54.35
C PHE T 219 21.83 -21.95 -55.25
N VAL T 220 20.99 -20.92 -55.26
CA VAL T 220 21.15 -19.76 -56.16
C VAL T 220 22.41 -18.99 -55.83
N ASN T 221 22.74 -18.93 -54.54
CA ASN T 221 24.00 -18.32 -54.12
C ASN T 221 25.20 -19.01 -54.77
N MET T 222 25.19 -20.34 -54.79
CA MET T 222 26.29 -21.02 -55.45
C MET T 222 26.30 -20.75 -56.97
N ALA T 223 25.13 -20.78 -57.60
CA ALA T 223 25.06 -20.54 -59.05
C ALA T 223 25.55 -19.14 -59.41
N PHE T 224 25.16 -18.16 -58.61
CA PHE T 224 25.53 -16.76 -58.81
C PHE T 224 27.03 -16.52 -58.56
N PHE T 225 27.52 -16.90 -57.40
CA PHE T 225 28.92 -16.64 -57.04
C PHE T 225 29.98 -17.46 -57.80
N ALA T 226 29.58 -18.65 -58.26
CA ALA T 226 30.41 -19.46 -59.15
C ALA T 226 30.18 -19.08 -60.62
N ASP T 227 29.32 -18.10 -60.86
CA ASP T 227 29.00 -17.64 -62.22
C ASP T 227 28.69 -18.80 -63.17
N VAL T 228 27.73 -19.63 -62.75
CA VAL T 228 27.35 -20.81 -63.51
C VAL T 228 26.40 -20.38 -64.65
N PRO T 229 26.61 -20.85 -65.88
CA PRO T 229 25.64 -20.63 -66.96
C PRO T 229 24.31 -21.26 -66.60
N VAL T 230 23.21 -20.62 -67.00
CA VAL T 230 21.87 -21.10 -66.64
C VAL T 230 21.60 -22.53 -67.14
N THR T 231 22.20 -22.85 -68.28
CA THR T 231 22.21 -24.21 -68.80
C THR T 231 22.65 -25.29 -67.80
N LYS T 232 23.61 -24.96 -66.91
CA LYS T 232 24.06 -25.92 -65.92
C LYS T 232 23.04 -26.14 -64.81
N VAL T 233 22.23 -25.11 -64.56
CA VAL T 233 21.16 -25.25 -63.58
C VAL T 233 20.12 -26.21 -64.19
N VAL T 234 19.83 -26.05 -65.48
CA VAL T 234 18.90 -26.94 -66.18
C VAL T 234 19.45 -28.38 -66.12
N GLU T 235 20.74 -28.52 -66.41
CA GLU T 235 21.43 -29.82 -66.36
C GLU T 235 21.28 -30.49 -65.00
N ILE T 236 21.57 -29.75 -63.94
CA ILE T 236 21.46 -30.26 -62.57
C ILE T 236 20.02 -30.74 -62.29
N HIS T 237 19.03 -29.93 -62.68
CA HIS T 237 17.63 -30.32 -62.56
C HIS T 237 17.37 -31.69 -63.21
N MET T 238 17.83 -31.82 -64.45
CA MET T 238 17.62 -33.03 -65.23
C MET T 238 18.34 -34.24 -64.65
N GLU T 239 19.53 -34.00 -64.12
CA GLU T 239 20.30 -35.03 -63.42
C GLU T 239 19.52 -35.55 -62.19
N LEU T 240 18.95 -34.62 -61.43
CA LEU T 240 18.14 -34.99 -60.27
C LEU T 240 16.84 -35.71 -60.68
N MET T 241 16.19 -35.22 -61.74
CA MET T 241 15.01 -35.92 -62.28
C MET T 241 15.34 -37.37 -62.68
N ASP T 242 16.50 -37.60 -63.28
CA ASP T 242 16.95 -38.98 -63.55
C ASP T 242 17.05 -39.84 -62.29
N GLU T 243 17.69 -39.28 -61.26
CA GLU T 243 17.84 -39.92 -59.95
C GLU T 243 16.48 -40.28 -59.35
N PHE T 244 15.56 -39.31 -59.34
CA PHE T 244 14.22 -39.57 -58.84
C PHE T 244 13.43 -40.57 -59.70
N ALA T 245 13.61 -40.52 -61.01
CA ALA T 245 12.97 -41.47 -61.94
C ALA T 245 13.37 -42.93 -61.69
N LYS T 246 14.62 -43.14 -61.28
CA LYS T 246 15.12 -44.46 -60.92
C LYS T 246 14.51 -44.92 -59.60
N LYS T 247 14.39 -44.01 -58.65
CA LYS T 247 13.77 -44.28 -57.35
C LYS T 247 12.28 -44.57 -57.47
N LEU T 248 11.61 -43.90 -58.41
CA LEU T 248 10.19 -44.14 -58.67
C LEU T 248 9.93 -45.48 -59.33
N ARG T 249 10.80 -45.88 -60.25
CA ARG T 249 10.66 -47.15 -60.95
C ARG T 249 10.73 -48.35 -60.00
N VAL T 250 11.62 -48.26 -59.01
CA VAL T 250 11.74 -49.27 -57.97
C VAL T 250 10.48 -49.31 -57.11
N GLU T 251 9.84 -48.16 -56.96
CA GLU T 251 8.59 -48.06 -56.19
C GLU T 251 7.36 -48.50 -56.98
N GLY T 252 7.54 -48.79 -58.27
CA GLY T 252 6.43 -49.09 -59.15
C GLY T 252 5.56 -47.87 -59.39
N ARG T 253 6.14 -46.69 -59.20
CA ARG T 253 5.46 -45.42 -59.39
C ARG T 253 5.75 -44.85 -60.78
N SER T 254 4.77 -44.13 -61.33
CA SER T 254 4.90 -43.51 -62.64
C SER T 254 5.89 -42.35 -62.64
N GLU T 255 6.74 -42.30 -63.66
CA GLU T 255 7.73 -41.24 -63.81
C GLU T 255 7.12 -39.90 -64.29
N ASP T 256 5.81 -39.88 -64.52
CA ASP T 256 5.10 -38.68 -65.01
C ASP T 256 4.97 -37.59 -63.95
N ILE T 257 4.94 -38.00 -62.68
CA ILE T 257 4.78 -37.04 -61.60
C ILE T 257 5.99 -36.10 -61.50
N LEU T 258 7.09 -36.49 -62.16
CA LEU T 258 8.30 -35.69 -62.18
C LEU T 258 8.12 -34.41 -62.99
N LEU T 259 7.16 -34.45 -63.93
CA LEU T 259 6.79 -33.29 -64.73
C LEU T 259 6.35 -32.09 -63.89
N ASP T 260 5.76 -32.38 -62.72
CA ASP T 260 5.39 -31.35 -61.75
C ASP T 260 6.59 -30.47 -61.34
N TYR T 261 7.79 -31.06 -61.38
CA TYR T 261 9.01 -30.38 -60.96
C TYR T 261 9.53 -29.34 -61.96
N ARG T 262 8.91 -29.25 -63.13
CA ARG T 262 9.21 -28.16 -64.05
C ARG T 262 8.94 -26.82 -63.39
N LEU T 263 7.96 -26.81 -62.50
CA LEU T 263 7.59 -25.64 -61.73
C LEU T 263 8.73 -25.21 -60.81
N THR T 264 9.43 -26.19 -60.25
CA THR T 264 10.59 -25.94 -59.39
C THR T 264 11.69 -25.26 -60.18
N LEU T 265 11.94 -25.79 -61.38
CA LEU T 265 12.98 -25.26 -62.24
C LEU T 265 12.68 -23.81 -62.64
N ILE T 266 11.44 -23.56 -63.06
CA ILE T 266 10.98 -22.20 -63.29
C ILE T 266 11.31 -21.29 -62.09
N ASP T 267 10.94 -21.75 -60.91
CA ASP T 267 11.14 -21.01 -59.66
C ASP T 267 12.61 -20.74 -59.36
N VAL T 268 13.45 -21.76 -59.49
CA VAL T 268 14.88 -21.59 -59.21
C VAL T 268 15.53 -20.62 -60.21
N ILE T 269 15.24 -20.79 -61.50
CA ILE T 269 15.78 -19.88 -62.52
C ILE T 269 15.27 -18.44 -62.32
N ALA T 270 13.99 -18.30 -61.93
CA ALA T 270 13.41 -17.00 -61.64
C ALA T 270 14.21 -16.31 -60.56
N HIS T 271 14.52 -17.06 -59.50
CA HIS T 271 15.32 -16.53 -58.40
C HIS T 271 16.72 -16.12 -58.82
N LEU T 272 17.36 -16.94 -59.64
CA LEU T 272 18.70 -16.62 -60.13
C LEU T 272 18.70 -15.33 -60.95
N CYS T 273 17.76 -15.25 -61.89
CA CYS T 273 17.55 -14.06 -62.72
C CYS T 273 17.32 -12.81 -61.87
N GLU T 274 16.45 -12.91 -60.87
CA GLU T 274 16.20 -11.77 -59.99
C GLU T 274 17.45 -11.36 -59.20
N MET T 275 18.26 -12.33 -58.80
CA MET T 275 19.53 -12.00 -58.14
C MET T 275 20.47 -11.17 -59.04
N TYR T 276 20.65 -11.58 -60.28
CA TYR T 276 21.37 -10.76 -61.26
C TYR T 276 20.69 -9.40 -61.50
N ARG T 277 19.37 -9.40 -61.67
CA ARG T 277 18.62 -8.18 -62.02
C ARG T 277 18.76 -7.12 -60.92
N ARG T 278 18.59 -7.56 -59.68
CA ARG T 278 18.68 -6.67 -58.54
C ARG T 278 20.11 -6.20 -58.25
N SER T 279 21.10 -6.85 -58.86
CA SER T 279 22.49 -6.50 -58.64
C SER T 279 22.99 -5.39 -59.57
N ILE T 280 22.19 -5.03 -60.57
CA ILE T 280 22.55 -3.92 -61.48
C ILE T 280 22.43 -2.59 -60.72
N ASP U 174 68.80 -12.26 5.35
CA ASP U 174 68.26 -12.93 4.17
C ASP U 174 66.82 -13.34 4.44
N PRO U 175 65.85 -12.70 3.76
CA PRO U 175 64.43 -13.03 4.00
C PRO U 175 64.07 -14.48 3.68
N ASP U 176 64.78 -15.08 2.72
CA ASP U 176 64.58 -16.48 2.35
C ASP U 176 64.96 -17.45 3.48
N ARG U 177 65.74 -16.96 4.45
CA ARG U 177 66.16 -17.75 5.58
C ARG U 177 65.38 -17.42 6.88
N PHE U 178 66.27 -18.95 7.56
CA PHE U 178 65.34 -18.59 8.65
C PHE U 178 64.65 -19.85 9.12
N LEU U 179 64.49 -19.96 10.43
CA LEU U 179 63.82 -21.11 11.05
C LEU U 179 62.46 -21.44 10.43
N ARG U 180 61.71 -20.41 10.03
CA ARG U 180 60.36 -20.61 9.45
C ARG U 180 60.36 -21.02 7.97
N ASN U 181 61.51 -20.88 7.30
CA ASN U 181 61.63 -21.22 5.88
C ASN U 181 62.38 -22.54 5.60
N LEU U 182 62.95 -23.14 6.63
CA LEU U 182 63.68 -24.39 6.50
C LEU U 182 62.72 -25.57 6.32
N PRO U 183 63.15 -26.61 5.60
CA PRO U 183 62.42 -27.89 5.61
C PRO U 183 62.32 -28.43 7.04
N ALA U 184 61.18 -29.04 7.37
CA ALA U 184 60.89 -29.46 8.74
C ALA U 184 62.01 -30.28 9.39
N TYR U 185 62.84 -30.92 8.57
CA TYR U 185 63.96 -31.69 9.06
C TYR U 185 65.11 -30.80 9.53
N GLU U 186 65.56 -29.89 8.67
CA GLU U 186 66.62 -28.93 9.02
C GLU U 186 66.12 -28.00 10.13
N SER U 187 64.81 -27.70 10.09
CA SER U 187 64.12 -26.93 11.13
C SER U 187 64.25 -27.60 12.49
N GLN U 188 63.95 -28.90 12.53
CA GLN U 188 64.13 -29.71 13.74
C GLN U 188 65.58 -29.69 14.21
N LYS U 189 66.52 -29.78 13.26
CA LYS U 189 67.96 -29.78 13.57
C LYS U 189 68.44 -28.47 14.20
N LEU U 190 67.96 -27.34 13.67
CA LEU U 190 68.31 -26.04 14.22
C LEU U 190 67.68 -25.87 15.60
N HIS U 191 66.41 -26.25 15.72
CA HIS U 191 65.71 -26.17 16.98
C HIS U 191 66.46 -26.96 18.07
N GLN U 192 66.89 -28.17 17.73
CA GLN U 192 67.66 -29.01 18.63
C GLN U 192 68.99 -28.38 19.04
N ALA U 193 69.66 -27.76 18.07
CA ALA U 193 70.92 -27.07 18.32
C ALA U 193 70.69 -25.85 19.22
N MET U 194 69.58 -25.16 19.02
CA MET U 194 69.24 -24.02 19.86
C MET U 194 68.91 -24.46 21.29
N GLN U 195 68.26 -25.63 21.42
CA GLN U 195 68.01 -26.25 22.71
C GLN U 195 69.30 -26.66 23.46
N THR U 196 70.25 -27.24 22.73
CA THR U 196 71.53 -27.63 23.33
C THR U 196 72.27 -26.41 23.84
N SER U 197 72.29 -25.37 23.01
CA SER U 197 72.91 -24.11 23.37
C SER U 197 72.23 -23.48 24.58
N TYR U 198 70.90 -23.50 24.60
CA TYR U 198 70.13 -22.94 25.71
C TYR U 198 70.39 -23.71 27.02
N ARG U 199 70.41 -25.04 26.92
CA ARG U 199 70.74 -25.90 28.07
C ARG U 199 72.08 -25.50 28.69
N GLU U 200 73.05 -25.23 27.82
CA GLU U 200 74.38 -24.81 28.24
C GLU U 200 74.33 -23.46 28.98
N ILE U 201 73.52 -22.53 28.49
CA ILE U 201 73.31 -21.27 29.21
C ILE U 201 72.73 -21.54 30.62
N VAL U 202 71.67 -22.33 30.68
CA VAL U 202 70.95 -22.59 31.92
C VAL U 202 71.89 -23.24 32.95
N LEU U 203 72.52 -24.34 32.55
CA LEU U 203 73.44 -25.07 33.43
C LEU U 203 74.55 -24.18 33.96
N SER U 204 74.98 -23.22 33.15
CA SER U 204 76.10 -22.38 33.53
C SER U 204 75.71 -21.04 34.22
N TYR U 205 74.42 -20.68 34.14
CA TYR U 205 73.98 -19.33 34.49
C TYR U 205 74.40 -18.84 35.89
N PHE U 206 74.15 -19.67 36.90
CA PHE U 206 74.47 -19.30 38.27
C PHE U 206 75.80 -19.90 38.77
N SER U 207 76.59 -20.45 37.85
CA SER U 207 77.93 -20.96 38.15
C SER U 207 78.97 -19.84 38.00
N PRO U 208 79.88 -19.70 38.97
CA PRO U 208 80.96 -18.72 38.85
C PRO U 208 81.98 -19.14 37.81
N ASN U 209 82.65 -18.16 37.20
CA ASN U 209 83.71 -18.39 36.21
C ASN U 209 83.38 -19.36 35.06
N SER U 210 82.09 -19.54 34.78
CA SER U 210 81.66 -20.30 33.61
C SER U 210 81.75 -19.38 32.38
N ASN U 211 81.64 -19.97 31.20
CA ASN U 211 81.73 -19.21 29.96
C ASN U 211 80.34 -18.78 29.47
N LEU U 212 79.62 -18.07 30.35
CA LEU U 212 78.21 -17.74 30.16
C LEU U 212 77.97 -16.81 28.98
N ASN U 213 78.73 -15.70 28.92
CA ASN U 213 78.57 -14.72 27.85
C ASN U 213 78.76 -15.33 26.45
N GLN U 214 79.81 -16.15 26.30
CA GLN U 214 80.05 -16.90 25.07
C GLN U 214 78.85 -17.80 24.70
N SER U 215 78.28 -18.46 25.70
CA SER U 215 77.14 -19.35 25.51
C SER U 215 75.90 -18.57 25.09
N ILE U 216 75.66 -17.43 25.74
CA ILE U 216 74.56 -16.54 25.34
C ILE U 216 74.76 -16.03 23.91
N ASP U 217 75.95 -15.54 23.58
CA ASP U 217 76.23 -15.03 22.24
C ASP U 217 75.96 -16.08 21.16
N ASN U 218 76.51 -17.26 21.36
CA ASN U 218 76.25 -18.41 20.50
C ASN U 218 74.75 -18.65 20.22
N PHE U 219 73.94 -18.67 21.27
CA PHE U 219 72.51 -18.90 21.13
C PHE U 219 71.90 -17.76 20.32
N VAL U 220 72.28 -16.54 20.71
CA VAL U 220 71.68 -15.33 20.18
C VAL U 220 72.03 -15.13 18.71
N ASN U 221 73.25 -15.52 18.32
CA ASN U 221 73.63 -15.53 16.91
C ASN U 221 72.73 -16.44 16.06
N MET U 222 72.44 -17.63 16.56
CA MET U 222 71.50 -18.50 15.88
C MET U 222 70.11 -17.84 15.82
N ALA U 223 69.63 -17.31 16.94
CA ALA U 223 68.31 -16.69 17.00
C ALA U 223 68.16 -15.51 16.04
N PHE U 224 69.20 -14.68 15.96
CA PHE U 224 69.22 -13.50 15.12
C PHE U 224 69.29 -13.83 13.63
N PHE U 225 70.26 -14.69 13.28
CA PHE U 225 70.52 -14.99 11.87
C PHE U 225 69.49 -15.93 11.27
N ALA U 226 68.82 -16.70 12.10
CA ALA U 226 67.69 -17.50 11.65
C ALA U 226 66.36 -16.75 11.83
N ASP U 227 66.46 -15.50 12.25
CA ASP U 227 65.31 -14.60 12.42
C ASP U 227 64.18 -15.26 13.20
N VAL U 228 64.49 -15.79 14.37
CA VAL U 228 63.45 -16.43 15.17
C VAL U 228 62.69 -15.35 15.96
N PRO U 229 61.37 -15.49 16.07
CA PRO U 229 60.57 -14.58 16.91
C PRO U 229 60.88 -14.82 18.39
N VAL U 230 60.65 -13.81 19.22
CA VAL U 230 60.88 -13.96 20.66
C VAL U 230 60.10 -15.11 21.26
N THR U 231 58.86 -15.32 20.81
CA THR U 231 58.07 -16.45 21.32
C THR U 231 58.77 -17.79 21.19
N LYS U 232 59.60 -17.95 20.14
CA LYS U 232 60.33 -19.22 19.96
C LYS U 232 61.41 -19.40 21.03
N VAL U 233 62.04 -18.30 21.43
CA VAL U 233 63.02 -18.34 22.52
C VAL U 233 62.34 -18.70 23.85
N VAL U 234 61.19 -18.07 24.12
CA VAL U 234 60.39 -18.42 25.29
C VAL U 234 60.02 -19.89 25.29
N GLU U 235 59.63 -20.42 24.13
CA GLU U 235 59.24 -21.83 24.08
C GLU U 235 60.42 -22.78 24.30
N ILE U 236 61.58 -22.45 23.78
CA ILE U 236 62.80 -23.21 24.05
C ILE U 236 63.08 -23.20 25.56
N HIS U 237 63.05 -22.01 26.16
CA HIS U 237 63.19 -21.87 27.60
C HIS U 237 62.21 -22.80 28.35
N MET U 238 60.95 -22.77 27.95
CA MET U 238 59.89 -23.56 28.60
C MET U 238 60.12 -25.05 28.46
N GLU U 239 60.59 -25.47 27.29
CA GLU U 239 61.00 -26.86 27.04
C GLU U 239 62.11 -27.31 27.99
N LEU U 240 63.12 -26.46 28.18
CA LEU U 240 64.22 -26.82 29.07
C LEU U 240 63.80 -26.83 30.55
N MET U 241 62.89 -25.93 30.92
CA MET U 241 62.35 -25.92 32.28
C MET U 241 61.57 -27.22 32.57
N ASP U 242 60.81 -27.69 31.57
CA ASP U 242 60.19 -29.00 31.61
C ASP U 242 61.22 -30.07 31.98
N GLU U 243 62.24 -30.20 31.13
CA GLU U 243 63.35 -31.14 31.31
C GLU U 243 64.02 -31.02 32.69
N PHE U 244 64.20 -29.79 33.16
CA PHE U 244 64.85 -29.55 34.45
C PHE U 244 63.93 -29.89 35.62
N ALA U 245 62.64 -29.59 35.47
CA ALA U 245 61.65 -29.89 36.51
C ALA U 245 61.58 -31.39 36.79
N LYS U 246 61.70 -32.20 35.74
CA LYS U 246 61.77 -33.66 35.86
C LYS U 246 63.08 -34.10 36.53
N LYS U 247 64.19 -33.48 36.13
CA LYS U 247 65.49 -33.76 36.73
C LYS U 247 65.49 -33.48 38.25
N LEU U 248 64.87 -32.38 38.65
CA LEU U 248 64.80 -31.99 40.07
C LEU U 248 63.89 -32.90 40.90
N ARG U 249 62.75 -33.28 40.34
CA ARG U 249 61.76 -34.11 41.06
C ARG U 249 62.23 -35.56 41.24
N VAL U 250 63.14 -36.01 40.39
CA VAL U 250 63.74 -37.35 40.55
C VAL U 250 65.09 -37.28 41.29
N GLU U 251 65.18 -36.36 42.24
CA GLU U 251 66.40 -36.17 43.03
C GLU U 251 66.10 -35.63 44.44
N GLY U 252 64.89 -35.11 44.63
CA GLY U 252 64.48 -34.56 45.91
C GLY U 252 64.41 -33.05 45.96
N ARG U 253 65.14 -32.40 45.05
CA ARG U 253 65.23 -30.94 45.00
C ARG U 253 63.88 -30.30 44.63
N SER U 254 63.63 -29.11 45.18
CA SER U 254 62.36 -28.41 44.98
C SER U 254 62.28 -27.76 43.60
N GLU U 255 61.07 -27.75 43.03
CA GLU U 255 60.83 -27.20 41.69
C GLU U 255 60.57 -25.69 41.72
N ASP U 256 61.20 -25.00 42.67
CA ASP U 256 61.02 -23.57 42.83
C ASP U 256 62.31 -22.81 42.55
N ILE U 257 63.40 -23.55 42.42
CA ILE U 257 64.65 -22.98 41.96
C ILE U 257 64.52 -22.60 40.48
N LEU U 258 63.53 -23.23 39.82
CA LEU U 258 63.26 -23.01 38.40
C LEU U 258 62.86 -21.58 38.08
N LEU U 259 62.18 -20.91 39.01
CA LEU U 259 61.71 -19.55 38.76
C LEU U 259 62.82 -18.51 38.80
N ASP U 260 63.97 -18.88 39.35
CA ASP U 260 65.15 -18.03 39.24
C ASP U 260 65.69 -17.98 37.82
N TYR U 261 65.39 -19.01 37.03
CA TYR U 261 65.82 -19.05 35.64
C TYR U 261 65.02 -18.10 34.74
N ARG U 262 64.00 -17.44 35.29
CA ARG U 262 63.37 -16.33 34.59
C ARG U 262 64.41 -15.24 34.29
N LEU U 263 65.43 -15.16 35.15
CA LEU U 263 66.53 -14.21 34.98
C LEU U 263 67.35 -14.55 33.74
N THR U 264 67.64 -15.84 33.57
CA THR U 264 68.23 -16.37 32.35
C THR U 264 67.46 -15.93 31.11
N LEU U 265 66.14 -16.16 31.11
CA LEU U 265 65.29 -15.81 29.97
C LEU U 265 65.31 -14.31 29.69
N ILE U 266 65.19 -13.50 30.74
CA ILE U 266 65.35 -12.06 30.63
C ILE U 266 66.69 -11.70 30.01
N ASP U 267 67.40 -12.33 29.50
CA ASP U 267 68.73 -11.84 29.12
C ASP U 267 69.00 -11.93 27.62
N VAL U 268 68.67 -13.08 27.06
CA VAL U 268 68.88 -13.34 25.64
C VAL U 268 68.00 -12.44 24.75
N ILE U 269 66.70 -12.39 25.03
CA ILE U 269 65.81 -11.51 24.26
C ILE U 269 66.19 -10.01 24.40
N ALA U 270 66.65 -9.60 25.58
CA ALA U 270 67.13 -8.23 25.81
C ALA U 270 68.33 -7.93 24.92
N HIS U 271 69.27 -8.87 24.86
CA HIS U 271 70.41 -8.75 23.98
C HIS U 271 69.98 -8.65 22.50
N LEU U 272 69.08 -9.51 22.06
CA LEU U 272 68.54 -9.42 20.72
C LEU U 272 67.88 -8.06 20.47
N CYS U 273 67.07 -7.61 21.42
CA CYS U 273 66.39 -6.31 21.31
C CYS U 273 67.39 -5.17 21.10
N GLU U 274 68.48 -5.17 21.88
CA GLU U 274 69.51 -4.12 21.80
C GLU U 274 70.21 -4.12 20.47
N MET U 275 70.44 -5.30 19.92
CA MET U 275 71.06 -5.42 18.61
C MET U 275 70.19 -4.74 17.55
N TYR U 276 68.89 -5.04 17.56
CA TYR U 276 67.95 -4.31 16.70
C TYR U 276 67.97 -2.80 16.96
N ARG U 277 67.90 -2.42 18.23
CA ARG U 277 67.91 -1.01 18.64
C ARG U 277 69.16 -0.26 18.16
N ARG U 278 70.30 -0.93 18.31
CA ARG U 278 71.60 -0.44 17.89
C ARG U 278 71.69 -0.30 16.38
N SER U 279 70.85 -1.05 15.67
CA SER U 279 70.94 -1.13 14.22
C SER U 279 70.32 0.07 13.49
N ILE U 280 69.49 0.83 14.21
CA ILE U 280 68.80 2.00 13.65
C ILE U 280 69.78 3.17 13.42
N PRO U 281 69.95 3.58 12.16
CA PRO U 281 70.88 4.69 11.84
C PRO U 281 70.51 6.00 12.54
N ARG U 282 71.54 6.73 12.96
CA ARG U 282 71.44 8.01 13.69
C ARG U 282 70.80 7.84 15.07
N ASP V 174 65.22 10.96 15.71
CA ASP V 174 65.97 12.17 15.95
C ASP V 174 67.09 11.92 16.98
N PRO V 175 68.36 11.91 16.54
CA PRO V 175 69.47 11.62 17.45
C PRO V 175 69.56 12.58 18.63
N ASP V 176 69.08 13.81 18.46
CA ASP V 176 69.07 14.80 19.55
C ASP V 176 68.13 14.36 20.69
N ARG V 177 67.20 13.46 20.38
CA ARG V 177 66.29 12.93 21.39
C ARG V 177 66.66 11.51 21.88
N PHE V 178 67.80 10.99 21.42
CA PHE V 178 68.36 9.76 21.98
C PHE V 178 68.83 10.04 23.41
N LEU V 179 68.59 9.08 24.29
CA LEU V 179 68.97 9.20 25.69
C LEU V 179 70.44 9.63 25.86
N ARG V 180 71.35 9.01 25.12
CA ARG V 180 72.78 9.33 25.23
C ARG V 180 73.13 10.78 24.84
N ASN V 181 72.23 11.44 24.12
CA ASN V 181 72.47 12.80 23.63
C ASN V 181 71.75 13.90 24.41
N LEU V 182 70.95 13.51 25.41
CA LEU V 182 70.14 14.48 26.16
C LEU V 182 70.97 15.15 27.23
N PRO V 183 70.79 16.45 27.44
CA PRO V 183 71.36 17.14 28.61
C PRO V 183 70.73 16.59 29.90
N ALA V 184 71.36 16.88 31.03
CA ALA V 184 70.94 16.33 32.33
C ALA V 184 69.45 16.53 32.60
N TYR V 185 68.92 17.73 32.32
CA TYR V 185 67.51 18.02 32.60
C TYR V 185 66.59 17.11 31.79
N GLU V 186 66.82 17.06 30.48
CA GLU V 186 66.01 16.26 29.55
C GLU V 186 66.14 14.76 29.83
N SER V 187 67.35 14.34 30.22
CA SER V 187 67.60 12.96 30.61
C SER V 187 66.80 12.56 31.85
N GLN V 188 66.74 13.43 32.87
CA GLN V 188 65.93 13.07 34.04
C GLN V 188 64.44 13.09 33.74
N LYS V 189 64.00 14.04 32.90
CA LYS V 189 62.61 14.09 32.47
C LYS V 189 62.22 12.81 31.76
N LEU V 190 63.08 12.33 30.85
CA LEU V 190 62.80 11.09 30.13
C LEU V 190 62.76 9.90 31.13
N HIS V 191 63.70 9.88 32.06
CA HIS V 191 63.78 8.83 33.07
C HIS V 191 62.47 8.73 33.84
N GLN V 192 62.01 9.87 34.34
CA GLN V 192 60.77 9.96 35.10
C GLN V 192 59.54 9.60 34.25
N ALA V 193 59.50 10.10 33.02
CA ALA V 193 58.42 9.77 32.08
C ALA V 193 58.34 8.26 31.83
N MET V 194 59.49 7.62 31.65
CA MET V 194 59.53 6.19 31.42
C MET V 194 59.16 5.36 32.66
N GLN V 195 59.56 5.82 33.85
CA GLN V 195 59.17 5.19 35.11
C GLN V 195 57.65 5.26 35.31
N THR V 196 57.05 6.40 35.00
CA THR V 196 55.59 6.56 35.14
C THR V 196 54.85 5.65 34.18
N SER V 197 55.35 5.55 32.96
CA SER V 197 54.72 4.66 31.98
C SER V 197 54.85 3.19 32.40
N TYR V 198 56.05 2.81 32.86
CA TYR V 198 56.30 1.44 33.31
C TYR V 198 55.41 1.07 34.51
N ARG V 199 55.23 2.01 35.44
CA ARG V 199 54.35 1.81 36.59
C ARG V 199 52.92 1.43 36.16
N GLU V 200 52.42 2.05 35.09
CA GLU V 200 51.11 1.71 34.55
C GLU V 200 51.06 0.26 34.09
N ILE V 201 52.17 -0.22 33.52
CA ILE V 201 52.24 -1.62 33.10
C ILE V 201 52.16 -2.52 34.32
N VAL V 202 52.99 -2.20 35.32
CA VAL V 202 53.06 -3.00 36.53
C VAL V 202 51.67 -3.12 37.18
N LEU V 203 51.01 -1.97 37.38
CA LEU V 203 49.69 -1.91 38.01
C LEU V 203 48.60 -2.71 37.29
N SER V 204 48.67 -2.75 35.97
CA SER V 204 47.65 -3.41 35.17
C SER V 204 48.00 -4.82 34.73
N TYR V 205 49.24 -5.26 34.97
CA TYR V 205 49.72 -6.51 34.38
C TYR V 205 48.90 -7.74 34.74
N PHE V 206 48.58 -7.89 36.03
CA PHE V 206 47.82 -9.02 36.53
C PHE V 206 46.37 -8.65 36.82
N SER V 207 45.88 -7.60 36.15
CA SER V 207 44.52 -7.12 36.36
C SER V 207 43.63 -7.43 35.16
N PRO V 208 42.41 -7.92 35.43
CA PRO V 208 41.42 -8.17 34.37
C PRO V 208 40.92 -6.87 33.75
N ASN V 209 40.62 -6.94 32.45
CA ASN V 209 40.13 -5.79 31.67
C ASN V 209 41.01 -4.55 31.80
N SER V 210 42.32 -4.79 31.82
CA SER V 210 43.29 -3.73 31.77
C SER V 210 43.79 -3.57 30.34
N ASN V 211 44.05 -2.32 29.97
CA ASN V 211 44.55 -1.95 28.67
C ASN V 211 46.04 -2.26 28.53
N LEU V 212 46.41 -3.52 28.79
CA LEU V 212 47.81 -3.91 28.94
C LEU V 212 48.66 -3.65 27.70
N ASN V 213 48.21 -4.11 26.54
CA ASN V 213 48.98 -3.98 25.31
C ASN V 213 49.28 -2.52 24.99
N GLN V 214 48.30 -1.66 25.23
CA GLN V 214 48.43 -0.22 25.01
C GLN V 214 49.46 0.39 25.95
N SER V 215 49.47 -0.05 27.20
CA SER V 215 50.40 0.48 28.19
C SER V 215 51.84 0.02 27.88
N ILE V 216 52.00 -1.22 27.40
CA ILE V 216 53.30 -1.72 26.96
C ILE V 216 53.82 -0.92 25.75
N ASP V 217 52.95 -0.72 24.75
CA ASP V 217 53.32 0.01 23.53
C ASP V 217 53.78 1.42 23.84
N ASN V 218 53.08 2.08 24.75
CA ASN V 218 53.43 3.43 25.20
C ASN V 218 54.87 3.48 25.70
N PHE V 219 55.21 2.53 26.57
CA PHE V 219 56.56 2.51 27.14
C PHE V 219 57.58 2.17 26.06
N VAL V 220 57.28 1.14 25.26
CA VAL V 220 58.22 0.61 24.27
C VAL V 220 58.52 1.65 23.19
N ASN V 221 57.50 2.43 22.85
CA ASN V 221 57.70 3.54 21.93
C ASN V 221 58.76 4.51 22.42
N MET V 222 58.72 4.85 23.71
CA MET V 222 59.75 5.73 24.23
C MET V 222 61.13 5.05 24.22
N ALA V 223 61.20 3.78 24.61
CA ALA V 223 62.49 3.07 24.62
C ALA V 223 63.10 2.98 23.22
N PHE V 224 62.25 2.70 22.23
CA PHE V 224 62.66 2.57 20.84
C PHE V 224 63.11 3.91 20.23
N PHE V 225 62.25 4.92 20.31
CA PHE V 225 62.54 6.22 19.69
C PHE V 225 63.65 7.04 20.37
N ALA V 226 63.83 6.84 21.67
CA ALA V 226 64.95 7.41 22.41
C ALA V 226 66.18 6.53 22.34
N ASP V 227 66.09 5.40 21.62
CA ASP V 227 67.18 4.45 21.47
C ASP V 227 67.84 4.11 22.81
N VAL V 228 67.01 3.67 23.75
CA VAL V 228 67.48 3.34 25.10
C VAL V 228 68.12 1.92 25.06
N PRO V 229 69.29 1.74 25.67
CA PRO V 229 69.85 0.39 25.85
C PRO V 229 68.91 -0.46 26.69
N VAL V 230 68.83 -1.76 26.40
CA VAL V 230 67.90 -2.66 27.08
C VAL V 230 68.16 -2.70 28.59
N THR V 231 69.43 -2.56 28.95
CA THR V 231 69.83 -2.41 30.35
C THR V 231 69.07 -1.31 31.12
N LYS V 232 68.71 -0.22 30.45
CA LYS V 232 67.95 0.85 31.13
C LYS V 232 66.50 0.46 31.37
N VAL V 233 65.97 -0.41 30.53
CA VAL V 233 64.63 -0.92 30.73
C VAL V 233 64.67 -1.82 31.98
N VAL V 234 65.72 -2.64 32.10
CA VAL V 234 65.89 -3.49 33.27
C VAL V 234 66.01 -2.61 34.53
N GLU V 235 66.81 -1.55 34.43
CA GLU V 235 67.01 -0.59 35.51
C GLU V 235 65.69 0.01 35.99
N ILE V 236 64.89 0.50 35.02
CA ILE V 236 63.59 1.10 35.32
C ILE V 236 62.69 0.07 36.06
N HIS V 237 62.65 -1.16 35.57
CA HIS V 237 61.91 -2.24 36.23
C HIS V 237 62.32 -2.36 37.70
N MET V 238 63.63 -2.42 37.93
CA MET V 238 64.18 -2.60 39.27
C MET V 238 63.91 -1.41 40.18
N GLU V 239 63.95 -0.21 39.59
CA GLU V 239 63.60 1.01 40.31
C GLU V 239 62.14 0.96 40.78
N LEU V 240 61.25 0.53 39.89
CA LEU V 240 59.83 0.39 40.23
C LEU V 240 59.61 -0.72 41.28
N MET V 241 60.30 -1.85 41.12
CA MET V 241 60.24 -2.91 42.15
C MET V 241 60.67 -2.41 43.53
N ASP V 242 61.70 -1.56 43.60
CA ASP V 242 62.07 -0.92 44.87
C ASP V 242 60.93 -0.09 45.46
N GLU V 243 60.30 0.74 44.63
CA GLU V 243 59.17 1.57 44.99
C GLU V 243 58.02 0.72 45.53
N PHE V 244 57.66 -0.33 44.82
CA PHE V 244 56.62 -1.24 45.28
C PHE V 244 57.00 -2.01 46.55
N ALA V 245 58.26 -2.39 46.68
CA ALA V 245 58.76 -3.08 47.88
C ALA V 245 58.62 -2.24 49.15
N LYS V 246 58.80 -0.92 49.02
CA LYS V 246 58.62 0.01 50.12
C LYS V 246 57.14 0.15 50.49
N LYS V 247 56.29 0.18 49.47
CA LYS V 247 54.84 0.25 49.67
C LYS V 247 54.28 -1.04 50.30
N LEU V 248 54.88 -2.18 49.95
CA LEU V 248 54.48 -3.46 50.53
C LEU V 248 54.89 -3.60 51.99
N ARG V 249 56.08 -3.11 52.32
CA ARG V 249 56.58 -3.17 53.69
C ARG V 249 55.70 -2.41 54.67
N VAL V 250 55.19 -1.26 54.23
CA VAL V 250 54.26 -0.45 55.02
C VAL V 250 52.94 -1.20 55.20
N GLU V 251 52.58 -2.01 54.21
CA GLU V 251 51.36 -2.80 54.26
C GLU V 251 51.50 -4.08 55.08
N GLY V 252 52.73 -4.37 55.52
CA GLY V 252 53.03 -5.62 56.19
C GLY V 252 52.93 -6.81 55.25
N ARG V 253 53.07 -6.53 53.96
CA ARG V 253 53.01 -7.56 52.92
C ARG V 253 54.42 -8.01 52.53
N SER V 254 54.53 -9.28 52.15
CA SER V 254 55.79 -9.87 51.73
C SER V 254 56.27 -9.31 50.39
N GLU V 255 57.57 -8.99 50.33
CA GLU V 255 58.19 -8.49 49.11
C GLU V 255 58.43 -9.56 48.03
N ASP V 256 58.08 -10.81 48.35
CA ASP V 256 58.26 -11.94 47.42
C ASP V 256 57.30 -11.91 46.23
N ILE V 257 56.13 -11.33 46.43
CA ILE V 257 55.14 -11.27 45.35
C ILE V 257 55.62 -10.42 44.18
N LEU V 258 56.67 -9.64 44.42
CA LEU V 258 57.25 -8.81 43.38
C LEU V 258 57.97 -9.63 42.32
N LEU V 259 58.40 -10.84 42.72
CA LEU V 259 59.02 -11.80 41.82
C LEU V 259 58.13 -12.16 40.63
N ASP V 260 56.81 -12.12 40.84
CA ASP V 260 55.83 -12.33 39.77
C ASP V 260 56.03 -11.34 38.60
N TYR V 261 56.54 -10.16 38.92
CA TYR V 261 56.74 -9.10 37.92
C TYR V 261 57.92 -9.33 36.97
N ARG V 262 58.70 -10.38 37.21
CA ARG V 262 59.72 -10.78 36.24
C ARG V 262 59.08 -11.10 34.90
N LEU V 263 57.85 -11.61 34.97
CA LEU V 263 57.06 -11.93 33.79
C LEU V 263 56.75 -10.68 32.99
N THR V 264 56.50 -9.57 33.68
CA THR V 264 56.23 -8.27 33.05
C THR V 264 57.47 -7.81 32.28
N LEU V 265 58.63 -7.93 32.93
CA LEU V 265 59.88 -7.52 32.33
C LEU V 265 60.17 -8.34 31.07
N ILE V 266 60.04 -9.65 31.16
CA ILE V 266 60.11 -10.51 29.98
C ILE V 266 59.23 -9.98 28.86
N ASP V 267 57.97 -9.70 29.18
CA ASP V 267 56.98 -9.22 28.23
C ASP V 267 57.36 -7.88 27.59
N VAL V 268 57.79 -6.93 28.41
CA VAL V 268 58.16 -5.61 27.89
C VAL V 268 59.39 -5.72 26.97
N ILE V 269 60.43 -6.44 27.41
CA ILE V 269 61.61 -6.63 26.58
C ILE V 269 61.29 -7.39 25.28
N ALA V 270 60.40 -8.37 25.37
CA ALA V 270 59.94 -9.12 24.18
C ALA V 270 59.35 -8.16 23.17
N HIS V 271 58.50 -7.26 23.65
CA HIS V 271 57.87 -6.26 22.79
C HIS V 271 58.89 -5.32 22.16
N LEU V 272 59.87 -4.86 22.95
CA LEU V 272 60.90 -3.98 22.42
C LEU V 272 61.70 -4.66 21.31
N CYS V 273 62.15 -5.89 21.59
CA CYS V 273 62.86 -6.73 20.63
C CYS V 273 62.06 -6.91 19.34
N GLU V 274 60.78 -7.24 19.46
CA GLU V 274 59.94 -7.41 18.28
C GLU V 274 59.78 -6.11 17.48
N MET V 275 59.74 -4.97 18.17
CA MET V 275 59.71 -3.68 17.46
C MET V 275 60.96 -3.44 16.60
N TYR V 276 62.14 -3.68 17.17
CA TYR V 276 63.37 -3.66 16.38
C TYR V 276 63.36 -4.73 15.25
N ARG V 277 62.95 -5.95 15.58
CA ARG V 277 63.00 -7.07 14.61
C ARG V 277 62.13 -6.79 13.39
N ARG V 278 60.91 -6.32 13.65
CA ARG V 278 59.97 -6.02 12.59
C ARG V 278 60.34 -4.78 11.78
N SER V 279 61.28 -3.98 12.29
CA SER V 279 61.72 -2.77 11.61
C SER V 279 62.84 -3.00 10.59
N ILE V 280 63.41 -4.20 10.56
CA ILE V 280 64.43 -4.55 9.57
C ILE V 280 63.77 -4.71 8.19
N ASP W 174 60.77 -22.57 -21.27
CA ASP W 174 62.11 -22.07 -21.02
C ASP W 174 63.12 -23.19 -21.19
N PRO W 175 63.95 -23.16 -22.24
CA PRO W 175 64.92 -24.24 -22.47
C PRO W 175 65.92 -24.42 -21.33
N ASP W 176 66.24 -23.35 -20.62
CA ASP W 176 67.14 -23.39 -19.46
C ASP W 176 66.57 -24.20 -18.29
N ARG W 177 65.25 -24.41 -18.32
CA ARG W 177 64.57 -25.18 -17.29
C ARG W 177 64.21 -26.61 -17.74
N PHE W 178 63.75 -26.85 -15.91
CA PHE W 178 63.61 -28.20 -16.47
C PHE W 178 64.29 -29.19 -15.55
N LEU W 179 63.64 -30.34 -15.34
CA LEU W 179 64.17 -31.39 -14.48
C LEU W 179 65.63 -31.77 -14.80
N ARG W 180 66.01 -31.75 -16.08
CA ARG W 180 67.36 -32.12 -16.51
C ARG W 180 68.42 -31.02 -16.32
N ASN W 181 67.97 -29.79 -16.07
CA ASN W 181 68.88 -28.65 -15.88
C ASN W 181 69.03 -28.20 -14.43
N LEU W 182 68.24 -28.76 -13.52
CA LEU W 182 68.30 -28.40 -12.12
C LEU W 182 69.52 -29.02 -11.45
N PRO W 183 70.06 -28.36 -10.42
CA PRO W 183 71.05 -28.99 -9.52
C PRO W 183 70.47 -30.27 -8.91
N ALA W 184 71.29 -31.30 -8.77
CA ALA W 184 70.83 -32.62 -8.31
C ALA W 184 69.96 -32.58 -7.06
N TYR W 185 70.14 -31.54 -6.25
CA TYR W 185 69.36 -31.38 -5.03
C TYR W 185 67.92 -30.92 -5.34
N GLU W 186 67.78 -29.83 -6.09
CA GLU W 186 66.46 -29.32 -6.51
C GLU W 186 65.77 -30.34 -7.42
N SER W 187 66.60 -31.06 -8.21
CA SER W 187 66.16 -32.16 -9.06
C SER W 187 65.49 -33.27 -8.23
N GLN W 188 66.18 -33.67 -7.16
CA GLN W 188 65.64 -34.65 -6.19
C GLN W 188 64.32 -34.14 -5.59
N LYS W 189 64.28 -32.85 -5.26
CA LYS W 189 63.09 -32.23 -4.65
C LYS W 189 61.88 -32.23 -5.57
N LEU W 190 62.10 -31.92 -6.85
CA LEU W 190 61.02 -31.95 -7.84
C LEU W 190 60.55 -33.37 -8.07
N HIS W 191 61.51 -34.29 -8.21
CA HIS W 191 61.22 -35.70 -8.40
C HIS W 191 60.33 -36.22 -7.26
N GLN W 192 60.71 -35.89 -6.02
CA GLN W 192 59.94 -36.27 -4.85
C GLN W 192 58.53 -35.68 -4.84
N ALA W 193 58.40 -34.43 -5.26
CA ALA W 193 57.11 -33.78 -5.36
C ALA W 193 56.25 -34.42 -6.45
N MET W 194 56.90 -34.82 -7.54
CA MET W 194 56.18 -35.51 -8.61
C MET W 194 55.72 -36.91 -8.16
N GLN W 195 56.54 -37.57 -7.35
CA GLN W 195 56.17 -38.84 -6.71
C GLN W 195 54.97 -38.71 -5.75
N THR W 196 54.97 -37.66 -4.93
CA THR W 196 53.87 -37.42 -4.00
C THR W 196 52.58 -37.20 -4.75
N SER W 197 52.67 -36.38 -5.80
CA SER W 197 51.53 -36.09 -6.65
C SER W 197 51.02 -37.35 -7.34
N TYR W 198 51.95 -38.17 -7.85
CA TYR W 198 51.59 -39.41 -8.53
C TYR W 198 50.93 -40.41 -7.56
N ARG W 199 51.47 -40.52 -6.35
CA ARG W 199 50.88 -41.36 -5.31
C ARG W 199 49.42 -40.98 -5.06
N GLU W 200 49.16 -39.68 -5.03
CA GLU W 200 47.82 -39.15 -4.84
C GLU W 200 46.88 -39.54 -5.99
N ILE W 201 47.40 -39.51 -7.22
CA ILE W 201 46.61 -40.00 -8.36
C ILE W 201 46.27 -41.49 -8.17
N VAL W 202 47.28 -42.30 -7.87
CA VAL W 202 47.12 -43.75 -7.75
C VAL W 202 46.10 -44.09 -6.67
N LEU W 203 46.32 -43.57 -5.47
CA LEU W 203 45.43 -43.83 -4.34
C LEU W 203 44.00 -43.44 -4.65
N SER W 204 43.81 -42.40 -5.45
CA SER W 204 42.48 -41.90 -5.72
C SER W 204 41.83 -42.46 -7.01
N TYR W 205 42.62 -43.11 -7.85
CA TYR W 205 42.21 -43.45 -9.22
C TYR W 205 40.88 -44.22 -9.32
N PHE W 206 40.76 -45.29 -8.54
CA PHE W 206 39.56 -46.12 -8.58
C PHE W 206 38.57 -45.81 -7.45
N SER W 207 38.79 -44.69 -6.76
CA SER W 207 37.86 -44.20 -5.73
C SER W 207 36.80 -43.29 -6.34
N PRO W 208 35.53 -43.49 -6.00
CA PRO W 208 34.47 -42.60 -6.49
C PRO W 208 34.55 -41.23 -5.83
N ASN W 209 34.07 -40.21 -6.53
CA ASN W 209 34.03 -38.82 -6.02
C ASN W 209 35.33 -38.27 -5.41
N SER W 210 36.46 -38.86 -5.79
CA SER W 210 37.75 -38.30 -5.42
C SER W 210 38.09 -37.15 -6.35
N ASN W 211 39.12 -36.38 -6.02
CA ASN W 211 39.51 -35.22 -6.82
C ASN W 211 40.61 -35.61 -7.83
N LEU W 212 40.30 -36.62 -8.64
CA LEU W 212 41.28 -37.26 -9.53
C LEU W 212 41.80 -36.34 -10.62
N ASN W 213 40.90 -35.67 -11.32
CA ASN W 213 41.27 -34.77 -12.41
C ASN W 213 42.21 -33.66 -11.96
N GLN W 214 41.89 -33.03 -10.82
CA GLN W 214 42.77 -32.03 -10.19
C GLN W 214 44.16 -32.60 -9.90
N SER W 215 44.20 -33.84 -9.39
CA SER W 215 45.45 -34.50 -9.05
C SER W 215 46.28 -34.80 -10.30
N ILE W 216 45.61 -35.27 -11.36
CA ILE W 216 46.28 -35.48 -12.65
C ILE W 216 46.82 -34.16 -13.21
N ASP W 217 45.99 -33.12 -13.23
CA ASP W 217 46.42 -31.82 -13.75
C ASP W 217 47.65 -31.29 -13.04
N ASN W 218 47.61 -31.31 -11.71
CA ASN W 218 48.76 -30.94 -10.87
C ASN W 218 50.06 -31.68 -11.27
N PHE W 219 49.99 -32.99 -11.45
CA PHE W 219 51.18 -33.76 -11.84
C PHE W 219 51.64 -33.32 -13.20
N VAL W 220 50.67 -33.20 -14.12
CA VAL W 220 50.95 -32.96 -15.53
C VAL W 220 51.52 -31.57 -15.75
N ASN W 221 51.06 -30.60 -14.95
CA ASN W 221 51.65 -29.26 -14.97
C ASN W 221 53.13 -29.27 -14.60
N MET W 222 53.49 -30.02 -13.57
CA MET W 222 54.90 -30.19 -13.23
C MET W 222 55.65 -30.86 -14.39
N ALA W 223 55.10 -31.95 -14.92
CA ALA W 223 55.74 -32.70 -16.01
C ALA W 223 55.98 -31.85 -17.26
N PHE W 224 54.99 -31.03 -17.61
CA PHE W 224 55.02 -30.18 -18.79
C PHE W 224 56.01 -29.03 -18.63
N PHE W 225 55.88 -28.29 -17.52
CA PHE W 225 56.66 -27.08 -17.30
C PHE W 225 58.10 -27.36 -16.95
N ALA W 226 58.37 -28.55 -16.40
CA ALA W 226 59.74 -28.99 -16.17
C ALA W 226 60.26 -29.82 -17.35
N ASP W 227 59.46 -29.89 -18.41
CA ASP W 227 59.81 -30.57 -19.65
C ASP W 227 60.38 -31.96 -19.40
N VAL W 228 59.65 -32.78 -18.65
CA VAL W 228 60.14 -34.13 -18.39
C VAL W 228 59.77 -35.05 -19.57
N PRO W 229 60.69 -35.94 -19.96
CA PRO W 229 60.38 -36.93 -20.99
C PRO W 229 59.36 -37.94 -20.47
N VAL W 230 58.63 -38.59 -21.39
CA VAL W 230 57.65 -39.60 -20.98
C VAL W 230 58.28 -40.73 -20.16
N THR W 231 59.50 -41.14 -20.52
CA THR W 231 60.17 -42.19 -19.74
C THR W 231 60.28 -41.86 -18.26
N LYS W 232 60.39 -40.58 -17.90
CA LYS W 232 60.48 -40.19 -16.49
C LYS W 232 59.15 -40.41 -15.77
N VAL W 233 58.04 -40.18 -16.48
CA VAL W 233 56.71 -40.46 -15.91
C VAL W 233 56.52 -41.97 -15.69
N VAL W 234 56.92 -42.77 -16.68
CA VAL W 234 56.89 -44.22 -16.54
C VAL W 234 57.72 -44.67 -15.34
N GLU W 235 58.90 -44.07 -15.15
CA GLU W 235 59.74 -44.49 -14.04
C GLU W 235 59.16 -44.10 -12.67
N ILE W 236 58.53 -42.93 -12.59
CA ILE W 236 57.82 -42.55 -11.38
C ILE W 236 56.70 -43.56 -11.09
N HIS W 237 55.90 -43.86 -12.12
CA HIS W 237 54.87 -44.90 -12.02
C HIS W 237 55.45 -46.21 -11.46
N MET W 238 56.57 -46.65 -12.04
CA MET W 238 57.22 -47.91 -11.65
C MET W 238 57.71 -47.89 -10.21
N GLU W 239 58.26 -46.75 -9.79
CA GLU W 239 58.66 -46.54 -8.40
C GLU W 239 57.48 -46.67 -7.44
N LEU W 240 56.34 -46.10 -7.79
CA LEU W 240 55.17 -46.19 -6.92
C LEU W 240 54.57 -47.60 -6.90
N MET W 241 54.63 -48.30 -8.03
CA MET W 241 54.18 -49.69 -8.08
C MET W 241 55.05 -50.58 -7.17
N ASP W 242 56.35 -50.32 -7.17
CA ASP W 242 57.27 -50.94 -6.22
C ASP W 242 56.74 -50.76 -4.79
N GLU W 243 56.60 -49.51 -4.37
CA GLU W 243 56.07 -49.13 -3.05
C GLU W 243 54.72 -49.80 -2.72
N PHE W 244 53.83 -49.87 -3.71
CA PHE W 244 52.52 -50.46 -3.52
C PHE W 244 52.57 -51.99 -3.44
N ALA W 245 53.44 -52.60 -4.23
CA ALA W 245 53.63 -54.05 -4.22
C ALA W 245 54.08 -54.54 -2.85
N LYS W 246 54.94 -53.77 -2.19
CA LYS W 246 55.37 -54.05 -0.82
C LYS W 246 54.24 -53.86 0.18
N LYS W 247 53.46 -52.78 0.00
CA LYS W 247 52.29 -52.51 0.84
C LYS W 247 51.28 -53.66 0.78
N LEU W 248 51.03 -54.19 -0.41
CA LEU W 248 50.08 -55.28 -0.62
C LEU W 248 50.55 -56.63 -0.06
N ARG W 249 51.84 -56.93 -0.23
CA ARG W 249 52.40 -58.19 0.22
C ARG W 249 52.53 -58.30 1.75
N VAL W 250 52.58 -57.14 2.42
CA VAL W 250 52.58 -57.11 3.88
C VAL W 250 51.17 -56.88 4.45
N GLU W 251 50.17 -57.42 3.76
CA GLU W 251 48.77 -57.30 4.17
C GLU W 251 47.92 -58.49 3.73
N GLY W 252 48.45 -59.29 2.81
CA GLY W 252 47.75 -60.46 2.31
C GLY W 252 47.18 -60.31 0.91
N ARG W 253 46.97 -59.05 0.48
CA ARG W 253 46.39 -58.73 -0.81
C ARG W 253 47.30 -59.15 -1.97
N SER W 254 46.69 -59.56 -3.08
CA SER W 254 47.42 -60.05 -4.25
C SER W 254 48.08 -58.91 -5.04
N GLU W 255 49.25 -59.19 -5.60
CA GLU W 255 50.03 -58.21 -6.36
C GLU W 255 49.61 -58.15 -7.83
N ASP W 256 48.34 -58.41 -8.09
CA ASP W 256 47.80 -58.41 -9.45
C ASP W 256 46.79 -57.31 -9.67
N ILE W 257 46.38 -56.67 -8.57
CA ILE W 257 45.58 -55.47 -8.65
C ILE W 257 46.43 -54.33 -9.22
N LEU W 258 47.75 -54.50 -9.14
CA LEU W 258 48.71 -53.51 -9.61
C LEU W 258 48.64 -53.28 -11.12
N LEU W 259 48.29 -54.31 -11.88
CA LEU W 259 48.25 -54.19 -13.34
C LEU W 259 47.05 -53.39 -13.84
N ASP W 260 46.06 -53.19 -12.98
CA ASP W 260 44.98 -52.28 -13.30
C ASP W 260 45.45 -50.83 -13.32
N TYR W 261 46.53 -50.54 -12.59
CA TYR W 261 47.09 -49.19 -12.55
C TYR W 261 47.82 -48.82 -13.85
N ARG W 262 47.95 -49.76 -14.78
CA ARG W 262 48.38 -49.42 -16.12
C ARG W 262 47.42 -48.39 -16.73
N LEU W 263 46.16 -48.45 -16.30
CA LEU W 263 45.14 -47.50 -16.75
C LEU W 263 45.44 -46.09 -16.28
N THR W 264 45.84 -45.99 -15.01
CA THR W 264 46.38 -44.76 -14.44
C THR W 264 47.50 -44.18 -15.31
N LEU W 265 48.50 -45.00 -15.61
CA LEU W 265 49.65 -44.56 -16.40
C LEU W 265 49.24 -44.10 -17.80
N ILE W 266 48.36 -44.88 -18.45
CA ILE W 266 47.77 -44.47 -19.72
C ILE W 266 47.08 -43.11 -19.59
N ASP W 267 47.14 -42.39 -18.80
CA ASP W 267 46.24 -41.23 -18.77
C ASP W 267 47.00 -39.91 -18.76
N VAL W 268 48.02 -39.83 -17.91
CA VAL W 268 48.82 -38.63 -17.78
C VAL W 268 49.64 -38.32 -19.04
N ILE W 269 50.35 -39.31 -19.57
CA ILE W 269 51.09 -39.11 -20.82
C ILE W 269 50.17 -38.76 -22.01
N ALA W 270 48.97 -39.35 -22.06
CA ALA W 270 47.99 -39.03 -23.10
C ALA W 270 47.57 -37.56 -23.00
N HIS W 271 47.31 -37.10 -21.78
CA HIS W 271 47.01 -35.70 -21.55
C HIS W 271 48.16 -34.78 -22.00
N LEU W 272 49.38 -35.11 -21.61
CA LEU W 272 50.54 -34.35 -22.07
C LEU W 272 50.63 -34.36 -23.61
N CYS W 273 50.44 -35.53 -24.21
CA CYS W 273 50.48 -35.64 -25.68
C CYS W 273 49.47 -34.70 -26.35
N GLU W 274 48.25 -34.66 -25.83
CA GLU W 274 47.19 -33.82 -26.39
C GLU W 274 47.50 -32.35 -26.27
N MET W 275 48.12 -31.96 -25.17
CA MET W 275 48.53 -30.58 -24.99
C MET W 275 49.52 -30.16 -26.08
N TYR W 276 50.53 -31.00 -26.32
CA TYR W 276 51.42 -30.77 -27.46
C TYR W 276 50.68 -30.73 -28.79
N ARG W 277 49.82 -31.71 -29.01
CA ARG W 277 49.02 -31.81 -30.24
C ARG W 277 48.15 -30.58 -30.49
N ARG W 278 47.51 -30.11 -29.42
CA ARG W 278 46.67 -28.92 -29.40
C ARG W 278 47.48 -27.67 -29.67
N SER W 279 48.78 -27.73 -29.42
CA SER W 279 49.62 -26.54 -29.48
C SER W 279 50.04 -26.16 -30.90
N ILE W 280 49.89 -27.10 -31.84
CA ILE W 280 50.26 -26.89 -33.25
C ILE W 280 49.27 -25.94 -33.95
N ASP X 174 48.06 -29.28 -42.56
CA ASP X 174 46.93 -28.83 -43.34
C ASP X 174 45.64 -29.01 -42.54
N PRO X 175 45.03 -27.90 -42.08
CA PRO X 175 43.81 -27.99 -41.26
C PRO X 175 42.66 -28.73 -41.97
N ASP X 176 42.62 -28.69 -43.29
CA ASP X 176 41.59 -29.40 -44.06
C ASP X 176 41.71 -30.93 -43.89
N ARG X 177 42.89 -31.38 -43.48
CA ARG X 177 43.13 -32.80 -43.23
C ARG X 177 43.12 -33.18 -41.73
N PHE X 178 42.79 -32.22 -40.87
CA PHE X 178 42.54 -32.51 -39.45
C PHE X 178 41.24 -33.31 -39.35
N LEU X 179 41.24 -34.30 -38.46
CA LEU X 179 40.07 -35.15 -38.25
C LEU X 179 38.79 -34.33 -38.04
N ARG X 180 38.84 -33.30 -37.20
CA ARG X 180 37.65 -32.48 -36.92
C ARG X 180 37.09 -31.74 -38.15
N ASN X 181 37.90 -31.61 -39.19
CA ASN X 181 37.51 -30.88 -40.40
C ASN X 181 37.11 -31.75 -41.59
N LEU X 182 37.21 -33.07 -41.43
CA LEU X 182 36.96 -34.00 -42.53
C LEU X 182 35.47 -34.25 -42.68
N PRO X 183 34.97 -34.32 -43.92
CA PRO X 183 33.60 -34.79 -44.17
C PRO X 183 33.47 -36.27 -43.77
N ALA X 184 32.23 -36.74 -43.64
CA ALA X 184 31.95 -38.08 -43.16
C ALA X 184 32.75 -39.16 -43.90
N TYR X 185 32.82 -39.07 -45.22
CA TYR X 185 33.52 -40.09 -46.01
C TYR X 185 35.00 -40.15 -45.64
N GLU X 186 35.66 -38.99 -45.67
CA GLU X 186 37.10 -38.87 -45.38
C GLU X 186 37.41 -39.25 -43.92
N SER X 187 36.49 -38.88 -43.01
CA SER X 187 36.61 -39.25 -41.61
C SER X 187 36.57 -40.76 -41.42
N GLN X 188 35.66 -41.47 -42.10
CA GLN X 188 35.65 -42.93 -41.94
C GLN X 188 36.86 -43.58 -42.60
N LYS X 189 37.31 -43.04 -43.73
CA LYS X 189 38.52 -43.53 -44.38
C LYS X 189 39.72 -43.40 -43.45
N LEU X 190 39.85 -42.25 -42.80
CA LEU X 190 40.95 -42.04 -41.86
C LEU X 190 40.84 -43.02 -40.67
N HIS X 191 39.62 -43.21 -40.17
CA HIS X 191 39.37 -44.11 -39.06
C HIS X 191 39.85 -45.52 -39.39
N GLN X 192 39.43 -46.01 -40.54
CA GLN X 192 39.79 -47.34 -41.02
C GLN X 192 41.30 -47.46 -41.29
N ALA X 193 41.89 -46.44 -41.92
CA ALA X 193 43.34 -46.40 -42.15
C ALA X 193 44.13 -46.49 -40.85
N MET X 194 43.68 -45.75 -39.83
CA MET X 194 44.34 -45.76 -38.53
C MET X 194 44.17 -47.09 -37.78
N GLN X 195 42.98 -47.71 -37.89
CA GLN X 195 42.74 -49.04 -37.32
C GLN X 195 43.64 -50.09 -37.95
N THR X 196 43.82 -50.03 -39.27
CA THR X 196 44.68 -50.99 -39.98
C THR X 196 46.13 -50.82 -39.56
N SER X 197 46.56 -49.57 -39.41
CA SER X 197 47.94 -49.32 -38.98
C SER X 197 48.16 -49.80 -37.53
N TYR X 198 47.19 -49.51 -36.65
CA TYR X 198 47.27 -49.91 -35.26
C TYR X 198 47.29 -51.46 -35.12
N ARG X 199 46.50 -52.15 -35.94
CA ARG X 199 46.49 -53.62 -35.96
C ARG X 199 47.89 -54.19 -36.23
N GLU X 200 48.64 -53.55 -37.12
CA GLU X 200 50.02 -53.97 -37.40
C GLU X 200 50.90 -53.85 -36.14
N ILE X 201 50.65 -52.81 -35.34
CA ILE X 201 51.39 -52.67 -34.09
C ILE X 201 51.05 -53.80 -33.15
N VAL X 202 49.76 -54.05 -33.00
CA VAL X 202 49.28 -55.07 -32.09
C VAL X 202 49.89 -56.44 -32.46
N LEU X 203 49.80 -56.80 -33.74
CA LEU X 203 50.31 -58.09 -34.24
C LEU X 203 51.82 -58.30 -34.03
N SER X 204 52.58 -57.22 -34.12
CA SER X 204 54.02 -57.32 -34.03
C SER X 204 54.59 -56.97 -32.66
N TYR X 205 53.75 -56.49 -31.74
CA TYR X 205 54.25 -55.92 -30.49
C TYR X 205 55.08 -56.89 -29.64
N PHE X 206 54.58 -58.11 -29.48
CA PHE X 206 55.23 -59.13 -28.67
C PHE X 206 55.93 -60.18 -29.57
N SER X 207 56.27 -59.79 -30.79
CA SER X 207 56.91 -60.69 -31.74
C SER X 207 58.37 -60.33 -31.95
N PRO X 208 59.24 -61.35 -31.95
CA PRO X 208 60.68 -61.15 -32.25
C PRO X 208 60.91 -60.76 -33.70
N ASN X 209 61.92 -59.92 -33.92
CA ASN X 209 62.29 -59.44 -35.25
C ASN X 209 61.14 -58.81 -36.02
N SER X 210 60.30 -58.08 -35.29
CA SER X 210 59.24 -57.29 -35.88
C SER X 210 59.70 -55.85 -36.00
N ASN X 211 59.26 -55.21 -37.08
CA ASN X 211 59.57 -53.83 -37.37
C ASN X 211 58.72 -52.88 -36.52
N LEU X 212 58.80 -53.05 -35.20
CA LEU X 212 57.89 -52.39 -34.28
C LEU X 212 57.93 -50.87 -34.32
N ASN X 213 59.14 -50.30 -34.21
CA ASN X 213 59.30 -48.85 -34.18
C ASN X 213 58.72 -48.20 -35.44
N GLN X 214 58.92 -48.84 -36.58
CA GLN X 214 58.42 -48.37 -37.87
C GLN X 214 56.88 -48.39 -37.91
N SER X 215 56.30 -49.44 -37.34
CA SER X 215 54.85 -49.57 -37.34
C SER X 215 54.21 -48.54 -36.39
N ILE X 216 54.87 -48.27 -35.26
CA ILE X 216 54.42 -47.21 -34.34
C ILE X 216 54.49 -45.82 -35.01
N ASP X 217 55.62 -45.52 -35.65
CA ASP X 217 55.81 -44.23 -36.33
C ASP X 217 54.78 -43.98 -37.39
N ASN X 218 54.45 -45.02 -38.17
CA ASN X 218 53.42 -44.96 -39.20
C ASN X 218 52.08 -44.48 -38.61
N PHE X 219 51.69 -45.10 -37.51
CA PHE X 219 50.42 -44.75 -36.88
C PHE X 219 50.48 -43.34 -36.29
N VAL X 220 51.58 -43.05 -35.58
CA VAL X 220 51.73 -41.79 -34.84
C VAL X 220 51.78 -40.60 -35.80
N ASN X 221 52.39 -40.82 -36.98
CA ASN X 221 52.38 -39.81 -38.01
C ASN X 221 50.97 -39.42 -38.42
N MET X 222 50.09 -40.40 -38.58
CA MET X 222 48.72 -40.06 -38.92
C MET X 222 48.02 -39.32 -37.75
N ALA X 223 48.23 -39.78 -36.52
CA ALA X 223 47.60 -39.13 -35.36
C ALA X 223 48.06 -37.68 -35.21
N PHE X 224 49.36 -37.46 -35.40
CA PHE X 224 49.96 -36.13 -35.30
C PHE X 224 49.50 -35.19 -36.42
N PHE X 225 49.67 -35.61 -37.67
CA PHE X 225 49.33 -34.75 -38.81
C PHE X 225 47.84 -34.48 -39.05
N ALA X 226 47.00 -35.43 -38.62
CA ALA X 226 45.55 -35.26 -38.61
C ALA X 226 45.09 -34.59 -37.32
N ASP X 227 46.01 -34.26 -36.43
CA ASP X 227 45.70 -33.63 -35.15
C ASP X 227 44.57 -34.34 -34.42
N VAL X 228 44.74 -35.64 -34.22
CA VAL X 228 43.73 -36.47 -33.57
C VAL X 228 43.86 -36.29 -32.04
N PRO X 229 42.74 -36.09 -31.33
CA PRO X 229 42.76 -36.09 -29.86
C PRO X 229 43.22 -37.46 -29.35
N VAL X 230 43.96 -37.47 -28.25
CA VAL X 230 44.53 -38.71 -27.71
C VAL X 230 43.45 -39.75 -27.37
N THR X 231 42.29 -39.25 -26.97
CA THR X 231 41.11 -40.07 -26.78
C THR X 231 40.75 -40.97 -27.97
N LYS X 232 40.98 -40.49 -29.21
CA LYS X 232 40.70 -41.31 -30.38
C LYS X 232 41.71 -42.43 -30.58
N VAL X 233 42.92 -42.23 -30.09
CA VAL X 233 43.93 -43.26 -30.13
C VAL X 233 43.49 -44.36 -29.15
N VAL X 234 43.00 -43.96 -27.97
CA VAL X 234 42.49 -44.91 -26.98
C VAL X 234 41.32 -45.68 -27.59
N GLU X 235 40.41 -44.96 -28.23
CA GLU X 235 39.25 -45.55 -28.90
C GLU X 235 39.65 -46.61 -29.92
N ILE X 236 40.60 -46.26 -30.79
CA ILE X 236 41.10 -47.18 -31.81
C ILE X 236 41.67 -48.45 -31.15
N HIS X 237 42.47 -48.28 -30.10
CA HIS X 237 43.00 -49.41 -29.33
C HIS X 237 41.86 -50.34 -28.88
N MET X 238 40.85 -49.75 -28.28
CA MET X 238 39.72 -50.50 -27.73
C MET X 238 38.90 -51.20 -28.81
N GLU X 239 38.76 -50.53 -29.95
CA GLU X 239 38.10 -51.11 -31.12
C GLU X 239 38.85 -52.35 -31.60
N LEU X 240 40.17 -52.26 -31.66
CA LEU X 240 41.01 -53.40 -32.05
C LEU X 240 40.95 -54.53 -31.00
N MET X 241 41.01 -54.17 -29.72
CA MET X 241 40.83 -55.16 -28.65
C MET X 241 39.50 -55.92 -28.77
N ASP X 242 38.42 -55.22 -29.12
CA ASP X 242 37.14 -55.90 -29.41
C ASP X 242 37.25 -56.94 -30.54
N GLU X 243 37.88 -56.52 -31.65
CA GLU X 243 38.13 -57.36 -32.80
C GLU X 243 38.93 -58.60 -32.42
N PHE X 244 40.03 -58.41 -31.69
CA PHE X 244 40.82 -59.54 -31.22
C PHE X 244 40.08 -60.43 -30.21
N ALA X 245 39.27 -59.83 -29.35
CA ALA X 245 38.45 -60.59 -28.38
C ALA X 245 37.45 -61.54 -29.04
N LYS X 246 36.91 -61.13 -30.19
CA LYS X 246 36.00 -61.95 -30.97
C LYS X 246 36.76 -63.11 -31.63
N LYS X 247 37.96 -62.81 -32.13
CA LYS X 247 38.83 -63.83 -32.74
C LYS X 247 39.33 -64.86 -31.71
N LEU X 248 39.55 -64.40 -30.47
CA LEU X 248 39.98 -65.29 -29.40
C LEU X 248 38.86 -66.21 -28.93
N ARG X 249 37.64 -65.70 -28.87
CA ARG X 249 36.48 -66.47 -28.44
C ARG X 249 36.21 -67.66 -29.37
N VAL X 250 36.38 -67.43 -30.67
CA VAL X 250 36.24 -68.49 -31.68
C VAL X 250 37.35 -69.54 -31.49
N GLU X 251 38.50 -69.10 -31.02
CA GLU X 251 39.64 -69.99 -30.77
C GLU X 251 39.52 -70.74 -29.45
N GLY X 252 38.52 -70.41 -28.65
CA GLY X 252 38.38 -70.95 -27.30
C GLY X 252 39.48 -70.44 -26.38
N ARG X 253 40.05 -69.30 -26.73
CA ARG X 253 41.12 -68.68 -25.95
C ARG X 253 40.56 -67.59 -25.04
N SER X 254 41.19 -67.43 -23.88
CA SER X 254 40.79 -66.44 -22.89
C SER X 254 41.05 -65.00 -23.38
N GLU X 255 40.08 -64.14 -23.16
CA GLU X 255 40.18 -62.73 -23.53
C GLU X 255 41.08 -61.90 -22.60
N ASP X 256 41.62 -62.55 -21.55
CA ASP X 256 42.49 -61.88 -20.56
C ASP X 256 43.85 -61.52 -21.11
N ILE X 257 44.33 -62.29 -22.09
CA ILE X 257 45.65 -62.04 -22.65
C ILE X 257 45.70 -60.69 -23.38
N LEU X 258 44.52 -60.13 -23.66
CA LEU X 258 44.42 -58.83 -24.32
C LEU X 258 44.89 -57.70 -23.41
N LEU X 259 44.81 -57.94 -22.09
CA LEU X 259 45.29 -57.01 -21.09
C LEU X 259 46.77 -56.66 -21.25
N ASP X 260 47.55 -57.61 -21.78
CA ASP X 260 48.96 -57.39 -22.11
C ASP X 260 49.16 -56.21 -23.07
N TYR X 261 48.14 -55.96 -23.91
CA TYR X 261 48.21 -54.90 -24.92
C TYR X 261 48.04 -53.48 -24.36
N ARG X 262 47.76 -53.36 -23.07
CA ARG X 262 47.79 -52.04 -22.42
C ARG X 262 49.18 -51.43 -22.55
N LEU X 263 50.18 -52.30 -22.56
CA LEU X 263 51.57 -51.90 -22.72
C LEU X 263 51.80 -51.25 -24.08
N THR X 264 51.12 -51.79 -25.10
CA THR X 264 51.19 -51.25 -26.47
C THR X 264 50.62 -49.84 -26.50
N LEU X 265 49.47 -49.67 -25.85
CA LEU X 265 48.81 -48.38 -25.80
C LEU X 265 49.68 -47.33 -25.10
N ILE X 266 50.22 -47.70 -23.95
CA ILE X 266 51.21 -46.86 -23.28
C ILE X 266 52.31 -46.42 -24.25
N ASP X 267 52.88 -47.39 -24.95
CA ASP X 267 53.96 -47.16 -25.91
C ASP X 267 53.58 -46.22 -27.05
N VAL X 268 52.41 -46.47 -27.65
CA VAL X 268 51.96 -45.63 -28.76
C VAL X 268 51.70 -44.19 -28.29
N ILE X 269 51.00 -44.02 -27.17
CA ILE X 269 50.74 -42.69 -26.64
C ILE X 269 52.04 -41.98 -26.23
N ALA X 270 52.99 -42.74 -25.67
CA ALA X 270 54.30 -42.19 -25.32
C ALA X 270 54.97 -41.60 -26.55
N HIS X 271 54.93 -42.35 -27.65
CA HIS X 271 55.50 -41.89 -28.91
C HIS X 271 54.81 -40.64 -29.45
N LEU X 272 53.48 -40.60 -29.38
CA LEU X 272 52.75 -39.44 -29.84
C LEU X 272 53.12 -38.19 -29.04
N CYS X 273 53.11 -38.33 -27.72
CA CYS X 273 53.51 -37.28 -26.79
C CYS X 273 54.93 -36.77 -27.10
N GLU X 274 55.87 -37.69 -27.28
CA GLU X 274 57.23 -37.29 -27.61
C GLU X 274 57.33 -36.55 -28.96
N MET X 275 56.51 -36.94 -29.92
CA MET X 275 56.47 -36.22 -31.19
C MET X 275 56.02 -34.75 -31.02
N TYR X 276 54.95 -34.52 -30.26
CA TYR X 276 54.57 -33.16 -29.89
C TYR X 276 55.66 -32.44 -29.06
N ARG X 277 56.22 -33.14 -28.08
CA ARG X 277 57.20 -32.52 -27.16
C ARG X 277 58.44 -32.04 -27.92
N ARG X 278 58.95 -32.90 -28.79
CA ARG X 278 60.14 -32.59 -29.56
C ARG X 278 59.88 -31.52 -30.64
N SER X 279 58.61 -31.24 -30.92
CA SER X 279 58.25 -30.26 -31.94
C SER X 279 58.20 -28.83 -31.42
N ILE X 280 58.27 -28.66 -30.10
CA ILE X 280 58.30 -27.32 -29.51
C ILE X 280 59.65 -26.65 -29.79
N PRO X 281 59.63 -25.49 -30.44
CA PRO X 281 60.88 -24.79 -30.82
C PRO X 281 61.70 -24.32 -29.63
N ARG X 282 62.98 -24.05 -29.88
CA ARG X 282 63.94 -23.47 -28.93
C ARG X 282 64.50 -24.50 -27.95
#